data_6P4O
#
_entry.id   6P4O
#
_cell.length_a   217.723
_cell.length_b   125.851
_cell.length_c   148.970
_cell.angle_alpha   90.000
_cell.angle_beta   101.520
_cell.angle_gamma   90.000
#
_symmetry.space_group_name_H-M   'C 1 2 1'
#
loop_
_entity.id
_entity.type
_entity.pdbx_description
1 polymer 'DNA-dependent ATPase XPBII'
2 polymer 'Endonuclease Bax1'
3 non-polymer GLYCEROL
4 non-polymer 'CHLORIDE ION'
5 non-polymer 1,2-ETHANEDIOL
6 water water
#
loop_
_entity_poly.entity_id
_entity_poly.type
_entity_poly.pdbx_seq_one_letter_code
_entity_poly.pdbx_strand_id
1 'polypeptide(L)'
;MGSSHHHHHHSSGLVPRGSHMVYLRYFKGLILSDAYAPGLKWSDELKAYSALAFKYRDVRKYFLEKEIEVEENVIDSLPF
PLIKDKIELRDYQAEAVKAWLKEKRGIIVLPTGAGKTQVALKIVSIMKVATLIVVPTIDLITQWKERINKYLDFDPGIIG
GGEDSLKGITVITYDSAYTRAEELGNKFPLLIFDEVHHLPSEGYSIMAQLFASPYRLGLTATPERDDGKHELYPILVGPI
VYRKSVEELAGKYIAKYKIKKLYVSLTNEEKKRYDGLRKKLKDFLSSRGLKLQNLDDFHRLVKLAAKDKEAREALLAWHE
SLNIAVNSQSKIEKLREILQEYKNEKIIVFTRDTQMAYRISKTFLIPVVTYKTDKDEREEILQKFRDGEYRVIVASTVFD
EGVDVPDATLAIVMGGYGTKRQFLQRLGRILRKKDKEALLIEIVTKGTADYRLSRRRRE
;
A,C,E
2 'polypeptide(L)'
;MGSSHHHHHHSSGLVPRGSHMLPWELARFSIVKDEVLPHFATNEDLDLANEIISLFKAGKKLGEIDEEIEYLEKIYDHKL
VRAFVKLLTRLCEFELDSPIPPIQIRRELFKYGPVLDEKEREDIIQKVSKKLGADIMRFVFSDLDEEKKIIKAPTISAED
LIRWYNLSLLQTLLFKAYKLTVYVSSNWKEIIRRAKWLGLMYFAYDKPLRFEFLGPATLVKLTEKYGRNLAVLLQFIISS
QNWKIEAELVLGKKFKRVYKLKLANFKELKELVIDEKRFDSSVEEKFYKDFTNVIKGWKIIREPEPLVVDNRVFIPDFLV
EKGNLKVYVEIVGFWTKEYIKEKLDKLKKVKYPILILLNEELGKEKFNGMNVITYKRKIDISLVYKWLRELENKYLNEVK
VDYTISGDIISLNEIASKLSLPVEVIRKNIKIFPGYIFLKNYYVSEKFLEKLRNENFDNKSLKELVSAYGDYIVEVLEFL
GYKLKWQGISDAIVIKDKKVN
;
B,D,F
#
loop_
_chem_comp.id
_chem_comp.type
_chem_comp.name
_chem_comp.formula
CL non-polymer 'CHLORIDE ION' 'Cl -1'
EDO non-polymer 1,2-ETHANEDIOL 'C2 H6 O2'
GOL non-polymer GLYCEROL 'C3 H8 O3'
#
# COMPACT_ATOMS: atom_id res chain seq x y z
N GLY A 18 32.72 14.15 5.31
CA GLY A 18 32.86 14.29 3.87
C GLY A 18 33.23 12.98 3.17
N SER A 19 34.36 12.99 2.49
CA SER A 19 34.86 11.79 1.83
C SER A 19 35.83 11.00 2.72
N HIS A 20 35.78 11.22 4.03
CA HIS A 20 36.54 10.38 4.95
C HIS A 20 35.57 9.67 5.89
N MET A 21 34.55 9.05 5.31
CA MET A 21 33.59 8.24 6.04
C MET A 21 33.13 7.13 5.12
N VAL A 22 33.36 5.89 5.52
CA VAL A 22 32.90 4.71 4.78
C VAL A 22 31.63 4.18 5.45
N TYR A 23 30.69 3.72 4.64
CA TYR A 23 29.43 3.19 5.16
C TYR A 23 29.56 1.71 5.52
N LEU A 24 28.94 1.33 6.63
CA LEU A 24 28.84 -0.06 7.04
C LEU A 24 27.45 -0.26 7.62
N ARG A 25 26.62 -1.03 6.91
CA ARG A 25 25.21 -1.16 7.27
C ARG A 25 24.76 -2.61 7.16
N TYR A 26 23.69 -2.91 7.89
CA TYR A 26 23.05 -4.22 7.87
C TYR A 26 21.87 -4.18 6.91
N PHE A 27 21.65 -5.28 6.19
CA PHE A 27 20.53 -5.33 5.25
C PHE A 27 20.13 -6.79 5.04
N LYS A 28 19.03 -7.19 5.66
CA LYS A 28 18.36 -8.46 5.42
C LYS A 28 19.34 -9.64 5.48
N GLY A 29 20.04 -9.74 6.60
CA GLY A 29 20.96 -10.82 6.84
C GLY A 29 22.34 -10.65 6.24
N LEU A 30 22.63 -9.50 5.64
CA LEU A 30 23.92 -9.23 5.02
C LEU A 30 24.56 -7.99 5.62
N ILE A 31 25.85 -7.83 5.35
CA ILE A 31 26.62 -6.67 5.77
C ILE A 31 27.09 -5.94 4.52
N LEU A 32 26.92 -4.62 4.47
CA LEU A 32 27.17 -3.82 3.28
C LEU A 32 28.19 -2.74 3.60
N SER A 33 29.05 -2.41 2.63
CA SER A 33 30.13 -1.47 2.90
C SER A 33 30.64 -0.83 1.62
N ASP A 34 31.01 0.45 1.71
CA ASP A 34 31.65 1.14 0.59
C ASP A 34 33.01 0.55 0.25
N ALA A 35 33.77 0.14 1.26
CA ALA A 35 35.17 -0.22 1.09
C ALA A 35 35.37 -1.71 1.37
N TYR A 36 36.41 -2.26 0.74
CA TYR A 36 36.70 -3.68 0.89
C TYR A 36 37.05 -4.00 2.34
N ALA A 37 36.82 -5.26 2.72
CA ALA A 37 37.26 -5.78 4.00
C ALA A 37 37.41 -7.28 3.87
N PRO A 38 38.32 -7.89 4.61
CA PRO A 38 38.53 -9.34 4.50
C PRO A 38 37.25 -10.11 4.79
N GLY A 39 36.79 -10.85 3.78
CA GLY A 39 35.53 -11.58 3.86
C GLY A 39 34.45 -11.05 2.94
N LEU A 40 34.53 -9.77 2.56
CA LEU A 40 33.56 -9.13 1.68
C LEU A 40 33.81 -9.49 0.22
N LYS A 41 32.79 -9.26 -0.60
CA LYS A 41 32.89 -9.43 -2.04
C LYS A 41 31.90 -8.47 -2.69
N TRP A 42 32.37 -7.68 -3.65
CA TRP A 42 31.50 -6.74 -4.35
C TRP A 42 30.30 -7.43 -4.97
N SER A 43 29.17 -6.74 -4.99
CA SER A 43 27.97 -7.19 -5.67
C SER A 43 27.41 -6.05 -6.50
N ASP A 44 27.41 -6.22 -7.84
CA ASP A 44 26.70 -5.27 -8.69
C ASP A 44 25.23 -5.21 -8.34
N GLU A 45 24.68 -6.34 -7.88
CA GLU A 45 23.27 -6.42 -7.51
C GLU A 45 23.00 -5.62 -6.24
N LEU A 46 23.92 -5.66 -5.29
CA LEU A 46 23.81 -4.91 -4.04
C LEU A 46 24.53 -3.56 -4.10
N LYS A 47 25.40 -3.35 -5.08
CA LYS A 47 26.09 -2.08 -5.29
C LYS A 47 26.94 -1.71 -4.07
N ALA A 48 27.70 -2.70 -3.59
CA ALA A 48 28.56 -2.54 -2.43
C ALA A 48 29.34 -3.83 -2.20
N TYR A 49 30.41 -3.72 -1.43
CA TYR A 49 31.12 -4.89 -0.96
C TYR A 49 30.33 -5.53 0.17
N SER A 50 30.05 -6.83 0.08
CA SER A 50 29.10 -7.41 1.02
C SER A 50 29.33 -8.89 1.23
N ALA A 51 28.89 -9.37 2.38
CA ALA A 51 28.84 -10.79 2.73
C ALA A 51 27.69 -11.00 3.71
N LEU A 52 27.59 -12.21 4.24
CA LEU A 52 26.58 -12.51 5.24
C LEU A 52 26.84 -11.74 6.54
N ALA A 53 25.77 -11.57 7.31
CA ALA A 53 25.81 -10.65 8.45
C ALA A 53 26.84 -11.03 9.49
N PHE A 54 27.06 -12.33 9.70
CA PHE A 54 27.90 -12.75 10.82
C PHE A 54 29.33 -12.25 10.70
N LYS A 55 29.79 -11.89 9.51
CA LYS A 55 31.13 -11.30 9.39
C LYS A 55 31.21 -9.84 9.91
N TYR A 56 30.13 -9.33 10.50
CA TYR A 56 30.13 -7.96 11.01
C TYR A 56 31.24 -7.73 12.04
N ARG A 57 31.38 -8.65 12.99
CA ARG A 57 32.34 -8.46 14.08
C ARG A 57 33.76 -8.27 13.57
N ASP A 58 34.22 -9.19 12.70
CA ASP A 58 35.62 -9.16 12.28
C ASP A 58 35.92 -8.01 11.33
N VAL A 59 34.91 -7.57 10.56
CA VAL A 59 35.10 -6.45 9.63
C VAL A 59 35.19 -5.13 10.39
N ARG A 60 34.37 -4.98 11.43
CA ARG A 60 34.42 -3.78 12.26
C ARG A 60 35.78 -3.59 12.89
N LYS A 61 36.34 -4.67 13.44
CA LYS A 61 37.67 -4.61 14.06
C LYS A 61 38.75 -4.33 13.01
N TYR A 62 38.58 -4.87 11.81
CA TYR A 62 39.48 -4.57 10.71
C TYR A 62 39.54 -3.08 10.43
N PHE A 63 38.40 -2.49 10.05
CA PHE A 63 38.32 -1.06 9.79
C PHE A 63 38.89 -0.26 10.95
N LEU A 64 38.59 -0.67 12.19
CA LEU A 64 39.08 0.04 13.36
C LEU A 64 40.60 -0.08 13.49
N GLU A 65 41.15 -1.27 13.21
CA GLU A 65 42.60 -1.45 13.29
C GLU A 65 43.32 -0.61 12.25
N LYS A 66 42.80 -0.56 11.02
CA LYS A 66 43.39 0.32 10.01
C LYS A 66 43.11 1.80 10.25
N GLU A 67 42.50 2.14 11.38
CA GLU A 67 42.21 3.53 11.73
C GLU A 67 41.43 4.22 10.62
N ILE A 68 40.33 3.58 10.22
CA ILE A 68 39.45 4.10 9.18
C ILE A 68 38.12 4.48 9.83
N GLU A 69 37.70 5.73 9.62
CA GLU A 69 36.49 6.23 10.23
C GLU A 69 35.27 5.73 9.47
N VAL A 70 34.30 5.19 10.20
CA VAL A 70 33.11 4.61 9.59
C VAL A 70 31.88 5.36 10.10
N GLU A 71 30.82 5.28 9.32
CA GLU A 71 29.47 5.70 9.72
C GLU A 71 28.70 4.40 9.92
N GLU A 72 28.78 3.86 11.14
CA GLU A 72 28.28 2.53 11.42
C GLU A 72 26.79 2.55 11.70
N ASN A 73 26.04 1.73 10.95
CA ASN A 73 24.62 1.48 11.21
C ASN A 73 24.37 -0.01 11.00
N VAL A 74 24.59 -0.82 12.04
CA VAL A 74 24.43 -2.26 11.91
C VAL A 74 23.47 -2.80 12.96
N ILE A 75 23.79 -2.58 14.23
CA ILE A 75 23.05 -3.19 15.34
C ILE A 75 22.00 -2.20 15.79
N ASP A 76 20.73 -2.55 15.60
CA ASP A 76 19.59 -1.80 16.13
C ASP A 76 19.05 -2.63 17.28
N SER A 77 19.70 -2.50 18.44
CA SER A 77 19.45 -3.39 19.56
C SER A 77 18.06 -3.17 20.15
N LEU A 78 17.53 -4.23 20.73
CA LEU A 78 16.40 -4.07 21.62
C LEU A 78 16.91 -3.68 23.01
N PRO A 79 16.10 -2.96 23.80
CA PRO A 79 16.59 -2.49 25.10
C PRO A 79 16.78 -3.65 26.08
N PHE A 80 17.96 -3.71 26.67
CA PHE A 80 18.23 -4.74 27.67
C PHE A 80 17.42 -4.41 28.92
N PRO A 81 16.56 -5.31 29.38
CA PRO A 81 15.61 -4.97 30.45
C PRO A 81 16.27 -4.92 31.83
N LEU A 82 15.49 -4.44 32.79
CA LEU A 82 15.89 -4.47 34.19
C LEU A 82 15.79 -5.89 34.72
N ILE A 83 16.89 -6.41 35.28
CA ILE A 83 16.95 -7.76 35.80
C ILE A 83 17.55 -7.72 37.20
N LYS A 84 17.39 -8.83 37.92
CA LYS A 84 18.07 -9.06 39.19
C LYS A 84 18.78 -10.39 39.11
N ASP A 85 20.10 -10.37 39.24
CA ASP A 85 20.91 -11.58 39.08
C ASP A 85 20.78 -12.40 40.35
N LYS A 86 19.90 -13.40 40.32
CA LYS A 86 19.69 -14.30 41.45
C LYS A 86 20.49 -15.59 41.30
N ILE A 87 21.66 -15.52 40.70
CA ILE A 87 22.46 -16.69 40.34
C ILE A 87 23.77 -16.63 41.11
N GLU A 88 24.06 -17.69 41.85
CA GLU A 88 25.34 -17.86 42.53
C GLU A 88 25.97 -19.14 42.02
N LEU A 89 26.99 -18.99 41.17
CA LEU A 89 27.54 -20.14 40.47
C LEU A 89 28.41 -20.98 41.38
N ARG A 90 28.65 -22.22 40.93
CA ARG A 90 29.58 -23.12 41.60
C ARG A 90 31.00 -22.78 41.16
N ASP A 91 31.97 -23.61 41.55
CA ASP A 91 33.36 -23.39 41.13
C ASP A 91 33.51 -23.56 39.62
N TYR A 92 33.23 -24.76 39.11
CA TYR A 92 33.42 -25.03 37.69
C TYR A 92 32.49 -24.17 36.84
N GLN A 93 31.29 -23.87 37.34
CA GLN A 93 30.39 -22.95 36.65
C GLN A 93 31.01 -21.57 36.51
N ALA A 94 31.62 -21.06 37.59
CA ALA A 94 32.25 -19.74 37.52
C ALA A 94 33.49 -19.77 36.64
N GLU A 95 34.20 -20.91 36.61
CA GLU A 95 35.27 -21.07 35.62
C GLU A 95 34.71 -21.05 34.21
N ALA A 96 33.48 -21.52 34.03
CA ALA A 96 32.88 -21.56 32.70
C ALA A 96 32.59 -20.17 32.18
N VAL A 97 32.04 -19.31 33.03
CA VAL A 97 31.73 -17.96 32.61
C VAL A 97 33.01 -17.22 32.25
N LYS A 98 34.00 -17.26 33.15
CA LYS A 98 35.26 -16.56 32.90
C LYS A 98 36.03 -17.12 31.72
N ALA A 99 35.83 -18.40 31.38
CA ALA A 99 36.45 -18.95 30.17
C ALA A 99 35.86 -18.33 28.92
N TRP A 100 34.53 -18.16 28.89
CA TRP A 100 33.89 -17.54 27.72
C TRP A 100 34.23 -16.06 27.62
N LEU A 101 34.38 -15.38 28.75
CA LEU A 101 34.48 -13.92 28.75
C LEU A 101 35.74 -13.40 28.09
N LYS A 102 36.84 -14.17 28.07
CA LYS A 102 38.07 -13.65 27.49
C LYS A 102 37.89 -13.27 26.02
N GLU A 103 37.15 -14.09 25.26
CA GLU A 103 36.89 -13.80 23.87
C GLU A 103 35.44 -13.47 23.57
N LYS A 104 34.52 -13.77 24.49
CA LYS A 104 33.08 -13.54 24.32
C LYS A 104 32.56 -14.22 23.06
N ARG A 105 33.03 -15.45 22.82
CA ARG A 105 32.60 -16.20 21.64
C ARG A 105 33.06 -17.65 21.83
N GLY A 106 32.19 -18.64 21.56
CA GLY A 106 32.60 -20.03 21.70
C GLY A 106 31.62 -20.96 22.37
N ILE A 107 31.96 -22.25 22.46
CA ILE A 107 31.07 -23.29 22.97
C ILE A 107 31.51 -23.73 24.36
N ILE A 108 30.61 -23.59 25.34
CA ILE A 108 30.74 -24.20 26.66
C ILE A 108 30.14 -25.61 26.62
N VAL A 109 30.81 -26.57 27.28
CA VAL A 109 30.47 -27.99 27.19
C VAL A 109 30.36 -28.57 28.59
N LEU A 110 29.17 -29.02 28.96
CA LEU A 110 28.92 -29.68 30.25
C LEU A 110 27.90 -30.78 30.05
N PRO A 111 27.88 -31.78 30.92
CA PRO A 111 26.85 -32.82 30.85
C PRO A 111 25.52 -32.30 31.40
N THR A 112 24.47 -33.09 31.17
CA THR A 112 23.14 -32.70 31.60
C THR A 112 23.08 -32.54 33.12
N GLY A 113 22.40 -31.50 33.57
CA GLY A 113 22.26 -31.21 34.97
C GLY A 113 23.34 -30.32 35.54
N ALA A 114 24.50 -30.25 34.89
CA ALA A 114 25.63 -29.47 35.40
C ALA A 114 25.35 -27.97 35.39
N GLY A 115 24.23 -27.52 34.81
CA GLY A 115 23.87 -26.12 34.89
C GLY A 115 24.26 -25.29 33.68
N LYS A 116 24.17 -25.87 32.49
CA LYS A 116 24.46 -25.12 31.27
C LYS A 116 23.60 -23.85 31.18
N THR A 117 22.35 -23.94 31.63
CA THR A 117 21.48 -22.77 31.61
C THR A 117 21.98 -21.67 32.55
N GLN A 118 22.34 -22.02 33.79
CA GLN A 118 22.84 -21.03 34.73
C GLN A 118 24.09 -20.34 34.20
N VAL A 119 24.99 -21.11 33.59
CA VAL A 119 26.18 -20.54 32.97
C VAL A 119 25.78 -19.47 31.95
N ALA A 120 24.79 -19.77 31.12
CA ALA A 120 24.37 -18.84 30.09
C ALA A 120 23.67 -17.62 30.69
N LEU A 121 22.73 -17.85 31.61
CA LEU A 121 21.97 -16.73 32.18
C LEU A 121 22.83 -15.85 33.06
N LYS A 122 23.95 -16.37 33.59
CA LYS A 122 24.91 -15.51 34.27
C LYS A 122 25.65 -14.64 33.27
N ILE A 123 26.08 -15.22 32.16
CA ILE A 123 26.65 -14.43 31.06
C ILE A 123 25.66 -13.35 30.62
N VAL A 124 24.38 -13.70 30.51
CA VAL A 124 23.35 -12.71 30.18
C VAL A 124 23.41 -11.54 31.16
N SER A 125 23.46 -11.84 32.46
CA SER A 125 23.52 -10.80 33.47
C SER A 125 24.79 -9.96 33.35
N ILE A 126 25.89 -10.57 32.94
CA ILE A 126 27.15 -9.84 32.79
C ILE A 126 27.10 -8.91 31.57
N MET A 127 26.77 -9.47 30.40
CA MET A 127 26.87 -8.70 29.16
C MET A 127 25.96 -7.48 29.17
N LYS A 128 24.73 -7.64 29.66
CA LYS A 128 23.75 -6.56 29.71
C LYS A 128 23.48 -5.98 28.31
N VAL A 129 23.28 -6.88 27.34
CA VAL A 129 22.89 -6.52 25.99
C VAL A 129 21.74 -7.42 25.59
N ALA A 130 20.95 -6.95 24.63
CA ALA A 130 19.85 -7.75 24.11
C ALA A 130 20.36 -9.11 23.66
N THR A 131 19.59 -10.15 23.97
CA THR A 131 20.03 -11.53 23.75
C THR A 131 18.89 -12.35 23.15
N LEU A 132 19.21 -13.12 22.11
CA LEU A 132 18.31 -14.12 21.57
C LEU A 132 18.85 -15.51 21.89
N ILE A 133 17.98 -16.37 22.42
CA ILE A 133 18.36 -17.72 22.84
C ILE A 133 17.58 -18.71 21.97
N VAL A 134 18.31 -19.51 21.20
CA VAL A 134 17.73 -20.35 20.15
C VAL A 134 17.79 -21.80 20.61
N VAL A 135 16.66 -22.49 20.59
CA VAL A 135 16.58 -23.85 21.12
C VAL A 135 15.92 -24.78 20.11
N PRO A 136 16.31 -26.07 20.07
CA PRO A 136 15.77 -26.95 19.02
C PRO A 136 14.31 -27.32 19.18
N THR A 137 13.86 -27.65 20.39
CA THR A 137 12.53 -28.23 20.59
C THR A 137 11.65 -27.33 21.45
N ILE A 138 10.37 -27.72 21.53
CA ILE A 138 9.39 -26.94 22.28
C ILE A 138 9.51 -27.21 23.78
N ASP A 139 9.77 -28.44 24.17
CA ASP A 139 10.02 -28.76 25.57
C ASP A 139 11.11 -27.88 26.16
N LEU A 140 12.08 -27.47 25.33
CA LEU A 140 13.16 -26.61 25.80
C LEU A 140 12.75 -25.16 25.93
N ILE A 141 11.80 -24.68 25.12
CA ILE A 141 11.29 -23.33 25.31
C ILE A 141 10.70 -23.17 26.70
N THR A 142 9.93 -24.17 27.14
CA THR A 142 9.35 -24.13 28.47
C THR A 142 10.42 -24.02 29.54
N GLN A 143 11.44 -24.89 29.48
CA GLN A 143 12.51 -24.86 30.47
C GLN A 143 13.17 -23.49 30.51
N TRP A 144 13.53 -22.97 29.34
CA TRP A 144 14.26 -21.71 29.28
C TRP A 144 13.41 -20.55 29.80
N LYS A 145 12.13 -20.52 29.43
CA LYS A 145 11.25 -19.45 29.90
C LYS A 145 11.20 -19.40 31.42
N GLU A 146 10.98 -20.56 32.06
CA GLU A 146 10.92 -20.61 33.52
C GLU A 146 12.23 -20.12 34.14
N ARG A 147 13.36 -20.65 33.68
CA ARG A 147 14.65 -20.33 34.29
C ARG A 147 15.04 -18.87 34.12
N ILE A 148 14.56 -18.19 33.07
CA ILE A 148 14.83 -16.76 32.96
C ILE A 148 13.96 -15.98 33.95
N ASN A 149 12.79 -16.51 34.31
CA ASN A 149 11.97 -15.88 35.33
C ASN A 149 12.56 -16.06 36.72
N LYS A 150 13.05 -17.26 37.04
CA LYS A 150 13.58 -17.50 38.38
C LYS A 150 14.95 -16.84 38.56
N TYR A 151 15.81 -16.95 37.56
CA TYR A 151 17.21 -16.59 37.73
C TYR A 151 17.52 -15.17 37.27
N LEU A 152 16.64 -14.53 36.52
CA LEU A 152 16.85 -13.15 36.12
C LEU A 152 15.69 -12.24 36.47
N ASP A 153 14.58 -12.77 37.00
CA ASP A 153 13.40 -11.99 37.38
C ASP A 153 12.87 -11.22 36.17
N PHE A 154 12.79 -11.89 35.03
CA PHE A 154 12.24 -11.26 33.82
C PHE A 154 11.52 -12.31 32.99
N ASP A 155 10.34 -11.96 32.49
CA ASP A 155 9.57 -12.85 31.62
C ASP A 155 10.00 -12.60 30.18
N PRO A 156 10.72 -13.53 29.55
CA PRO A 156 11.25 -13.26 28.21
C PRO A 156 10.20 -13.41 27.13
N GLY A 157 10.42 -12.70 26.03
CA GLY A 157 9.62 -12.91 24.85
C GLY A 157 9.84 -14.28 24.24
N ILE A 158 8.84 -14.75 23.51
CA ILE A 158 8.84 -16.08 22.92
C ILE A 158 8.46 -15.98 21.45
N ILE A 159 9.21 -16.69 20.60
CA ILE A 159 8.89 -16.82 19.18
C ILE A 159 8.82 -18.33 18.91
N GLY A 160 7.63 -18.91 19.03
CA GLY A 160 7.50 -20.34 18.90
C GLY A 160 6.52 -20.94 19.88
N GLY A 161 6.14 -22.20 19.66
CA GLY A 161 5.14 -22.82 20.51
C GLY A 161 3.77 -22.20 20.39
N GLY A 162 3.48 -21.54 19.28
CA GLY A 162 2.26 -20.78 19.10
C GLY A 162 2.34 -19.36 19.62
N GLU A 163 3.49 -18.98 20.18
CA GLU A 163 3.67 -17.68 20.83
C GLU A 163 4.53 -16.79 19.96
N ASP A 164 4.13 -15.52 19.83
CA ASP A 164 4.88 -14.53 19.05
C ASP A 164 4.97 -13.24 19.88
N SER A 165 6.02 -13.12 20.68
CA SER A 165 6.34 -11.90 21.39
C SER A 165 7.83 -11.64 21.27
N LEU A 166 8.19 -10.38 21.01
CA LEU A 166 9.59 -10.02 20.79
C LEU A 166 9.99 -9.02 21.88
N LYS A 167 10.92 -9.43 22.73
CA LYS A 167 11.32 -8.65 23.89
C LYS A 167 12.84 -8.55 23.96
N GLY A 168 13.32 -7.74 24.91
CA GLY A 168 14.76 -7.59 25.12
C GLY A 168 15.47 -8.91 25.34
N ILE A 169 14.77 -9.92 25.85
CA ILE A 169 15.26 -11.29 25.91
C ILE A 169 14.20 -12.19 25.29
N THR A 170 14.60 -13.01 24.33
CA THR A 170 13.64 -13.78 23.55
C THR A 170 14.14 -15.20 23.37
N VAL A 171 13.25 -16.17 23.57
CA VAL A 171 13.49 -17.57 23.28
C VAL A 171 12.83 -17.90 21.95
N ILE A 172 13.52 -18.70 21.14
CA ILE A 172 13.08 -18.96 19.77
C ILE A 172 13.57 -20.34 19.36
N THR A 173 12.83 -20.97 18.46
CA THR A 173 13.23 -22.27 17.93
C THR A 173 14.28 -22.09 16.83
N TYR A 174 15.01 -23.16 16.53
CA TYR A 174 15.91 -23.09 15.39
C TYR A 174 15.14 -22.83 14.10
N ASP A 175 13.91 -23.33 14.01
CA ASP A 175 13.12 -23.14 12.79
C ASP A 175 12.62 -21.71 12.65
N SER A 176 11.98 -21.19 13.70
CA SER A 176 11.55 -19.79 13.69
C SER A 176 12.73 -18.84 13.50
N ALA A 177 13.87 -19.14 14.14
CA ALA A 177 15.08 -18.36 13.89
C ALA A 177 15.41 -18.31 12.41
N TYR A 178 15.40 -19.47 11.76
CA TYR A 178 15.73 -19.55 10.33
C TYR A 178 14.65 -18.88 9.49
N THR A 179 13.39 -19.02 9.89
CA THR A 179 12.29 -18.39 9.16
C THR A 179 12.37 -16.86 9.26
N ARG A 180 12.77 -16.33 10.41
CA ARG A 180 12.77 -14.90 10.68
C ARG A 180 14.16 -14.28 10.72
N ALA A 181 15.19 -14.97 10.20
CA ALA A 181 16.56 -14.53 10.41
C ALA A 181 16.77 -13.10 9.94
N GLU A 182 16.37 -12.79 8.71
CA GLU A 182 16.55 -11.44 8.19
C GLU A 182 15.85 -10.40 9.08
N GLU A 183 14.68 -10.74 9.62
CA GLU A 183 13.96 -9.81 10.46
C GLU A 183 14.74 -9.50 11.74
N LEU A 184 15.36 -10.51 12.34
CA LEU A 184 16.00 -10.41 13.64
C LEU A 184 17.52 -10.40 13.56
N GLY A 185 18.09 -10.26 12.36
CA GLY A 185 19.53 -10.43 12.23
C GLY A 185 20.32 -9.39 12.98
N ASN A 186 19.82 -8.15 13.02
CA ASN A 186 20.56 -7.05 13.61
C ASN A 186 19.97 -6.55 14.94
N LYS A 187 19.18 -7.38 15.63
CA LYS A 187 18.45 -6.89 16.79
C LYS A 187 19.00 -7.35 18.14
N PHE A 188 19.74 -8.46 18.19
CA PHE A 188 20.27 -8.92 19.47
C PHE A 188 21.79 -9.04 19.37
N PRO A 189 22.55 -8.23 20.13
CA PRO A 189 24.01 -8.39 20.08
C PRO A 189 24.50 -9.72 20.64
N LEU A 190 23.90 -10.22 21.72
CA LEU A 190 24.29 -11.52 22.26
C LEU A 190 23.38 -12.59 21.68
N LEU A 191 23.94 -13.76 21.40
CA LEU A 191 23.21 -14.82 20.71
C LEU A 191 23.59 -16.16 21.31
N ILE A 192 22.64 -16.80 21.99
CA ILE A 192 22.87 -18.07 22.66
C ILE A 192 22.24 -19.19 21.84
N PHE A 193 22.98 -20.28 21.69
CA PHE A 193 22.55 -21.48 20.96
C PHE A 193 22.56 -22.65 21.95
N ASP A 194 21.47 -22.84 22.68
CA ASP A 194 21.33 -24.07 23.46
C ASP A 194 21.30 -25.25 22.50
N GLU A 195 21.90 -26.36 22.91
CA GLU A 195 21.85 -27.61 22.17
C GLU A 195 22.52 -27.43 20.80
N VAL A 196 23.71 -26.81 20.82
CA VAL A 196 24.29 -26.19 19.62
C VAL A 196 24.70 -27.20 18.54
N HIS A 197 24.83 -28.49 18.87
CA HIS A 197 25.31 -29.46 17.89
C HIS A 197 24.41 -29.53 16.66
N HIS A 198 23.16 -29.07 16.75
CA HIS A 198 22.28 -29.05 15.59
C HIS A 198 22.67 -27.97 14.58
N LEU A 199 23.48 -27.00 15.00
CA LEU A 199 23.71 -25.82 14.16
C LEU A 199 24.43 -26.11 12.85
N PRO A 200 25.43 -27.00 12.77
CA PRO A 200 26.11 -27.21 11.48
C PRO A 200 25.27 -27.85 10.38
N SER A 201 24.06 -28.34 10.68
CA SER A 201 23.18 -28.89 9.65
C SER A 201 23.00 -27.90 8.50
N GLU A 202 22.90 -28.45 7.29
CA GLU A 202 22.94 -27.64 6.06
C GLU A 202 21.99 -26.46 6.11
N GLY A 203 20.83 -26.61 6.72
CA GLY A 203 19.86 -25.52 6.78
C GLY A 203 20.22 -24.45 7.78
N TYR A 204 20.50 -24.87 9.02
CA TYR A 204 20.79 -23.92 10.08
C TYR A 204 22.16 -23.27 9.93
N SER A 205 23.03 -23.85 9.10
CA SER A 205 24.28 -23.19 8.72
C SER A 205 23.99 -21.77 8.23
N ILE A 206 23.01 -21.63 7.35
CA ILE A 206 22.66 -20.32 6.82
C ILE A 206 22.02 -19.47 7.92
N MET A 207 21.17 -20.08 8.75
CA MET A 207 20.55 -19.38 9.86
C MET A 207 21.60 -18.72 10.74
N ALA A 208 22.66 -19.45 11.09
CA ALA A 208 23.73 -18.89 11.90
C ALA A 208 24.38 -17.69 11.21
N GLN A 209 24.67 -17.82 9.91
CA GLN A 209 25.39 -16.76 9.22
C GLN A 209 24.56 -15.49 9.05
N LEU A 210 23.22 -15.60 9.10
CA LEU A 210 22.38 -14.44 8.84
C LEU A 210 22.31 -13.45 10.02
N PHE A 211 22.70 -13.86 11.22
CA PHE A 211 22.70 -12.93 12.35
C PHE A 211 24.01 -12.16 12.41
N ALA A 212 23.92 -10.85 12.66
CA ALA A 212 25.10 -10.01 12.80
C ALA A 212 25.70 -10.05 14.20
N SER A 213 25.05 -10.72 15.15
CA SER A 213 25.40 -10.68 16.56
C SER A 213 26.90 -10.95 16.78
N PRO A 214 27.62 -10.04 17.42
CA PRO A 214 29.05 -10.28 17.67
C PRO A 214 29.29 -11.30 18.77
N TYR A 215 28.56 -11.18 19.87
CA TYR A 215 28.76 -12.04 21.03
C TYR A 215 27.81 -13.21 20.91
N ARG A 216 28.36 -14.41 20.76
CA ARG A 216 27.55 -15.59 20.49
C ARG A 216 28.07 -16.74 21.34
N LEU A 217 27.16 -17.34 22.10
CA LEU A 217 27.44 -18.43 23.02
C LEU A 217 26.81 -19.72 22.53
N GLY A 218 27.54 -20.81 22.68
CA GLY A 218 27.04 -22.14 22.32
C GLY A 218 27.13 -23.07 23.51
N LEU A 219 26.10 -23.90 23.68
CA LEU A 219 25.96 -24.81 24.81
C LEU A 219 25.62 -26.19 24.28
N THR A 220 26.34 -27.21 24.74
CA THR A 220 26.09 -28.56 24.26
C THR A 220 26.76 -29.55 25.20
N ALA A 221 26.13 -30.72 25.33
CA ALA A 221 26.73 -31.86 25.99
C ALA A 221 27.42 -32.80 25.01
N THR A 222 27.02 -32.77 23.74
CA THR A 222 27.55 -33.64 22.70
C THR A 222 28.09 -32.78 21.57
N PRO A 223 29.21 -32.09 21.78
CA PRO A 223 29.72 -31.17 20.75
C PRO A 223 30.10 -31.86 19.47
N GLU A 224 30.53 -33.11 19.56
CA GLU A 224 31.04 -33.84 18.41
C GLU A 224 29.91 -34.45 17.61
N ARG A 225 30.11 -34.51 16.30
CA ARG A 225 29.06 -34.80 15.34
C ARG A 225 29.56 -35.87 14.37
N ASP A 226 28.80 -36.96 14.24
CA ASP A 226 29.21 -38.06 13.37
C ASP A 226 29.45 -37.58 11.93
N ASP A 227 28.65 -36.61 11.46
CA ASP A 227 28.84 -36.04 10.13
C ASP A 227 30.22 -35.40 9.97
N GLY A 228 30.89 -35.09 11.07
CA GLY A 228 32.08 -34.29 11.02
C GLY A 228 31.83 -32.82 10.78
N LYS A 229 30.56 -32.42 10.69
CA LYS A 229 30.21 -31.05 10.34
C LYS A 229 30.38 -30.08 11.50
N HIS A 230 30.72 -30.57 12.70
CA HIS A 230 30.99 -29.69 13.84
C HIS A 230 32.24 -28.87 13.66
N GLU A 231 32.98 -29.09 12.57
CA GLU A 231 34.12 -28.25 12.19
C GLU A 231 33.69 -26.86 11.74
N LEU A 232 32.38 -26.62 11.64
CA LEU A 232 31.86 -25.29 11.33
C LEU A 232 31.74 -24.40 12.56
N TYR A 233 31.99 -24.93 13.76
CA TYR A 233 31.85 -24.13 14.99
C TYR A 233 32.63 -22.82 14.97
N PRO A 234 33.93 -22.77 14.63
CA PRO A 234 34.64 -21.48 14.69
C PRO A 234 34.07 -20.43 13.76
N ILE A 235 33.51 -20.81 12.62
CA ILE A 235 32.95 -19.82 11.71
C ILE A 235 31.52 -19.46 12.03
N LEU A 236 30.84 -20.26 12.87
CA LEU A 236 29.44 -20.02 13.21
C LEU A 236 29.23 -19.50 14.62
N VAL A 237 29.82 -20.14 15.64
CA VAL A 237 29.75 -19.65 17.00
C VAL A 237 31.13 -19.34 17.56
N GLY A 238 32.13 -20.15 17.23
CA GLY A 238 33.40 -20.09 17.87
C GLY A 238 33.84 -21.46 18.33
N PRO A 239 35.06 -21.58 18.81
CA PRO A 239 35.58 -22.89 19.23
C PRO A 239 35.02 -23.27 20.59
N ILE A 240 35.32 -24.50 21.00
CA ILE A 240 35.04 -24.91 22.37
C ILE A 240 35.99 -24.14 23.28
N VAL A 241 35.44 -23.49 24.31
CA VAL A 241 36.27 -22.70 25.21
C VAL A 241 36.41 -23.31 26.59
N TYR A 242 35.52 -24.23 27.00
CA TYR A 242 35.77 -24.92 28.25
C TYR A 242 34.90 -26.18 28.27
N ARG A 243 35.55 -27.31 28.52
CA ARG A 243 34.95 -28.63 28.51
C ARG A 243 35.35 -29.40 29.76
N LYS A 244 34.39 -30.07 30.39
CA LYS A 244 34.67 -31.04 31.45
C LYS A 244 33.77 -32.24 31.23
N SER A 245 34.36 -33.42 31.11
CA SER A 245 33.56 -34.63 30.95
C SER A 245 32.86 -34.96 32.27
N VAL A 246 31.92 -35.90 32.19
CA VAL A 246 31.18 -36.32 33.37
C VAL A 246 32.13 -36.82 34.47
N GLU A 247 33.16 -37.57 34.07
CA GLU A 247 34.13 -38.06 35.04
C GLU A 247 35.04 -36.94 35.54
N GLU A 248 35.27 -35.92 34.71
CA GLU A 248 36.22 -34.87 35.05
C GLU A 248 35.84 -34.09 36.30
N LEU A 249 34.55 -33.94 36.58
CA LEU A 249 34.18 -33.31 37.84
C LEU A 249 33.32 -34.20 38.73
N ALA A 250 32.27 -34.81 38.17
CA ALA A 250 31.50 -35.86 38.84
C ALA A 250 31.11 -35.45 40.27
N GLY A 251 30.61 -34.24 40.42
CA GLY A 251 30.20 -33.78 41.74
C GLY A 251 29.43 -32.49 41.69
N LYS A 252 28.76 -32.20 42.80
CA LYS A 252 27.98 -30.98 42.98
C LYS A 252 26.83 -30.85 41.99
N TYR A 253 26.40 -31.97 41.39
CA TYR A 253 25.17 -31.94 40.62
C TYR A 253 24.54 -33.33 40.61
N ILE A 254 23.21 -33.35 40.48
CA ILE A 254 22.48 -34.62 40.46
C ILE A 254 22.90 -35.38 39.22
N ALA A 255 23.40 -36.60 39.40
CA ALA A 255 24.01 -37.33 38.32
C ALA A 255 23.06 -38.29 37.61
N LYS A 256 21.85 -38.49 38.12
CA LYS A 256 20.86 -39.33 37.44
C LYS A 256 19.50 -39.16 38.11
N TYR A 257 18.50 -39.76 37.48
CA TYR A 257 17.12 -39.80 37.96
C TYR A 257 16.78 -41.24 38.32
N LYS A 258 16.30 -41.44 39.54
CA LYS A 258 16.06 -42.80 40.04
C LYS A 258 14.77 -43.35 39.46
N ILE A 259 14.87 -44.51 38.79
CA ILE A 259 13.72 -45.22 38.23
C ILE A 259 13.28 -46.30 39.23
N LYS A 260 11.97 -46.39 39.45
CA LYS A 260 11.38 -47.44 40.26
C LYS A 260 10.16 -47.97 39.51
N LYS A 261 10.15 -49.28 39.24
CA LYS A 261 9.10 -49.90 38.43
C LYS A 261 8.39 -50.92 39.30
N LEU A 262 7.29 -50.47 39.93
CA LEU A 262 6.47 -51.26 40.82
C LEU A 262 5.37 -51.97 40.06
N TYR A 263 5.04 -53.19 40.50
CA TYR A 263 3.98 -53.99 39.89
C TYR A 263 2.92 -54.32 40.92
N VAL A 264 1.66 -54.17 40.51
CA VAL A 264 0.50 -54.36 41.38
C VAL A 264 -0.41 -55.39 40.73
N SER A 265 -1.03 -56.23 41.56
CA SER A 265 -1.86 -57.32 41.09
C SER A 265 -3.32 -56.88 40.89
N LEU A 266 -3.99 -57.55 39.96
CA LEU A 266 -5.35 -57.21 39.60
C LEU A 266 -6.30 -57.33 40.79
N THR A 267 -7.46 -56.69 40.66
CA THR A 267 -8.52 -56.80 41.64
C THR A 267 -9.08 -58.22 41.66
N ASN A 268 -9.68 -58.59 42.79
CA ASN A 268 -10.40 -59.86 42.86
C ASN A 268 -11.48 -59.92 41.80
N GLU A 269 -12.27 -58.86 41.68
CA GLU A 269 -13.33 -58.83 40.67
C GLU A 269 -12.76 -58.74 39.24
N GLU A 270 -11.63 -58.04 39.07
CA GLU A 270 -11.01 -57.95 37.75
C GLU A 270 -10.48 -59.30 37.29
N LYS A 271 -9.55 -59.89 38.05
CA LYS A 271 -8.94 -61.17 37.73
C LYS A 271 -9.95 -62.20 37.26
N LYS A 272 -11.14 -62.19 37.88
CA LYS A 272 -12.20 -63.11 37.45
C LYS A 272 -12.55 -62.91 35.98
N ARG A 273 -13.06 -61.73 35.62
CA ARG A 273 -13.43 -61.47 34.24
C ARG A 273 -12.21 -61.47 33.32
N TYR A 274 -11.06 -61.04 33.84
CA TYR A 274 -9.82 -61.02 33.06
C TYR A 274 -9.49 -62.39 32.48
N ASP A 275 -9.52 -63.43 33.33
CA ASP A 275 -9.19 -64.77 32.87
C ASP A 275 -10.31 -65.42 32.06
N GLY A 276 -11.56 -65.21 32.48
CA GLY A 276 -12.69 -65.79 31.75
C GLY A 276 -12.69 -65.43 30.28
N LEU A 277 -12.60 -64.12 29.98
CA LEU A 277 -12.46 -63.68 28.60
C LEU A 277 -11.17 -64.23 28.00
N ARG A 278 -10.09 -64.26 28.80
CA ARG A 278 -8.82 -64.82 28.34
C ARG A 278 -8.94 -66.31 28.05
N LYS A 279 -9.77 -67.03 28.82
CA LYS A 279 -9.96 -68.44 28.55
C LYS A 279 -10.89 -68.68 27.37
N LYS A 280 -11.83 -67.76 27.11
CA LYS A 280 -12.67 -67.88 25.91
C LYS A 280 -11.85 -67.75 24.64
N LEU A 281 -10.78 -66.95 24.66
CA LEU A 281 -9.88 -66.88 23.52
C LEU A 281 -9.01 -68.12 23.42
N LYS A 282 -8.47 -68.57 24.56
CA LYS A 282 -7.64 -69.78 24.56
C LYS A 282 -8.34 -70.96 23.90
N ASP A 283 -9.66 -71.06 24.06
CA ASP A 283 -10.40 -72.15 23.41
C ASP A 283 -10.64 -71.88 21.93
N PHE A 284 -11.04 -70.66 21.57
CA PHE A 284 -11.37 -70.38 20.18
C PHE A 284 -10.12 -70.15 19.34
N LEU A 285 -9.21 -69.29 19.81
CA LEU A 285 -8.01 -69.01 19.02
C LEU A 285 -7.25 -70.29 18.72
N SER A 286 -7.21 -71.22 19.68
CA SER A 286 -6.53 -72.49 19.47
C SER A 286 -7.31 -73.40 18.54
N SER A 287 -8.64 -73.26 18.51
CA SER A 287 -9.46 -74.10 17.65
C SER A 287 -9.02 -74.01 16.19
N ARG A 288 -8.66 -72.82 15.72
CA ARG A 288 -8.30 -72.64 14.31
C ARG A 288 -7.09 -71.71 14.23
N GLY A 289 -5.89 -72.29 14.18
CA GLY A 289 -4.72 -71.51 13.85
C GLY A 289 -4.32 -70.48 14.89
N LEU A 290 -3.87 -70.92 16.06
CA LEU A 290 -3.49 -70.03 17.15
C LEU A 290 -2.00 -69.78 17.12
N LYS A 291 -1.62 -68.67 16.51
CA LYS A 291 -0.24 -68.24 16.45
C LYS A 291 -0.17 -66.83 17.02
N LEU A 292 0.78 -66.59 17.92
CA LEU A 292 0.80 -65.37 18.71
C LEU A 292 2.20 -64.77 18.77
N GLN A 293 2.23 -63.47 19.06
CA GLN A 293 3.43 -62.64 19.18
C GLN A 293 4.05 -62.35 17.82
N ASN A 294 3.60 -63.04 16.78
CA ASN A 294 3.97 -62.74 15.41
C ASN A 294 2.97 -61.74 14.84
N LEU A 295 3.47 -60.62 14.30
CA LEU A 295 2.58 -59.60 13.76
C LEU A 295 1.73 -60.11 12.61
N ASP A 296 2.29 -60.98 11.76
CA ASP A 296 1.54 -61.49 10.62
C ASP A 296 0.33 -62.31 11.08
N ASP A 297 0.48 -63.06 12.17
CA ASP A 297 -0.63 -63.81 12.72
C ASP A 297 -1.70 -62.89 13.29
N PHE A 298 -1.30 -61.72 13.81
CA PHE A 298 -2.26 -60.78 14.38
C PHE A 298 -3.22 -60.25 13.32
N HIS A 299 -2.70 -59.94 12.13
CA HIS A 299 -3.58 -59.53 11.03
C HIS A 299 -4.40 -60.70 10.50
N ARG A 300 -3.86 -61.93 10.57
CA ARG A 300 -4.65 -63.10 10.21
C ARG A 300 -5.94 -63.12 11.00
N LEU A 301 -5.86 -62.94 12.32
CA LEU A 301 -7.07 -62.83 13.13
C LEU A 301 -7.91 -61.64 12.70
N VAL A 302 -7.27 -60.51 12.37
CA VAL A 302 -8.00 -59.32 11.95
C VAL A 302 -8.74 -59.58 10.65
N LYS A 303 -8.07 -60.18 9.67
CA LYS A 303 -8.72 -60.48 8.40
C LYS A 303 -9.84 -61.49 8.58
N LEU A 304 -9.64 -62.49 9.44
CA LEU A 304 -10.72 -63.44 9.73
C LEU A 304 -11.91 -62.76 10.37
N ALA A 305 -11.67 -61.85 11.32
CA ALA A 305 -12.74 -61.18 12.04
C ALA A 305 -13.60 -60.29 11.15
N ALA A 306 -13.18 -60.02 9.91
CA ALA A 306 -14.00 -59.25 8.99
C ALA A 306 -15.35 -59.93 8.76
N LYS A 307 -15.34 -61.25 8.56
CA LYS A 307 -16.55 -61.99 8.23
C LYS A 307 -17.06 -62.87 9.36
N ASP A 308 -16.18 -63.44 10.18
CA ASP A 308 -16.61 -64.32 11.27
C ASP A 308 -17.10 -63.49 12.44
N LYS A 309 -18.34 -63.77 12.87
CA LYS A 309 -18.92 -63.05 14.01
C LYS A 309 -18.26 -63.45 15.32
N GLU A 310 -17.86 -64.71 15.45
CA GLU A 310 -17.15 -65.13 16.66
C GLU A 310 -15.67 -64.75 16.64
N ALA A 311 -15.08 -64.58 15.46
CA ALA A 311 -13.68 -64.16 15.40
C ALA A 311 -13.50 -62.70 15.81
N ARG A 312 -14.44 -61.84 15.43
CA ARG A 312 -14.39 -60.46 15.93
C ARG A 312 -14.54 -60.44 17.45
N GLU A 313 -15.51 -61.20 17.98
CA GLU A 313 -15.64 -61.31 19.43
C GLU A 313 -14.34 -61.81 20.07
N ALA A 314 -13.63 -62.72 19.39
CA ALA A 314 -12.35 -63.18 19.89
C ALA A 314 -11.39 -62.01 20.09
N LEU A 315 -11.26 -61.15 19.07
CA LEU A 315 -10.38 -60.01 19.16
C LEU A 315 -10.91 -58.98 20.15
N LEU A 316 -12.23 -58.88 20.29
CA LEU A 316 -12.83 -58.02 21.32
C LEU A 316 -12.32 -58.41 22.70
N ALA A 317 -12.39 -59.70 23.03
CA ALA A 317 -11.98 -60.15 24.36
C ALA A 317 -10.51 -59.89 24.61
N TRP A 318 -9.65 -60.04 23.59
CA TRP A 318 -8.24 -59.75 23.77
C TRP A 318 -8.03 -58.30 24.13
N HIS A 319 -8.70 -57.38 23.42
CA HIS A 319 -8.68 -55.98 23.79
C HIS A 319 -9.24 -55.78 25.20
N GLU A 320 -10.35 -56.45 25.50
CA GLU A 320 -10.97 -56.33 26.81
C GLU A 320 -10.05 -56.83 27.92
N SER A 321 -9.24 -57.85 27.65
CA SER A 321 -8.30 -58.35 28.64
C SER A 321 -7.21 -57.31 28.95
N LEU A 322 -6.52 -56.85 27.91
CA LEU A 322 -5.47 -55.85 28.09
C LEU A 322 -6.02 -54.55 28.65
N ASN A 323 -7.26 -54.19 28.27
CA ASN A 323 -7.92 -53.03 28.87
C ASN A 323 -8.05 -53.22 30.38
N ILE A 324 -8.59 -54.37 30.81
CA ILE A 324 -8.71 -54.65 32.23
C ILE A 324 -7.35 -54.60 32.92
N ALA A 325 -6.27 -54.86 32.16
CA ALA A 325 -4.93 -54.77 32.72
C ALA A 325 -4.45 -53.32 32.79
N VAL A 326 -4.44 -52.63 31.64
CA VAL A 326 -3.89 -51.28 31.56
C VAL A 326 -4.60 -50.34 32.52
N ASN A 327 -5.93 -50.44 32.59
CA ASN A 327 -6.75 -49.55 33.42
C ASN A 327 -7.14 -50.21 34.74
N SER A 328 -6.24 -51.02 35.30
CA SER A 328 -6.53 -51.75 36.54
C SER A 328 -6.71 -50.77 37.69
N GLN A 329 -7.86 -50.86 38.37
CA GLN A 329 -8.11 -50.00 39.53
C GLN A 329 -7.08 -50.21 40.63
N SER A 330 -6.25 -51.26 40.56
CA SER A 330 -5.15 -51.40 41.48
C SER A 330 -4.07 -50.35 41.22
N LYS A 331 -3.77 -50.10 39.94
CA LYS A 331 -2.82 -49.06 39.58
C LYS A 331 -3.18 -47.73 40.23
N ILE A 332 -4.47 -47.41 40.29
CA ILE A 332 -4.91 -46.22 41.00
C ILE A 332 -4.64 -46.37 42.50
N GLU A 333 -4.99 -47.53 43.06
CA GLU A 333 -4.76 -47.77 44.48
C GLU A 333 -3.28 -47.71 44.83
N LYS A 334 -2.40 -48.13 43.92
CA LYS A 334 -0.97 -47.99 44.17
C LYS A 334 -0.54 -46.53 44.17
N LEU A 335 -1.26 -45.66 43.47
CA LEU A 335 -0.92 -44.24 43.49
C LEU A 335 -1.22 -43.60 44.84
N ARG A 336 -2.28 -44.03 45.52
CA ARG A 336 -2.56 -43.48 46.84
C ARG A 336 -1.42 -43.79 47.80
N GLU A 337 -0.84 -44.99 47.69
CA GLU A 337 0.29 -45.35 48.54
C GLU A 337 1.46 -44.42 48.32
N ILE A 338 1.89 -44.26 47.07
CA ILE A 338 3.12 -43.50 46.79
C ILE A 338 2.92 -42.01 47.05
N LEU A 339 1.75 -41.47 46.68
CA LEU A 339 1.49 -40.04 46.93
C LEU A 339 1.47 -39.74 48.42
N GLN A 340 0.81 -40.61 49.20
CA GLN A 340 0.86 -40.51 50.66
C GLN A 340 2.28 -40.55 51.18
N GLU A 341 3.12 -41.40 50.61
CA GLU A 341 4.42 -41.72 51.19
C GLU A 341 5.54 -40.82 50.68
N TYR A 342 5.28 -40.03 49.63
CA TYR A 342 6.16 -38.95 49.20
C TYR A 342 5.33 -37.68 49.08
N LYS A 343 5.41 -36.80 50.09
CA LYS A 343 4.72 -35.52 50.05
C LYS A 343 5.66 -34.34 50.23
N ASN A 344 6.95 -34.50 49.92
CA ASN A 344 7.92 -33.43 50.12
C ASN A 344 7.72 -32.30 49.13
N GLU A 345 7.34 -32.63 47.90
CA GLU A 345 7.37 -31.68 46.80
C GLU A 345 6.29 -32.07 45.80
N LYS A 346 6.25 -31.33 44.71
CA LYS A 346 5.19 -31.46 43.72
C LYS A 346 5.38 -32.71 42.86
N ILE A 347 4.27 -33.41 42.65
CA ILE A 347 4.23 -34.69 41.98
C ILE A 347 3.39 -34.53 40.71
N ILE A 348 3.80 -35.20 39.65
CA ILE A 348 3.11 -35.11 38.36
C ILE A 348 2.84 -36.52 37.84
N VAL A 349 1.56 -36.85 37.68
CA VAL A 349 1.15 -38.17 37.22
C VAL A 349 0.94 -38.14 35.71
N PHE A 350 1.58 -39.07 35.00
CA PHE A 350 1.44 -39.23 33.57
C PHE A 350 0.62 -40.47 33.26
N THR A 351 -0.38 -40.33 32.40
CA THR A 351 -1.14 -41.44 31.87
C THR A 351 -1.30 -41.26 30.37
N ARG A 352 -1.04 -42.32 29.60
CA ARG A 352 -1.31 -42.27 28.17
C ARG A 352 -2.79 -42.02 27.92
N ASP A 353 -3.64 -42.86 28.50
CA ASP A 353 -5.08 -42.71 28.35
C ASP A 353 -5.54 -41.38 28.93
N THR A 354 -6.62 -40.84 28.37
CA THR A 354 -7.19 -39.57 28.81
C THR A 354 -8.43 -39.74 29.68
N GLN A 355 -9.31 -40.69 29.35
CA GLN A 355 -10.42 -40.97 30.25
C GLN A 355 -9.93 -41.55 31.56
N MET A 356 -8.85 -42.33 31.53
CA MET A 356 -8.29 -42.87 32.75
C MET A 356 -7.67 -41.78 33.62
N ALA A 357 -7.29 -40.65 33.02
CA ALA A 357 -6.77 -39.53 33.80
C ALA A 357 -7.86 -38.87 34.62
N TYR A 358 -9.10 -38.89 34.14
CA TYR A 358 -10.19 -38.27 34.87
C TYR A 358 -10.49 -39.03 36.15
N ARG A 359 -10.35 -40.36 36.10
CA ARG A 359 -10.50 -41.18 37.30
C ARG A 359 -9.57 -40.69 38.41
N ILE A 360 -8.29 -40.46 38.06
CA ILE A 360 -7.31 -40.03 39.04
C ILE A 360 -7.68 -38.67 39.62
N SER A 361 -8.24 -37.80 38.78
CA SER A 361 -8.67 -36.48 39.25
C SER A 361 -9.88 -36.61 40.17
N LYS A 362 -10.96 -37.21 39.67
CA LYS A 362 -12.19 -37.34 40.44
C LYS A 362 -11.96 -38.02 41.79
N THR A 363 -11.03 -38.98 41.85
CA THR A 363 -10.81 -39.71 43.10
C THR A 363 -10.05 -38.86 44.12
N PHE A 364 -8.97 -38.21 43.71
CA PHE A 364 -8.09 -37.52 44.65
C PHE A 364 -8.31 -36.02 44.71
N LEU A 365 -9.24 -35.48 43.91
CA LEU A 365 -9.55 -34.05 43.91
C LEU A 365 -8.32 -33.22 43.56
N ILE A 366 -7.66 -33.59 42.46
CA ILE A 366 -6.49 -32.88 41.98
C ILE A 366 -6.70 -32.51 40.52
N PRO A 367 -6.08 -31.43 40.04
CA PRO A 367 -6.39 -30.93 38.70
C PRO A 367 -5.86 -31.82 37.59
N VAL A 368 -6.62 -31.85 36.49
CA VAL A 368 -6.32 -32.66 35.32
C VAL A 368 -6.01 -31.75 34.14
N VAL A 369 -5.16 -32.23 33.24
CA VAL A 369 -4.85 -31.54 31.99
C VAL A 369 -4.89 -32.55 30.85
N THR A 370 -5.79 -32.35 29.89
CA THR A 370 -5.93 -33.19 28.72
C THR A 370 -5.38 -32.42 27.50
N TYR A 371 -5.39 -33.08 26.34
CA TYR A 371 -5.03 -32.36 25.12
C TYR A 371 -6.13 -31.44 24.63
N LYS A 372 -7.37 -31.67 25.04
CA LYS A 372 -8.49 -30.79 24.68
C LYS A 372 -8.86 -29.87 25.83
N THR A 373 -7.87 -29.27 26.49
CA THR A 373 -8.09 -28.36 27.61
C THR A 373 -7.80 -26.94 27.13
N ASP A 374 -8.69 -26.02 27.49
CA ASP A 374 -8.54 -24.64 27.06
C ASP A 374 -7.20 -24.08 27.54
N LYS A 375 -6.53 -23.36 26.64
CA LYS A 375 -5.23 -22.78 26.99
C LYS A 375 -5.36 -21.87 28.20
N ASP A 376 -6.48 -21.16 28.31
CA ASP A 376 -6.77 -20.39 29.52
C ASP A 376 -6.78 -21.28 30.76
N GLU A 377 -7.58 -22.37 30.76
CA GLU A 377 -7.55 -23.30 31.89
C GLU A 377 -6.14 -23.83 32.14
N ARG A 378 -5.51 -24.38 31.11
CA ARG A 378 -4.18 -24.97 31.27
C ARG A 378 -3.21 -23.98 31.90
N GLU A 379 -3.35 -22.69 31.56
CA GLU A 379 -2.49 -21.69 32.17
C GLU A 379 -2.71 -21.64 33.68
N GLU A 380 -3.97 -21.59 34.12
CA GLU A 380 -4.25 -21.61 35.56
C GLU A 380 -3.59 -22.81 36.23
N ILE A 381 -3.92 -24.01 35.73
CA ILE A 381 -3.49 -25.25 36.37
C ILE A 381 -1.97 -25.36 36.38
N LEU A 382 -1.29 -24.75 35.41
CA LEU A 382 0.17 -24.79 35.36
C LEU A 382 0.81 -23.68 36.20
N GLN A 383 0.31 -22.45 36.11
CA GLN A 383 0.94 -21.36 36.85
C GLN A 383 0.71 -21.49 38.35
N LYS A 384 -0.46 -22.01 38.76
CA LYS A 384 -0.69 -22.28 40.17
C LYS A 384 0.16 -23.44 40.66
N PHE A 385 0.43 -24.41 39.79
CA PHE A 385 1.34 -25.50 40.12
C PHE A 385 2.75 -24.99 40.37
N ARG A 386 3.30 -24.26 39.40
CA ARG A 386 4.61 -23.64 39.56
C ARG A 386 4.66 -22.79 40.82
N ASP A 387 3.63 -21.97 41.05
CA ASP A 387 3.56 -21.15 42.27
C ASP A 387 3.55 -22.02 43.51
N GLY A 388 2.75 -23.09 43.50
CA GLY A 388 2.64 -23.96 44.66
C GLY A 388 1.32 -23.79 45.40
N GLU A 389 0.24 -23.61 44.64
CA GLU A 389 -1.10 -23.73 45.20
C GLU A 389 -1.60 -25.17 45.10
N TYR A 390 -1.42 -25.80 43.94
CA TYR A 390 -1.68 -27.23 43.78
C TYR A 390 -0.41 -27.99 44.12
N ARG A 391 -0.57 -29.15 44.77
CA ARG A 391 0.58 -30.00 45.06
C ARG A 391 0.77 -31.12 44.04
N VAL A 392 -0.31 -31.74 43.61
CA VAL A 392 -0.25 -32.93 42.77
C VAL A 392 -1.21 -32.74 41.59
N ILE A 393 -0.73 -33.06 40.39
CA ILE A 393 -1.46 -32.80 39.15
C ILE A 393 -1.36 -34.01 38.24
N VAL A 394 -2.47 -34.32 37.55
CA VAL A 394 -2.54 -35.39 36.56
C VAL A 394 -2.46 -34.79 35.16
N ALA A 395 -1.92 -35.55 34.21
CA ALA A 395 -1.84 -35.12 32.83
C ALA A 395 -1.94 -36.31 31.88
N SER A 396 -2.46 -36.06 30.67
CA SER A 396 -2.60 -37.08 29.63
C SER A 396 -2.13 -36.53 28.29
N THR A 397 -0.85 -36.76 27.98
CA THR A 397 -0.18 -36.26 26.77
C THR A 397 -0.30 -37.20 25.56
N VAL A 398 -1.36 -37.99 25.44
CA VAL A 398 -1.41 -38.98 24.35
C VAL A 398 -1.47 -38.38 22.95
N PHE A 399 -2.62 -37.78 22.58
CA PHE A 399 -2.79 -37.35 21.19
C PHE A 399 -1.96 -36.11 20.84
N ASP A 400 -2.30 -34.97 21.41
CA ASP A 400 -1.54 -33.74 21.19
C ASP A 400 -0.37 -33.78 22.16
N GLU A 401 0.82 -34.11 21.65
CA GLU A 401 1.97 -34.40 22.50
C GLU A 401 2.25 -33.21 23.40
N GLY A 402 1.98 -33.38 24.69
CA GLY A 402 2.22 -32.31 25.64
C GLY A 402 3.64 -32.36 26.16
N VAL A 403 4.42 -31.32 25.87
CA VAL A 403 5.76 -31.24 26.40
C VAL A 403 5.69 -31.27 27.93
N ASP A 404 6.76 -31.78 28.55
CA ASP A 404 6.85 -31.85 30.00
C ASP A 404 7.03 -30.41 30.51
N VAL A 405 5.91 -29.72 30.62
CA VAL A 405 5.91 -28.27 30.87
C VAL A 405 6.57 -27.98 32.21
N PRO A 406 6.03 -28.41 33.38
CA PRO A 406 6.66 -27.97 34.63
C PRO A 406 7.66 -28.97 35.20
N ASP A 407 8.76 -28.46 35.74
CA ASP A 407 9.70 -29.33 36.44
C ASP A 407 9.15 -29.62 37.84
N ALA A 408 9.55 -30.77 38.39
CA ALA A 408 9.13 -31.15 39.72
C ALA A 408 10.19 -32.05 40.33
N THR A 409 9.84 -32.72 41.42
CA THR A 409 10.73 -33.68 42.07
C THR A 409 10.45 -35.12 41.68
N LEU A 410 9.20 -35.44 41.37
CA LEU A 410 8.83 -36.82 41.10
C LEU A 410 7.73 -36.86 40.05
N ALA A 411 7.71 -37.94 39.26
CA ALA A 411 6.70 -38.15 38.24
C ALA A 411 6.36 -39.63 38.16
N ILE A 412 5.07 -39.96 38.14
CA ILE A 412 4.62 -41.34 38.01
C ILE A 412 4.04 -41.54 36.62
N VAL A 413 4.50 -42.58 35.93
CA VAL A 413 4.02 -42.93 34.60
C VAL A 413 3.29 -44.26 34.71
N MET A 414 2.06 -44.32 34.21
CA MET A 414 1.28 -45.54 34.30
C MET A 414 1.08 -46.27 32.99
N GLY A 415 1.65 -45.77 31.87
CA GLY A 415 1.36 -46.38 30.59
C GLY A 415 1.75 -47.84 30.61
N GLY A 416 0.75 -48.73 30.69
CA GLY A 416 1.03 -50.14 30.93
C GLY A 416 1.58 -50.85 29.71
N TYR A 417 0.88 -50.72 28.57
CA TYR A 417 1.30 -51.37 27.34
C TYR A 417 2.65 -50.88 26.84
N GLY A 418 3.12 -49.72 27.27
CA GLY A 418 4.48 -49.31 26.94
C GLY A 418 4.68 -47.81 26.80
N THR A 419 5.89 -47.38 27.13
CA THR A 419 6.28 -45.98 27.09
C THR A 419 7.32 -45.80 26.00
N LYS A 420 7.10 -44.83 25.12
CA LYS A 420 8.12 -44.46 24.14
C LYS A 420 9.39 -44.02 24.86
N ARG A 421 10.47 -44.77 24.67
CA ARG A 421 11.71 -44.42 25.34
C ARG A 421 12.15 -43.00 24.97
N GLN A 422 11.80 -42.55 23.76
CA GLN A 422 11.92 -41.12 23.43
C GLN A 422 11.16 -40.28 24.44
N PHE A 423 9.88 -40.60 24.65
CA PHE A 423 9.08 -39.91 25.66
C PHE A 423 9.68 -40.12 27.04
N LEU A 424 10.06 -41.37 27.36
CA LEU A 424 10.61 -41.67 28.68
C LEU A 424 11.88 -40.86 28.94
N GLN A 425 12.77 -40.77 27.94
CA GLN A 425 14.02 -40.05 28.14
C GLN A 425 13.81 -38.55 28.27
N ARG A 426 12.77 -38.00 27.60
CA ARG A 426 12.51 -36.56 27.74
C ARG A 426 12.19 -36.22 29.18
N LEU A 427 11.39 -37.05 29.85
CA LEU A 427 11.09 -36.83 31.26
C LEU A 427 12.35 -36.81 32.12
N GLY A 428 13.35 -37.61 31.75
CA GLY A 428 14.61 -37.59 32.45
C GLY A 428 15.34 -36.27 32.31
N ARG A 429 15.59 -35.87 31.06
CA ARG A 429 16.31 -34.63 30.81
C ARG A 429 15.55 -33.41 31.33
N ILE A 430 14.22 -33.45 31.27
CA ILE A 430 13.44 -32.33 31.80
C ILE A 430 13.59 -32.24 33.31
N LEU A 431 13.78 -33.38 33.97
CA LEU A 431 14.07 -33.43 35.40
C LEU A 431 15.56 -33.30 35.68
N ARG A 432 16.41 -33.80 34.78
CA ARG A 432 17.85 -33.86 35.00
C ARG A 432 18.47 -32.49 35.25
N LYS A 433 17.95 -31.44 34.62
CA LYS A 433 18.63 -30.15 34.69
C LYS A 433 18.51 -29.52 36.07
N LYS A 434 17.47 -29.85 36.83
CA LYS A 434 17.32 -29.30 38.17
C LYS A 434 18.51 -29.72 39.05
N ASP A 435 18.69 -28.99 40.16
CA ASP A 435 19.82 -29.23 41.04
C ASP A 435 19.56 -30.32 42.07
N LYS A 436 18.33 -30.81 42.20
CA LYS A 436 18.00 -31.84 43.16
C LYS A 436 17.63 -33.14 42.46
N GLU A 437 18.03 -34.26 43.08
CA GLU A 437 17.83 -35.58 42.49
C GLU A 437 16.36 -35.89 42.29
N ALA A 438 16.05 -36.53 41.16
CA ALA A 438 14.69 -36.82 40.73
C ALA A 438 14.40 -38.31 40.90
N LEU A 439 13.14 -38.62 41.17
CA LEU A 439 12.67 -40.00 41.32
C LEU A 439 11.52 -40.23 40.36
N LEU A 440 11.63 -41.28 39.55
CA LEU A 440 10.66 -41.57 38.49
C LEU A 440 10.06 -42.96 38.73
N ILE A 441 8.78 -42.99 39.10
CA ILE A 441 8.05 -44.24 39.30
C ILE A 441 7.29 -44.59 38.03
N GLU A 442 7.12 -45.89 37.78
CA GLU A 442 6.35 -46.38 36.64
C GLU A 442 5.57 -47.61 37.09
N ILE A 443 4.24 -47.50 37.08
CA ILE A 443 3.36 -48.53 37.61
C ILE A 443 2.86 -49.39 36.46
N VAL A 444 3.33 -50.63 36.40
CA VAL A 444 2.89 -51.61 35.41
C VAL A 444 2.08 -52.66 36.15
N THR A 445 0.89 -52.98 35.63
CA THR A 445 0.11 -54.08 36.18
C THR A 445 0.80 -55.40 35.85
N LYS A 446 0.73 -56.36 36.79
CA LYS A 446 1.41 -57.64 36.59
C LYS A 446 0.59 -58.64 35.79
N GLY A 447 -0.38 -58.17 35.00
CA GLY A 447 -1.17 -59.05 34.16
C GLY A 447 -0.67 -59.15 32.75
N THR A 448 -1.57 -58.93 31.77
CA THR A 448 -1.18 -59.04 30.37
C THR A 448 -0.11 -58.04 30.00
N ALA A 449 -0.15 -56.85 30.61
CA ALA A 449 0.87 -55.85 30.32
C ALA A 449 2.25 -56.34 30.76
N ASP A 450 2.37 -56.81 32.00
CA ASP A 450 3.67 -57.28 32.50
C ASP A 450 4.13 -58.52 31.75
N TYR A 451 3.20 -59.36 31.31
CA TYR A 451 3.58 -60.60 30.65
C TYR A 451 4.08 -60.33 29.23
N ARG A 452 3.55 -59.31 28.57
CA ARG A 452 3.90 -59.06 27.18
C ARG A 452 4.91 -57.92 27.01
N LEU A 453 4.95 -56.98 27.95
CA LEU A 453 5.90 -55.87 27.87
C LEU A 453 7.25 -56.25 28.46
N SER A 454 7.26 -57.04 29.55
CA SER A 454 8.51 -57.39 30.21
C SER A 454 9.29 -58.47 29.49
N ARG A 455 8.76 -59.03 28.40
CA ARG A 455 9.50 -60.06 27.66
C ARG A 455 10.75 -59.49 27.02
N ARG A 456 10.67 -58.27 26.47
CA ARG A 456 11.81 -57.58 25.88
C ARG A 456 12.20 -56.44 26.80
N ARG A 457 13.48 -56.42 27.21
CA ARG A 457 13.93 -55.46 28.22
C ARG A 457 13.96 -54.04 27.65
N ARG A 458 14.51 -53.88 26.46
CA ARG A 458 14.62 -52.57 25.78
C ARG A 458 15.44 -51.57 26.61
N GLU A 459 16.52 -52.05 27.23
CA GLU A 459 17.58 -51.16 27.68
C GLU A 459 18.83 -51.48 26.87
N MET B 21 -20.58 -30.65 7.50
CA MET B 21 -20.20 -30.76 8.90
C MET B 21 -19.49 -32.08 9.19
N LEU B 22 -19.54 -33.00 8.23
CA LEU B 22 -18.73 -34.21 8.38
C LEU B 22 -17.29 -33.89 7.98
N PRO B 23 -16.30 -34.33 8.75
CA PRO B 23 -14.93 -33.91 8.47
C PRO B 23 -14.36 -34.48 7.17
N TRP B 24 -13.55 -33.66 6.49
CA TRP B 24 -12.87 -34.11 5.28
C TRP B 24 -11.98 -35.30 5.59
N GLU B 25 -11.31 -35.27 6.73
CA GLU B 25 -10.48 -36.38 7.19
C GLU B 25 -11.25 -37.68 7.29
N LEU B 26 -12.58 -37.65 7.21
CA LEU B 26 -13.40 -38.85 7.23
C LEU B 26 -14.03 -39.16 5.87
N ALA B 27 -13.87 -38.27 4.89
CA ALA B 27 -14.37 -38.51 3.54
C ALA B 27 -13.59 -39.65 2.88
N ARG B 28 -14.32 -40.66 2.39
CA ARG B 28 -13.72 -41.79 1.69
C ARG B 28 -14.33 -41.93 0.31
N PHE B 29 -13.48 -41.99 -0.71
CA PHE B 29 -13.92 -42.02 -2.11
C PHE B 29 -12.79 -42.56 -2.97
N SER B 30 -13.05 -42.69 -4.28
CA SER B 30 -12.07 -43.21 -5.23
C SER B 30 -12.18 -42.47 -6.56
N ILE B 31 -11.10 -42.50 -7.30
CA ILE B 31 -11.01 -41.82 -8.58
C ILE B 31 -10.64 -42.70 -9.72
N VAL B 32 -11.45 -42.73 -10.75
CA VAL B 32 -11.10 -43.43 -11.96
C VAL B 32 -11.37 -42.44 -13.07
N LYS B 33 -10.40 -42.25 -13.94
CA LYS B 33 -10.52 -41.33 -15.04
C LYS B 33 -10.89 -39.97 -14.53
N ASP B 34 -11.95 -39.35 -15.03
CA ASP B 34 -12.31 -38.03 -14.56
C ASP B 34 -13.46 -38.02 -13.61
N GLU B 35 -13.78 -39.14 -13.00
CA GLU B 35 -14.93 -39.13 -12.11
C GLU B 35 -14.45 -39.46 -10.72
N VAL B 36 -15.06 -38.82 -9.74
CA VAL B 36 -14.84 -39.14 -8.34
C VAL B 36 -15.95 -40.10 -7.96
N LEU B 37 -15.59 -41.35 -7.69
CA LEU B 37 -16.57 -42.35 -7.31
C LEU B 37 -16.62 -42.40 -5.80
N PRO B 38 -17.72 -41.99 -5.17
CA PRO B 38 -17.79 -42.02 -3.71
C PRO B 38 -17.93 -43.44 -3.20
N HIS B 39 -17.21 -43.75 -2.12
CA HIS B 39 -17.33 -45.05 -1.47
C HIS B 39 -18.55 -44.99 -0.55
N PHE B 40 -19.72 -45.13 -1.16
CA PHE B 40 -20.96 -45.18 -0.41
C PHE B 40 -21.03 -46.47 0.40
N ALA B 41 -21.81 -46.42 1.47
CA ALA B 41 -22.03 -47.62 2.27
C ALA B 41 -23.12 -48.46 1.64
N THR B 42 -22.91 -49.77 1.63
CA THR B 42 -23.86 -50.74 1.11
C THR B 42 -24.37 -51.59 2.26
N ASN B 43 -25.20 -52.59 1.92
CA ASN B 43 -25.68 -53.50 2.94
C ASN B 43 -24.61 -54.51 3.38
N GLU B 44 -23.46 -54.53 2.71
CA GLU B 44 -22.31 -55.23 3.25
C GLU B 44 -21.81 -54.60 4.54
N ASP B 45 -22.23 -53.36 4.82
CA ASP B 45 -21.79 -52.61 6.00
C ASP B 45 -22.88 -52.55 7.06
N LEU B 46 -23.76 -53.55 7.09
CA LEU B 46 -24.83 -53.58 8.08
C LEU B 46 -24.39 -54.19 9.41
N ASP B 47 -23.65 -55.30 9.39
CA ASP B 47 -23.05 -55.81 10.61
C ASP B 47 -22.25 -54.72 11.33
N LEU B 48 -21.46 -53.96 10.57
CA LEU B 48 -20.77 -52.80 11.13
C LEU B 48 -21.76 -51.80 11.70
N ALA B 49 -22.76 -51.41 10.91
CA ALA B 49 -23.73 -50.40 11.35
C ALA B 49 -24.46 -50.84 12.61
N ASN B 50 -24.79 -52.14 12.71
CA ASN B 50 -25.48 -52.66 13.89
C ASN B 50 -24.60 -52.54 15.15
N GLU B 51 -23.38 -53.09 15.09
CA GLU B 51 -22.53 -53.14 16.28
C GLU B 51 -22.26 -51.77 16.87
N ILE B 52 -22.16 -50.74 16.03
CA ILE B 52 -21.94 -49.39 16.53
C ILE B 52 -23.23 -48.86 17.16
N ILE B 53 -24.36 -49.04 16.47
CA ILE B 53 -25.65 -48.60 17.01
C ILE B 53 -25.91 -49.26 18.35
N SER B 54 -25.56 -50.54 18.48
CA SER B 54 -25.77 -51.26 19.74
C SER B 54 -25.04 -50.60 20.91
N LEU B 55 -23.93 -49.90 20.63
CA LEU B 55 -23.14 -49.32 21.71
C LEU B 55 -23.75 -48.04 22.26
N PHE B 56 -24.52 -47.31 21.46
CA PHE B 56 -25.22 -46.13 21.98
C PHE B 56 -26.52 -46.58 22.64
N LYS B 57 -26.39 -47.00 23.89
CA LYS B 57 -27.52 -47.27 24.77
C LYS B 57 -27.47 -46.32 25.96
N ALA B 58 -28.64 -46.01 26.49
CA ALA B 58 -28.77 -45.00 27.54
C ALA B 58 -27.83 -45.30 28.70
N GLY B 59 -27.39 -44.23 29.37
CA GLY B 59 -26.52 -44.33 30.52
C GLY B 59 -25.13 -44.84 30.21
N LYS B 60 -24.45 -44.21 29.26
CA LYS B 60 -23.08 -44.58 28.93
C LYS B 60 -22.32 -43.34 28.48
N LYS B 61 -21.06 -43.25 28.92
CA LYS B 61 -20.20 -42.15 28.50
C LYS B 61 -19.75 -42.37 27.06
N LEU B 62 -19.85 -41.32 26.23
CA LEU B 62 -19.37 -41.49 24.86
C LEU B 62 -17.85 -41.42 24.79
N GLY B 63 -17.20 -40.90 25.84
CA GLY B 63 -15.75 -40.99 25.92
C GLY B 63 -15.26 -42.42 26.03
N GLU B 64 -16.03 -43.27 26.72
CA GLU B 64 -15.71 -44.69 26.78
C GLU B 64 -16.27 -45.45 25.58
N ILE B 65 -17.18 -44.86 24.82
CA ILE B 65 -17.54 -45.41 23.52
C ILE B 65 -16.31 -45.44 22.61
N ASP B 66 -15.44 -44.43 22.73
CA ASP B 66 -14.23 -44.41 21.92
C ASP B 66 -13.28 -45.55 22.26
N GLU B 67 -13.21 -45.95 23.54
CA GLU B 67 -12.37 -47.10 23.90
C GLU B 67 -12.96 -48.39 23.35
N GLU B 68 -14.27 -48.58 23.49
CA GLU B 68 -14.91 -49.78 23.01
C GLU B 68 -14.63 -50.01 21.53
N ILE B 69 -14.84 -48.97 20.71
CA ILE B 69 -14.78 -49.13 19.25
C ILE B 69 -13.38 -49.25 18.71
N GLU B 70 -12.35 -49.25 19.56
CA GLU B 70 -10.99 -49.44 19.06
C GLU B 70 -10.86 -50.74 18.27
N TYR B 71 -11.39 -51.85 18.81
CA TYR B 71 -11.24 -53.12 18.11
C TYR B 71 -11.95 -53.11 16.77
N LEU B 72 -13.04 -52.36 16.65
CA LEU B 72 -13.70 -52.22 15.36
C LEU B 72 -12.94 -51.28 14.43
N GLU B 73 -12.09 -50.40 14.99
CA GLU B 73 -11.23 -49.56 14.16
C GLU B 73 -10.19 -50.37 13.41
N LYS B 74 -9.92 -51.59 13.85
CA LYS B 74 -8.98 -52.47 13.17
C LYS B 74 -9.65 -53.41 12.18
N ILE B 75 -10.80 -53.97 12.57
CA ILE B 75 -11.42 -55.00 11.74
C ILE B 75 -12.04 -54.41 10.48
N TYR B 76 -12.50 -53.17 10.52
CA TYR B 76 -13.03 -52.50 9.32
C TYR B 76 -12.27 -51.20 9.04
N ASP B 77 -12.80 -50.45 8.07
CA ASP B 77 -12.27 -49.15 7.68
C ASP B 77 -12.53 -48.12 8.76
N HIS B 78 -11.45 -47.49 9.27
CA HIS B 78 -11.59 -46.55 10.36
C HIS B 78 -12.33 -45.27 9.94
N LYS B 79 -12.30 -44.94 8.65
CA LYS B 79 -13.07 -43.79 8.18
C LYS B 79 -14.56 -44.06 8.27
N LEU B 80 -14.99 -45.28 7.94
CA LEU B 80 -16.41 -45.61 7.98
C LEU B 80 -16.90 -45.77 9.41
N VAL B 81 -16.08 -46.34 10.29
CA VAL B 81 -16.49 -46.54 11.68
C VAL B 81 -16.74 -45.21 12.37
N ARG B 82 -15.73 -44.32 12.36
CA ARG B 82 -15.86 -43.04 13.06
C ARG B 82 -16.98 -42.20 12.49
N ALA B 83 -17.20 -42.26 11.18
CA ALA B 83 -18.24 -41.45 10.56
C ALA B 83 -19.61 -41.85 11.08
N PHE B 84 -19.83 -43.15 11.30
CA PHE B 84 -21.07 -43.59 11.92
C PHE B 84 -21.19 -43.04 13.34
N VAL B 85 -20.09 -43.11 14.11
CA VAL B 85 -20.13 -42.67 15.50
C VAL B 85 -20.53 -41.20 15.58
N LYS B 86 -19.91 -40.35 14.76
CA LYS B 86 -20.27 -38.93 14.78
C LYS B 86 -21.74 -38.72 14.46
N LEU B 87 -22.28 -39.51 13.53
CA LEU B 87 -23.67 -39.32 13.14
C LEU B 87 -24.63 -39.75 14.24
N LEU B 88 -24.35 -40.88 14.90
CA LEU B 88 -25.21 -41.33 15.98
C LEU B 88 -25.15 -40.37 17.17
N THR B 89 -23.95 -39.94 17.55
CA THR B 89 -23.81 -38.96 18.63
C THR B 89 -24.69 -37.73 18.40
N ARG B 90 -24.70 -37.21 17.17
CA ARG B 90 -25.48 -36.02 16.86
C ARG B 90 -26.96 -36.20 17.14
N LEU B 91 -27.46 -37.43 17.16
CA LEU B 91 -28.88 -37.68 17.37
C LEU B 91 -29.19 -38.16 18.78
N CYS B 92 -28.20 -38.21 19.65
CA CYS B 92 -28.41 -38.55 21.04
C CYS B 92 -28.74 -37.29 21.83
N GLU B 93 -29.46 -37.46 22.92
CA GLU B 93 -29.73 -36.37 23.85
C GLU B 93 -28.96 -36.67 25.13
N PHE B 94 -28.30 -35.65 25.67
CA PHE B 94 -27.43 -35.82 26.83
C PHE B 94 -27.86 -34.92 27.97
N GLU B 95 -27.38 -35.25 29.17
CA GLU B 95 -27.56 -34.40 30.33
C GLU B 95 -27.09 -33.00 30.01
N LEU B 96 -27.97 -32.02 30.23
CA LEU B 96 -27.64 -30.65 29.85
C LEU B 96 -26.59 -30.08 30.80
N ASP B 97 -26.04 -28.93 30.42
CA ASP B 97 -24.91 -28.33 31.10
C ASP B 97 -25.19 -28.10 32.59
N SER B 98 -24.11 -28.00 33.35
CA SER B 98 -24.18 -27.80 34.78
C SER B 98 -24.66 -26.40 35.13
N PRO B 99 -25.41 -26.25 36.22
CA PRO B 99 -25.79 -24.92 36.69
C PRO B 99 -24.60 -24.07 37.15
N ILE B 100 -23.43 -24.68 37.31
CA ILE B 100 -22.20 -23.96 37.67
C ILE B 100 -21.21 -24.15 36.54
N PRO B 101 -20.49 -23.12 36.12
CA PRO B 101 -19.50 -23.29 35.04
C PRO B 101 -18.41 -24.26 35.47
N PRO B 102 -18.25 -25.39 34.75
CA PRO B 102 -17.36 -26.46 35.21
C PRO B 102 -15.94 -26.01 35.51
N ILE B 103 -15.52 -24.88 34.95
CA ILE B 103 -14.20 -24.34 35.30
C ILE B 103 -14.17 -23.94 36.77
N GLN B 104 -15.24 -23.30 37.25
CA GLN B 104 -15.29 -22.84 38.64
C GLN B 104 -15.51 -23.98 39.62
N ILE B 105 -16.26 -25.02 39.23
CA ILE B 105 -16.36 -26.22 40.05
C ILE B 105 -14.97 -26.76 40.36
N ARG B 106 -14.18 -26.96 39.31
CA ARG B 106 -12.85 -27.51 39.47
C ARG B 106 -11.92 -26.55 40.21
N ARG B 107 -12.06 -25.24 39.99
CA ARG B 107 -11.24 -24.27 40.69
C ARG B 107 -11.50 -24.30 42.19
N GLU B 108 -12.77 -24.45 42.58
CA GLU B 108 -13.13 -24.48 43.99
C GLU B 108 -12.91 -25.86 44.60
N LEU B 109 -13.17 -26.92 43.83
CA LEU B 109 -13.10 -28.28 44.35
C LEU B 109 -11.64 -28.71 44.56
N PHE B 110 -10.80 -28.51 43.54
CA PHE B 110 -9.39 -28.95 43.58
C PHE B 110 -8.52 -28.10 44.50
N LYS B 111 -9.13 -27.18 45.26
CA LYS B 111 -8.38 -26.32 46.16
C LYS B 111 -7.74 -27.10 47.31
N TYR B 112 -8.30 -28.26 47.66
CA TYR B 112 -7.81 -29.04 48.79
C TYR B 112 -6.70 -30.01 48.43
N GLY B 113 -6.16 -29.93 47.22
CA GLY B 113 -5.02 -30.72 46.82
C GLY B 113 -5.30 -32.22 46.85
N PRO B 114 -4.27 -33.02 47.09
CA PRO B 114 -4.45 -34.48 47.14
C PRO B 114 -5.13 -34.91 48.43
N VAL B 115 -6.28 -35.55 48.30
CA VAL B 115 -7.02 -36.12 49.42
C VAL B 115 -7.11 -37.62 49.18
N LEU B 116 -6.68 -38.40 50.17
CA LEU B 116 -6.44 -39.82 49.96
C LEU B 116 -7.60 -40.70 50.39
N ASP B 117 -8.01 -40.61 51.66
CA ASP B 117 -9.05 -41.49 52.17
C ASP B 117 -10.44 -41.00 51.75
N GLU B 118 -11.34 -41.97 51.57
CA GLU B 118 -12.67 -41.66 51.07
C GLU B 118 -13.48 -40.81 52.05
N LYS B 119 -13.25 -40.96 53.36
CA LYS B 119 -14.05 -40.20 54.33
C LYS B 119 -13.68 -38.72 54.29
N GLU B 120 -12.39 -38.40 54.24
CA GLU B 120 -11.99 -37.01 53.99
C GLU B 120 -12.48 -36.56 52.62
N ARG B 121 -12.34 -37.43 51.61
CA ARG B 121 -12.93 -37.16 50.32
C ARG B 121 -14.43 -36.93 50.43
N GLU B 122 -15.11 -37.76 51.23
CA GLU B 122 -16.54 -37.57 51.43
C GLU B 122 -16.82 -36.24 52.12
N ASP B 123 -15.96 -35.85 53.07
CA ASP B 123 -16.08 -34.54 53.70
C ASP B 123 -15.97 -33.41 52.69
N ILE B 124 -14.90 -33.41 51.88
CA ILE B 124 -14.62 -32.30 50.99
C ILE B 124 -15.70 -32.16 49.92
N ILE B 125 -16.19 -33.28 49.40
CA ILE B 125 -17.27 -33.22 48.42
C ILE B 125 -18.50 -32.54 49.01
N GLN B 126 -18.97 -33.06 50.15
CA GLN B 126 -20.05 -32.42 50.89
C GLN B 126 -19.76 -30.93 51.14
N LYS B 127 -18.51 -30.61 51.46
CA LYS B 127 -18.17 -29.24 51.84
C LYS B 127 -18.42 -28.25 50.69
N VAL B 128 -17.87 -28.55 49.51
CA VAL B 128 -18.08 -27.64 48.38
C VAL B 128 -19.45 -27.87 47.74
N SER B 129 -20.00 -29.08 47.84
CA SER B 129 -21.35 -29.31 47.32
C SER B 129 -22.36 -28.40 48.01
N LYS B 130 -22.14 -28.10 49.29
CA LYS B 130 -22.99 -27.13 50.00
C LYS B 130 -22.62 -25.70 49.62
N LYS B 131 -21.32 -25.43 49.46
CA LYS B 131 -20.86 -24.08 49.14
C LYS B 131 -21.37 -23.61 47.78
N LEU B 132 -21.60 -24.55 46.85
CA LEU B 132 -22.08 -24.19 45.52
C LEU B 132 -23.52 -24.59 45.25
N GLY B 133 -24.06 -25.57 45.98
CA GLY B 133 -25.46 -25.93 45.86
C GLY B 133 -25.85 -26.74 44.63
N ALA B 134 -25.13 -27.82 44.37
CA ALA B 134 -25.40 -28.74 43.27
C ALA B 134 -24.50 -29.96 43.43
N ASP B 135 -24.83 -31.03 42.73
CA ASP B 135 -24.02 -32.25 42.74
C ASP B 135 -22.75 -31.99 41.94
N ILE B 136 -21.66 -31.72 42.67
CA ILE B 136 -20.37 -31.46 42.02
C ILE B 136 -19.95 -32.63 41.14
N MET B 137 -19.95 -33.84 41.70
CA MET B 137 -19.39 -35.01 41.02
C MET B 137 -20.05 -35.26 39.67
N ARG B 138 -21.36 -35.05 39.56
CA ARG B 138 -22.06 -35.35 38.32
C ARG B 138 -21.76 -34.33 37.23
N PHE B 139 -21.31 -33.14 37.60
CA PHE B 139 -21.15 -32.05 36.65
C PHE B 139 -19.72 -31.54 36.51
N VAL B 140 -18.77 -32.09 37.29
CA VAL B 140 -17.42 -31.53 37.34
C VAL B 140 -16.78 -31.49 35.95
N PHE B 141 -17.04 -32.50 35.12
CA PHE B 141 -16.48 -32.56 33.76
C PHE B 141 -17.57 -32.51 32.70
N SER B 142 -18.75 -32.00 33.03
CA SER B 142 -19.88 -31.98 32.11
C SER B 142 -19.55 -31.25 30.81
N ASP B 143 -18.61 -30.31 30.85
CA ASP B 143 -18.25 -29.55 29.67
C ASP B 143 -17.35 -30.33 28.72
N LEU B 144 -16.69 -31.38 29.22
CA LEU B 144 -15.80 -32.19 28.40
C LEU B 144 -16.60 -33.29 27.71
N ASP B 145 -16.43 -33.41 26.40
CA ASP B 145 -17.27 -34.32 25.63
C ASP B 145 -16.96 -35.77 25.97
N GLU B 146 -15.75 -36.06 26.43
CA GLU B 146 -15.43 -37.40 26.91
C GLU B 146 -16.40 -37.82 28.00
N GLU B 147 -16.62 -36.95 28.98
CA GLU B 147 -17.47 -37.26 30.12
C GLU B 147 -18.89 -36.75 29.91
N LYS B 148 -19.51 -37.12 28.79
CA LYS B 148 -20.94 -36.97 28.58
C LYS B 148 -21.65 -38.28 28.93
N LYS B 149 -22.99 -38.22 28.96
CA LYS B 149 -23.78 -39.40 29.29
C LYS B 149 -25.09 -39.36 28.50
N ILE B 150 -25.41 -40.48 27.85
CA ILE B 150 -26.58 -40.57 26.98
C ILE B 150 -27.81 -40.79 27.86
N ILE B 151 -28.74 -39.84 27.84
CA ILE B 151 -30.03 -40.06 28.47
C ILE B 151 -31.02 -40.70 27.49
N LYS B 152 -31.19 -40.13 26.31
CA LYS B 152 -32.08 -40.70 25.29
C LYS B 152 -31.21 -41.35 24.21
N ALA B 153 -31.28 -42.67 24.11
CA ALA B 153 -30.53 -43.39 23.11
C ALA B 153 -31.03 -43.01 21.71
N PRO B 154 -30.18 -43.11 20.70
CA PRO B 154 -30.61 -42.77 19.34
C PRO B 154 -31.60 -43.80 18.82
N THR B 155 -32.55 -43.32 18.02
CA THR B 155 -33.61 -44.16 17.50
C THR B 155 -33.41 -44.50 16.02
N ILE B 156 -32.20 -44.30 15.51
CA ILE B 156 -31.94 -44.57 14.10
C ILE B 156 -31.85 -46.08 13.90
N SER B 157 -32.39 -46.57 12.79
CA SER B 157 -32.23 -47.95 12.41
C SER B 157 -30.84 -48.15 11.83
N ALA B 158 -30.33 -49.37 11.91
CA ALA B 158 -29.04 -49.67 11.30
C ALA B 158 -29.07 -49.45 9.79
N GLU B 159 -30.25 -49.47 9.17
CA GLU B 159 -30.39 -49.27 7.73
C GLU B 159 -30.52 -47.80 7.35
N ASP B 160 -31.25 -47.01 8.14
CA ASP B 160 -31.31 -45.57 7.89
C ASP B 160 -30.03 -44.87 8.28
N LEU B 161 -29.21 -45.48 9.14
CA LEU B 161 -27.88 -44.96 9.39
C LEU B 161 -27.03 -45.02 8.13
N ILE B 162 -27.20 -46.07 7.33
CA ILE B 162 -26.41 -46.20 6.11
C ILE B 162 -26.85 -45.19 5.05
N ARG B 163 -28.16 -44.99 4.85
CA ARG B 163 -28.56 -43.96 3.90
C ARG B 163 -28.13 -42.57 4.37
N TRP B 164 -28.23 -42.31 5.68
CA TRP B 164 -27.87 -41.00 6.19
C TRP B 164 -26.37 -40.75 6.10
N TYR B 165 -25.55 -41.80 6.24
CA TYR B 165 -24.14 -41.68 5.91
C TYR B 165 -23.94 -41.26 4.46
N ASN B 166 -24.56 -41.99 3.53
CA ASN B 166 -24.34 -41.76 2.11
C ASN B 166 -24.76 -40.37 1.67
N LEU B 167 -25.59 -39.68 2.46
CA LEU B 167 -25.90 -38.28 2.18
C LEU B 167 -24.90 -37.34 2.85
N SER B 168 -24.45 -37.69 4.07
CA SER B 168 -23.40 -36.90 4.72
C SER B 168 -22.12 -36.94 3.91
N LEU B 169 -21.76 -38.12 3.40
CA LEU B 169 -20.59 -38.24 2.53
C LEU B 169 -20.81 -37.47 1.22
N LEU B 170 -22.02 -37.56 0.67
CA LEU B 170 -22.31 -36.85 -0.58
C LEU B 170 -22.18 -35.34 -0.38
N GLN B 171 -22.75 -34.83 0.70
CA GLN B 171 -22.65 -33.40 0.99
C GLN B 171 -21.22 -32.99 1.34
N THR B 172 -20.38 -33.94 1.75
CA THR B 172 -18.98 -33.64 2.08
C THR B 172 -18.14 -33.40 0.83
N LEU B 173 -18.25 -34.28 -0.17
CA LEU B 173 -17.53 -34.08 -1.42
C LEU B 173 -17.95 -32.78 -2.09
N LEU B 174 -19.26 -32.52 -2.13
CA LEU B 174 -19.76 -31.30 -2.75
C LEU B 174 -19.22 -30.05 -2.08
N PHE B 175 -18.89 -30.13 -0.79
CA PHE B 175 -18.40 -28.94 -0.09
C PHE B 175 -17.08 -28.45 -0.68
N LYS B 176 -16.32 -29.34 -1.31
CA LYS B 176 -15.17 -28.98 -2.14
C LYS B 176 -15.50 -28.99 -3.62
N ALA B 177 -16.54 -28.28 -4.08
CA ALA B 177 -16.94 -28.33 -5.48
C ALA B 177 -16.69 -26.99 -6.17
N TYR B 178 -16.05 -27.05 -7.33
CA TYR B 178 -15.90 -25.85 -8.16
C TYR B 178 -17.25 -25.28 -8.52
N LYS B 179 -18.13 -26.08 -9.14
CA LYS B 179 -19.49 -25.69 -9.45
C LYS B 179 -20.40 -26.88 -9.20
N LEU B 180 -21.68 -26.72 -9.51
CA LEU B 180 -22.63 -27.83 -9.37
C LEU B 180 -23.73 -27.62 -10.39
N THR B 181 -23.82 -28.52 -11.37
CA THR B 181 -24.89 -28.46 -12.37
C THR B 181 -26.05 -29.32 -11.91
N VAL B 182 -27.26 -28.74 -11.92
CA VAL B 182 -28.48 -29.48 -11.60
C VAL B 182 -29.35 -29.53 -12.85
N TYR B 183 -29.38 -30.69 -13.51
CA TYR B 183 -30.21 -30.89 -14.69
C TYR B 183 -31.66 -31.09 -14.26
N VAL B 184 -32.53 -30.16 -14.63
CA VAL B 184 -33.94 -30.22 -14.22
C VAL B 184 -34.81 -29.95 -15.43
N SER B 185 -35.96 -30.62 -15.47
CA SER B 185 -36.96 -30.42 -16.52
C SER B 185 -38.31 -29.96 -15.98
N SER B 186 -38.89 -30.70 -15.03
CA SER B 186 -40.22 -30.41 -14.51
C SER B 186 -40.22 -29.49 -13.30
N ASN B 187 -39.27 -29.66 -12.39
CA ASN B 187 -39.22 -28.94 -11.12
C ASN B 187 -38.58 -27.57 -11.28
N TRP B 188 -38.59 -27.04 -12.50
CA TRP B 188 -37.86 -25.83 -12.85
C TRP B 188 -38.18 -24.64 -11.96
N LYS B 189 -39.45 -24.42 -11.64
CA LYS B 189 -39.82 -23.22 -10.89
C LYS B 189 -39.33 -23.26 -9.45
N GLU B 190 -39.50 -24.40 -8.78
CA GLU B 190 -39.38 -24.43 -7.32
C GLU B 190 -37.93 -24.27 -6.88
N ILE B 191 -37.04 -25.15 -7.36
CA ILE B 191 -35.65 -25.17 -6.89
C ILE B 191 -34.96 -23.83 -7.11
N ILE B 192 -35.41 -23.04 -8.08
CA ILE B 192 -34.77 -21.75 -8.35
C ILE B 192 -35.03 -20.76 -7.24
N ARG B 193 -36.30 -20.44 -6.98
CA ARG B 193 -36.55 -19.43 -5.96
C ARG B 193 -36.19 -19.91 -4.57
N ARG B 194 -36.16 -21.24 -4.36
CA ARG B 194 -35.59 -21.75 -3.12
C ARG B 194 -34.10 -21.43 -3.06
N ALA B 195 -33.39 -21.62 -4.17
CA ALA B 195 -31.99 -21.19 -4.23
C ALA B 195 -31.89 -19.68 -4.08
N LYS B 196 -32.82 -18.94 -4.71
CA LYS B 196 -32.85 -17.49 -4.54
C LYS B 196 -33.15 -17.13 -3.09
N TRP B 197 -34.06 -17.85 -2.45
CA TRP B 197 -34.23 -17.74 -1.00
C TRP B 197 -32.92 -18.01 -0.28
N LEU B 198 -32.31 -19.17 -0.54
CA LEU B 198 -31.05 -19.52 0.11
C LEU B 198 -29.91 -18.57 -0.24
N GLY B 199 -30.06 -17.79 -1.31
CA GLY B 199 -29.07 -16.76 -1.62
C GLY B 199 -27.83 -17.26 -2.32
N LEU B 200 -27.99 -18.22 -3.23
CA LEU B 200 -26.86 -18.84 -3.92
C LEU B 200 -26.40 -17.98 -5.10
N MET B 201 -25.29 -18.39 -5.70
CA MET B 201 -24.75 -17.74 -6.89
C MET B 201 -24.70 -18.76 -8.02
N TYR B 202 -25.27 -18.39 -9.17
CA TYR B 202 -25.49 -19.38 -10.22
C TYR B 202 -25.70 -18.72 -11.57
N PHE B 203 -25.52 -19.53 -12.61
CA PHE B 203 -25.89 -19.24 -13.98
C PHE B 203 -26.80 -20.34 -14.50
N ALA B 204 -27.85 -19.95 -15.22
CA ALA B 204 -28.80 -20.87 -15.81
C ALA B 204 -28.58 -20.97 -17.32
N TYR B 205 -28.83 -22.16 -17.88
CA TYR B 205 -28.66 -22.38 -19.31
C TYR B 205 -29.85 -23.16 -19.85
N ASP B 206 -30.00 -23.13 -21.18
CA ASP B 206 -31.18 -23.67 -21.84
C ASP B 206 -30.93 -24.85 -22.78
N LYS B 207 -29.68 -25.19 -23.07
CA LYS B 207 -29.45 -26.33 -23.96
C LYS B 207 -29.94 -27.63 -23.33
N PRO B 208 -29.46 -28.07 -22.17
CA PRO B 208 -30.16 -29.14 -21.43
C PRO B 208 -31.06 -28.64 -20.30
N LEU B 209 -31.26 -27.32 -20.17
CA LEU B 209 -32.00 -26.72 -19.07
C LEU B 209 -31.36 -27.09 -17.73
N ARG B 210 -30.15 -26.57 -17.53
CA ARG B 210 -29.35 -26.83 -16.35
C ARG B 210 -29.19 -25.56 -15.52
N PHE B 211 -28.70 -25.73 -14.29
CA PHE B 211 -28.34 -24.61 -13.43
C PHE B 211 -26.96 -24.88 -12.85
N GLU B 212 -26.00 -24.01 -13.15
CA GLU B 212 -24.62 -24.20 -12.73
C GLU B 212 -24.35 -23.32 -11.52
N PHE B 213 -24.82 -23.78 -10.35
CA PHE B 213 -24.57 -23.09 -9.10
C PHE B 213 -23.07 -23.06 -8.80
N LEU B 214 -22.60 -21.91 -8.35
CA LEU B 214 -21.21 -21.81 -7.93
C LEU B 214 -21.00 -22.59 -6.64
N GLY B 215 -19.99 -23.45 -6.64
CA GLY B 215 -19.68 -24.27 -5.49
C GLY B 215 -18.95 -23.48 -4.42
N PRO B 216 -18.94 -24.02 -3.19
CA PRO B 216 -18.34 -23.27 -2.07
C PRO B 216 -16.84 -23.06 -2.21
N ALA B 217 -16.21 -23.62 -3.25
CA ALA B 217 -14.82 -23.31 -3.52
C ALA B 217 -14.63 -21.84 -3.84
N THR B 218 -15.61 -21.22 -4.49
CA THR B 218 -15.50 -19.81 -4.88
C THR B 218 -15.44 -18.90 -3.66
N LEU B 219 -16.36 -19.09 -2.72
CA LEU B 219 -16.34 -18.27 -1.51
C LEU B 219 -15.10 -18.60 -0.68
N VAL B 220 -14.80 -17.71 0.27
CA VAL B 220 -13.66 -17.94 1.17
C VAL B 220 -14.04 -17.82 2.64
N LYS B 221 -14.61 -16.68 3.05
CA LYS B 221 -14.74 -16.42 4.47
C LYS B 221 -15.96 -17.15 5.07
N LEU B 222 -17.15 -16.92 4.51
CA LEU B 222 -18.37 -17.53 5.00
C LEU B 222 -18.72 -18.83 4.28
N THR B 223 -17.73 -19.50 3.69
CA THR B 223 -17.98 -20.71 2.92
C THR B 223 -18.76 -21.75 3.72
N GLU B 224 -18.41 -21.93 4.99
CA GLU B 224 -19.12 -22.85 5.87
C GLU B 224 -20.62 -22.58 5.94
N LYS B 225 -21.02 -21.31 5.88
CA LYS B 225 -22.45 -21.00 5.85
C LYS B 225 -23.03 -21.09 4.44
N TYR B 226 -22.23 -20.75 3.43
CA TYR B 226 -22.67 -20.93 2.05
C TYR B 226 -22.85 -22.40 1.72
N GLY B 227 -21.86 -23.23 2.06
CA GLY B 227 -21.96 -24.65 1.80
C GLY B 227 -23.13 -25.30 2.52
N ARG B 228 -23.46 -24.81 3.72
CA ARG B 228 -24.64 -25.27 4.42
C ARG B 228 -25.91 -24.94 3.63
N ASN B 229 -25.95 -23.75 3.02
CA ASN B 229 -27.09 -23.39 2.18
C ASN B 229 -27.20 -24.32 0.98
N LEU B 230 -26.15 -24.39 0.17
CA LEU B 230 -26.12 -25.34 -0.94
C LEU B 230 -26.48 -26.75 -0.46
N ALA B 231 -25.97 -27.15 0.71
CA ALA B 231 -26.35 -28.44 1.28
C ALA B 231 -27.86 -28.53 1.49
N VAL B 232 -28.50 -27.41 1.86
CA VAL B 232 -29.95 -27.41 2.02
C VAL B 232 -30.65 -27.63 0.69
N LEU B 233 -30.23 -26.88 -0.34
CA LEU B 233 -30.88 -26.99 -1.64
C LEU B 233 -30.72 -28.38 -2.24
N LEU B 234 -29.57 -29.02 -2.00
CA LEU B 234 -29.36 -30.40 -2.45
C LEU B 234 -30.45 -31.32 -1.92
N GLN B 235 -30.71 -31.26 -0.61
CA GLN B 235 -31.68 -32.14 0.03
C GLN B 235 -33.04 -32.08 -0.65
N PHE B 236 -33.46 -30.89 -1.09
CA PHE B 236 -34.74 -30.75 -1.77
C PHE B 236 -34.69 -31.40 -3.15
N ILE B 237 -33.51 -31.47 -3.76
CA ILE B 237 -33.38 -32.09 -5.07
C ILE B 237 -33.37 -33.62 -4.96
N ILE B 238 -32.78 -34.16 -3.90
CA ILE B 238 -32.70 -35.63 -3.78
C ILE B 238 -34.09 -36.21 -3.49
N SER B 239 -34.95 -35.46 -2.81
CA SER B 239 -36.30 -35.92 -2.52
C SER B 239 -37.19 -35.56 -3.72
N SER B 240 -37.07 -36.37 -4.76
CA SER B 240 -37.83 -36.19 -5.99
C SER B 240 -37.84 -37.53 -6.72
N GLN B 241 -38.72 -37.64 -7.72
CA GLN B 241 -38.83 -38.89 -8.46
C GLN B 241 -37.64 -39.11 -9.38
N ASN B 242 -37.22 -38.09 -10.12
CA ASN B 242 -36.06 -38.20 -10.98
C ASN B 242 -35.24 -36.93 -10.91
N TRP B 243 -33.91 -37.10 -10.82
CA TRP B 243 -33.00 -35.98 -10.74
C TRP B 243 -31.63 -36.38 -11.26
N LYS B 244 -30.88 -35.40 -11.73
CA LYS B 244 -29.52 -35.59 -12.24
C LYS B 244 -28.69 -34.37 -11.90
N ILE B 245 -27.46 -34.60 -11.43
CA ILE B 245 -26.56 -33.54 -11.02
C ILE B 245 -25.12 -33.93 -11.39
N GLU B 246 -24.31 -32.92 -11.73
CA GLU B 246 -22.88 -33.09 -11.95
C GLU B 246 -22.13 -31.95 -11.28
N ALA B 247 -21.17 -32.30 -10.42
CA ALA B 247 -20.33 -31.33 -9.74
C ALA B 247 -18.89 -31.44 -10.24
N GLU B 248 -18.20 -30.31 -10.24
CA GLU B 248 -16.79 -30.26 -10.60
C GLU B 248 -15.96 -30.08 -9.34
N LEU B 249 -15.13 -31.06 -9.02
CA LEU B 249 -14.24 -31.03 -7.88
C LEU B 249 -12.82 -30.77 -8.36
N VAL B 250 -12.12 -29.85 -7.70
CA VAL B 250 -10.75 -29.51 -8.06
C VAL B 250 -9.82 -30.14 -7.03
N LEU B 251 -8.98 -31.06 -7.49
CA LEU B 251 -8.12 -31.84 -6.60
C LEU B 251 -6.68 -31.78 -7.07
N GLY B 252 -5.77 -31.85 -6.10
CA GLY B 252 -4.34 -31.81 -6.36
C GLY B 252 -3.72 -30.52 -5.88
N LYS B 253 -2.58 -30.61 -5.20
CA LYS B 253 -1.84 -29.44 -4.73
C LYS B 253 -0.72 -29.06 -5.69
N LYS B 254 0.20 -29.99 -5.93
CA LYS B 254 1.26 -29.75 -6.91
C LYS B 254 0.73 -29.90 -8.34
N PHE B 255 -0.10 -30.92 -8.57
CA PHE B 255 -0.71 -31.16 -9.89
C PHE B 255 -2.23 -31.10 -9.72
N LYS B 256 -2.78 -29.90 -9.79
CA LYS B 256 -4.22 -29.73 -9.73
C LYS B 256 -4.89 -30.24 -11.00
N ARG B 257 -6.14 -30.70 -10.85
CA ARG B 257 -6.90 -31.29 -11.94
C ARG B 257 -8.36 -31.39 -11.51
N VAL B 258 -9.27 -31.08 -12.45
CA VAL B 258 -10.70 -31.14 -12.20
C VAL B 258 -11.21 -32.56 -12.44
N TYR B 259 -12.07 -33.03 -11.54
CA TYR B 259 -12.75 -34.31 -11.67
C TYR B 259 -14.25 -34.10 -11.66
N LYS B 260 -14.98 -35.14 -12.07
CA LYS B 260 -16.43 -35.10 -12.16
C LYS B 260 -17.07 -35.95 -11.08
N LEU B 261 -18.16 -35.46 -10.50
CA LEU B 261 -18.97 -36.22 -9.55
C LEU B 261 -20.37 -36.30 -10.16
N LYS B 262 -20.66 -37.39 -10.85
CA LYS B 262 -21.95 -37.59 -11.51
C LYS B 262 -22.82 -38.49 -10.67
N LEU B 263 -24.05 -38.06 -10.41
CA LEU B 263 -25.00 -38.88 -9.67
C LEU B 263 -26.41 -38.46 -10.05
N ALA B 264 -27.24 -39.43 -10.40
CA ALA B 264 -28.57 -39.16 -10.93
C ALA B 264 -29.53 -40.21 -10.40
N ASN B 265 -30.57 -39.75 -9.71
CA ASN B 265 -31.61 -40.60 -9.14
C ASN B 265 -31.01 -41.75 -8.32
N PHE B 266 -30.22 -41.36 -7.32
CA PHE B 266 -29.58 -42.33 -6.43
C PHE B 266 -30.51 -42.66 -5.27
N LYS B 267 -30.38 -43.88 -4.76
CA LYS B 267 -31.32 -44.40 -3.78
C LYS B 267 -30.94 -44.10 -2.33
N GLU B 268 -29.71 -44.45 -1.93
CA GLU B 268 -29.31 -44.44 -0.53
C GLU B 268 -29.03 -43.01 -0.06
N LEU B 269 -30.10 -42.27 0.21
CA LEU B 269 -29.98 -40.87 0.63
C LEU B 269 -31.19 -40.50 1.48
N LYS B 270 -31.00 -40.46 2.79
CA LYS B 270 -32.05 -40.05 3.72
C LYS B 270 -31.48 -39.03 4.68
N GLU B 271 -32.19 -37.91 4.83
CA GLU B 271 -31.75 -36.78 5.64
C GLU B 271 -32.36 -36.81 7.04
N LEU B 272 -31.54 -36.48 8.04
CA LEU B 272 -32.00 -36.38 9.42
C LEU B 272 -31.87 -34.96 9.95
N VAL B 273 -31.80 -33.97 9.06
CA VAL B 273 -31.89 -32.56 9.41
C VAL B 273 -33.25 -32.03 8.96
N ILE B 274 -33.88 -31.25 9.82
CA ILE B 274 -35.17 -30.62 9.51
C ILE B 274 -34.90 -29.14 9.21
N ASP B 275 -35.15 -28.73 7.97
CA ASP B 275 -34.88 -27.37 7.55
C ASP B 275 -35.91 -26.37 8.06
N GLU B 276 -37.03 -26.84 8.59
CA GLU B 276 -38.05 -26.01 9.23
C GLU B 276 -38.86 -25.23 8.21
N LYS B 277 -38.49 -25.30 6.94
CA LYS B 277 -39.27 -24.78 5.81
C LYS B 277 -39.78 -23.36 6.08
N ARG B 278 -38.83 -22.43 6.20
CA ARG B 278 -39.20 -21.07 6.57
C ARG B 278 -39.92 -20.34 5.43
N PHE B 279 -39.74 -20.79 4.19
CA PHE B 279 -40.63 -20.51 3.06
C PHE B 279 -40.87 -19.03 2.79
N ASP B 280 -40.02 -18.15 3.32
CA ASP B 280 -40.13 -16.71 3.07
C ASP B 280 -38.80 -16.07 3.40
N SER B 281 -38.60 -14.87 2.88
CA SER B 281 -37.36 -14.14 3.10
C SER B 281 -37.67 -12.79 3.74
N SER B 282 -36.71 -12.32 4.55
CA SER B 282 -36.90 -11.04 5.22
C SER B 282 -36.60 -9.88 4.30
N VAL B 283 -35.64 -10.04 3.38
CA VAL B 283 -35.30 -8.98 2.45
C VAL B 283 -36.14 -9.05 1.17
N GLU B 284 -36.48 -10.26 0.71
CA GLU B 284 -37.15 -10.41 -0.58
C GLU B 284 -38.58 -9.89 -0.52
N GLU B 285 -39.38 -10.40 0.41
CA GLU B 285 -40.76 -9.94 0.52
C GLU B 285 -40.81 -8.47 0.93
N LYS B 286 -39.81 -8.01 1.69
CA LYS B 286 -39.71 -6.58 2.01
C LYS B 286 -39.31 -5.74 0.81
N PHE B 287 -38.83 -6.37 -0.27
CA PHE B 287 -38.49 -5.63 -1.48
C PHE B 287 -39.72 -5.40 -2.35
N TYR B 288 -40.50 -6.45 -2.60
CA TYR B 288 -41.70 -6.31 -3.41
C TYR B 288 -42.70 -5.36 -2.79
N LYS B 289 -42.68 -5.23 -1.46
CA LYS B 289 -43.59 -4.34 -0.75
C LYS B 289 -43.07 -2.91 -0.70
N ASP B 290 -41.82 -2.73 -0.27
CA ASP B 290 -41.28 -1.38 -0.08
C ASP B 290 -41.24 -0.57 -1.38
N PHE B 291 -41.20 -1.24 -2.53
CA PHE B 291 -41.22 -0.54 -3.80
C PHE B 291 -42.63 -0.15 -4.22
N THR B 292 -43.64 -0.96 -3.86
CA THR B 292 -45.00 -0.68 -4.28
C THR B 292 -45.50 0.67 -3.75
N ASN B 293 -45.07 1.06 -2.56
CA ASN B 293 -45.55 2.25 -1.88
C ASN B 293 -44.71 3.50 -2.20
N VAL B 294 -43.38 3.40 -2.07
CA VAL B 294 -42.53 4.58 -2.16
C VAL B 294 -42.09 4.94 -3.57
N ILE B 295 -42.39 4.10 -4.56
CA ILE B 295 -42.15 4.42 -5.96
C ILE B 295 -43.40 4.04 -6.73
N LYS B 296 -44.29 5.00 -6.94
CA LYS B 296 -45.55 4.76 -7.64
C LYS B 296 -45.50 5.07 -9.12
N GLY B 297 -44.48 5.80 -9.58
CA GLY B 297 -44.32 6.05 -11.00
C GLY B 297 -44.13 4.78 -11.80
N TRP B 298 -43.62 3.73 -11.17
CA TRP B 298 -43.35 2.46 -11.83
C TRP B 298 -44.42 1.43 -11.47
N LYS B 299 -44.76 0.59 -12.43
CA LYS B 299 -45.73 -0.50 -12.27
C LYS B 299 -44.98 -1.82 -12.47
N ILE B 300 -44.67 -2.48 -11.36
CA ILE B 300 -43.75 -3.62 -11.36
C ILE B 300 -44.51 -4.94 -11.49
N ILE B 301 -43.96 -5.83 -12.32
CA ILE B 301 -44.46 -7.19 -12.48
C ILE B 301 -43.71 -8.09 -11.50
N ARG B 302 -44.42 -9.10 -10.97
CA ARG B 302 -43.89 -9.89 -9.87
C ARG B 302 -42.75 -10.82 -10.29
N GLU B 303 -42.87 -11.47 -11.45
CA GLU B 303 -41.91 -12.50 -11.86
C GLU B 303 -41.85 -12.52 -13.38
N PRO B 304 -41.02 -11.66 -13.98
CA PRO B 304 -40.97 -11.58 -15.46
C PRO B 304 -40.70 -12.93 -16.09
N GLU B 305 -41.27 -13.11 -17.29
CA GLU B 305 -41.05 -14.34 -18.04
C GLU B 305 -39.56 -14.53 -18.28
N PRO B 306 -39.04 -15.75 -18.19
CA PRO B 306 -37.59 -15.94 -18.22
C PRO B 306 -37.02 -15.57 -19.59
N LEU B 307 -36.12 -14.60 -19.60
CA LEU B 307 -35.43 -14.23 -20.82
C LEU B 307 -34.37 -15.26 -21.17
N VAL B 308 -34.16 -15.45 -22.46
CA VAL B 308 -33.23 -16.47 -22.98
C VAL B 308 -32.43 -15.83 -24.12
N VAL B 309 -31.14 -15.56 -23.86
CA VAL B 309 -30.24 -15.00 -24.86
C VAL B 309 -29.02 -15.91 -24.96
N ASP B 310 -28.73 -16.37 -26.19
CA ASP B 310 -27.60 -17.28 -26.45
C ASP B 310 -27.74 -18.58 -25.67
N ASN B 311 -28.94 -19.17 -25.74
CA ASN B 311 -29.23 -20.49 -25.15
C ASN B 311 -28.93 -20.49 -23.64
N ARG B 312 -29.29 -19.40 -22.96
CA ARG B 312 -29.05 -19.28 -21.53
C ARG B 312 -30.16 -18.44 -20.92
N VAL B 313 -30.73 -18.93 -19.83
CA VAL B 313 -31.80 -18.23 -19.13
C VAL B 313 -31.20 -17.26 -18.13
N PHE B 314 -31.71 -16.03 -18.11
CA PHE B 314 -31.23 -14.99 -17.20
C PHE B 314 -32.42 -14.49 -16.38
N ILE B 315 -32.85 -15.32 -15.45
CA ILE B 315 -34.02 -15.07 -14.60
C ILE B 315 -33.86 -13.81 -13.79
N PRO B 316 -34.63 -12.75 -14.06
CA PRO B 316 -34.57 -11.57 -13.21
C PRO B 316 -35.59 -11.68 -12.08
N ASP B 317 -35.29 -10.97 -10.99
CA ASP B 317 -36.22 -10.95 -9.86
C ASP B 317 -37.54 -10.30 -10.23
N PHE B 318 -37.48 -9.06 -10.73
CA PHE B 318 -38.68 -8.34 -11.11
C PHE B 318 -38.32 -7.26 -12.14
N LEU B 319 -39.33 -6.83 -12.90
CA LEU B 319 -39.17 -5.76 -13.87
C LEU B 319 -40.01 -4.57 -13.44
N VAL B 320 -39.44 -3.37 -13.56
CA VAL B 320 -40.10 -2.13 -13.20
C VAL B 320 -40.27 -1.29 -14.45
N GLU B 321 -41.36 -0.54 -14.52
CA GLU B 321 -41.77 0.14 -15.75
C GLU B 321 -42.20 1.56 -15.46
N LYS B 322 -41.49 2.53 -16.05
CA LYS B 322 -41.94 3.92 -16.07
C LYS B 322 -42.52 4.15 -17.47
N GLY B 323 -43.76 3.71 -17.64
CA GLY B 323 -44.38 3.78 -18.95
C GLY B 323 -43.69 2.89 -19.96
N ASN B 324 -43.16 3.51 -21.02
CA ASN B 324 -42.50 2.76 -22.09
C ASN B 324 -41.25 2.03 -21.59
N LEU B 325 -40.40 2.73 -20.84
CA LEU B 325 -39.16 2.12 -20.36
C LEU B 325 -39.44 0.98 -19.39
N LYS B 326 -38.70 -0.11 -19.54
CA LYS B 326 -38.81 -1.28 -18.65
C LYS B 326 -37.42 -1.82 -18.37
N VAL B 327 -37.07 -1.93 -17.09
CA VAL B 327 -35.77 -2.40 -16.65
C VAL B 327 -35.96 -3.62 -15.75
N TYR B 328 -34.97 -4.51 -15.78
CA TYR B 328 -34.98 -5.72 -14.98
C TYR B 328 -34.19 -5.50 -13.68
N VAL B 329 -34.67 -6.08 -12.59
CA VAL B 329 -34.02 -5.95 -11.29
C VAL B 329 -33.81 -7.33 -10.70
N GLU B 330 -32.67 -7.52 -10.03
CA GLU B 330 -32.36 -8.79 -9.37
C GLU B 330 -31.57 -8.52 -8.10
N ILE B 331 -32.13 -8.91 -6.96
CA ILE B 331 -31.43 -8.82 -5.68
C ILE B 331 -30.70 -10.14 -5.43
N VAL B 332 -29.37 -10.07 -5.24
CA VAL B 332 -28.56 -11.27 -5.13
C VAL B 332 -28.40 -11.65 -3.66
N GLY B 333 -28.13 -12.92 -3.40
CA GLY B 333 -27.89 -13.37 -2.04
C GLY B 333 -26.45 -13.23 -1.61
N PHE B 334 -25.58 -14.12 -2.08
CA PHE B 334 -24.15 -14.01 -1.82
C PHE B 334 -23.43 -13.40 -3.01
N TRP B 335 -22.36 -12.67 -2.71
CA TRP B 335 -21.66 -11.84 -3.68
C TRP B 335 -20.20 -12.26 -3.76
N THR B 336 -19.57 -11.95 -4.90
CA THR B 336 -18.12 -12.00 -5.06
C THR B 336 -17.77 -11.22 -6.32
N LYS B 337 -16.61 -10.57 -6.29
CA LYS B 337 -16.19 -9.68 -7.38
C LYS B 337 -16.34 -10.34 -8.75
N GLU B 338 -15.80 -11.55 -8.90
CA GLU B 338 -15.84 -12.21 -10.21
C GLU B 338 -17.26 -12.56 -10.64
N TYR B 339 -18.18 -12.76 -9.69
CA TYR B 339 -19.52 -13.23 -10.03
C TYR B 339 -20.36 -12.13 -10.64
N ILE B 340 -20.44 -10.98 -9.96
CA ILE B 340 -21.18 -9.84 -10.49
C ILE B 340 -20.58 -9.40 -11.84
N LYS B 341 -19.25 -9.27 -11.88
CA LYS B 341 -18.58 -8.89 -13.13
C LYS B 341 -18.93 -9.85 -14.27
N GLU B 342 -18.81 -11.16 -14.04
CA GLU B 342 -19.16 -12.13 -15.07
C GLU B 342 -20.64 -12.05 -15.43
N LYS B 343 -21.49 -11.72 -14.46
CA LYS B 343 -22.93 -11.69 -14.73
C LYS B 343 -23.32 -10.48 -15.57
N LEU B 344 -22.90 -9.28 -15.16
CA LEU B 344 -23.27 -8.08 -15.92
C LEU B 344 -22.68 -8.10 -17.31
N ASP B 345 -21.48 -8.65 -17.48
CA ASP B 345 -20.95 -8.86 -18.83
C ASP B 345 -21.80 -9.87 -19.59
N LYS B 346 -22.28 -10.91 -18.90
CA LYS B 346 -23.21 -11.84 -19.52
C LYS B 346 -24.56 -11.18 -19.78
N LEU B 347 -24.99 -10.30 -18.87
CA LEU B 347 -26.20 -9.50 -19.06
C LEU B 347 -25.93 -8.23 -19.84
N LYS B 348 -24.72 -8.06 -20.38
CA LYS B 348 -24.47 -6.96 -21.30
C LYS B 348 -25.13 -7.18 -22.65
N LYS B 349 -25.64 -8.39 -22.92
CA LYS B 349 -26.46 -8.67 -24.08
C LYS B 349 -27.95 -8.77 -23.73
N VAL B 350 -28.40 -7.99 -22.74
CA VAL B 350 -29.80 -8.02 -22.31
C VAL B 350 -30.65 -6.96 -22.98
N LYS B 351 -30.04 -6.00 -23.69
CA LYS B 351 -30.76 -4.95 -24.42
C LYS B 351 -31.71 -4.15 -23.52
N TYR B 352 -31.43 -4.11 -22.22
CA TYR B 352 -32.27 -3.38 -21.28
C TYR B 352 -31.45 -3.12 -20.03
N PRO B 353 -31.68 -2.00 -19.35
CA PRO B 353 -30.94 -1.72 -18.12
C PRO B 353 -31.33 -2.66 -16.99
N ILE B 354 -30.41 -2.82 -16.05
CA ILE B 354 -30.58 -3.74 -14.92
C ILE B 354 -30.06 -3.07 -13.66
N LEU B 355 -30.61 -3.49 -12.52
CA LEU B 355 -30.13 -3.08 -11.19
C LEU B 355 -30.01 -4.31 -10.31
N ILE B 356 -28.88 -4.43 -9.61
CA ILE B 356 -28.57 -5.59 -8.79
C ILE B 356 -28.34 -5.14 -7.35
N LEU B 357 -29.09 -5.73 -6.42
CA LEU B 357 -29.00 -5.43 -5.00
C LEU B 357 -28.26 -6.55 -4.28
N LEU B 358 -27.21 -6.20 -3.52
CA LEU B 358 -26.33 -7.16 -2.87
C LEU B 358 -26.32 -6.96 -1.36
N ASN B 359 -26.38 -8.07 -0.63
CA ASN B 359 -26.28 -8.05 0.82
C ASN B 359 -24.90 -7.61 1.29
N GLU B 360 -24.86 -6.77 2.32
CA GLU B 360 -23.60 -6.35 2.91
C GLU B 360 -22.94 -7.54 3.59
N GLU B 361 -21.79 -7.96 3.08
CA GLU B 361 -21.08 -9.14 3.54
C GLU B 361 -19.60 -8.87 3.40
N LEU B 362 -18.78 -9.94 3.37
CA LEU B 362 -17.34 -9.83 3.27
C LEU B 362 -16.93 -8.86 2.17
N GLY B 363 -17.18 -9.24 0.91
CA GLY B 363 -16.98 -8.38 -0.24
C GLY B 363 -17.31 -6.93 0.06
N LYS B 364 -16.33 -6.04 -0.14
CA LYS B 364 -16.50 -4.63 0.17
C LYS B 364 -16.36 -3.78 -1.09
N GLU B 365 -16.98 -2.60 -1.05
CA GLU B 365 -16.93 -1.62 -2.15
C GLU B 365 -17.40 -2.24 -3.46
N LYS B 366 -18.39 -3.12 -3.37
CA LYS B 366 -18.98 -3.73 -4.55
C LYS B 366 -20.15 -2.93 -5.11
N PHE B 367 -20.59 -1.89 -4.41
CA PHE B 367 -21.70 -1.04 -4.84
C PHE B 367 -21.25 0.07 -5.79
N ASN B 368 -19.99 0.06 -6.22
CA ASN B 368 -19.46 1.07 -7.14
C ASN B 368 -19.73 0.66 -8.59
N GLY B 369 -21.02 0.54 -8.92
CA GLY B 369 -21.43 0.10 -10.22
C GLY B 369 -22.68 0.82 -10.70
N MET B 370 -22.93 0.71 -12.01
CA MET B 370 -24.14 1.28 -12.59
C MET B 370 -25.40 0.59 -12.07
N ASN B 371 -25.32 -0.71 -11.79
CA ASN B 371 -26.47 -1.48 -11.34
C ASN B 371 -26.36 -1.93 -9.89
N VAL B 372 -25.27 -1.61 -9.20
CA VAL B 372 -24.99 -2.15 -7.87
C VAL B 372 -25.57 -1.21 -6.82
N ILE B 373 -26.62 -1.67 -6.13
CA ILE B 373 -27.17 -0.96 -4.98
C ILE B 373 -27.09 -1.94 -3.80
N THR B 374 -26.10 -1.74 -2.94
CA THR B 374 -25.78 -2.73 -1.90
C THR B 374 -26.59 -2.44 -0.66
N TYR B 375 -27.61 -3.26 -0.43
CA TYR B 375 -28.43 -3.13 0.78
C TYR B 375 -27.66 -3.67 1.98
N LYS B 376 -28.25 -3.48 3.16
CA LYS B 376 -27.63 -3.93 4.41
C LYS B 376 -28.40 -5.05 5.10
N ARG B 377 -29.67 -4.82 5.46
CA ARG B 377 -30.45 -5.84 6.16
C ARG B 377 -31.81 -6.07 5.53
N LYS B 378 -32.34 -5.05 4.87
CA LYS B 378 -33.66 -5.11 4.25
C LYS B 378 -33.69 -4.16 3.07
N ILE B 379 -34.79 -4.19 2.33
CA ILE B 379 -34.90 -3.38 1.12
C ILE B 379 -35.17 -1.94 1.51
N ASP B 380 -34.32 -1.03 1.03
CA ASP B 380 -34.47 0.41 1.24
C ASP B 380 -34.95 1.03 -0.07
N ILE B 381 -36.28 1.20 -0.17
CA ILE B 381 -36.87 1.72 -1.41
C ILE B 381 -36.33 3.12 -1.73
N SER B 382 -35.89 3.86 -0.70
CA SER B 382 -35.33 5.19 -0.90
C SER B 382 -34.15 5.15 -1.86
N LEU B 383 -33.14 4.32 -1.56
CA LEU B 383 -31.92 4.28 -2.37
C LEU B 383 -32.16 3.78 -3.78
N VAL B 384 -33.24 3.05 -4.03
CA VAL B 384 -33.55 2.59 -5.38
C VAL B 384 -33.95 3.76 -6.27
N TYR B 385 -34.73 4.70 -5.73
CA TYR B 385 -35.24 5.81 -6.54
C TYR B 385 -34.13 6.71 -7.06
N LYS B 386 -33.14 7.02 -6.22
CA LYS B 386 -32.08 7.95 -6.63
C LYS B 386 -31.39 7.48 -7.91
N TRP B 387 -31.32 6.17 -8.13
CA TRP B 387 -30.91 5.65 -9.42
C TRP B 387 -32.08 5.58 -10.39
N LEU B 388 -33.25 5.16 -9.90
CA LEU B 388 -34.42 5.03 -10.78
C LEU B 388 -34.80 6.37 -11.38
N ARG B 389 -34.65 7.46 -10.62
CA ARG B 389 -34.93 8.78 -11.16
C ARG B 389 -33.74 9.34 -11.94
N GLU B 390 -32.53 8.87 -11.66
CA GLU B 390 -31.36 9.29 -12.42
C GLU B 390 -31.39 8.75 -13.85
N LEU B 391 -31.96 7.56 -14.04
CA LEU B 391 -31.98 6.94 -15.37
C LEU B 391 -32.97 7.60 -16.31
N GLU B 392 -33.92 8.38 -15.77
CA GLU B 392 -34.85 9.13 -16.60
C GLU B 392 -34.44 10.59 -16.73
N ASN B 393 -33.77 11.15 -15.73
CA ASN B 393 -33.12 12.45 -15.89
C ASN B 393 -32.02 12.38 -16.94
N LYS B 394 -31.28 11.26 -16.97
CA LYS B 394 -30.29 11.05 -18.00
C LYS B 394 -30.93 10.85 -19.37
N TYR B 395 -32.15 10.30 -19.41
CA TYR B 395 -32.92 10.23 -20.65
C TYR B 395 -33.80 11.49 -20.74
N LEU B 396 -33.11 12.62 -20.96
CA LEU B 396 -33.74 13.92 -21.13
C LEU B 396 -33.59 14.41 -22.57
N ASN B 397 -33.63 13.48 -23.52
CA ASN B 397 -33.58 13.80 -24.94
C ASN B 397 -35.00 13.73 -25.48
N GLU B 398 -35.55 14.89 -25.83
CA GLU B 398 -36.98 15.03 -26.08
C GLU B 398 -37.46 14.09 -27.20
N VAL B 399 -38.32 13.15 -26.82
CA VAL B 399 -38.97 12.21 -27.74
C VAL B 399 -40.48 12.36 -27.50
N LYS B 400 -41.17 12.97 -28.45
CA LYS B 400 -42.60 13.25 -28.33
C LYS B 400 -43.40 12.29 -29.23
N VAL B 401 -44.35 11.59 -28.60
CA VAL B 401 -45.16 10.59 -29.30
C VAL B 401 -46.10 11.28 -30.27
N ASP B 402 -46.25 10.67 -31.46
CA ASP B 402 -47.02 11.24 -32.55
C ASP B 402 -47.68 10.14 -33.37
N TYR B 403 -48.84 10.46 -33.94
CA TYR B 403 -49.58 9.53 -34.77
C TYR B 403 -49.71 10.13 -36.17
N THR B 404 -49.76 9.26 -37.18
CA THR B 404 -49.94 9.71 -38.56
C THR B 404 -50.82 8.73 -39.32
N ILE B 405 -52.01 9.20 -39.72
CA ILE B 405 -52.86 8.50 -40.67
C ILE B 405 -52.66 9.18 -42.02
N SER B 406 -52.09 8.46 -42.98
CA SER B 406 -51.74 9.07 -44.26
C SER B 406 -53.00 9.44 -45.04
N GLY B 407 -53.06 10.69 -45.52
CA GLY B 407 -54.10 11.05 -46.45
C GLY B 407 -53.91 10.23 -47.70
N ASP B 408 -52.88 10.55 -48.48
CA ASP B 408 -52.31 9.63 -49.46
C ASP B 408 -50.97 9.07 -48.98
N ILE B 409 -50.12 9.95 -48.45
CA ILE B 409 -48.84 9.59 -47.86
C ILE B 409 -48.57 10.59 -46.75
N ILE B 410 -47.79 10.18 -45.75
CA ILE B 410 -47.45 11.06 -44.64
C ILE B 410 -46.06 11.63 -44.85
N SER B 411 -45.94 12.95 -44.72
CA SER B 411 -44.66 13.63 -44.86
C SER B 411 -44.10 13.96 -43.47
N LEU B 412 -42.77 13.81 -43.34
CA LEU B 412 -42.11 14.22 -42.10
C LEU B 412 -42.26 15.71 -41.86
N ASN B 413 -42.11 16.52 -42.91
CA ASN B 413 -42.36 17.95 -42.80
C ASN B 413 -43.82 18.23 -42.47
N GLU B 414 -44.75 17.47 -43.07
CA GLU B 414 -46.16 17.60 -42.74
C GLU B 414 -46.41 17.28 -41.27
N ILE B 415 -45.85 16.16 -40.79
CA ILE B 415 -45.97 15.83 -39.37
C ILE B 415 -45.40 16.94 -38.52
N ALA B 416 -44.36 17.62 -39.00
CA ALA B 416 -43.83 18.79 -38.32
C ALA B 416 -44.76 19.98 -38.45
N SER B 417 -45.39 20.15 -39.61
CA SER B 417 -46.26 21.30 -39.85
C SER B 417 -47.48 21.26 -38.93
N LYS B 418 -48.16 20.11 -38.86
CA LYS B 418 -49.35 20.00 -38.01
C LYS B 418 -49.02 20.32 -36.56
N LEU B 419 -47.90 19.76 -36.06
CA LEU B 419 -47.56 19.91 -34.64
C LEU B 419 -47.10 21.30 -34.26
N SER B 420 -46.95 22.21 -35.23
CA SER B 420 -46.41 23.54 -34.98
C SER B 420 -45.04 23.46 -34.30
N LEU B 421 -44.26 22.45 -34.68
CA LEU B 421 -42.93 22.22 -34.18
C LEU B 421 -41.92 22.23 -35.34
N PRO B 422 -40.69 22.66 -35.09
CA PRO B 422 -39.68 22.64 -36.17
C PRO B 422 -39.42 21.22 -36.65
N VAL B 423 -39.08 21.12 -37.94
CA VAL B 423 -38.93 19.82 -38.60
C VAL B 423 -37.87 18.96 -37.92
N GLU B 424 -36.82 19.59 -37.39
CA GLU B 424 -35.68 18.83 -36.87
C GLU B 424 -36.09 17.92 -35.72
N VAL B 425 -36.83 18.44 -34.74
CA VAL B 425 -37.17 17.63 -33.56
C VAL B 425 -37.94 16.38 -33.97
N ILE B 426 -38.74 16.45 -35.03
CA ILE B 426 -39.37 15.26 -35.58
C ILE B 426 -38.32 14.36 -36.24
N ARG B 427 -37.38 14.96 -36.98
CA ARG B 427 -36.40 14.17 -37.72
C ARG B 427 -35.53 13.32 -36.79
N LYS B 428 -35.21 13.85 -35.61
CA LYS B 428 -34.44 13.08 -34.65
C LYS B 428 -35.27 11.95 -34.03
N ASN B 429 -36.57 12.18 -33.83
CA ASN B 429 -37.42 11.29 -33.07
C ASN B 429 -38.26 10.36 -33.94
N ILE B 430 -37.85 10.15 -35.19
CA ILE B 430 -38.62 9.36 -36.15
C ILE B 430 -39.12 8.06 -35.53
N LYS B 431 -40.41 7.79 -35.70
CA LYS B 431 -41.09 6.63 -35.15
C LYS B 431 -41.52 5.66 -36.26
N ILE B 432 -41.59 4.39 -35.91
CA ILE B 432 -41.97 3.31 -36.82
C ILE B 432 -43.40 2.90 -36.52
N PHE B 433 -44.26 2.95 -37.55
CA PHE B 433 -45.69 2.69 -37.36
C PHE B 433 -46.06 1.38 -38.02
N PRO B 434 -46.85 0.52 -37.35
CA PRO B 434 -47.17 -0.80 -37.93
C PRO B 434 -47.91 -0.68 -39.24
N GLY B 435 -48.62 0.42 -39.45
CA GLY B 435 -49.32 0.64 -40.71
C GLY B 435 -48.39 0.71 -41.90
N TYR B 436 -47.35 1.54 -41.80
CA TYR B 436 -46.59 1.95 -42.97
C TYR B 436 -45.12 1.58 -42.87
N ILE B 437 -44.46 1.64 -44.03
CA ILE B 437 -43.01 1.53 -44.16
C ILE B 437 -42.46 2.93 -44.35
N PHE B 438 -41.24 3.17 -43.89
CA PHE B 438 -40.63 4.49 -43.91
C PHE B 438 -39.58 4.55 -45.01
N LEU B 439 -40.01 4.93 -46.21
CA LEU B 439 -39.09 5.42 -47.23
C LEU B 439 -38.73 6.85 -46.91
N LYS B 440 -37.44 7.18 -47.01
CA LYS B 440 -36.91 8.44 -46.49
C LYS B 440 -37.77 9.62 -46.88
N ASN B 441 -37.88 10.57 -45.95
CA ASN B 441 -38.60 11.83 -46.14
C ASN B 441 -40.10 11.66 -46.33
N TYR B 442 -40.66 10.47 -46.07
CA TYR B 442 -42.10 10.22 -46.20
C TYR B 442 -42.47 8.94 -45.44
N TYR B 443 -43.78 8.65 -45.41
CA TYR B 443 -44.35 7.37 -45.02
C TYR B 443 -45.18 6.85 -46.18
N VAL B 444 -45.45 5.54 -46.16
CA VAL B 444 -46.36 4.96 -47.14
C VAL B 444 -47.07 3.77 -46.52
N SER B 445 -48.40 3.85 -46.42
CA SER B 445 -49.18 2.70 -45.95
C SER B 445 -48.83 1.47 -46.76
N GLU B 446 -48.64 0.34 -46.06
CA GLU B 446 -48.20 -0.89 -46.72
C GLU B 446 -49.23 -1.42 -47.71
N LYS B 447 -50.49 -1.01 -47.61
CA LYS B 447 -51.47 -1.42 -48.62
C LYS B 447 -51.33 -0.59 -49.89
N PHE B 448 -51.12 0.73 -49.75
CA PHE B 448 -50.87 1.58 -50.90
C PHE B 448 -49.64 1.14 -51.68
N LEU B 449 -48.55 0.83 -50.97
CA LEU B 449 -47.31 0.42 -51.63
C LEU B 449 -47.47 -0.93 -52.34
N GLU B 450 -48.11 -1.91 -51.69
CA GLU B 450 -48.26 -3.23 -52.28
C GLU B 450 -49.03 -3.18 -53.60
N LYS B 451 -49.96 -2.24 -53.75
CA LYS B 451 -50.67 -2.06 -55.01
C LYS B 451 -49.81 -1.35 -56.04
N LEU B 452 -49.03 -0.36 -55.61
CA LEU B 452 -48.18 0.40 -56.51
C LEU B 452 -47.11 -0.48 -57.16
N ARG B 453 -46.85 -1.68 -56.62
CA ARG B 453 -45.99 -2.62 -57.31
C ARG B 453 -46.65 -3.14 -58.58
N ASN B 454 -47.96 -3.39 -58.52
CA ASN B 454 -48.69 -3.88 -59.69
C ASN B 454 -48.74 -2.84 -60.80
N GLU B 455 -48.49 -1.57 -60.50
CA GLU B 455 -48.36 -0.56 -61.55
C GLU B 455 -47.25 -0.94 -62.52
N ASN B 456 -46.07 -1.27 -62.00
CA ASN B 456 -44.98 -1.89 -62.76
C ASN B 456 -44.55 -1.02 -63.95
N PHE B 457 -43.99 0.13 -63.61
CA PHE B 457 -43.35 1.00 -64.59
C PHE B 457 -41.89 0.56 -64.76
N ASP B 458 -41.51 0.22 -65.99
CA ASP B 458 -40.19 -0.36 -66.24
C ASP B 458 -39.11 0.70 -66.16
N ASN B 459 -39.19 1.73 -67.01
CA ASN B 459 -38.20 2.78 -67.00
C ASN B 459 -38.84 4.09 -67.42
N LYS B 460 -38.27 5.18 -66.94
CA LYS B 460 -38.78 6.52 -67.21
C LYS B 460 -37.60 7.49 -67.22
N SER B 461 -37.90 8.78 -67.36
CA SER B 461 -36.90 9.84 -67.43
C SER B 461 -37.61 11.18 -67.34
N LEU B 462 -36.82 12.22 -67.07
CA LEU B 462 -37.12 13.65 -67.02
C LEU B 462 -38.00 14.06 -65.81
N LYS B 463 -38.44 13.12 -64.98
CA LYS B 463 -39.20 13.41 -63.76
C LYS B 463 -40.55 14.06 -64.03
N GLU B 464 -40.98 14.12 -65.30
CA GLU B 464 -42.29 14.69 -65.61
C GLU B 464 -43.43 13.80 -65.10
N LEU B 465 -43.25 12.48 -65.19
CA LEU B 465 -44.28 11.55 -64.73
C LEU B 465 -44.39 11.48 -63.21
N VAL B 466 -43.37 11.92 -62.48
CA VAL B 466 -43.45 11.94 -61.01
C VAL B 466 -44.54 12.88 -60.53
N SER B 467 -44.72 14.02 -61.23
CA SER B 467 -45.71 15.00 -60.83
C SER B 467 -47.13 14.43 -60.83
N ALA B 468 -47.43 13.52 -61.76
CA ALA B 468 -48.77 12.94 -61.81
C ALA B 468 -49.08 12.19 -60.52
N TYR B 469 -48.14 11.38 -60.03
CA TYR B 469 -48.33 10.72 -58.75
C TYR B 469 -47.97 11.61 -57.57
N GLY B 470 -47.00 12.51 -57.75
CA GLY B 470 -46.84 13.62 -56.83
C GLY B 470 -46.15 13.29 -55.53
N ASP B 471 -45.67 12.06 -55.38
CA ASP B 471 -44.95 11.66 -54.17
C ASP B 471 -43.46 11.92 -54.35
N TYR B 472 -42.65 11.38 -53.44
CA TYR B 472 -41.21 11.56 -53.56
C TYR B 472 -40.61 10.52 -54.51
N ILE B 473 -39.38 10.79 -54.93
CA ILE B 473 -38.59 9.78 -55.63
C ILE B 473 -38.19 8.64 -54.71
N VAL B 474 -38.20 8.89 -53.39
CA VAL B 474 -37.82 7.86 -52.42
C VAL B 474 -38.66 6.60 -52.59
N GLU B 475 -39.96 6.76 -52.78
CA GLU B 475 -40.83 5.60 -53.01
C GLU B 475 -40.40 4.86 -54.27
N VAL B 476 -40.17 5.58 -55.35
CA VAL B 476 -39.72 4.96 -56.59
C VAL B 476 -38.39 4.27 -56.38
N LEU B 477 -37.52 4.88 -55.57
CA LEU B 477 -36.15 4.36 -55.40
C LEU B 477 -36.14 2.99 -54.76
N GLU B 478 -37.04 2.74 -53.79
CA GLU B 478 -36.97 1.51 -53.00
C GLU B 478 -37.18 0.26 -53.86
N PHE B 479 -38.20 0.27 -54.71
CA PHE B 479 -38.52 -0.94 -55.47
C PHE B 479 -37.49 -1.24 -56.56
N LEU B 480 -37.42 -0.38 -57.57
CA LEU B 480 -36.46 -0.54 -58.66
C LEU B 480 -36.14 0.86 -59.19
N GLY B 481 -35.08 1.44 -58.66
CA GLY B 481 -34.70 2.80 -59.03
C GLY B 481 -33.20 2.92 -59.13
N TYR B 482 -32.76 3.75 -60.06
CA TYR B 482 -31.36 4.08 -60.22
C TYR B 482 -31.25 5.36 -61.03
N LYS B 483 -30.26 6.20 -60.69
CA LYS B 483 -30.08 7.48 -61.34
C LYS B 483 -28.59 7.77 -61.38
N LEU B 484 -28.12 8.29 -62.52
CA LEU B 484 -26.71 8.65 -62.68
C LEU B 484 -26.50 10.16 -62.70
N LYS B 485 -27.48 10.92 -62.21
CA LYS B 485 -27.41 12.38 -62.19
C LYS B 485 -27.84 12.89 -60.82
N TRP B 486 -27.02 13.76 -60.23
CA TRP B 486 -27.34 14.28 -58.91
C TRP B 486 -28.45 15.32 -58.96
N GLN B 487 -28.48 16.13 -60.02
CA GLN B 487 -29.51 17.17 -60.14
C GLN B 487 -30.84 16.55 -60.54
N GLY B 488 -31.93 17.16 -60.04
CA GLY B 488 -33.26 16.63 -60.30
C GLY B 488 -34.11 17.40 -61.29
N ILE B 489 -34.08 18.73 -61.21
CA ILE B 489 -34.93 19.60 -62.03
C ILE B 489 -34.09 20.20 -63.15
N SER B 490 -34.62 20.13 -64.37
CA SER B 490 -33.89 20.57 -65.57
C SER B 490 -32.53 19.90 -65.67
N ASP B 491 -32.53 18.67 -65.17
CA ASP B 491 -31.35 17.87 -65.07
C ASP B 491 -31.29 16.80 -66.13
N ALA B 492 -30.23 16.85 -66.92
CA ALA B 492 -30.00 15.90 -68.00
C ALA B 492 -29.65 14.50 -67.52
N ILE B 493 -29.99 13.53 -68.37
CA ILE B 493 -29.74 12.10 -68.18
C ILE B 493 -30.41 11.48 -66.99
N VAL B 494 -31.53 12.05 -66.59
CA VAL B 494 -32.22 11.52 -65.46
C VAL B 494 -32.93 10.32 -66.01
N ILE B 495 -32.74 9.14 -65.41
CA ILE B 495 -33.53 8.02 -65.91
C ILE B 495 -33.39 6.90 -64.87
N LYS B 496 -34.46 6.13 -64.69
CA LYS B 496 -34.45 4.96 -63.82
C LYS B 496 -34.89 3.75 -64.63
N ASP B 497 -34.33 2.58 -64.30
CA ASP B 497 -34.58 1.41 -65.11
C ASP B 497 -34.36 0.14 -64.29
N LYS B 498 -34.90 -0.96 -64.81
CA LYS B 498 -34.68 -2.29 -64.27
C LYS B 498 -33.65 -3.01 -65.12
N LYS B 499 -32.70 -3.67 -64.46
CA LYS B 499 -31.67 -4.41 -65.18
C LYS B 499 -31.01 -5.43 -64.27
N PRO C 16 8.35 -12.01 -36.19
CA PRO C 16 8.14 -11.71 -34.76
C PRO C 16 8.88 -10.45 -34.35
N ARG C 17 8.11 -9.41 -34.00
CA ARG C 17 8.66 -8.07 -33.77
C ARG C 17 9.63 -8.00 -32.60
N GLY C 18 9.76 -9.06 -31.80
CA GLY C 18 10.68 -9.04 -30.68
C GLY C 18 11.85 -9.99 -30.84
N SER C 19 11.67 -11.05 -31.63
CA SER C 19 12.66 -12.12 -31.75
C SER C 19 13.94 -11.70 -32.46
N HIS C 20 14.01 -10.48 -32.99
CA HIS C 20 15.27 -9.91 -33.44
C HIS C 20 15.49 -8.57 -32.77
N MET C 21 15.37 -8.56 -31.45
CA MET C 21 15.59 -7.36 -30.65
C MET C 21 16.13 -7.76 -29.30
N VAL C 22 17.29 -7.22 -28.92
CA VAL C 22 17.82 -7.44 -27.58
C VAL C 22 17.43 -6.23 -26.75
N TYR C 23 17.26 -6.43 -25.44
CA TYR C 23 16.60 -5.47 -24.58
C TYR C 23 17.60 -4.86 -23.61
N LEU C 24 17.74 -3.54 -23.67
CA LEU C 24 18.74 -2.81 -22.90
C LEU C 24 18.03 -1.77 -22.04
N ARG C 25 18.03 -1.96 -20.72
CA ARG C 25 17.25 -1.12 -19.83
C ARG C 25 18.00 -0.79 -18.55
N TYR C 26 17.57 0.30 -17.91
CA TYR C 26 18.11 0.81 -16.66
C TYR C 26 17.24 0.33 -15.50
N PHE C 27 17.87 0.04 -14.35
CA PHE C 27 17.11 -0.42 -13.18
C PHE C 27 17.89 -0.07 -11.91
N LYS C 28 17.43 0.96 -11.21
CA LYS C 28 17.92 1.33 -9.87
C LYS C 28 19.44 1.40 -9.84
N GLY C 29 20.01 2.21 -10.72
CA GLY C 29 21.44 2.42 -10.79
C GLY C 29 22.21 1.40 -11.60
N LEU C 30 21.54 0.48 -12.27
CA LEU C 30 22.21 -0.56 -13.05
C LEU C 30 21.73 -0.56 -14.50
N ILE C 31 22.48 -1.26 -15.34
CA ILE C 31 22.16 -1.44 -16.76
C ILE C 31 21.94 -2.93 -17.01
N LEU C 32 20.84 -3.27 -17.70
CA LEU C 32 20.42 -4.66 -17.91
C LEU C 32 20.29 -4.94 -19.40
N SER C 33 20.60 -6.16 -19.80
CA SER C 33 20.60 -6.48 -21.23
C SER C 33 20.39 -7.98 -21.46
N ASP C 34 19.65 -8.30 -22.52
CA ASP C 34 19.47 -9.70 -22.94
C ASP C 34 20.78 -10.34 -23.37
N ALA C 35 21.63 -9.59 -24.07
CA ALA C 35 22.78 -10.15 -24.75
C ALA C 35 24.08 -9.66 -24.11
N TYR C 36 25.12 -10.47 -24.24
CA TYR C 36 26.41 -10.13 -23.65
C TYR C 36 26.99 -8.87 -24.27
N ALA C 37 27.84 -8.19 -23.50
CA ALA C 37 28.65 -7.08 -23.97
C ALA C 37 29.85 -6.96 -23.05
N PRO C 38 31.00 -6.52 -23.55
CA PRO C 38 32.19 -6.40 -22.70
C PRO C 38 31.93 -5.43 -21.55
N GLY C 39 32.08 -5.93 -20.32
CA GLY C 39 31.81 -5.19 -19.11
C GLY C 39 30.64 -5.74 -18.31
N LEU C 40 29.69 -6.40 -18.97
CA LEU C 40 28.54 -7.01 -18.33
C LEU C 40 28.89 -8.38 -17.76
N LYS C 41 28.01 -8.88 -16.90
CA LYS C 41 28.13 -10.22 -16.32
C LYS C 41 26.74 -10.73 -15.96
N TRP C 42 26.44 -11.96 -16.36
CA TRP C 42 25.16 -12.57 -16.05
C TRP C 42 24.88 -12.54 -14.55
N SER C 43 23.61 -12.37 -14.22
CA SER C 43 23.13 -12.42 -12.84
C SER C 43 21.90 -13.30 -12.78
N ASP C 44 22.00 -14.43 -12.07
CA ASP C 44 20.82 -15.25 -11.83
C ASP C 44 19.77 -14.47 -11.05
N GLU C 45 20.20 -13.57 -10.17
CA GLU C 45 19.24 -12.80 -9.38
C GLU C 45 18.52 -11.76 -10.23
N LEU C 46 19.23 -11.12 -11.17
CA LEU C 46 18.62 -10.15 -12.05
C LEU C 46 18.16 -10.74 -13.38
N LYS C 47 18.60 -11.95 -13.72
CA LYS C 47 18.11 -12.67 -14.89
C LYS C 47 18.38 -11.92 -16.20
N ALA C 48 19.63 -11.46 -16.36
CA ALA C 48 20.09 -10.73 -17.54
C ALA C 48 21.58 -10.47 -17.38
N TYR C 49 22.22 -10.14 -18.50
CA TYR C 49 23.60 -9.65 -18.46
C TYR C 49 23.56 -8.19 -18.00
N SER C 50 24.36 -7.85 -16.98
CA SER C 50 24.17 -6.55 -16.35
C SER C 50 25.45 -6.06 -15.71
N ALA C 51 25.54 -4.74 -15.55
CA ALA C 51 26.61 -4.09 -14.81
C ALA C 51 26.08 -2.77 -14.26
N LEU C 52 26.97 -1.98 -13.67
CA LEU C 52 26.60 -0.65 -13.19
C LEU C 52 26.26 0.27 -14.35
N ALA C 53 25.44 1.28 -14.06
CA ALA C 53 24.83 2.11 -15.10
C ALA C 53 25.86 2.85 -15.94
N PHE C 54 26.99 3.26 -15.34
CA PHE C 54 27.94 4.13 -16.03
C PHE C 54 28.50 3.51 -17.29
N LYS C 55 28.45 2.19 -17.42
CA LYS C 55 28.83 1.51 -18.64
C LYS C 55 27.80 1.67 -19.77
N TYR C 56 26.75 2.48 -19.58
CA TYR C 56 25.72 2.63 -20.61
C TYR C 56 26.29 3.07 -21.95
N ARG C 57 27.14 4.09 -21.94
CA ARG C 57 27.66 4.67 -23.18
C ARG C 57 28.39 3.63 -24.02
N ASP C 58 29.34 2.91 -23.42
CA ASP C 58 30.18 2.01 -24.20
C ASP C 58 29.43 0.76 -24.65
N VAL C 59 28.41 0.35 -23.90
CA VAL C 59 27.65 -0.84 -24.29
C VAL C 59 26.77 -0.54 -25.50
N ARG C 60 26.19 0.66 -25.53
CA ARG C 60 25.43 1.08 -26.70
C ARG C 60 26.31 1.11 -27.94
N LYS C 61 27.54 1.63 -27.81
CA LYS C 61 28.46 1.66 -28.94
C LYS C 61 28.84 0.25 -29.37
N TYR C 62 29.10 -0.64 -28.40
CA TYR C 62 29.36 -2.04 -28.72
C TYR C 62 28.24 -2.65 -29.54
N PHE C 63 27.03 -2.69 -28.98
CA PHE C 63 25.88 -3.20 -29.71
C PHE C 63 25.72 -2.51 -31.07
N LEU C 64 25.96 -1.20 -31.12
CA LEU C 64 25.82 -0.47 -32.39
C LEU C 64 26.89 -0.91 -33.39
N GLU C 65 28.13 -1.12 -32.93
CA GLU C 65 29.18 -1.56 -33.84
C GLU C 65 28.93 -2.98 -34.36
N LYS C 66 28.49 -3.89 -33.49
CA LYS C 66 28.18 -5.25 -33.92
C LYS C 66 26.87 -5.35 -34.70
N GLU C 67 26.24 -4.23 -35.04
CA GLU C 67 25.01 -4.22 -35.84
C GLU C 67 23.95 -5.10 -35.21
N ILE C 68 23.69 -4.87 -33.93
CA ILE C 68 22.67 -5.58 -33.18
C ILE C 68 21.57 -4.57 -32.87
N GLU C 69 20.44 -4.67 -33.57
CA GLU C 69 19.34 -3.76 -33.30
C GLU C 69 18.74 -4.06 -31.93
N VAL C 70 18.58 -3.00 -31.13
CA VAL C 70 18.18 -3.11 -29.74
C VAL C 70 16.85 -2.40 -29.56
N GLU C 71 16.14 -2.77 -28.51
CA GLU C 71 14.98 -2.01 -28.06
C GLU C 71 15.41 -1.31 -26.78
N GLU C 72 15.96 -0.11 -26.93
CA GLU C 72 16.57 0.60 -25.82
C GLU C 72 15.54 1.35 -24.99
N ASN C 73 15.53 1.09 -23.68
CA ASN C 73 14.76 1.89 -22.72
C ASN C 73 15.66 2.09 -21.51
N VAL C 74 16.49 3.12 -21.55
CA VAL C 74 17.46 3.40 -20.49
C VAL C 74 17.29 4.83 -19.96
N ILE C 75 17.39 5.80 -20.86
CA ILE C 75 17.44 7.21 -20.48
C ILE C 75 16.04 7.81 -20.56
N ASP C 76 15.52 8.24 -19.41
CA ASP C 76 14.30 9.01 -19.30
C ASP C 76 14.69 10.43 -18.89
N SER C 77 15.07 11.23 -19.87
CA SER C 77 15.66 12.53 -19.58
C SER C 77 14.63 13.48 -18.97
N LEU C 78 15.14 14.40 -18.14
CA LEU C 78 14.35 15.55 -17.73
C LEU C 78 14.41 16.63 -18.80
N PRO C 79 13.37 17.48 -18.90
CA PRO C 79 13.34 18.49 -19.97
C PRO C 79 14.40 19.57 -19.77
N PHE C 80 15.19 19.80 -20.81
CA PHE C 80 16.19 20.88 -20.79
C PHE C 80 15.51 22.23 -20.89
N PRO C 81 15.75 23.14 -19.93
CA PRO C 81 14.95 24.38 -19.88
C PRO C 81 15.34 25.36 -20.97
N LEU C 82 14.50 26.40 -21.08
CA LEU C 82 14.79 27.54 -21.95
C LEU C 82 15.86 28.42 -21.30
N ILE C 83 16.95 28.68 -22.02
CA ILE C 83 18.04 29.49 -21.49
C ILE C 83 18.43 30.57 -22.49
N LYS C 84 19.19 31.55 -21.99
CA LYS C 84 19.82 32.56 -22.81
C LYS C 84 21.30 32.59 -22.47
N ASP C 85 22.14 32.29 -23.46
CA ASP C 85 23.59 32.15 -23.25
C ASP C 85 24.21 33.53 -23.15
N LYS C 86 24.43 33.99 -21.92
CA LYS C 86 25.07 35.28 -21.64
C LYS C 86 26.56 35.16 -21.37
N ILE C 87 27.22 34.17 -21.98
CA ILE C 87 28.63 33.87 -21.69
C ILE C 87 29.43 34.10 -22.96
N GLU C 88 30.45 34.95 -22.87
CA GLU C 88 31.40 35.16 -23.96
C GLU C 88 32.80 34.88 -23.39
N LEU C 89 33.36 33.72 -23.74
CA LEU C 89 34.57 33.22 -23.10
C LEU C 89 35.81 33.96 -23.59
N ARG C 90 36.89 33.78 -22.83
CA ARG C 90 38.22 34.27 -23.19
C ARG C 90 38.84 33.31 -24.21
N ASP C 91 40.11 33.52 -24.53
CA ASP C 91 40.81 32.63 -25.46
C ASP C 91 40.95 31.22 -24.90
N TYR C 92 41.66 31.07 -23.78
CA TYR C 92 41.93 29.75 -23.23
C TYR C 92 40.65 29.05 -22.78
N GLN C 93 39.69 29.81 -22.25
CA GLN C 93 38.41 29.24 -21.85
C GLN C 93 37.67 28.65 -23.04
N ALA C 94 37.60 29.38 -24.15
CA ALA C 94 36.90 28.86 -25.32
C ALA C 94 37.68 27.72 -25.96
N GLU C 95 39.01 27.76 -25.88
CA GLU C 95 39.79 26.60 -26.27
C GLU C 95 39.51 25.42 -25.36
N ALA C 96 39.16 25.68 -24.11
CA ALA C 96 38.85 24.60 -23.16
C ALA C 96 37.58 23.88 -23.54
N VAL C 97 36.56 24.64 -23.91
CA VAL C 97 35.29 24.03 -24.28
C VAL C 97 35.47 23.15 -25.51
N LYS C 98 36.12 23.68 -26.54
CA LYS C 98 36.29 22.92 -27.78
C LYS C 98 37.12 21.65 -27.59
N ALA C 99 37.99 21.61 -26.58
CA ALA C 99 38.72 20.37 -26.29
C ALA C 99 37.79 19.29 -25.76
N TRP C 100 36.84 19.68 -24.91
CA TRP C 100 35.91 18.72 -24.31
C TRP C 100 34.94 18.14 -25.32
N LEU C 101 34.50 18.91 -26.31
CA LEU C 101 33.38 18.48 -27.15
C LEU C 101 33.72 17.29 -28.04
N LYS C 102 34.98 17.10 -28.44
CA LYS C 102 35.28 16.00 -29.35
C LYS C 102 34.92 14.65 -28.73
N GLU C 103 35.15 14.50 -27.43
CA GLU C 103 34.77 13.28 -26.74
C GLU C 103 33.60 13.46 -25.77
N LYS C 104 33.28 14.69 -25.39
CA LYS C 104 32.18 14.96 -24.45
C LYS C 104 32.36 14.16 -23.16
N ARG C 105 33.60 14.14 -22.68
CA ARG C 105 34.04 13.44 -21.48
C ARG C 105 35.40 13.96 -21.10
N GLY C 106 35.61 14.18 -19.81
CA GLY C 106 36.92 14.56 -19.33
C GLY C 106 36.92 15.67 -18.31
N ILE C 107 38.11 15.96 -17.78
CA ILE C 107 38.28 16.94 -16.72
C ILE C 107 38.96 18.16 -17.31
N ILE C 108 38.30 19.30 -17.23
CA ILE C 108 38.94 20.58 -17.51
C ILE C 108 39.63 21.04 -16.23
N VAL C 109 40.86 21.52 -16.37
CA VAL C 109 41.71 21.84 -15.23
C VAL C 109 42.23 23.25 -15.40
N LEU C 110 41.86 24.13 -14.48
CA LEU C 110 42.29 25.52 -14.46
C LEU C 110 42.49 25.92 -13.01
N PRO C 111 43.36 26.87 -12.74
CA PRO C 111 43.53 27.37 -11.37
C PRO C 111 42.38 28.28 -10.98
N THR C 112 42.36 28.63 -9.69
CA THR C 112 41.28 29.42 -9.14
C THR C 112 41.14 30.75 -9.87
N GLY C 113 39.89 31.14 -10.14
CA GLY C 113 39.60 32.39 -10.81
C GLY C 113 39.56 32.32 -12.32
N ALA C 114 40.17 31.30 -12.93
CA ALA C 114 40.24 31.23 -14.38
C ALA C 114 38.89 31.03 -15.04
N GLY C 115 37.82 30.78 -14.27
CA GLY C 115 36.49 30.73 -14.84
C GLY C 115 36.01 29.34 -15.20
N LYS C 116 36.35 28.34 -14.38
CA LYS C 116 35.91 26.97 -14.63
C LYS C 116 34.39 26.89 -14.74
N THR C 117 33.67 27.70 -13.96
CA THR C 117 32.21 27.69 -14.04
C THR C 117 31.74 28.16 -15.41
N GLN C 118 32.29 29.28 -15.90
CA GLN C 118 31.92 29.75 -17.23
C GLN C 118 32.25 28.72 -18.30
N VAL C 119 33.43 28.10 -18.21
CA VAL C 119 33.77 27.03 -19.14
C VAL C 119 32.73 25.93 -19.08
N ALA C 120 32.33 25.56 -17.87
CA ALA C 120 31.33 24.49 -17.71
C ALA C 120 29.95 24.94 -18.17
N LEU C 121 29.52 26.14 -17.75
CA LEU C 121 28.18 26.60 -18.06
C LEU C 121 27.97 26.89 -19.55
N LYS C 122 29.04 27.18 -20.29
CA LYS C 122 28.91 27.27 -21.74
C LYS C 122 28.70 25.89 -22.35
N ILE C 123 29.45 24.88 -21.87
CA ILE C 123 29.20 23.51 -22.27
C ILE C 123 27.75 23.12 -22.02
N VAL C 124 27.21 23.53 -20.86
CA VAL C 124 25.79 23.31 -20.58
C VAL C 124 24.92 23.90 -21.70
N SER C 125 25.14 25.18 -22.04
CA SER C 125 24.35 25.84 -23.07
C SER C 125 24.56 25.19 -24.44
N ILE C 126 25.76 24.66 -24.70
CA ILE C 126 26.02 24.01 -25.98
C ILE C 126 25.28 22.68 -26.06
N MET C 127 25.46 21.82 -25.05
CA MET C 127 24.90 20.47 -25.10
C MET C 127 23.39 20.47 -25.25
N LYS C 128 22.71 21.36 -24.52
CA LYS C 128 21.26 21.45 -24.54
C LYS C 128 20.64 20.13 -24.11
N VAL C 129 21.17 19.57 -23.01
CA VAL C 129 20.68 18.34 -22.41
C VAL C 129 20.53 18.55 -20.92
N ALA C 130 19.65 17.77 -20.29
CA ALA C 130 19.47 17.84 -18.84
C ALA C 130 20.81 17.65 -18.14
N THR C 131 21.03 18.44 -17.09
CA THR C 131 22.33 18.51 -16.43
C THR C 131 22.18 18.43 -14.92
N LEU C 132 23.00 17.60 -14.29
CA LEU C 132 23.15 17.60 -12.85
C LEU C 132 24.53 18.13 -12.52
N ILE C 133 24.61 19.10 -11.62
CA ILE C 133 25.85 19.74 -11.24
C ILE C 133 26.13 19.40 -9.78
N VAL C 134 27.20 18.65 -9.55
CA VAL C 134 27.48 18.03 -8.26
C VAL C 134 28.66 18.76 -7.66
N VAL C 135 28.50 19.26 -6.44
CA VAL C 135 29.52 20.08 -5.79
C VAL C 135 29.78 19.54 -4.39
N PRO C 136 31.01 19.66 -3.87
CA PRO C 136 31.30 19.03 -2.57
C PRO C 136 30.62 19.69 -1.39
N THR C 137 30.57 21.02 -1.33
CA THR C 137 30.12 21.74 -0.14
C THR C 137 28.88 22.56 -0.45
N ILE C 138 28.31 23.12 0.62
CA ILE C 138 27.09 23.93 0.51
C ILE C 138 27.44 25.32 -0.02
N ASP C 139 28.58 25.87 0.40
CA ASP C 139 29.04 27.16 -0.10
C ASP C 139 29.08 27.18 -1.62
N LEU C 140 29.42 26.06 -2.25
CA LEU C 140 29.45 26.03 -3.71
C LEU C 140 28.05 25.91 -4.30
N ILE C 141 27.12 25.28 -3.58
CA ILE C 141 25.73 25.32 -4.02
C ILE C 141 25.24 26.76 -4.08
N THR C 142 25.58 27.55 -3.08
CA THR C 142 25.24 28.97 -3.07
C THR C 142 25.83 29.66 -4.29
N GLN C 143 27.13 29.50 -4.50
CA GLN C 143 27.80 30.12 -5.64
C GLN C 143 27.21 29.65 -6.96
N TRP C 144 27.03 28.34 -7.12
CA TRP C 144 26.63 27.78 -8.42
C TRP C 144 25.24 28.25 -8.86
N LYS C 145 24.27 28.28 -7.94
CA LYS C 145 22.92 28.69 -8.33
C LYS C 145 22.92 30.08 -8.94
N GLU C 146 23.63 31.03 -8.31
CA GLU C 146 23.69 32.40 -8.82
C GLU C 146 24.22 32.43 -10.24
N ARG C 147 25.36 31.76 -10.50
CA ARG C 147 25.95 31.81 -11.84
C ARG C 147 25.06 31.17 -12.89
N ILE C 148 24.20 30.23 -12.49
CA ILE C 148 23.22 29.69 -13.43
C ILE C 148 22.10 30.71 -13.63
N ASN C 149 21.82 31.53 -12.62
CA ASN C 149 20.87 32.63 -12.79
C ASN C 149 21.49 33.77 -13.57
N LYS C 150 22.75 34.10 -13.30
CA LYS C 150 23.40 35.22 -13.95
C LYS C 150 23.70 34.94 -15.42
N TYR C 151 24.25 33.76 -15.71
CA TYR C 151 24.76 33.47 -17.04
C TYR C 151 23.80 32.70 -17.93
N LEU C 152 22.76 32.07 -17.36
CA LEU C 152 21.80 31.32 -18.16
C LEU C 152 20.36 31.75 -17.98
N ASP C 153 20.07 32.66 -17.05
CA ASP C 153 18.70 33.13 -16.80
C ASP C 153 17.78 31.97 -16.44
N PHE C 154 18.26 31.12 -15.53
CA PHE C 154 17.48 29.97 -15.09
C PHE C 154 17.76 29.71 -13.62
N ASP C 155 16.69 29.52 -12.84
CA ASP C 155 16.83 29.21 -11.43
C ASP C 155 16.94 27.70 -11.30
N PRO C 156 18.11 27.14 -10.98
CA PRO C 156 18.24 25.69 -10.96
C PRO C 156 17.65 25.10 -9.70
N GLY C 157 17.19 23.86 -9.83
CA GLY C 157 16.80 23.11 -8.66
C GLY C 157 17.99 22.81 -7.78
N ILE C 158 17.71 22.62 -6.50
CA ILE C 158 18.74 22.37 -5.50
C ILE C 158 18.33 21.15 -4.69
N ILE C 159 19.29 20.25 -4.48
CA ILE C 159 19.10 19.07 -3.63
C ILE C 159 20.27 19.09 -2.64
N GLY C 160 20.04 19.72 -1.49
CA GLY C 160 21.08 19.93 -0.50
C GLY C 160 20.93 21.31 0.11
N GLY C 161 21.59 21.56 1.24
CA GLY C 161 21.41 22.84 1.90
C GLY C 161 20.03 23.05 2.47
N GLY C 162 19.27 21.98 2.70
CA GLY C 162 17.91 22.07 3.18
C GLY C 162 16.86 22.23 2.10
N GLU C 163 17.25 22.33 0.83
CA GLU C 163 16.34 22.57 -0.27
C GLU C 163 16.18 21.29 -1.08
N ASP C 164 14.95 20.98 -1.49
CA ASP C 164 14.67 19.80 -2.31
C ASP C 164 13.77 20.22 -3.47
N SER C 165 14.38 20.63 -4.58
CA SER C 165 13.69 20.91 -5.83
C SER C 165 14.49 20.30 -6.97
N LEU C 166 13.80 19.68 -7.92
CA LEU C 166 14.43 18.97 -9.02
C LEU C 166 14.02 19.61 -10.32
N LYS C 167 14.99 20.16 -11.05
CA LYS C 167 14.73 20.91 -12.26
C LYS C 167 15.63 20.39 -13.38
N GLY C 168 15.37 20.86 -14.61
CA GLY C 168 16.17 20.43 -15.75
C GLY C 168 17.66 20.64 -15.56
N ILE C 169 18.03 21.63 -14.74
CA ILE C 169 19.40 21.82 -14.29
C ILE C 169 19.37 21.92 -12.76
N THR C 170 20.22 21.13 -12.10
CA THR C 170 20.15 20.98 -10.65
C THR C 170 21.55 21.02 -10.07
N VAL C 171 21.71 21.76 -8.99
CA VAL C 171 22.95 21.77 -8.20
C VAL C 171 22.73 20.88 -7.00
N ILE C 172 23.73 20.06 -6.68
CA ILE C 172 23.57 19.00 -5.69
C ILE C 172 24.93 18.71 -5.06
N THR C 173 24.89 18.20 -3.83
CA THR C 173 26.09 17.78 -3.13
C THR C 173 26.51 16.38 -3.58
N TYR C 174 27.78 16.04 -3.34
CA TYR C 174 28.22 14.68 -3.60
C TYR C 174 27.45 13.67 -2.75
N ASP C 175 27.04 14.07 -1.53
CA ASP C 175 26.35 13.14 -0.65
C ASP C 175 24.93 12.89 -1.12
N SER C 176 24.17 13.95 -1.38
CA SER C 176 22.84 13.78 -1.94
C SER C 176 22.88 13.01 -3.26
N ALA C 177 23.87 13.30 -4.10
CA ALA C 177 24.07 12.49 -5.29
C ALA C 177 24.22 11.02 -4.93
N TYR C 178 25.10 10.71 -3.98
CA TYR C 178 25.32 9.32 -3.59
C TYR C 178 24.11 8.77 -2.83
N THR C 179 23.48 9.62 -2.01
CA THR C 179 22.31 9.18 -1.25
C THR C 179 21.13 8.89 -2.18
N ARG C 180 20.96 9.69 -3.23
CA ARG C 180 19.80 9.60 -4.13
C ARG C 180 20.19 9.05 -5.51
N ALA C 181 21.35 8.40 -5.61
CA ALA C 181 21.91 8.02 -6.91
C ALA C 181 20.95 7.18 -7.73
N GLU C 182 20.39 6.11 -7.14
CA GLU C 182 19.48 5.23 -7.88
C GLU C 182 18.31 6.01 -8.46
N GLU C 183 17.79 6.99 -7.73
CA GLU C 183 16.63 7.74 -8.20
C GLU C 183 16.97 8.56 -9.44
N LEU C 184 18.15 9.16 -9.47
CA LEU C 184 18.50 10.13 -10.51
C LEU C 184 19.48 9.57 -11.55
N GLY C 185 19.71 8.27 -11.55
CA GLY C 185 20.76 7.71 -12.40
C GLY C 185 20.50 7.91 -13.88
N ASN C 186 19.23 7.82 -14.29
CA ASN C 186 18.87 7.90 -15.70
C ASN C 186 18.19 9.22 -16.05
N LYS C 187 18.39 10.27 -15.26
CA LYS C 187 17.60 11.49 -15.42
C LYS C 187 18.33 12.65 -16.06
N PHE C 188 19.66 12.72 -15.99
CA PHE C 188 20.42 13.82 -16.57
C PHE C 188 21.49 13.27 -17.52
N PRO C 189 21.41 13.55 -18.82
CA PRO C 189 22.48 13.10 -19.73
C PRO C 189 23.84 13.74 -19.45
N LEU C 190 23.88 15.03 -19.11
CA LEU C 190 25.12 15.69 -18.77
C LEU C 190 25.35 15.65 -17.27
N LEU C 191 26.62 15.52 -16.89
CA LEU C 191 26.99 15.32 -15.49
C LEU C 191 28.26 16.11 -15.20
N ILE C 192 28.14 17.14 -14.36
CA ILE C 192 29.27 18.01 -14.03
C ILE C 192 29.74 17.70 -12.61
N PHE C 193 31.05 17.60 -12.44
CA PHE C 193 31.67 17.35 -11.13
C PHE C 193 32.64 18.50 -10.81
N ASP C 194 32.13 19.57 -10.20
CA ASP C 194 33.04 20.57 -9.65
C ASP C 194 33.86 19.93 -8.54
N GLU C 195 35.14 20.33 -8.44
CA GLU C 195 36.01 19.86 -7.37
C GLU C 195 36.21 18.34 -7.48
N VAL C 196 36.46 17.87 -8.71
CA VAL C 196 36.27 16.46 -9.04
C VAL C 196 37.24 15.55 -8.31
N HIS C 197 38.32 16.10 -7.74
CA HIS C 197 39.30 15.26 -7.06
C HIS C 197 38.72 14.46 -5.91
N HIS C 198 37.55 14.88 -5.39
CA HIS C 198 36.90 14.10 -4.33
C HIS C 198 36.27 12.81 -4.85
N LEU C 199 36.05 12.69 -6.15
CA LEU C 199 35.28 11.60 -6.74
C LEU C 199 35.94 10.23 -6.56
N PRO C 200 37.26 10.10 -6.66
CA PRO C 200 37.89 8.77 -6.46
C PRO C 200 37.76 8.25 -5.04
N SER C 201 37.30 9.06 -4.10
CA SER C 201 37.07 8.59 -2.74
C SER C 201 36.20 7.34 -2.73
N GLU C 202 36.47 6.44 -1.79
CA GLU C 202 35.87 5.12 -1.77
C GLU C 202 34.36 5.15 -1.90
N GLY C 203 33.70 6.15 -1.30
CA GLY C 203 32.26 6.24 -1.35
C GLY C 203 31.73 6.78 -2.67
N TYR C 204 32.29 7.92 -3.10
CA TYR C 204 31.83 8.58 -4.31
C TYR C 204 32.22 7.84 -5.57
N SER C 205 33.18 6.91 -5.47
CA SER C 205 33.47 5.98 -6.54
C SER C 205 32.20 5.29 -7.02
N ILE C 206 31.40 4.76 -6.08
CA ILE C 206 30.17 4.08 -6.45
C ILE C 206 29.16 5.06 -7.01
N MET C 207 29.05 6.24 -6.38
CA MET C 207 28.14 7.27 -6.87
C MET C 207 28.39 7.59 -8.33
N ALA C 208 29.66 7.77 -8.71
CA ALA C 208 29.99 8.05 -10.10
C ALA C 208 29.49 6.94 -11.01
N GLN C 209 29.73 5.69 -10.63
CA GLN C 209 29.37 4.55 -11.46
C GLN C 209 27.86 4.31 -11.53
N LEU C 210 27.09 4.81 -10.58
CA LEU C 210 25.65 4.52 -10.57
C LEU C 210 24.85 5.31 -11.60
N PHE C 211 25.39 6.40 -12.14
CA PHE C 211 24.69 7.19 -13.16
C PHE C 211 24.94 6.61 -14.54
N ALA C 212 23.88 6.55 -15.35
CA ALA C 212 24.01 6.09 -16.73
C ALA C 212 24.47 7.19 -17.68
N SER C 213 24.54 8.43 -17.21
CA SER C 213 24.82 9.60 -18.03
C SER C 213 26.07 9.39 -18.89
N PRO C 214 25.96 9.52 -20.22
CA PRO C 214 27.14 9.38 -21.09
C PRO C 214 28.09 10.57 -21.04
N TYR C 215 27.53 11.78 -21.05
CA TYR C 215 28.32 13.01 -21.16
C TYR C 215 28.71 13.47 -19.76
N ARG C 216 30.02 13.55 -19.51
CA ARG C 216 30.55 13.77 -18.17
C ARG C 216 31.62 14.85 -18.19
N LEU C 217 31.45 15.88 -17.35
CA LEU C 217 32.43 16.96 -17.24
C LEU C 217 33.05 16.95 -15.84
N GLY C 218 34.35 17.18 -15.78
CA GLY C 218 35.05 17.27 -14.51
C GLY C 218 35.82 18.57 -14.40
N LEU C 219 35.79 19.16 -13.20
CA LEU C 219 36.41 20.45 -12.95
C LEU C 219 37.24 20.36 -11.68
N THR C 220 38.48 20.83 -11.74
CA THR C 220 39.37 20.80 -10.59
C THR C 220 40.57 21.70 -10.83
N ALA C 221 41.07 22.28 -9.73
CA ALA C 221 42.36 22.97 -9.72
C ALA C 221 43.50 22.07 -9.27
N THR C 222 43.20 21.01 -8.52
CA THR C 222 44.20 20.11 -7.95
C THR C 222 43.89 18.68 -8.39
N PRO C 223 44.14 18.36 -9.67
CA PRO C 223 43.76 17.02 -10.16
C PRO C 223 44.46 15.88 -9.46
N GLU C 224 45.67 16.11 -8.96
CA GLU C 224 46.47 15.05 -8.38
C GLU C 224 46.12 14.85 -6.90
N ARG C 225 46.19 13.59 -6.49
CA ARG C 225 45.64 13.14 -5.22
C ARG C 225 46.72 12.29 -4.53
N ASP C 226 47.07 12.66 -3.29
CA ASP C 226 48.12 11.94 -2.57
C ASP C 226 47.82 10.46 -2.49
N ASP C 227 46.54 10.09 -2.37
CA ASP C 227 46.15 8.69 -2.36
C ASP C 227 46.55 7.96 -3.63
N GLY C 228 46.81 8.70 -4.72
CA GLY C 228 47.00 8.10 -6.01
C GLY C 228 45.73 7.61 -6.66
N LYS C 229 44.58 7.78 -6.02
CA LYS C 229 43.33 7.23 -6.51
C LYS C 229 42.76 8.01 -7.67
N HIS C 230 43.39 9.13 -8.02
CA HIS C 230 43.00 9.89 -9.20
C HIS C 230 43.29 9.15 -10.50
N GLU C 231 43.91 7.97 -10.42
CA GLU C 231 44.04 7.09 -11.59
C GLU C 231 42.72 6.48 -12.01
N LEU C 232 41.65 6.67 -11.22
CA LEU C 232 40.31 6.22 -11.54
C LEU C 232 39.55 7.20 -12.44
N TYR C 233 40.16 8.33 -12.77
CA TYR C 233 39.49 9.35 -13.59
C TYR C 233 38.90 8.82 -14.89
N PRO C 234 39.61 8.06 -15.73
CA PRO C 234 39.01 7.65 -17.02
C PRO C 234 37.74 6.82 -16.88
N ILE C 235 37.62 6.00 -15.82
CA ILE C 235 36.45 5.15 -15.66
C ILE C 235 35.31 5.85 -14.95
N LEU C 236 35.54 7.02 -14.34
CA LEU C 236 34.51 7.73 -13.61
C LEU C 236 34.00 8.96 -14.34
N VAL C 237 34.90 9.82 -14.82
CA VAL C 237 34.54 10.94 -15.67
C VAL C 237 35.21 10.87 -17.03
N GLY C 238 36.47 10.42 -17.07
CA GLY C 238 37.30 10.51 -18.24
C GLY C 238 38.62 11.17 -17.86
N PRO C 239 39.58 11.16 -18.77
CA PRO C 239 40.88 11.77 -18.48
C PRO C 239 40.80 13.29 -18.57
N ILE C 240 41.90 13.94 -18.17
CA ILE C 240 42.01 15.38 -18.36
C ILE C 240 42.16 15.66 -19.86
N VAL C 241 41.37 16.60 -20.36
CA VAL C 241 41.42 16.92 -21.78
C VAL C 241 42.10 18.25 -22.05
N TYR C 242 42.18 19.13 -21.08
CA TYR C 242 42.94 20.37 -21.28
C TYR C 242 43.22 21.05 -19.94
N ARG C 243 44.47 21.48 -19.78
CA ARG C 243 45.02 21.95 -18.50
C ARG C 243 46.07 23.03 -18.74
N LYS C 244 45.86 24.22 -18.17
CA LYS C 244 46.91 25.23 -18.06
C LYS C 244 47.23 25.56 -16.61
N SER C 245 48.52 25.70 -16.33
CA SER C 245 48.97 26.06 -14.99
C SER C 245 48.91 27.58 -14.80
N VAL C 246 49.10 28.00 -13.56
CA VAL C 246 49.09 29.42 -13.22
C VAL C 246 50.15 30.17 -14.03
N GLU C 247 51.32 29.56 -14.21
CA GLU C 247 52.39 30.21 -14.97
C GLU C 247 52.05 30.25 -16.46
N GLU C 248 51.41 29.19 -16.97
CA GLU C 248 50.98 29.19 -18.37
C GLU C 248 49.90 30.24 -18.61
N LEU C 249 49.14 30.57 -17.57
CA LEU C 249 48.15 31.63 -17.69
C LEU C 249 48.81 33.00 -17.57
N ALA C 250 49.82 33.10 -16.69
CA ALA C 250 50.69 34.27 -16.61
C ALA C 250 49.90 35.56 -16.43
N GLY C 251 48.95 35.53 -15.50
CA GLY C 251 48.19 36.72 -15.18
C GLY C 251 47.08 37.05 -16.15
N LYS C 252 46.60 36.08 -16.92
CA LYS C 252 45.46 36.27 -17.82
C LYS C 252 44.14 35.91 -17.14
N TYR C 253 44.10 36.01 -15.82
CA TYR C 253 42.99 35.59 -14.98
C TYR C 253 42.99 36.47 -13.74
N ILE C 254 41.85 36.51 -13.05
CA ILE C 254 41.69 37.49 -11.97
C ILE C 254 42.80 37.31 -10.95
N ALA C 255 43.66 38.33 -10.84
CA ALA C 255 44.86 38.28 -10.03
C ALA C 255 44.72 39.04 -8.71
N LYS C 256 43.72 39.90 -8.58
CA LYS C 256 43.65 40.87 -7.49
C LYS C 256 42.57 40.45 -6.50
N TYR C 257 42.99 40.14 -5.28
CA TYR C 257 42.08 40.05 -4.12
C TYR C 257 42.89 40.64 -2.96
N LYS C 258 42.74 41.94 -2.76
CA LYS C 258 43.58 42.66 -1.81
C LYS C 258 43.03 42.54 -0.39
N ILE C 259 43.85 41.98 0.50
CA ILE C 259 43.57 41.92 1.93
C ILE C 259 44.35 43.02 2.63
N LYS C 260 43.67 43.83 3.44
CA LYS C 260 44.34 44.83 4.26
C LYS C 260 43.83 44.79 5.69
N LYS C 261 44.74 44.94 6.63
CA LYS C 261 44.47 44.86 8.06
C LYS C 261 44.69 46.23 8.69
N LEU C 262 43.61 47.00 8.84
CA LEU C 262 43.68 48.33 9.41
C LEU C 262 43.59 48.23 10.93
N TYR C 263 44.34 49.07 11.63
CA TYR C 263 44.43 49.03 13.09
C TYR C 263 44.00 50.36 13.69
N VAL C 264 43.14 50.30 14.71
CA VAL C 264 42.60 51.47 15.39
C VAL C 264 42.83 51.32 16.89
N SER C 265 43.17 52.42 17.56
CA SER C 265 43.45 52.42 18.99
C SER C 265 42.17 52.66 19.79
N LEU C 266 42.17 52.18 21.03
CA LEU C 266 41.00 52.24 21.89
C LEU C 266 40.55 53.68 22.12
N THR C 267 39.30 53.80 22.59
CA THR C 267 38.74 55.08 22.96
C THR C 267 39.44 55.62 24.21
N ASN C 268 39.37 56.95 24.37
CA ASN C 268 39.93 57.58 25.57
C ASN C 268 39.30 56.99 26.84
N GLU C 269 37.97 56.92 26.90
CA GLU C 269 37.33 56.33 28.07
C GLU C 269 37.54 54.83 28.12
N GLU C 270 37.65 54.18 26.97
CA GLU C 270 37.94 52.74 26.95
C GLU C 270 39.31 52.47 27.56
N LYS C 271 40.36 53.08 26.98
CA LYS C 271 41.74 52.94 27.45
C LYS C 271 41.83 53.04 28.96
N LYS C 272 41.07 53.97 29.55
CA LYS C 272 41.02 54.08 31.01
C LYS C 272 40.54 52.79 31.66
N ARG C 273 39.29 52.40 31.37
CA ARG C 273 38.75 51.17 31.95
C ARG C 273 39.49 49.93 31.46
N TYR C 274 39.96 49.97 30.21
CA TYR C 274 40.75 48.87 29.67
C TYR C 274 41.98 48.59 30.53
N ASP C 275 42.71 49.65 30.88
CA ASP C 275 43.92 49.49 31.69
C ASP C 275 43.57 49.17 33.14
N GLY C 276 42.55 49.82 33.69
CA GLY C 276 42.15 49.54 35.06
C GLY C 276 41.85 48.08 35.31
N LEU C 277 40.96 47.51 34.48
CA LEU C 277 40.68 46.08 34.59
C LEU C 277 41.92 45.23 34.31
N ARG C 278 42.70 45.60 33.29
CA ARG C 278 43.92 44.84 32.97
C ARG C 278 44.93 44.90 34.10
N LYS C 279 45.00 46.02 34.82
CA LYS C 279 45.95 46.19 35.91
C LYS C 279 45.51 45.45 37.17
N LYS C 280 44.21 45.24 37.36
CA LYS C 280 43.75 44.46 38.51
C LYS C 280 44.23 43.02 38.41
N LEU C 281 44.38 42.49 37.19
CA LEU C 281 44.99 41.18 37.02
C LEU C 281 46.50 41.27 37.22
N LYS C 282 47.14 42.28 36.63
CA LYS C 282 48.58 42.47 36.78
C LYS C 282 49.01 42.51 38.24
N ASP C 283 48.18 43.07 39.11
CA ASP C 283 48.49 43.05 40.54
C ASP C 283 48.22 41.66 41.13
N PHE C 284 47.15 41.01 40.71
CA PHE C 284 46.81 39.69 41.26
C PHE C 284 47.71 38.61 40.69
N LEU C 285 47.86 38.57 39.36
CA LEU C 285 48.66 37.52 38.73
C LEU C 285 50.11 37.54 39.20
N SER C 286 50.71 38.73 39.36
CA SER C 286 52.10 38.81 39.80
C SER C 286 52.27 38.55 41.29
N SER C 287 51.28 38.93 42.11
CA SER C 287 51.38 38.71 43.55
C SER C 287 51.58 37.24 43.90
N ARG C 288 51.05 36.33 43.08
CA ARG C 288 51.13 34.91 43.35
C ARG C 288 52.07 34.16 42.41
N GLY C 289 52.53 34.80 41.34
CA GLY C 289 53.59 34.28 40.50
C GLY C 289 53.22 33.22 39.48
N LEU C 290 52.36 33.56 38.53
CA LEU C 290 51.97 32.67 37.44
C LEU C 290 52.63 33.13 36.14
N LYS C 291 52.40 32.35 35.08
CA LYS C 291 52.88 32.63 33.74
C LYS C 291 51.68 32.70 32.82
N LEU C 292 51.67 33.65 31.89
CA LEU C 292 50.43 33.94 31.20
C LEU C 292 50.31 33.26 29.85
N GLN C 293 51.39 33.20 29.06
CA GLN C 293 51.31 32.55 27.75
C GLN C 293 51.24 31.04 27.84
N ASN C 294 51.36 30.45 29.04
CA ASN C 294 51.20 29.01 29.17
C ASN C 294 49.73 28.65 29.13
N LEU C 295 49.37 27.75 28.21
CA LEU C 295 47.98 27.32 28.10
C LEU C 295 47.52 26.61 29.37
N ASP C 296 48.42 25.83 29.99
CA ASP C 296 48.07 25.13 31.22
C ASP C 296 47.79 26.10 32.36
N ASP C 297 48.52 27.22 32.42
CA ASP C 297 48.26 28.22 33.44
C ASP C 297 46.90 28.89 33.24
N PHE C 298 46.45 29.01 31.99
CA PHE C 298 45.13 29.60 31.74
C PHE C 298 44.04 28.74 32.35
N HIS C 299 44.17 27.42 32.23
CA HIS C 299 43.23 26.51 32.90
C HIS C 299 43.46 26.49 34.42
N ARG C 300 44.72 26.69 34.86
CA ARG C 300 45.00 26.79 36.29
C ARG C 300 44.15 27.86 36.95
N LEU C 301 44.12 29.06 36.37
CA LEU C 301 43.27 30.13 36.91
C LEU C 301 41.80 29.71 36.92
N VAL C 302 41.38 28.97 35.88
CA VAL C 302 39.98 28.52 35.80
C VAL C 302 39.67 27.59 36.97
N LYS C 303 40.54 26.59 37.20
CA LYS C 303 40.32 25.68 38.33
C LYS C 303 40.43 26.41 39.65
N LEU C 304 41.37 27.36 39.76
CA LEU C 304 41.47 28.17 40.97
C LEU C 304 40.19 28.96 41.20
N ALA C 305 39.64 29.54 40.15
CA ALA C 305 38.44 30.37 40.27
C ALA C 305 37.21 29.59 40.70
N ALA C 306 37.26 28.26 40.76
CA ALA C 306 36.11 27.50 41.22
C ALA C 306 35.71 27.90 42.64
N LYS C 307 36.69 28.01 43.54
CA LYS C 307 36.44 28.30 44.94
C LYS C 307 36.91 29.69 45.37
N ASP C 308 37.99 30.21 44.79
CA ASP C 308 38.51 31.50 45.19
C ASP C 308 37.70 32.61 44.54
N LYS C 309 37.16 33.52 45.37
CA LYS C 309 36.41 34.66 44.87
C LYS C 309 37.34 35.65 44.20
N GLU C 310 38.55 35.78 44.74
CA GLU C 310 39.56 36.71 44.25
C GLU C 310 40.23 36.20 42.98
N ALA C 311 40.24 34.87 42.76
CA ALA C 311 40.72 34.30 41.52
C ALA C 311 39.72 34.48 40.38
N ARG C 312 38.42 34.43 40.69
CA ARG C 312 37.41 34.70 39.66
C ARG C 312 37.56 36.09 39.09
N GLU C 313 37.73 37.09 39.97
CA GLU C 313 37.93 38.47 39.53
C GLU C 313 39.09 38.60 38.55
N ALA C 314 40.12 37.77 38.70
CA ALA C 314 41.24 37.79 37.77
C ALA C 314 40.75 37.53 36.34
N LEU C 315 40.00 36.46 36.12
CA LEU C 315 39.52 36.15 34.78
C LEU C 315 38.45 37.13 34.30
N LEU C 316 37.63 37.65 35.22
CA LEU C 316 36.65 38.66 34.84
C LEU C 316 37.33 39.85 34.17
N ALA C 317 38.37 40.37 34.83
CA ALA C 317 39.07 41.53 34.27
C ALA C 317 39.75 41.19 32.96
N TRP C 318 40.30 39.98 32.83
CA TRP C 318 40.92 39.58 31.58
C TRP C 318 39.89 39.54 30.44
N HIS C 319 38.74 38.91 30.69
CA HIS C 319 37.68 38.91 29.69
C HIS C 319 37.16 40.32 29.44
N GLU C 320 36.93 41.10 30.50
CA GLU C 320 36.40 42.46 30.32
C GLU C 320 37.37 43.35 29.56
N SER C 321 38.68 43.14 29.74
CA SER C 321 39.65 43.90 28.96
C SER C 321 39.58 43.51 27.49
N LEU C 322 39.65 42.21 27.21
CA LEU C 322 39.54 41.74 25.83
C LEU C 322 38.18 42.09 25.23
N ASN C 323 37.13 42.12 26.05
CA ASN C 323 35.82 42.60 25.60
C ASN C 323 35.91 44.03 25.11
N ILE C 324 36.49 44.92 25.93
CA ILE C 324 36.65 46.32 25.54
C ILE C 324 37.49 46.43 24.27
N ALA C 325 38.36 45.46 24.00
CA ALA C 325 39.19 45.51 22.80
C ALA C 325 38.40 45.05 21.56
N VAL C 326 37.86 43.84 21.60
CA VAL C 326 37.21 43.26 20.43
C VAL C 326 36.05 44.15 19.97
N ASN C 327 35.24 44.61 20.91
CA ASN C 327 34.06 45.42 20.60
C ASN C 327 34.32 46.91 20.80
N SER C 328 35.54 47.35 20.52
CA SER C 328 35.90 48.75 20.74
C SER C 328 35.12 49.64 19.79
N GLN C 329 34.51 50.69 20.36
CA GLN C 329 33.67 51.58 19.57
C GLN C 329 34.46 52.33 18.51
N SER C 330 35.78 52.38 18.63
CA SER C 330 36.62 52.97 17.59
C SER C 330 36.55 52.15 16.30
N LYS C 331 36.54 50.83 16.41
CA LYS C 331 36.38 49.96 15.25
C LYS C 331 35.14 50.36 14.45
N ILE C 332 34.08 50.75 15.13
CA ILE C 332 32.88 51.26 14.45
C ILE C 332 33.21 52.55 13.72
N GLU C 333 33.91 53.47 14.40
CA GLU C 333 34.29 54.72 13.76
C GLU C 333 35.20 54.49 12.55
N LYS C 334 36.10 53.50 12.63
CA LYS C 334 36.90 53.19 11.46
C LYS C 334 36.05 52.61 10.34
N LEU C 335 34.96 51.94 10.68
CA LEU C 335 34.05 51.44 9.66
C LEU C 335 33.32 52.58 8.96
N ARG C 336 33.04 53.67 9.68
CA ARG C 336 32.37 54.81 9.08
C ARG C 336 33.20 55.44 7.97
N GLU C 337 34.52 55.55 8.16
CA GLU C 337 35.38 56.08 7.10
C GLU C 337 35.34 55.19 5.86
N ILE C 338 35.50 53.88 6.04
CA ILE C 338 35.71 52.99 4.90
C ILE C 338 34.51 52.98 3.98
N LEU C 339 33.30 53.01 4.53
CA LEU C 339 32.10 53.07 3.69
C LEU C 339 32.06 54.37 2.88
N GLN C 340 32.42 55.49 3.52
CA GLN C 340 32.62 56.74 2.78
C GLN C 340 33.65 56.55 1.67
N GLU C 341 34.84 56.06 2.02
CA GLU C 341 35.91 55.95 1.05
C GLU C 341 35.58 54.96 -0.06
N TYR C 342 34.91 53.86 0.28
CA TYR C 342 34.50 52.88 -0.71
C TYR C 342 32.98 52.88 -0.80
N LYS C 343 32.48 53.61 -1.77
CA LYS C 343 31.08 53.65 -2.16
C LYS C 343 31.04 53.28 -3.65
N ASN C 344 29.83 53.26 -4.21
CA ASN C 344 29.63 52.71 -5.55
C ASN C 344 30.06 51.25 -5.62
N GLU C 345 30.21 50.62 -4.46
CA GLU C 345 30.63 49.22 -4.38
C GLU C 345 29.76 48.52 -3.35
N LYS C 346 29.73 47.19 -3.44
CA LYS C 346 28.94 46.37 -2.52
C LYS C 346 29.77 46.04 -1.30
N ILE C 347 29.21 46.27 -0.11
CA ILE C 347 29.91 46.03 1.14
C ILE C 347 29.12 45.02 1.96
N ILE C 348 29.82 44.06 2.56
CA ILE C 348 29.23 43.09 3.48
C ILE C 348 30.19 42.96 4.67
N VAL C 349 29.74 43.38 5.85
CA VAL C 349 30.56 43.34 7.06
C VAL C 349 30.22 42.08 7.86
N PHE C 350 31.25 41.34 8.23
CA PHE C 350 31.13 40.14 9.05
C PHE C 350 31.63 40.44 10.45
N THR C 351 30.91 39.96 11.46
CA THR C 351 31.31 40.16 12.85
C THR C 351 31.33 38.84 13.60
N ARG C 352 32.43 38.61 14.33
CA ARG C 352 32.53 37.46 15.21
C ARG C 352 31.40 37.43 16.23
N ASP C 353 31.32 38.47 17.06
CA ASP C 353 30.21 38.59 17.99
C ASP C 353 28.89 38.72 17.23
N THR C 354 27.81 38.32 17.89
CA THR C 354 26.47 38.40 17.30
C THR C 354 25.71 39.63 17.76
N GLN C 355 25.81 40.01 19.04
CA GLN C 355 25.21 41.26 19.49
C GLN C 355 25.94 42.47 18.92
N MET C 356 27.27 42.38 18.75
CA MET C 356 28.01 43.51 18.19
C MET C 356 27.66 43.75 16.73
N ALA C 357 27.14 42.73 16.03
CA ALA C 357 26.70 42.95 14.66
C ALA C 357 25.47 43.83 14.61
N TYR C 358 24.65 43.82 15.66
CA TYR C 358 23.48 44.70 15.71
C TYR C 358 23.91 46.15 15.85
N ARG C 359 24.99 46.40 16.60
CA ARG C 359 25.53 47.75 16.71
C ARG C 359 25.79 48.33 15.33
N ILE C 360 26.48 47.57 14.49
CA ILE C 360 26.80 48.03 13.14
C ILE C 360 25.52 48.24 12.33
N SER C 361 24.54 47.36 12.55
CA SER C 361 23.25 47.52 11.87
C SER C 361 22.50 48.74 12.38
N LYS C 362 22.22 48.77 13.70
CA LYS C 362 21.46 49.87 14.29
C LYS C 362 22.10 51.23 14.05
N THR C 363 23.44 51.29 14.02
CA THR C 363 24.12 52.57 13.87
C THR C 363 23.99 53.12 12.45
N PHE C 364 24.18 52.29 11.43
CA PHE C 364 24.23 52.75 10.06
C PHE C 364 22.95 52.51 9.28
N LEU C 365 21.92 51.95 9.94
CA LEU C 365 20.61 51.71 9.33
C LEU C 365 20.73 50.78 8.12
N ILE C 366 21.38 49.65 8.32
CA ILE C 366 21.55 48.65 7.26
C ILE C 366 21.11 47.28 7.77
N PRO C 367 20.69 46.37 6.89
CA PRO C 367 20.10 45.11 7.35
C PRO C 367 21.11 44.17 7.99
N VAL C 368 20.62 43.43 8.99
CA VAL C 368 21.44 42.47 9.71
C VAL C 368 20.91 41.07 9.44
N VAL C 369 21.81 40.09 9.43
CA VAL C 369 21.46 38.67 9.29
C VAL C 369 22.26 37.86 10.30
N THR C 370 21.56 37.19 11.21
CA THR C 370 22.14 36.38 12.26
C THR C 370 21.93 34.89 11.96
N TYR C 371 22.46 34.03 12.83
CA TYR C 371 22.08 32.63 12.77
C TYR C 371 20.65 32.45 13.27
N LYS C 372 20.16 33.37 14.09
CA LYS C 372 18.78 33.41 14.53
C LYS C 372 18.08 34.52 13.75
N THR C 373 17.37 34.15 12.69
CA THR C 373 16.60 35.08 11.86
C THR C 373 15.69 34.27 10.96
N ASP C 374 14.45 34.75 10.80
CA ASP C 374 13.47 34.01 10.01
C ASP C 374 13.97 33.80 8.57
N LYS C 375 13.77 32.59 8.06
CA LYS C 375 14.23 32.26 6.72
C LYS C 375 13.56 33.12 5.67
N ASP C 376 12.26 33.37 5.81
CA ASP C 376 11.56 34.29 4.92
C ASP C 376 12.20 35.68 4.96
N GLU C 377 12.30 36.27 6.14
CA GLU C 377 12.99 37.55 6.28
C GLU C 377 14.41 37.48 5.72
N ARG C 378 15.19 36.49 6.17
CA ARG C 378 16.57 36.37 5.69
C ARG C 378 16.61 36.31 4.18
N GLU C 379 15.62 35.66 3.55
CA GLU C 379 15.54 35.62 2.10
C GLU C 379 15.37 37.01 1.48
N GLU C 380 14.49 37.84 2.05
CA GLU C 380 14.35 39.22 1.57
C GLU C 380 15.70 39.93 1.54
N ILE C 381 16.40 39.90 2.67
CA ILE C 381 17.64 40.66 2.81
C ILE C 381 18.64 40.25 1.75
N LEU C 382 18.59 38.99 1.29
CA LEU C 382 19.52 38.54 0.26
C LEU C 382 19.03 38.82 -1.15
N GLN C 383 17.76 38.54 -1.46
CA GLN C 383 17.27 38.79 -2.81
C GLN C 383 17.19 40.29 -3.12
N LYS C 384 16.84 41.10 -2.12
CA LYS C 384 16.88 42.55 -2.32
C LYS C 384 18.31 43.04 -2.44
N PHE C 385 19.25 42.42 -1.72
CA PHE C 385 20.66 42.75 -1.89
C PHE C 385 21.16 42.31 -3.24
N ARG C 386 20.98 41.02 -3.58
CA ARG C 386 21.37 40.51 -4.88
C ARG C 386 20.78 41.36 -6.00
N ASP C 387 19.49 41.69 -5.90
CA ASP C 387 18.87 42.60 -6.87
C ASP C 387 19.55 43.96 -6.84
N GLY C 388 19.84 44.47 -5.65
CA GLY C 388 20.46 45.77 -5.51
C GLY C 388 19.52 46.84 -4.98
N GLU C 389 18.70 46.47 -4.01
CA GLU C 389 17.97 47.46 -3.23
C GLU C 389 18.80 47.93 -2.04
N TYR C 390 19.36 46.98 -1.28
CA TYR C 390 20.33 47.29 -0.25
C TYR C 390 21.73 47.25 -0.85
N ARG C 391 22.59 48.17 -0.40
CA ARG C 391 23.99 48.16 -0.81
C ARG C 391 24.90 47.52 0.22
N VAL C 392 24.64 47.75 1.52
CA VAL C 392 25.52 47.30 2.60
C VAL C 392 24.68 46.62 3.66
N ILE C 393 25.13 45.45 4.11
CA ILE C 393 24.39 44.61 5.06
C ILE C 393 25.37 44.05 6.09
N VAL C 394 24.90 43.89 7.33
CA VAL C 394 25.71 43.28 8.38
C VAL C 394 25.33 41.82 8.47
N ALA C 395 26.30 40.98 8.80
CA ALA C 395 26.09 39.56 8.97
C ALA C 395 27.08 39.00 9.98
N SER C 396 26.69 37.90 10.60
CA SER C 396 27.53 37.18 11.55
C SER C 396 27.46 35.73 11.10
N THR C 397 28.42 35.33 10.26
CA THR C 397 28.41 33.97 9.75
C THR C 397 28.96 33.02 10.80
N VAL C 398 30.12 33.34 11.35
CA VAL C 398 30.65 32.54 12.46
C VAL C 398 29.76 32.80 13.66
N PHE C 399 29.15 31.74 14.18
CA PHE C 399 28.13 31.83 15.23
C PHE C 399 27.95 30.43 15.80
N ASP C 400 26.88 30.24 16.58
CA ASP C 400 26.49 28.89 16.96
C ASP C 400 26.31 28.03 15.71
N GLU C 401 25.81 28.63 14.64
CA GLU C 401 25.78 28.02 13.32
C GLU C 401 26.53 28.90 12.33
N GLY C 402 27.17 28.26 11.35
CA GLY C 402 27.93 28.98 10.34
C GLY C 402 27.06 29.34 9.15
N VAL C 403 27.05 30.62 8.81
CA VAL C 403 26.26 31.11 7.70
C VAL C 403 27.15 31.25 6.47
N ASP C 404 26.53 31.23 5.30
CA ASP C 404 27.24 31.34 4.03
C ASP C 404 26.58 32.42 3.19
N VAL C 405 27.32 33.48 2.91
CA VAL C 405 26.77 34.68 2.28
C VAL C 405 27.13 34.74 0.80
N PRO C 406 26.36 35.44 -0.02
CA PRO C 406 26.72 35.64 -1.43
C PRO C 406 27.91 36.58 -1.57
N ASP C 407 28.71 36.32 -2.60
CA ASP C 407 29.86 37.16 -2.88
C ASP C 407 29.41 38.53 -3.39
N ALA C 408 30.29 39.51 -3.23
CA ALA C 408 30.03 40.91 -3.58
C ALA C 408 31.36 41.54 -4.00
N THR C 409 31.43 42.87 -3.99
CA THR C 409 32.65 43.55 -4.41
C THR C 409 33.64 43.76 -3.28
N LEU C 410 33.17 43.91 -2.05
CA LEU C 410 34.05 44.19 -0.93
C LEU C 410 33.52 43.53 0.33
N ALA C 411 34.42 43.17 1.24
CA ALA C 411 34.04 42.55 2.50
C ALA C 411 34.93 43.09 3.61
N ILE C 412 34.29 43.56 4.68
CA ILE C 412 34.97 44.09 5.85
C ILE C 412 34.78 43.11 7.00
N VAL C 413 35.88 42.76 7.66
CA VAL C 413 35.90 41.76 8.72
C VAL C 413 36.25 42.43 10.05
N MET C 414 35.53 42.03 11.11
CA MET C 414 35.81 42.53 12.45
C MET C 414 36.74 41.53 13.13
N GLY C 415 37.68 42.05 13.91
CA GLY C 415 38.78 41.24 14.40
C GLY C 415 38.44 39.97 15.15
N GLY C 416 37.92 40.08 16.37
CA GLY C 416 37.70 38.93 17.22
C GLY C 416 38.96 38.47 17.93
N TYR C 417 38.77 37.58 18.90
CA TYR C 417 39.86 37.04 19.68
C TYR C 417 40.88 36.26 18.85
N GLY C 418 40.51 35.85 17.64
CA GLY C 418 41.43 35.18 16.74
C GLY C 418 40.79 34.77 15.43
N THR C 419 41.59 34.77 14.37
CA THR C 419 41.12 34.57 13.01
C THR C 419 41.07 33.10 12.61
N LYS C 420 39.94 32.70 12.04
CA LYS C 420 39.83 31.40 11.37
C LYS C 420 40.15 31.66 9.90
N ARG C 421 41.46 31.69 9.59
CA ARG C 421 41.90 31.96 8.23
C ARG C 421 41.30 30.97 7.23
N GLN C 422 40.98 29.75 7.69
CA GLN C 422 40.15 28.86 6.89
C GLN C 422 38.88 29.56 6.44
N PHE C 423 38.15 30.16 7.39
CA PHE C 423 36.98 30.95 7.07
C PHE C 423 37.35 32.17 6.23
N LEU C 424 38.40 32.87 6.63
CA LEU C 424 38.79 34.10 5.93
C LEU C 424 39.10 33.84 4.47
N GLN C 425 39.96 32.85 4.19
CA GLN C 425 40.35 32.59 2.81
C GLN C 425 39.26 31.90 2.02
N ARG C 426 38.36 31.16 2.68
CA ARG C 426 37.17 30.65 2.01
C ARG C 426 36.33 31.80 1.48
N LEU C 427 36.15 32.84 2.30
CA LEU C 427 35.53 34.06 1.78
C LEU C 427 36.39 34.67 0.70
N GLY C 428 37.71 34.52 0.80
CA GLY C 428 38.60 35.01 -0.24
C GLY C 428 38.39 34.31 -1.56
N ARG C 429 38.46 32.97 -1.56
CA ARG C 429 38.26 32.21 -2.79
C ARG C 429 36.88 32.48 -3.37
N ILE C 430 35.88 32.70 -2.51
CA ILE C 430 34.54 33.04 -2.98
C ILE C 430 34.52 34.40 -3.65
N LEU C 431 35.40 35.30 -3.22
CA LEU C 431 35.53 36.59 -3.90
C LEU C 431 36.47 36.48 -5.11
N ARG C 432 37.52 35.67 -4.98
CA ARG C 432 38.50 35.55 -6.06
C ARG C 432 37.85 35.02 -7.33
N LYS C 433 36.84 34.16 -7.19
CA LYS C 433 36.17 33.55 -8.34
C LYS C 433 35.26 34.53 -9.08
N LYS C 434 34.83 35.61 -8.42
CA LYS C 434 33.88 36.57 -9.00
C LYS C 434 34.35 37.19 -10.30
N ASP C 435 35.65 37.16 -10.60
CA ASP C 435 36.32 37.73 -11.77
C ASP C 435 36.48 39.26 -11.69
N LYS C 436 35.94 39.92 -10.66
CA LYS C 436 36.07 41.36 -10.49
C LYS C 436 37.01 41.63 -9.32
N GLU C 437 37.74 42.73 -9.40
CA GLU C 437 38.79 42.99 -8.42
C GLU C 437 38.20 43.01 -7.02
N ALA C 438 38.84 42.31 -6.10
CA ALA C 438 38.32 42.13 -4.75
C ALA C 438 39.15 42.90 -3.74
N LEU C 439 38.48 43.43 -2.72
CA LEU C 439 39.12 44.12 -1.62
C LEU C 439 38.59 43.58 -0.31
N LEU C 440 39.49 43.16 0.57
CA LEU C 440 39.13 42.59 1.85
C LEU C 440 39.75 43.44 2.95
N ILE C 441 38.91 44.16 3.69
CA ILE C 441 39.37 44.99 4.80
C ILE C 441 39.26 44.18 6.08
N GLU C 442 40.14 44.49 7.04
CA GLU C 442 40.14 43.80 8.33
C GLU C 442 40.48 44.82 9.41
N ILE C 443 39.52 45.07 10.30
CA ILE C 443 39.66 46.07 11.36
C ILE C 443 39.99 45.34 12.65
N VAL C 444 41.23 45.48 13.10
CA VAL C 444 41.73 44.88 14.34
C VAL C 444 41.94 45.99 15.36
N THR C 445 41.50 45.75 16.59
CA THR C 445 41.79 46.68 17.67
C THR C 445 43.29 46.70 17.94
N LYS C 446 43.83 47.90 18.16
CA LYS C 446 45.27 48.02 18.40
C LYS C 446 45.70 47.24 19.64
N GLY C 447 44.81 47.12 20.62
CA GLY C 447 45.13 46.38 21.84
C GLY C 447 45.32 44.90 21.61
N THR C 448 44.27 44.23 21.14
CA THR C 448 44.37 42.79 20.86
C THR C 448 45.43 42.47 19.83
N ALA C 449 45.79 43.45 18.99
CA ALA C 449 46.88 43.24 18.04
C ALA C 449 48.20 42.98 18.75
N ASP C 450 48.42 43.65 19.89
CA ASP C 450 49.60 43.39 20.69
C ASP C 450 49.49 42.10 21.48
N TYR C 451 48.32 41.48 21.50
CA TYR C 451 48.12 40.16 22.10
C TYR C 451 48.06 39.05 21.06
N ARG C 452 47.42 39.30 19.93
CA ARG C 452 47.30 38.28 18.87
C ARG C 452 47.72 38.84 17.52
N MET D 21 11.26 19.95 31.19
CA MET D 21 10.93 21.36 31.01
C MET D 21 12.19 22.10 30.54
N LEU D 22 13.23 21.33 30.20
CA LEU D 22 14.55 21.76 29.78
C LEU D 22 15.05 20.95 28.60
N PRO D 23 15.79 21.57 27.69
CA PRO D 23 16.30 20.83 26.53
C PRO D 23 17.25 19.74 26.99
N TRP D 24 17.24 18.63 26.24
CA TRP D 24 18.07 17.48 26.60
C TRP D 24 19.55 17.85 26.68
N GLU D 25 20.02 18.77 25.84
CA GLU D 25 21.42 19.17 25.84
C GLU D 25 21.93 19.69 27.18
N LEU D 26 21.04 20.02 28.13
CA LEU D 26 21.46 20.47 29.44
C LEU D 26 21.22 19.47 30.55
N ALA D 27 20.57 18.34 30.27
CA ALA D 27 20.42 17.31 31.28
C ALA D 27 21.80 16.77 31.60
N ARG D 28 22.19 16.84 32.87
CA ARG D 28 23.48 16.35 33.31
C ARG D 28 23.25 15.32 34.40
N PHE D 29 23.83 14.15 34.21
CA PHE D 29 23.64 13.02 35.11
C PHE D 29 24.76 12.03 34.83
N SER D 30 24.77 10.95 35.61
CA SER D 30 25.78 9.92 35.47
C SER D 30 25.13 8.56 35.70
N ILE D 31 25.75 7.55 35.15
CA ILE D 31 25.23 6.23 35.20
C ILE D 31 26.05 5.32 36.05
N VAL D 32 25.43 4.75 37.06
CA VAL D 32 26.12 3.88 37.93
C VAL D 32 25.35 2.62 37.95
N LYS D 33 25.99 1.52 37.61
CA LYS D 33 25.40 0.22 37.64
C LYS D 33 24.14 0.26 36.88
N ASP D 34 23.03 -0.05 37.51
CA ASP D 34 21.76 -0.02 36.82
C ASP D 34 20.85 1.03 37.35
N GLU D 35 21.41 2.17 37.73
CA GLU D 35 20.65 3.29 38.27
C GLU D 35 21.08 4.56 37.55
N VAL D 36 20.13 5.44 37.28
CA VAL D 36 20.42 6.75 36.72
C VAL D 36 20.39 7.73 37.88
N LEU D 37 21.56 8.25 38.23
CA LEU D 37 21.70 9.20 39.32
C LEU D 37 21.68 10.60 38.75
N PRO D 38 20.68 11.42 39.05
CA PRO D 38 20.67 12.78 38.51
C PRO D 38 21.71 13.65 39.21
N HIS D 39 22.39 14.48 38.43
CA HIS D 39 23.35 15.43 38.97
C HIS D 39 22.56 16.63 39.49
N PHE D 40 21.98 16.44 40.67
CA PHE D 40 21.21 17.51 41.29
C PHE D 40 22.14 18.65 41.73
N ALA D 41 21.55 19.84 41.82
CA ALA D 41 22.29 20.98 42.31
C ALA D 41 22.31 20.96 43.83
N THR D 42 23.46 21.25 44.40
CA THR D 42 23.64 21.27 45.85
C THR D 42 23.94 22.70 46.30
N ASN D 43 24.19 22.85 47.60
CA ASN D 43 24.55 24.13 48.17
C ASN D 43 25.98 24.51 47.89
N GLU D 44 26.77 23.61 47.28
CA GLU D 44 28.07 23.98 46.73
C GLU D 44 27.94 25.00 45.60
N ASP D 45 26.75 25.14 45.02
CA ASP D 45 26.53 25.98 43.85
C ASP D 45 25.76 27.27 44.19
N LEU D 46 25.90 27.80 45.39
CA LEU D 46 25.20 29.03 45.74
C LEU D 46 25.95 30.28 45.28
N ASP D 47 27.27 30.31 45.49
CA ASP D 47 28.07 31.38 44.90
C ASP D 47 27.79 31.52 43.41
N LEU D 48 27.70 30.39 42.70
CA LEU D 48 27.25 30.41 41.30
C LEU D 48 25.87 31.01 41.17
N ALA D 49 24.91 30.50 41.94
CA ALA D 49 23.52 30.95 41.82
C ALA D 49 23.41 32.44 42.13
N ASN D 50 24.16 32.93 43.11
CA ASN D 50 24.13 34.35 43.44
C ASN D 50 24.68 35.20 42.30
N GLU D 51 25.88 34.88 41.83
CA GLU D 51 26.53 35.68 40.80
C GLU D 51 25.70 35.79 39.52
N ILE D 52 24.96 34.73 39.16
CA ILE D 52 24.14 34.78 37.96
C ILE D 52 22.90 35.65 38.17
N ILE D 53 22.21 35.47 39.30
CA ILE D 53 21.05 36.30 39.60
C ILE D 53 21.44 37.78 39.63
N SER D 54 22.62 38.09 40.16
CA SER D 54 23.08 39.48 40.19
C SER D 54 23.11 40.09 38.80
N LEU D 55 23.31 39.26 37.78
CA LEU D 55 23.37 39.80 36.41
C LEU D 55 21.98 40.07 35.85
N PHE D 56 20.95 39.35 36.31
CA PHE D 56 19.58 39.71 35.93
C PHE D 56 19.12 40.83 36.85
N LYS D 57 19.51 42.04 36.49
CA LYS D 57 19.03 43.25 37.12
C LYS D 57 18.27 44.05 36.07
N ALA D 58 17.27 44.81 36.54
CA ALA D 58 16.39 45.55 35.65
C ALA D 58 17.20 46.46 34.72
N GLY D 59 16.67 46.68 33.52
CA GLY D 59 17.34 47.52 32.56
C GLY D 59 18.63 46.93 32.03
N LYS D 60 18.54 45.70 31.54
CA LYS D 60 19.69 45.01 30.95
C LYS D 60 19.20 44.13 29.82
N LYS D 61 19.91 44.17 28.70
CA LYS D 61 19.61 43.27 27.59
C LYS D 61 20.09 41.87 27.95
N LEU D 62 19.25 40.87 27.76
CA LEU D 62 19.72 39.51 28.04
C LEU D 62 20.66 39.01 26.95
N GLY D 63 20.68 39.66 25.79
CA GLY D 63 21.69 39.35 24.79
C GLY D 63 23.10 39.64 25.28
N GLU D 64 23.26 40.69 26.07
CA GLU D 64 24.56 40.97 26.68
C GLU D 64 24.79 40.20 27.96
N ILE D 65 23.73 39.64 28.57
CA ILE D 65 23.92 38.70 29.67
C ILE D 65 24.68 37.47 29.19
N ASP D 66 24.41 37.04 27.95
CA ASP D 66 25.14 35.90 27.39
C ASP D 66 26.62 36.23 27.20
N GLU D 67 26.93 37.50 26.90
CA GLU D 67 28.33 37.90 26.80
C GLU D 67 29.00 37.89 28.16
N GLU D 68 28.31 38.41 29.18
CA GLU D 68 28.88 38.47 30.53
C GLU D 68 29.29 37.09 31.02
N ILE D 69 28.41 36.10 30.87
CA ILE D 69 28.59 34.78 31.47
C ILE D 69 29.63 33.93 30.75
N GLU D 70 30.29 34.49 29.73
CA GLU D 70 31.36 33.75 29.06
C GLU D 70 32.39 33.25 30.07
N TYR D 71 32.82 34.12 30.99
CA TYR D 71 33.84 33.72 31.94
C TYR D 71 33.34 32.64 32.88
N LEU D 72 32.04 32.65 33.21
CA LEU D 72 31.48 31.60 34.06
C LEU D 72 31.25 30.28 33.33
N GLU D 73 31.11 30.29 32.01
CA GLU D 73 30.99 29.04 31.26
C GLU D 73 32.29 28.24 31.29
N LYS D 74 33.42 28.86 31.63
CA LYS D 74 34.66 28.10 31.66
C LYS D 74 35.00 27.60 33.06
N ILE D 75 34.86 28.45 34.08
CA ILE D 75 35.28 28.06 35.42
C ILE D 75 34.32 27.07 36.06
N TYR D 76 33.06 27.03 35.63
CA TYR D 76 32.11 26.05 36.17
C TYR D 76 31.58 25.14 35.06
N ASP D 77 30.61 24.32 35.44
CA ASP D 77 29.92 23.42 34.52
C ASP D 77 29.00 24.24 33.62
N HIS D 78 29.21 24.14 32.30
CA HIS D 78 28.41 24.95 31.38
C HIS D 78 26.96 24.50 31.34
N LYS D 79 26.70 23.24 31.71
CA LYS D 79 25.32 22.76 31.76
C LYS D 79 24.53 23.44 32.87
N LEU D 80 25.16 23.66 34.03
CA LEU D 80 24.47 24.29 35.16
C LEU D 80 24.31 25.80 34.96
N VAL D 81 25.31 26.45 34.37
CA VAL D 81 25.24 27.91 34.17
C VAL D 81 24.07 28.26 33.26
N ARG D 82 24.04 27.68 32.06
CA ARG D 82 23.00 28.03 31.09
C ARG D 82 21.61 27.69 31.60
N ALA D 83 21.49 26.59 32.37
CA ALA D 83 20.19 26.19 32.88
C ALA D 83 19.61 27.24 33.81
N PHE D 84 20.45 27.88 34.62
CA PHE D 84 20.00 29.00 35.42
C PHE D 84 19.51 30.15 34.54
N VAL D 85 20.23 30.45 33.46
CA VAL D 85 19.85 31.55 32.59
C VAL D 85 18.45 31.36 32.04
N LYS D 86 18.16 30.18 31.49
CA LYS D 86 16.81 29.91 30.98
C LYS D 86 15.77 29.98 32.10
N LEU D 87 16.12 29.54 33.29
CA LEU D 87 15.15 29.57 34.39
C LEU D 87 14.90 31.00 34.86
N LEU D 88 15.95 31.81 34.96
CA LEU D 88 15.78 33.19 35.41
C LEU D 88 15.00 34.02 34.39
N THR D 89 15.37 33.91 33.10
CA THR D 89 14.65 34.63 32.05
C THR D 89 13.15 34.39 32.10
N ARG D 90 12.73 33.13 32.29
CA ARG D 90 11.31 32.79 32.27
C ARG D 90 10.51 33.56 33.33
N LEU D 91 11.15 34.06 34.38
CA LEU D 91 10.45 34.78 35.43
C LEU D 91 10.63 36.29 35.34
N CYS D 92 11.29 36.78 34.30
CA CYS D 92 11.45 38.21 34.08
C CYS D 92 10.31 38.74 33.21
N GLU D 93 10.04 40.02 33.36
CA GLU D 93 9.11 40.76 32.52
C GLU D 93 9.91 41.74 31.68
N PHE D 94 9.61 41.82 30.39
CA PHE D 94 10.30 42.73 29.48
C PHE D 94 9.27 43.60 28.78
N GLU D 95 9.77 44.67 28.16
CA GLU D 95 8.94 45.59 27.39
C GLU D 95 7.99 44.84 26.47
N LEU D 96 6.73 45.25 26.48
CA LEU D 96 5.70 44.54 25.72
C LEU D 96 5.96 44.70 24.23
N ASP D 97 5.25 43.89 23.45
CA ASP D 97 5.49 43.78 22.02
C ASP D 97 5.35 45.14 21.33
N SER D 98 6.02 45.27 20.19
CA SER D 98 5.94 46.50 19.42
C SER D 98 4.56 46.61 18.79
N PRO D 99 3.98 47.82 18.73
CA PRO D 99 2.70 48.00 18.04
C PRO D 99 2.78 47.79 16.54
N ILE D 100 3.98 47.76 15.97
CA ILE D 100 4.18 47.51 14.56
C ILE D 100 5.04 46.24 14.45
N PRO D 101 4.74 45.32 13.54
CA PRO D 101 5.59 44.14 13.39
C PRO D 101 7.00 44.55 13.01
N PRO D 102 7.99 44.25 13.85
CA PRO D 102 9.34 44.78 13.66
C PRO D 102 9.96 44.53 12.28
N ILE D 103 9.45 43.55 11.52
CA ILE D 103 9.96 43.35 10.17
C ILE D 103 9.67 44.56 9.30
N GLN D 104 8.47 45.14 9.41
CA GLN D 104 8.15 46.31 8.60
C GLN D 104 8.92 47.55 9.07
N ILE D 105 9.17 47.65 10.37
CA ILE D 105 10.04 48.72 10.88
C ILE D 105 11.38 48.66 10.18
N ARG D 106 12.00 47.47 10.17
CA ARG D 106 13.26 47.30 9.47
C ARG D 106 13.07 47.38 7.96
N ARG D 107 11.94 46.90 7.45
CA ARG D 107 11.68 46.99 6.01
C ARG D 107 11.62 48.44 5.55
N GLU D 108 11.02 49.31 6.37
CA GLU D 108 10.91 50.72 5.99
C GLU D 108 12.18 51.51 6.29
N LEU D 109 12.83 51.26 7.42
CA LEU D 109 13.97 52.08 7.80
C LEU D 109 15.20 51.78 6.97
N PHE D 110 15.50 50.49 6.75
CA PHE D 110 16.72 50.16 6.02
C PHE D 110 16.63 50.48 4.52
N LYS D 111 15.55 51.14 4.07
CA LYS D 111 15.44 51.51 2.66
C LYS D 111 16.46 52.58 2.28
N TYR D 112 16.91 53.38 3.24
CA TYR D 112 17.84 54.47 2.96
C TYR D 112 19.28 54.00 3.00
N GLY D 113 19.51 52.69 3.12
CA GLY D 113 20.83 52.11 3.02
C GLY D 113 21.79 52.62 4.07
N PRO D 114 23.08 52.63 3.72
CA PRO D 114 24.11 53.12 4.65
C PRO D 114 24.07 54.64 4.72
N VAL D 115 23.88 55.16 5.93
CA VAL D 115 23.90 56.58 6.18
C VAL D 115 25.03 56.87 7.15
N LEU D 116 25.91 57.80 6.78
CA LEU D 116 27.18 58.01 7.44
C LEU D 116 27.11 59.11 8.48
N ASP D 117 26.64 60.29 8.11
CA ASP D 117 26.63 61.42 9.03
C ASP D 117 25.49 61.27 10.02
N GLU D 118 25.74 61.71 11.26
CA GLU D 118 24.79 61.53 12.34
C GLU D 118 23.53 62.36 12.13
N LYS D 119 23.66 63.50 11.45
CA LYS D 119 22.51 64.40 11.28
C LYS D 119 21.49 63.84 10.30
N GLU D 120 21.94 63.31 9.16
CA GLU D 120 21.01 62.64 8.25
C GLU D 120 20.35 61.44 8.94
N ARG D 121 21.15 60.63 9.65
CA ARG D 121 20.59 59.54 10.42
C ARG D 121 19.53 60.03 11.39
N GLU D 122 19.81 61.14 12.09
CA GLU D 122 18.83 61.69 13.00
C GLU D 122 17.58 62.16 12.26
N ASP D 123 17.78 62.78 11.09
CA ASP D 123 16.65 63.13 10.24
C ASP D 123 15.87 61.88 9.83
N ILE D 124 16.56 60.86 9.32
CA ILE D 124 15.89 59.68 8.80
C ILE D 124 15.11 58.98 9.90
N ILE D 125 15.66 58.93 11.11
CA ILE D 125 14.92 58.37 12.24
C ILE D 125 13.66 59.19 12.50
N GLN D 126 13.83 60.51 12.66
CA GLN D 126 12.69 61.42 12.78
C GLN D 126 11.67 61.22 11.66
N LYS D 127 12.15 61.03 10.43
CA LYS D 127 11.25 60.94 9.29
C LYS D 127 10.36 59.71 9.38
N VAL D 128 10.94 58.53 9.60
CA VAL D 128 10.14 57.32 9.64
C VAL D 128 9.41 57.17 10.97
N SER D 129 9.94 57.74 12.06
CA SER D 129 9.23 57.69 13.32
C SER D 129 7.87 58.36 13.20
N LYS D 130 7.75 59.37 12.35
CA LYS D 130 6.46 60.01 12.12
C LYS D 130 5.57 59.18 11.20
N LYS D 131 6.13 58.57 10.16
CA LYS D 131 5.32 57.80 9.23
C LYS D 131 4.69 56.59 9.91
N LEU D 132 5.32 56.07 10.97
CA LEU D 132 4.77 54.94 11.69
C LEU D 132 4.17 55.32 13.04
N GLY D 133 4.58 56.43 13.64
CA GLY D 133 3.96 56.88 14.86
C GLY D 133 4.36 56.07 16.07
N ALA D 134 5.66 55.85 16.24
CA ALA D 134 6.21 55.13 17.38
C ALA D 134 7.72 55.29 17.34
N ASP D 135 8.35 54.99 18.47
CA ASP D 135 9.80 55.05 18.54
C ASP D 135 10.37 53.88 17.76
N ILE D 136 10.80 54.14 16.53
CA ILE D 136 11.38 53.10 15.69
C ILE D 136 12.55 52.43 16.40
N MET D 137 13.49 53.24 16.87
CA MET D 137 14.71 52.72 17.50
C MET D 137 14.40 51.82 18.68
N ARG D 138 13.32 52.09 19.41
CA ARG D 138 13.01 51.36 20.63
C ARG D 138 12.39 49.99 20.35
N PHE D 139 11.96 49.74 19.13
CA PHE D 139 11.26 48.51 18.80
C PHE D 139 11.84 47.80 17.57
N VAL D 140 12.85 48.39 16.93
CA VAL D 140 13.34 47.88 15.66
C VAL D 140 13.78 46.42 15.76
N PHE D 141 14.37 46.03 16.89
CA PHE D 141 14.86 44.68 17.09
C PHE D 141 14.08 43.96 18.19
N SER D 142 12.89 44.45 18.53
CA SER D 142 12.11 43.89 19.63
C SER D 142 11.81 42.41 19.46
N ASP D 143 11.74 41.92 18.22
CA ASP D 143 11.42 40.51 17.98
C ASP D 143 12.60 39.58 18.25
N LEU D 144 13.82 40.11 18.29
CA LEU D 144 15.01 39.32 18.52
C LEU D 144 15.29 39.18 20.02
N ASP D 145 15.53 37.95 20.47
CA ASP D 145 15.66 37.72 21.91
C ASP D 145 16.93 38.36 22.46
N GLU D 146 17.95 38.56 21.62
CA GLU D 146 19.13 39.29 22.06
C GLU D 146 18.75 40.68 22.56
N GLU D 147 17.95 41.40 21.78
CA GLU D 147 17.59 42.77 22.11
C GLU D 147 16.26 42.83 22.87
N LYS D 148 16.17 42.05 23.93
CA LYS D 148 15.16 42.28 24.94
C LYS D 148 15.78 43.14 26.05
N LYS D 149 14.93 43.61 26.95
CA LYS D 149 15.43 44.46 28.03
C LYS D 149 14.59 44.19 29.27
N ILE D 150 15.25 43.97 30.40
CA ILE D 150 14.54 43.58 31.61
C ILE D 150 13.91 44.83 32.23
N ILE D 151 12.59 44.87 32.28
CA ILE D 151 11.90 45.90 33.05
C ILE D 151 11.69 45.45 34.49
N LYS D 152 11.17 44.24 34.70
CA LYS D 152 10.99 43.67 36.02
C LYS D 152 12.07 42.60 36.22
N ALA D 153 13.03 42.89 37.09
CA ALA D 153 14.08 41.93 37.41
C ALA D 153 13.48 40.75 38.18
N PRO D 154 14.09 39.57 38.09
CA PRO D 154 13.57 38.43 38.84
C PRO D 154 13.84 38.58 40.32
N THR D 155 12.88 38.14 41.13
CA THR D 155 12.95 38.24 42.58
C THR D 155 13.17 36.87 43.22
N ILE D 156 13.61 35.88 42.43
CA ILE D 156 13.78 34.53 42.93
C ILE D 156 15.02 34.47 43.82
N SER D 157 14.95 33.61 44.84
CA SER D 157 16.10 33.40 45.71
C SER D 157 17.16 32.56 45.01
N ALA D 158 18.42 32.78 45.39
CA ALA D 158 19.51 31.95 44.88
C ALA D 158 19.36 30.50 45.34
N GLU D 159 18.65 30.28 46.44
CA GLU D 159 18.40 28.95 46.98
C GLU D 159 17.14 28.35 46.40
N ASP D 160 16.11 29.17 46.18
CA ASP D 160 14.89 28.70 45.55
C ASP D 160 15.09 28.47 44.05
N LEU D 161 16.09 29.10 43.45
CA LEU D 161 16.46 28.77 42.07
C LEU D 161 17.00 27.35 41.98
N ILE D 162 17.72 26.91 43.02
CA ILE D 162 18.30 25.57 43.01
C ILE D 162 17.23 24.50 43.09
N ARG D 163 16.21 24.70 43.92
CA ARG D 163 15.13 23.73 44.00
C ARG D 163 14.37 23.65 42.69
N TRP D 164 14.09 24.80 42.06
CA TRP D 164 13.34 24.80 40.80
C TRP D 164 14.16 24.18 39.68
N TYR D 165 15.49 24.37 39.72
CA TYR D 165 16.38 23.60 38.86
C TYR D 165 16.19 22.11 39.08
N ASN D 166 16.30 21.65 40.33
CA ASN D 166 16.25 20.23 40.63
C ASN D 166 14.90 19.59 40.32
N LEU D 167 13.83 20.39 40.20
CA LEU D 167 12.57 19.84 39.72
C LEU D 167 12.50 19.92 38.21
N SER D 168 13.01 21.01 37.64
CA SER D 168 13.09 21.13 36.19
C SER D 168 13.99 20.05 35.59
N LEU D 169 15.13 19.77 36.23
CA LEU D 169 15.98 18.68 35.76
C LEU D 169 15.29 17.33 35.85
N LEU D 170 14.56 17.08 36.95
CA LEU D 170 13.86 15.81 37.10
C LEU D 170 12.81 15.65 36.00
N GLN D 171 12.07 16.72 35.71
CA GLN D 171 11.04 16.66 34.68
C GLN D 171 11.63 16.45 33.29
N THR D 172 12.90 16.78 33.08
CA THR D 172 13.54 16.52 31.79
C THR D 172 13.90 15.04 31.63
N LEU D 173 14.52 14.45 32.65
CA LEU D 173 14.86 13.03 32.59
C LEU D 173 13.61 12.16 32.47
N LEU D 174 12.57 12.48 33.25
CA LEU D 174 11.33 11.71 33.18
C LEU D 174 10.69 11.79 31.80
N PHE D 175 10.93 12.90 31.09
CA PHE D 175 10.34 13.10 29.78
C PHE D 175 10.88 12.06 28.78
N LYS D 176 12.03 11.46 29.10
CA LYS D 176 12.58 10.31 28.38
C LYS D 176 12.32 8.98 29.10
N ALA D 177 11.12 8.72 29.62
CA ALA D 177 10.89 7.52 30.43
C ALA D 177 10.00 6.51 29.73
N TYR D 178 10.46 5.26 29.75
CA TYR D 178 9.66 4.12 29.28
C TYR D 178 8.35 4.03 30.08
N LYS D 179 8.47 3.90 31.41
CA LYS D 179 7.33 3.95 32.31
C LYS D 179 7.76 4.65 33.60
N LEU D 180 6.82 4.76 34.54
CA LEU D 180 7.13 5.27 35.87
C LEU D 180 6.10 4.75 36.86
N THR D 181 6.56 4.03 37.88
CA THR D 181 5.72 3.47 38.93
C THR D 181 5.53 4.48 40.06
N VAL D 182 4.30 4.63 40.51
CA VAL D 182 3.96 5.51 41.63
C VAL D 182 3.53 4.63 42.81
N TYR D 183 4.44 4.43 43.76
CA TYR D 183 4.14 3.69 44.98
C TYR D 183 3.38 4.61 45.93
N VAL D 184 2.12 4.29 46.19
CA VAL D 184 1.26 5.16 46.98
C VAL D 184 0.50 4.35 48.02
N SER D 185 0.24 4.96 49.17
CA SER D 185 -0.57 4.36 50.22
C SER D 185 -1.82 5.16 50.54
N SER D 186 -1.68 6.46 50.86
CA SER D 186 -2.81 7.28 51.25
C SER D 186 -3.47 8.01 50.07
N ASN D 187 -2.67 8.70 49.25
CA ASN D 187 -3.20 9.55 48.20
C ASN D 187 -3.62 8.79 46.93
N TRP D 188 -3.83 7.47 47.03
CA TRP D 188 -4.13 6.68 45.83
C TRP D 188 -5.38 7.17 45.11
N LYS D 189 -6.39 7.62 45.85
CA LYS D 189 -7.60 8.11 45.20
C LYS D 189 -7.33 9.36 44.40
N GLU D 190 -6.56 10.29 44.97
CA GLU D 190 -6.44 11.63 44.39
C GLU D 190 -5.63 11.60 43.10
N ILE D 191 -4.41 11.09 43.15
CA ILE D 191 -3.51 11.12 41.99
C ILE D 191 -4.15 10.42 40.79
N ILE D 192 -5.03 9.45 41.03
CA ILE D 192 -5.69 8.77 39.92
C ILE D 192 -6.68 9.71 39.23
N ARG D 193 -7.51 10.40 40.02
CA ARG D 193 -8.48 11.31 39.44
C ARG D 193 -7.79 12.42 38.66
N ARG D 194 -6.63 12.87 39.15
CA ARG D 194 -5.86 13.87 38.40
C ARG D 194 -5.29 13.28 37.13
N ALA D 195 -4.76 12.05 37.21
CA ALA D 195 -4.29 11.36 36.01
C ALA D 195 -5.43 11.12 35.02
N LYS D 196 -6.60 10.73 35.53
CA LYS D 196 -7.77 10.58 34.67
C LYS D 196 -8.21 11.91 34.07
N TRP D 197 -8.16 12.98 34.88
CA TRP D 197 -8.40 14.33 34.36
C TRP D 197 -7.43 14.67 33.23
N LEU D 198 -6.13 14.58 33.52
CA LEU D 198 -5.09 14.91 32.55
C LEU D 198 -5.10 13.96 31.35
N GLY D 199 -5.78 12.83 31.45
CA GLY D 199 -5.92 11.95 30.31
C GLY D 199 -4.75 11.01 30.07
N LEU D 200 -4.18 10.47 31.13
CA LEU D 200 -3.01 9.61 31.02
C LEU D 200 -3.43 8.18 30.67
N MET D 201 -2.43 7.36 30.34
CA MET D 201 -2.59 5.94 30.09
C MET D 201 -1.71 5.17 31.06
N TYR D 202 -2.28 4.16 31.72
CA TYR D 202 -1.60 3.59 32.87
C TYR D 202 -2.08 2.17 33.13
N PHE D 203 -1.30 1.45 33.93
CA PHE D 203 -1.70 0.17 34.51
C PHE D 203 -1.51 0.24 36.02
N ALA D 204 -2.51 -0.25 36.76
CA ALA D 204 -2.48 -0.29 38.21
C ALA D 204 -2.32 -1.71 38.70
N TYR D 205 -1.60 -1.88 39.81
CA TYR D 205 -1.36 -3.19 40.42
C TYR D 205 -1.51 -3.05 41.93
N ASP D 206 -1.63 -4.19 42.61
CA ASP D 206 -2.01 -4.18 44.02
C ASP D 206 -0.95 -4.69 44.99
N LYS D 207 0.19 -5.22 44.52
CA LYS D 207 1.18 -5.72 45.46
C LYS D 207 1.77 -4.60 46.33
N PRO D 208 2.39 -3.55 45.79
CA PRO D 208 2.70 -2.37 46.62
C PRO D 208 1.68 -1.24 46.49
N LEU D 209 0.56 -1.46 45.79
CA LEU D 209 -0.41 -0.42 45.47
C LEU D 209 0.28 0.70 44.67
N ARG D 210 0.70 0.31 43.47
CA ARG D 210 1.43 1.19 42.57
C ARG D 210 0.60 1.51 41.34
N PHE D 211 1.04 2.52 40.61
CA PHE D 211 0.47 2.87 39.32
C PHE D 211 1.61 3.07 38.32
N GLU D 212 1.62 2.26 37.26
CA GLU D 212 2.70 2.28 36.28
C GLU D 212 2.25 3.09 35.07
N PHE D 213 2.31 4.42 35.23
CA PHE D 213 1.98 5.32 34.13
C PHE D 213 2.95 5.12 32.96
N LEU D 214 2.41 5.11 31.75
CA LEU D 214 3.26 5.08 30.57
C LEU D 214 3.98 6.40 30.42
N GLY D 215 5.30 6.34 30.24
CA GLY D 215 6.11 7.53 30.07
C GLY D 215 6.02 8.05 28.66
N PRO D 216 6.39 9.31 28.46
CA PRO D 216 6.24 9.95 27.14
C PRO D 216 7.09 9.31 26.06
N ALA D 217 7.96 8.36 26.43
CA ALA D 217 8.70 7.63 25.42
C ALA D 217 7.77 6.82 24.52
N THR D 218 6.66 6.33 25.07
CA THR D 218 5.76 5.49 24.29
C THR D 218 5.12 6.26 23.13
N LEU D 219 4.55 7.42 23.43
CA LEU D 219 3.92 8.24 22.40
C LEU D 219 4.94 8.81 21.44
N VAL D 220 4.46 9.28 20.29
CA VAL D 220 5.31 9.92 19.29
C VAL D 220 4.75 11.27 18.88
N LYS D 221 3.48 11.31 18.48
CA LYS D 221 2.91 12.48 17.82
C LYS D 221 2.59 13.58 18.82
N LEU D 222 1.79 13.27 19.85
CA LEU D 222 1.40 14.25 20.86
C LEU D 222 2.34 14.26 22.06
N THR D 223 3.57 13.76 21.88
CA THR D 223 4.52 13.62 22.98
C THR D 223 4.74 14.93 23.71
N GLU D 224 4.87 16.04 22.97
CA GLU D 224 5.03 17.35 23.58
C GLU D 224 3.90 17.62 24.56
N LYS D 225 2.67 17.23 24.20
CA LYS D 225 1.51 17.46 25.04
C LYS D 225 1.41 16.43 26.18
N TYR D 226 1.72 15.17 25.89
CA TYR D 226 1.66 14.13 26.92
C TYR D 226 2.71 14.38 28.01
N GLY D 227 3.95 14.67 27.59
CA GLY D 227 5.01 14.89 28.56
C GLY D 227 4.71 16.05 29.50
N ARG D 228 4.14 17.13 28.97
CA ARG D 228 3.77 18.25 29.83
C ARG D 228 2.61 17.87 30.75
N ASN D 229 1.73 16.99 30.30
CA ASN D 229 0.69 16.48 31.19
C ASN D 229 1.30 15.69 32.34
N LEU D 230 2.02 14.61 32.01
CA LEU D 230 2.71 13.82 33.02
C LEU D 230 3.51 14.69 33.97
N ALA D 231 4.19 15.71 33.43
CA ALA D 231 4.90 16.65 34.29
C ALA D 231 3.98 17.31 35.31
N VAL D 232 2.72 17.56 34.95
CA VAL D 232 1.78 18.15 35.90
C VAL D 232 1.48 17.19 37.04
N LEU D 233 1.18 15.92 36.72
CA LEU D 233 0.82 14.96 37.76
C LEU D 233 1.98 14.73 38.73
N LEU D 234 3.22 14.76 38.24
CA LEU D 234 4.38 14.66 39.11
C LEU D 234 4.34 15.72 40.20
N GLN D 235 4.10 16.97 39.80
CA GLN D 235 4.13 18.10 40.73
C GLN D 235 3.22 17.89 41.93
N PHE D 236 2.04 17.31 41.72
CA PHE D 236 1.10 17.09 42.83
C PHE D 236 1.60 15.96 43.73
N ILE D 237 2.38 15.03 43.17
CA ILE D 237 2.91 13.94 44.00
C ILE D 237 4.05 14.47 44.88
N ILE D 238 4.81 15.45 44.39
CA ILE D 238 5.92 15.98 45.17
C ILE D 238 5.41 16.74 46.39
N SER D 239 4.23 17.34 46.29
CA SER D 239 3.65 18.09 47.40
C SER D 239 2.90 17.11 48.31
N SER D 240 3.69 16.39 49.11
CA SER D 240 3.15 15.40 50.04
C SER D 240 4.21 15.11 51.09
N GLN D 241 3.78 14.46 52.17
CA GLN D 241 4.71 14.09 53.24
C GLN D 241 5.62 12.95 52.81
N ASN D 242 5.06 11.92 52.17
CA ASN D 242 5.84 10.79 51.68
C ASN D 242 5.35 10.38 50.30
N TRP D 243 6.32 10.10 49.42
CA TRP D 243 6.04 9.65 48.06
C TRP D 243 7.24 8.86 47.55
N LYS D 244 6.98 7.96 46.60
CA LYS D 244 8.01 7.12 46.01
C LYS D 244 7.70 6.87 44.53
N ILE D 245 8.73 6.90 43.70
CA ILE D 245 8.59 6.68 42.27
C ILE D 245 9.81 5.93 41.74
N GLU D 246 9.58 5.12 40.70
CA GLU D 246 10.65 4.49 39.95
C GLU D 246 10.34 4.60 38.46
N ALA D 247 11.27 5.17 37.70
CA ALA D 247 11.12 5.33 36.26
C ALA D 247 12.10 4.45 35.51
N GLU D 248 11.68 4.02 34.31
CA GLU D 248 12.52 3.27 33.38
C GLU D 248 12.91 4.17 32.21
N LEU D 249 14.21 4.41 32.07
CA LEU D 249 14.76 5.19 30.96
C LEU D 249 15.46 4.26 29.98
N VAL D 250 15.22 4.49 28.69
CA VAL D 250 15.82 3.69 27.63
C VAL D 250 16.94 4.50 26.98
N LEU D 251 18.17 4.04 27.15
CA LEU D 251 19.37 4.75 26.71
C LEU D 251 20.28 3.80 25.94
N GLY D 252 21.08 4.36 25.06
CA GLY D 252 22.02 3.58 24.25
C GLY D 252 21.65 3.63 22.78
N LYS D 253 22.68 3.79 21.94
CA LYS D 253 22.46 3.86 20.49
C LYS D 253 22.66 2.49 19.84
N LYS D 254 23.87 1.94 19.95
CA LYS D 254 24.13 0.61 19.44
C LYS D 254 23.61 -0.46 20.38
N PHE D 255 23.78 -0.25 21.69
CA PHE D 255 23.39 -1.20 22.73
C PHE D 255 22.33 -0.55 23.62
N LYS D 256 21.07 -0.69 23.24
CA LYS D 256 20.00 -0.16 24.07
C LYS D 256 19.93 -0.93 25.38
N ARG D 257 19.47 -0.25 26.42
CA ARG D 257 19.38 -0.83 27.75
C ARG D 257 18.49 0.06 28.61
N VAL D 258 17.64 -0.58 29.40
CA VAL D 258 16.75 0.11 30.32
C VAL D 258 17.50 0.36 31.61
N TYR D 259 17.36 1.56 32.17
CA TYR D 259 17.90 1.89 33.47
C TYR D 259 16.77 2.33 34.40
N LYS D 260 17.06 2.34 35.69
CA LYS D 260 16.09 2.70 36.71
C LYS D 260 16.43 4.06 37.29
N LEU D 261 15.39 4.87 37.51
CA LEU D 261 15.53 6.17 38.15
C LEU D 261 14.68 6.14 39.42
N LYS D 262 15.33 5.91 40.56
CA LYS D 262 14.64 5.84 41.83
C LYS D 262 14.82 7.17 42.56
N LEU D 263 13.71 7.72 43.04
CA LEU D 263 13.75 8.94 43.83
C LEU D 263 12.52 8.93 44.71
N ALA D 264 12.72 9.14 46.02
CA ALA D 264 11.65 8.94 46.99
C ALA D 264 11.76 9.99 48.09
N ASN D 265 10.70 10.77 48.27
CA ASN D 265 10.60 11.80 49.30
C ASN D 265 11.86 12.68 49.31
N PHE D 266 12.14 13.26 48.16
CA PHE D 266 13.28 14.13 47.98
C PHE D 266 12.92 15.56 48.35
N LYS D 267 13.91 16.32 48.81
CA LYS D 267 13.70 17.64 49.36
C LYS D 267 13.74 18.74 48.29
N GLU D 268 14.80 18.78 47.49
CA GLU D 268 15.08 19.90 46.59
C GLU D 268 14.17 19.78 45.36
N LEU D 269 12.92 20.19 45.53
CA LEU D 269 11.96 20.12 44.42
C LEU D 269 10.86 21.16 44.65
N LYS D 270 10.96 22.29 43.95
CA LYS D 270 9.97 23.36 44.02
C LYS D 270 9.61 23.84 42.62
N GLU D 271 8.31 23.97 42.35
CA GLU D 271 7.79 24.39 41.05
C GLU D 271 7.50 25.88 41.02
N LEU D 272 7.84 26.53 39.89
CA LEU D 272 7.57 27.94 39.69
C LEU D 272 6.60 28.16 38.53
N VAL D 273 5.82 27.14 38.19
CA VAL D 273 4.70 27.22 37.24
C VAL D 273 3.54 26.43 37.83
N ILE D 274 2.35 27.02 37.84
CA ILE D 274 1.26 26.53 38.70
C ILE D 274 0.39 25.49 38.01
N ASP D 275 -0.30 25.89 36.94
CA ASP D 275 -1.24 25.03 36.21
C ASP D 275 -2.33 24.49 37.14
N GLU D 276 -3.15 25.42 37.64
CA GLU D 276 -4.23 25.10 38.56
C GLU D 276 -5.51 24.68 37.82
N LYS D 277 -5.91 25.44 36.81
CA LYS D 277 -7.11 25.13 36.02
C LYS D 277 -6.83 24.13 34.90
N ARG D 278 -5.72 23.38 34.99
CA ARG D 278 -5.36 22.40 33.97
C ARG D 278 -6.16 21.11 34.05
N PHE D 279 -6.89 20.90 35.14
CA PHE D 279 -7.66 19.67 35.33
C PHE D 279 -8.91 19.68 34.44
N ASP D 280 -8.80 19.10 33.25
CA ASP D 280 -9.90 19.10 32.30
C ASP D 280 -11.05 18.24 32.81
N SER D 281 -12.27 18.81 32.81
CA SER D 281 -13.45 18.12 33.30
C SER D 281 -14.58 18.15 32.25
N SER D 282 -14.22 18.16 30.97
CA SER D 282 -15.24 18.26 29.93
C SER D 282 -15.86 16.90 29.60
N VAL D 283 -15.08 15.82 29.62
CA VAL D 283 -15.60 14.52 29.27
C VAL D 283 -16.16 13.76 30.47
N GLU D 284 -15.53 13.92 31.65
CA GLU D 284 -15.91 13.09 32.80
C GLU D 284 -17.27 13.47 33.36
N GLU D 285 -17.45 14.74 33.74
CA GLU D 285 -18.72 15.16 34.30
C GLU D 285 -19.84 15.12 33.28
N LYS D 286 -19.53 15.33 32.00
CA LYS D 286 -20.55 15.20 30.95
C LYS D 286 -20.96 13.76 30.71
N PHE D 287 -20.20 12.79 31.22
CA PHE D 287 -20.60 11.40 31.14
C PHE D 287 -21.55 11.03 32.25
N TYR D 288 -21.22 11.43 33.49
CA TYR D 288 -22.10 11.14 34.63
C TYR D 288 -23.47 11.77 34.45
N LYS D 289 -23.55 12.87 33.70
CA LYS D 289 -24.81 13.56 33.45
C LYS D 289 -25.53 13.02 32.21
N ASP D 290 -24.84 12.97 31.07
CA ASP D 290 -25.52 12.62 29.81
C ASP D 290 -26.12 11.22 29.86
N PHE D 291 -25.45 10.30 30.48
CA PHE D 291 -26.13 9.07 30.69
C PHE D 291 -27.21 9.39 31.70
N THR D 292 -26.86 10.14 32.73
CA THR D 292 -27.78 10.38 33.80
C THR D 292 -29.08 11.06 33.41
N ASN D 293 -29.03 12.11 32.59
CA ASN D 293 -30.29 12.78 32.23
C ASN D 293 -31.26 11.94 31.40
N VAL D 294 -30.77 11.22 30.39
CA VAL D 294 -31.64 10.41 29.56
C VAL D 294 -31.00 9.24 28.86
N ILE D 295 -30.61 8.23 29.62
CA ILE D 295 -30.05 7.04 29.01
C ILE D 295 -31.02 5.92 29.20
N LYS D 296 -30.96 5.00 28.26
CA LYS D 296 -31.84 3.87 28.12
C LYS D 296 -32.61 3.32 29.33
N GLY D 297 -32.05 2.35 30.02
CA GLY D 297 -32.72 1.80 31.16
C GLY D 297 -31.69 1.44 32.16
N TRP D 298 -30.52 2.04 32.12
CA TRP D 298 -29.49 1.56 33.03
C TRP D 298 -29.35 2.54 34.20
N LYS D 299 -29.04 2.00 35.37
CA LYS D 299 -28.87 2.77 36.60
C LYS D 299 -27.40 2.70 36.98
N ILE D 300 -26.65 3.77 36.67
CA ILE D 300 -25.20 3.79 36.75
C ILE D 300 -24.73 4.35 38.09
N ILE D 301 -23.72 3.70 38.69
CA ILE D 301 -23.05 4.15 39.90
C ILE D 301 -21.84 4.98 39.48
N ARG D 302 -21.50 5.99 40.28
CA ARG D 302 -20.50 6.97 39.84
C ARG D 302 -19.09 6.39 39.77
N GLU D 303 -18.72 5.53 40.71
CA GLU D 303 -17.34 5.06 40.74
C GLU D 303 -17.23 3.70 41.42
N PRO D 304 -17.49 2.62 40.70
CA PRO D 304 -17.46 1.29 41.34
C PRO D 304 -16.12 0.98 41.98
N GLU D 305 -16.19 0.21 43.06
CA GLU D 305 -15.00 -0.21 43.79
C GLU D 305 -14.05 -0.96 42.87
N PRO D 306 -12.73 -0.78 43.03
CA PRO D 306 -11.77 -1.36 42.08
C PRO D 306 -11.78 -2.88 42.16
N LEU D 307 -12.02 -3.52 41.02
CA LEU D 307 -11.97 -4.96 40.94
C LEU D 307 -10.53 -5.45 41.00
N VAL D 308 -10.34 -6.65 41.56
CA VAL D 308 -9.01 -7.20 41.79
C VAL D 308 -8.99 -8.63 41.28
N VAL D 309 -8.32 -8.85 40.16
CA VAL D 309 -8.11 -10.17 39.58
C VAL D 309 -6.62 -10.35 39.34
N ASP D 310 -6.05 -11.41 39.90
CA ASP D 310 -4.62 -11.70 39.77
C ASP D 310 -3.76 -10.55 40.34
N ASN D 311 -4.10 -10.12 41.55
CA ASN D 311 -3.33 -9.11 42.29
C ASN D 311 -3.17 -7.83 41.49
N ARG D 312 -4.25 -7.37 40.86
CA ARG D 312 -4.18 -6.19 40.02
C ARG D 312 -5.49 -5.41 40.12
N VAL D 313 -5.38 -4.10 40.32
CA VAL D 313 -6.54 -3.21 40.41
C VAL D 313 -6.91 -2.79 38.99
N PHE D 314 -8.21 -2.82 38.70
CA PHE D 314 -8.71 -2.48 37.37
C PHE D 314 -9.74 -1.37 37.48
N ILE D 315 -9.35 -0.25 38.09
CA ILE D 315 -10.23 0.87 38.40
C ILE D 315 -10.93 1.37 37.14
N PRO D 316 -12.24 1.13 37.03
CA PRO D 316 -13.00 1.66 35.89
C PRO D 316 -13.54 3.03 36.24
N ASP D 317 -13.89 3.78 35.19
CA ASP D 317 -14.46 5.11 35.42
C ASP D 317 -15.77 5.00 36.18
N PHE D 318 -16.75 4.29 35.59
CA PHE D 318 -18.04 4.06 36.21
C PHE D 318 -18.75 2.89 35.53
N LEU D 319 -19.65 2.25 36.27
CA LEU D 319 -20.36 1.06 35.82
C LEU D 319 -21.88 1.31 35.74
N VAL D 320 -22.50 0.81 34.67
CA VAL D 320 -23.93 0.92 34.45
C VAL D 320 -24.54 -0.48 34.40
N GLU D 321 -25.76 -0.60 34.91
CA GLU D 321 -26.40 -1.91 35.13
C GLU D 321 -27.88 -1.88 34.78
N LYS D 322 -28.30 -2.80 33.89
CA LYS D 322 -29.73 -3.04 33.65
C LYS D 322 -30.13 -4.27 34.46
N GLY D 323 -30.42 -4.04 35.73
CA GLY D 323 -30.77 -5.12 36.64
C GLY D 323 -29.64 -6.07 36.88
N ASN D 324 -29.84 -7.34 36.48
CA ASN D 324 -28.83 -8.36 36.67
C ASN D 324 -27.57 -8.04 35.88
N LEU D 325 -27.72 -7.68 34.62
CA LEU D 325 -26.57 -7.37 33.78
C LEU D 325 -25.84 -6.15 34.32
N LYS D 326 -24.51 -6.22 34.32
CA LYS D 326 -23.65 -5.14 34.77
C LYS D 326 -22.45 -5.04 33.85
N VAL D 327 -22.24 -3.85 33.28
CA VAL D 327 -21.16 -3.64 32.33
C VAL D 327 -20.23 -2.56 32.88
N TYR D 328 -18.95 -2.68 32.54
CA TYR D 328 -17.93 -1.74 32.99
C TYR D 328 -17.65 -0.71 31.91
N VAL D 329 -17.42 0.53 32.34
CA VAL D 329 -17.09 1.63 31.44
C VAL D 329 -15.84 2.32 31.95
N GLU D 330 -14.97 2.71 31.03
CA GLU D 330 -13.73 3.41 31.37
C GLU D 330 -13.45 4.44 30.29
N ILE D 331 -13.34 5.70 30.68
CA ILE D 331 -13.02 6.77 29.74
C ILE D 331 -11.51 6.92 29.63
N VAL D 332 -11.00 6.84 28.40
CA VAL D 332 -9.56 6.83 28.14
C VAL D 332 -9.08 8.25 27.87
N GLY D 333 -7.78 8.46 28.05
CA GLY D 333 -7.16 9.75 27.77
C GLY D 333 -6.50 9.75 26.40
N PHE D 334 -5.20 9.45 26.35
CA PHE D 334 -4.49 9.31 25.08
C PHE D 334 -4.44 7.82 24.72
N TRP D 335 -4.31 7.56 23.42
CA TRP D 335 -4.55 6.24 22.85
C TRP D 335 -3.24 5.65 22.35
N THR D 336 -3.19 4.32 22.28
CA THR D 336 -2.08 3.62 21.64
C THR D 336 -2.51 2.19 21.32
N LYS D 337 -2.07 1.70 20.16
CA LYS D 337 -2.42 0.36 19.72
C LYS D 337 -2.05 -0.69 20.77
N GLU D 338 -0.80 -0.68 21.21
CA GLU D 338 -0.34 -1.66 22.19
C GLU D 338 -1.03 -1.49 23.54
N TYR D 339 -1.48 -0.27 23.84
CA TYR D 339 -2.05 0.01 25.15
C TYR D 339 -3.45 -0.57 25.30
N ILE D 340 -4.33 -0.25 24.35
CA ILE D 340 -5.68 -0.81 24.38
C ILE D 340 -5.64 -2.33 24.27
N LYS D 341 -4.86 -2.85 23.31
CA LYS D 341 -4.76 -4.29 23.14
C LYS D 341 -4.34 -4.97 24.44
N GLU D 342 -3.27 -4.47 25.07
CA GLU D 342 -2.82 -5.05 26.34
C GLU D 342 -3.88 -4.88 27.43
N LYS D 343 -4.63 -3.77 27.41
CA LYS D 343 -5.61 -3.53 28.45
C LYS D 343 -6.83 -4.43 28.29
N LEU D 344 -7.42 -4.46 27.10
CA LEU D 344 -8.60 -5.29 26.88
C LEU D 344 -8.27 -6.77 27.01
N ASP D 345 -7.08 -7.19 26.57
CA ASP D 345 -6.64 -8.56 26.79
C ASP D 345 -6.47 -8.85 28.27
N LYS D 346 -5.96 -7.88 29.04
CA LYS D 346 -5.88 -8.04 30.48
C LYS D 346 -7.28 -8.07 31.11
N LEU D 347 -8.21 -7.33 30.53
CA LEU D 347 -9.60 -7.37 30.96
C LEU D 347 -10.38 -8.53 30.33
N LYS D 348 -9.71 -9.42 29.58
CA LYS D 348 -10.37 -10.64 29.14
C LYS D 348 -10.56 -11.62 30.28
N LYS D 349 -9.91 -11.40 31.41
CA LYS D 349 -10.16 -12.12 32.65
C LYS D 349 -10.96 -11.28 33.64
N VAL D 350 -11.83 -10.41 33.13
CA VAL D 350 -12.64 -9.55 34.00
C VAL D 350 -14.00 -10.15 34.30
N LYS D 351 -14.37 -11.25 33.64
CA LYS D 351 -15.63 -11.96 33.85
C LYS D 351 -16.85 -11.06 33.67
N TYR D 352 -16.70 -9.99 32.90
CA TYR D 352 -17.79 -9.05 32.68
C TYR D 352 -17.47 -8.25 31.42
N PRO D 353 -18.48 -7.86 30.65
CA PRO D 353 -18.22 -7.04 29.47
C PRO D 353 -17.76 -5.65 29.87
N ILE D 354 -17.05 -5.00 28.94
CA ILE D 354 -16.47 -3.69 29.20
C ILE D 354 -16.70 -2.80 27.99
N LEU D 355 -16.77 -1.50 28.25
CA LEU D 355 -16.85 -0.49 27.21
C LEU D 355 -15.84 0.61 27.54
N ILE D 356 -15.07 1.03 26.55
CA ILE D 356 -14.00 1.99 26.74
C ILE D 356 -14.29 3.18 25.84
N LEU D 357 -14.39 4.36 26.43
CA LEU D 357 -14.67 5.59 25.69
C LEU D 357 -13.37 6.35 25.51
N LEU D 358 -13.02 6.62 24.25
CA LEU D 358 -11.74 7.22 23.90
C LEU D 358 -11.98 8.48 23.09
N ASN D 359 -11.29 9.56 23.45
CA ASN D 359 -11.28 10.76 22.63
C ASN D 359 -10.52 10.46 21.34
N GLU D 360 -11.03 10.98 20.22
CA GLU D 360 -10.36 10.74 18.94
C GLU D 360 -9.01 11.44 18.92
N GLU D 361 -7.94 10.65 19.01
CA GLU D 361 -6.58 11.20 19.00
C GLU D 361 -5.59 10.27 18.29
N LEU D 362 -6.05 9.42 17.37
CA LEU D 362 -5.17 8.51 16.66
C LEU D 362 -5.85 8.07 15.37
N GLY D 363 -5.10 7.32 14.57
CA GLY D 363 -5.63 6.76 13.33
C GLY D 363 -5.00 5.43 13.00
N LYS D 364 -5.53 4.81 11.94
CA LYS D 364 -5.08 3.50 11.45
C LYS D 364 -5.33 2.40 12.48
N GLU D 365 -6.54 2.38 13.02
CA GLU D 365 -6.97 1.37 13.98
C GLU D 365 -8.35 0.88 13.57
N LYS D 366 -8.50 -0.43 13.36
CA LYS D 366 -9.82 -0.94 12.98
C LYS D 366 -10.83 -0.79 14.11
N PHE D 367 -10.38 -0.89 15.36
CA PHE D 367 -11.23 -0.63 16.52
C PHE D 367 -12.44 -1.55 16.55
N ASN D 368 -12.24 -2.80 16.10
CA ASN D 368 -13.31 -3.80 16.09
C ASN D 368 -13.31 -4.51 17.44
N GLY D 369 -13.89 -3.84 18.43
CA GLY D 369 -13.87 -4.35 19.79
C GLY D 369 -15.21 -4.19 20.48
N MET D 370 -15.41 -5.05 21.47
CA MET D 370 -16.60 -4.95 22.32
C MET D 370 -16.62 -3.66 23.12
N ASN D 371 -15.44 -3.11 23.42
CA ASN D 371 -15.30 -1.94 24.27
C ASN D 371 -14.91 -0.67 23.50
N VAL D 372 -14.86 -0.71 22.17
CA VAL D 372 -14.32 0.42 21.42
C VAL D 372 -15.44 1.43 21.21
N ILE D 373 -15.36 2.56 21.92
CA ILE D 373 -16.28 3.69 21.76
C ILE D 373 -15.44 4.94 21.48
N THR D 374 -15.36 5.34 20.21
CA THR D 374 -14.47 6.43 19.80
C THR D 374 -15.25 7.74 19.73
N TYR D 375 -15.16 8.55 20.79
CA TYR D 375 -15.74 9.89 20.79
C TYR D 375 -14.75 10.87 20.14
N LYS D 376 -15.17 12.13 20.00
CA LYS D 376 -14.28 13.17 19.48
C LYS D 376 -13.96 14.22 20.54
N ARG D 377 -14.97 14.89 21.11
CA ARG D 377 -14.73 15.95 22.09
C ARG D 377 -15.60 15.77 23.34
N LYS D 378 -16.75 15.12 23.18
CA LYS D 378 -17.65 14.91 24.30
C LYS D 378 -18.47 13.65 24.02
N ILE D 379 -19.20 13.22 25.04
CA ILE D 379 -19.96 11.98 24.96
C ILE D 379 -21.24 12.22 24.18
N ASP D 380 -21.44 11.44 23.12
CA ASP D 380 -22.67 11.44 22.35
C ASP D 380 -23.38 10.15 22.74
N ILE D 381 -24.29 10.26 23.70
CA ILE D 381 -24.95 9.08 24.28
C ILE D 381 -25.69 8.26 23.23
N SER D 382 -26.08 8.88 22.10
CA SER D 382 -26.76 8.17 21.03
C SER D 382 -25.95 6.97 20.57
N LEU D 383 -24.69 7.19 20.19
CA LEU D 383 -23.85 6.10 19.72
C LEU D 383 -23.56 5.10 20.83
N VAL D 384 -23.66 5.52 22.10
CA VAL D 384 -23.49 4.58 23.20
C VAL D 384 -24.65 3.58 23.22
N TYR D 385 -25.86 4.07 22.96
CA TYR D 385 -27.04 3.20 22.96
C TYR D 385 -26.99 2.18 21.83
N LYS D 386 -26.58 2.61 20.63
CA LYS D 386 -26.59 1.72 19.47
C LYS D 386 -25.75 0.47 19.71
N TRP D 387 -24.67 0.58 20.49
CA TRP D 387 -23.94 -0.59 20.94
C TRP D 387 -24.53 -1.21 22.20
N LEU D 388 -24.95 -0.38 23.15
CA LEU D 388 -25.50 -0.89 24.40
C LEU D 388 -26.77 -1.69 24.15
N ARG D 389 -27.58 -1.27 23.17
CA ARG D 389 -28.79 -2.01 22.86
C ARG D 389 -28.54 -3.20 21.95
N GLU D 390 -27.43 -3.20 21.20
CA GLU D 390 -27.10 -4.36 20.37
C GLU D 390 -26.71 -5.56 21.22
N LEU D 391 -26.05 -5.33 22.36
CA LEU D 391 -25.61 -6.42 23.21
C LEU D 391 -26.76 -7.00 24.04
N GLU D 392 -27.59 -6.13 24.62
CA GLU D 392 -28.74 -6.60 25.39
C GLU D 392 -29.70 -7.42 24.53
N ASN D 393 -29.83 -7.07 23.25
CA ASN D 393 -30.68 -7.86 22.37
C ASN D 393 -30.07 -9.23 22.08
N LYS D 394 -28.73 -9.33 22.11
CA LYS D 394 -28.04 -10.58 21.85
C LYS D 394 -27.67 -11.34 23.12
N TYR D 395 -27.91 -10.76 24.28
CA TYR D 395 -27.71 -11.44 25.56
C TYR D 395 -29.03 -11.74 26.26
N LEU D 396 -30.16 -11.60 25.56
CA LEU D 396 -31.49 -11.84 26.10
C LEU D 396 -32.22 -12.79 25.16
N ASN D 397 -32.22 -14.07 25.49
CA ASN D 397 -32.93 -15.10 24.72
C ASN D 397 -33.45 -16.14 25.70
N GLU D 398 -34.70 -15.97 26.11
CA GLU D 398 -35.43 -16.95 26.93
C GLU D 398 -34.69 -17.26 28.23
N VAL D 399 -34.69 -16.26 29.10
CA VAL D 399 -34.14 -16.37 30.44
C VAL D 399 -35.29 -16.04 31.38
N LYS D 400 -35.90 -17.06 31.97
CA LYS D 400 -37.05 -16.88 32.84
C LYS D 400 -36.62 -17.17 34.28
N VAL D 401 -36.67 -16.15 35.12
CA VAL D 401 -36.37 -16.34 36.53
C VAL D 401 -37.58 -17.00 37.19
N ASP D 402 -37.32 -18.04 37.97
CA ASP D 402 -38.39 -18.77 38.66
C ASP D 402 -37.80 -19.36 39.93
N TYR D 403 -38.58 -19.34 41.01
CA TYR D 403 -38.16 -19.90 42.29
C TYR D 403 -39.13 -20.97 42.72
N THR D 404 -38.58 -22.00 43.37
CA THR D 404 -39.37 -23.09 43.98
C THR D 404 -38.61 -23.50 45.25
N ILE D 405 -38.95 -22.85 46.35
CA ILE D 405 -38.46 -23.25 47.67
C ILE D 405 -39.61 -24.06 48.24
N SER D 406 -40.53 -24.47 47.35
CA SER D 406 -41.81 -25.02 47.77
C SER D 406 -41.61 -26.25 48.65
N GLY D 407 -40.99 -27.29 48.10
CA GLY D 407 -40.94 -28.59 48.74
C GLY D 407 -39.58 -28.98 49.25
N ASP D 408 -39.47 -30.26 49.60
CA ASP D 408 -38.21 -30.94 49.85
C ASP D 408 -37.72 -31.71 48.63
N ILE D 409 -38.62 -32.18 47.78
CA ILE D 409 -38.26 -32.87 46.55
C ILE D 409 -39.11 -32.31 45.42
N ILE D 410 -38.57 -31.31 44.73
CA ILE D 410 -39.19 -30.65 43.59
C ILE D 410 -38.55 -31.16 42.30
N SER D 411 -39.37 -31.50 41.32
CA SER D 411 -38.89 -31.99 40.04
C SER D 411 -38.84 -30.85 39.02
N LEU D 412 -37.81 -30.89 38.17
CA LEU D 412 -37.73 -29.91 37.09
C LEU D 412 -38.93 -30.02 36.17
N ASN D 413 -39.35 -31.26 35.87
CA ASN D 413 -40.59 -31.45 35.12
C ASN D 413 -41.79 -30.96 35.91
N GLU D 414 -41.81 -31.20 37.23
CA GLU D 414 -42.89 -30.70 38.07
C GLU D 414 -42.91 -29.17 38.08
N ILE D 415 -41.76 -28.55 38.30
CA ILE D 415 -41.68 -27.08 38.25
C ILE D 415 -42.11 -26.57 36.89
N ALA D 416 -41.84 -27.32 35.82
CA ALA D 416 -42.34 -26.96 34.51
C ALA D 416 -43.84 -27.19 34.42
N SER D 417 -44.33 -28.29 35.00
CA SER D 417 -45.76 -28.57 34.98
C SER D 417 -46.52 -27.52 35.78
N LYS D 418 -46.08 -27.26 37.02
CA LYS D 418 -46.73 -26.26 37.85
C LYS D 418 -46.73 -24.90 37.16
N LEU D 419 -45.58 -24.51 36.60
CA LEU D 419 -45.43 -23.20 35.98
C LEU D 419 -46.16 -23.08 34.65
N SER D 420 -46.78 -24.15 34.16
CA SER D 420 -47.39 -24.16 32.84
C SER D 420 -46.37 -23.82 31.76
N LEU D 421 -45.14 -24.32 31.93
CA LEU D 421 -44.06 -24.12 30.99
C LEU D 421 -43.56 -25.45 30.44
N PRO D 422 -43.08 -25.49 29.20
CA PRO D 422 -42.53 -26.74 28.66
C PRO D 422 -41.32 -27.20 29.46
N VAL D 423 -41.15 -28.52 29.54
CA VAL D 423 -40.14 -29.11 30.41
C VAL D 423 -38.74 -28.65 30.03
N GLU D 424 -38.46 -28.50 28.73
CA GLU D 424 -37.09 -28.21 28.29
C GLU D 424 -36.61 -26.85 28.79
N VAL D 425 -37.43 -25.80 28.61
CA VAL D 425 -36.99 -24.45 28.92
C VAL D 425 -36.60 -24.31 30.39
N ILE D 426 -37.24 -25.07 31.28
CA ILE D 426 -36.82 -25.09 32.68
C ILE D 426 -35.45 -25.73 32.81
N ARG D 427 -35.22 -26.83 32.09
CA ARG D 427 -33.95 -27.53 32.16
C ARG D 427 -32.79 -26.67 31.69
N LYS D 428 -33.02 -25.82 30.68
CA LYS D 428 -31.97 -24.97 30.17
C LYS D 428 -31.53 -23.92 31.19
N ASN D 429 -32.48 -23.36 31.94
CA ASN D 429 -32.22 -22.25 32.84
C ASN D 429 -32.11 -22.69 34.30
N ILE D 430 -31.88 -23.99 34.55
CA ILE D 430 -31.86 -24.52 35.90
C ILE D 430 -31.00 -23.64 36.79
N LYS D 431 -31.57 -23.22 37.92
CA LYS D 431 -30.94 -22.28 38.82
C LYS D 431 -30.56 -22.95 40.14
N ILE D 432 -29.50 -22.43 40.75
CA ILE D 432 -28.97 -22.96 42.00
C ILE D 432 -29.40 -22.00 43.11
N PHE D 433 -30.07 -22.54 44.12
CA PHE D 433 -30.63 -21.76 45.21
C PHE D 433 -29.83 -21.99 46.47
N PRO D 434 -29.52 -20.96 47.25
CA PRO D 434 -28.63 -21.15 48.42
C PRO D 434 -29.20 -22.13 49.42
N GLY D 435 -30.52 -22.34 49.41
CA GLY D 435 -31.13 -23.30 50.31
C GLY D 435 -30.68 -24.73 50.07
N TYR D 436 -30.74 -25.19 48.83
CA TYR D 436 -30.64 -26.61 48.53
C TYR D 436 -29.49 -26.92 47.58
N ILE D 437 -29.15 -28.21 47.52
CA ILE D 437 -28.22 -28.77 46.53
C ILE D 437 -29.05 -29.43 45.44
N PHE D 438 -28.53 -29.41 44.22
CA PHE D 438 -29.25 -29.88 43.04
C PHE D 438 -28.64 -31.20 42.56
N LEU D 439 -29.17 -32.31 43.07
CA LEU D 439 -28.96 -33.61 42.45
C LEU D 439 -29.90 -33.76 41.26
N LYS D 440 -29.37 -34.21 40.13
CA LYS D 440 -30.07 -34.16 38.85
C LYS D 440 -31.49 -34.68 38.95
N ASN D 441 -32.36 -34.08 38.14
CA ASN D 441 -33.77 -34.42 37.95
C ASN D 441 -34.64 -34.16 39.18
N TYR D 442 -34.11 -33.52 40.22
CA TYR D 442 -34.86 -33.16 41.43
C TYR D 442 -34.06 -32.13 42.21
N TYR D 443 -34.63 -31.69 43.33
CA TYR D 443 -33.95 -30.90 44.35
C TYR D 443 -34.02 -31.66 45.67
N VAL D 444 -33.19 -31.24 46.62
CA VAL D 444 -33.20 -31.85 47.95
C VAL D 444 -32.83 -30.82 49.00
N SER D 445 -33.71 -30.63 49.99
CA SER D 445 -33.42 -29.72 51.11
C SER D 445 -32.06 -30.04 51.73
N GLU D 446 -31.26 -29.00 51.96
CA GLU D 446 -29.93 -29.19 52.51
C GLU D 446 -29.97 -29.71 53.94
N LYS D 447 -31.05 -29.46 54.67
CA LYS D 447 -31.21 -30.05 55.99
C LYS D 447 -31.75 -31.46 55.89
N PHE D 448 -32.72 -31.68 55.00
CA PHE D 448 -33.25 -33.01 54.76
C PHE D 448 -32.14 -33.96 54.30
N LEU D 449 -31.31 -33.50 53.37
CA LEU D 449 -30.19 -34.33 52.92
C LEU D 449 -29.18 -34.55 54.04
N GLU D 450 -28.85 -33.49 54.78
CA GLU D 450 -27.91 -33.61 55.90
C GLU D 450 -28.41 -34.59 56.95
N LYS D 451 -29.73 -34.70 57.12
CA LYS D 451 -30.28 -35.68 58.03
C LYS D 451 -30.24 -37.08 57.42
N LEU D 452 -30.54 -37.21 56.12
CA LEU D 452 -30.52 -38.51 55.46
C LEU D 452 -29.13 -39.12 55.38
N ARG D 453 -28.07 -38.35 55.62
CA ARG D 453 -26.73 -38.92 55.68
C ARG D 453 -26.56 -39.80 56.91
N ASN D 454 -27.07 -39.36 58.07
CA ASN D 454 -26.88 -40.11 59.31
C ASN D 454 -27.61 -41.44 59.32
N GLU D 455 -28.65 -41.61 58.50
CA GLU D 455 -29.29 -42.93 58.38
C GLU D 455 -28.29 -43.96 57.88
N ASN D 456 -27.68 -43.67 56.72
CA ASN D 456 -26.51 -44.38 56.19
C ASN D 456 -26.77 -45.88 56.07
N PHE D 457 -27.79 -46.23 55.30
CA PHE D 457 -28.00 -47.61 54.90
C PHE D 457 -27.36 -47.86 53.53
N ASP D 458 -27.13 -49.13 53.23
CA ASP D 458 -26.98 -49.55 51.84
C ASP D 458 -27.90 -50.75 51.61
N ASN D 459 -28.40 -50.85 50.38
CA ASN D 459 -29.34 -51.91 50.07
C ASN D 459 -29.20 -52.25 48.60
N LYS D 460 -28.66 -53.43 48.31
CA LYS D 460 -28.83 -54.02 46.99
C LYS D 460 -30.33 -54.19 46.75
N SER D 461 -30.82 -53.59 45.68
CA SER D 461 -32.26 -53.50 45.50
C SER D 461 -32.65 -53.68 44.04
N LEU D 462 -33.81 -54.30 43.83
CA LEU D 462 -34.52 -54.26 42.56
C LEU D 462 -35.47 -53.08 42.49
N LYS D 463 -35.20 -52.02 43.26
CA LYS D 463 -35.95 -50.77 43.37
C LYS D 463 -37.21 -50.91 44.21
N GLU D 464 -37.42 -52.04 44.89
CA GLU D 464 -38.63 -52.16 45.72
C GLU D 464 -38.54 -51.23 46.93
N LEU D 465 -37.39 -51.20 47.61
CA LEU D 465 -37.22 -50.25 48.71
C LEU D 465 -36.88 -48.85 48.22
N VAL D 466 -36.34 -48.71 47.01
CA VAL D 466 -36.11 -47.39 46.46
C VAL D 466 -37.44 -46.68 46.22
N SER D 467 -38.43 -47.42 45.71
CA SER D 467 -39.77 -46.86 45.53
C SER D 467 -40.40 -46.55 46.88
N ALA D 468 -40.11 -47.37 47.90
CA ALA D 468 -40.70 -47.17 49.22
C ALA D 468 -40.32 -45.83 49.81
N TYR D 469 -39.06 -45.41 49.65
CA TYR D 469 -38.64 -44.13 50.20
C TYR D 469 -39.07 -42.99 49.28
N GLY D 470 -39.25 -43.28 47.99
CA GLY D 470 -40.05 -42.47 47.09
C GLY D 470 -39.39 -41.29 46.40
N ASP D 471 -38.09 -41.09 46.56
CA ASP D 471 -37.41 -40.06 45.80
C ASP D 471 -36.88 -40.67 44.51
N TYR D 472 -36.03 -39.94 43.79
CA TYR D 472 -35.39 -40.55 42.63
C TYR D 472 -34.18 -41.35 43.07
N ILE D 473 -33.68 -42.19 42.16
CA ILE D 473 -32.39 -42.81 42.37
C ILE D 473 -31.27 -41.79 42.32
N VAL D 474 -31.52 -40.64 41.66
CA VAL D 474 -30.53 -39.59 41.54
C VAL D 474 -30.06 -39.14 42.92
N GLU D 475 -30.99 -38.98 43.86
CA GLU D 475 -30.63 -38.60 45.22
C GLU D 475 -29.69 -39.61 45.85
N VAL D 476 -29.98 -40.90 45.67
CA VAL D 476 -29.16 -41.96 46.23
C VAL D 476 -27.72 -41.87 45.73
N LEU D 477 -27.53 -41.46 44.47
CA LEU D 477 -26.21 -41.51 43.86
C LEU D 477 -25.20 -40.61 44.56
N GLU D 478 -25.60 -39.41 45.00
CA GLU D 478 -24.64 -38.46 45.54
C GLU D 478 -23.98 -39.00 46.82
N PHE D 479 -24.78 -39.54 47.73
CA PHE D 479 -24.22 -39.97 49.01
C PHE D 479 -23.33 -41.20 48.84
N LEU D 480 -23.73 -42.12 47.97
CA LEU D 480 -22.97 -43.32 47.66
C LEU D 480 -23.56 -43.94 46.40
N GLY D 481 -22.71 -44.43 45.52
CA GLY D 481 -23.16 -44.90 44.21
C GLY D 481 -22.77 -46.31 43.89
N TYR D 482 -23.68 -47.01 43.23
CA TYR D 482 -23.46 -48.34 42.66
C TYR D 482 -24.60 -48.54 41.66
N LYS D 483 -24.30 -49.17 40.53
CA LYS D 483 -25.30 -49.27 39.48
C LYS D 483 -25.19 -50.60 38.75
N LEU D 484 -26.31 -51.33 38.69
CA LEU D 484 -26.44 -52.52 37.85
C LEU D 484 -27.77 -52.39 37.11
N LYS D 485 -27.73 -51.70 35.97
CA LYS D 485 -28.92 -51.44 35.17
C LYS D 485 -29.15 -52.50 34.09
N TRP D 486 -28.36 -53.56 34.09
CA TRP D 486 -28.48 -54.61 33.07
C TRP D 486 -28.37 -55.97 33.75
N GLN D 487 -29.00 -56.97 33.13
CA GLN D 487 -28.97 -58.35 33.62
C GLN D 487 -29.47 -58.45 35.06
N GLY D 488 -30.59 -57.79 35.33
CA GLY D 488 -31.20 -57.84 36.64
C GLY D 488 -32.71 -58.02 36.59
N ILE D 489 -33.25 -58.88 37.46
CA ILE D 489 -34.69 -59.11 37.47
C ILE D 489 -35.39 -57.89 38.05
N SER D 490 -36.33 -57.33 37.30
CA SER D 490 -37.00 -56.09 37.66
C SER D 490 -35.97 -55.01 37.97
N ASP D 491 -34.96 -54.92 37.10
CA ASP D 491 -33.83 -54.00 37.26
C ASP D 491 -33.10 -54.27 38.57
N ALA D 492 -32.81 -55.54 38.83
CA ALA D 492 -32.08 -55.91 40.04
C ALA D 492 -30.67 -55.33 40.01
N ILE D 493 -30.30 -54.64 41.07
CA ILE D 493 -29.01 -53.99 41.20
C ILE D 493 -28.53 -54.12 42.64
N VAL D 494 -27.29 -53.68 42.85
CA VAL D 494 -26.64 -53.69 44.15
C VAL D 494 -26.11 -52.30 44.42
N ILE D 495 -26.47 -51.74 45.58
CA ILE D 495 -26.08 -50.39 45.97
C ILE D 495 -25.25 -50.54 47.24
N LYS D 496 -23.96 -50.23 47.14
CA LYS D 496 -23.02 -50.48 48.21
C LYS D 496 -22.24 -49.21 48.54
N ASP D 497 -21.60 -49.23 49.69
CA ASP D 497 -20.77 -48.12 50.14
C ASP D 497 -19.30 -48.41 49.89
N SER E 19 15.07 -29.69 11.16
CA SER E 19 15.80 -30.95 11.21
C SER E 19 16.75 -31.05 10.03
N HIS E 20 17.03 -32.28 9.58
CA HIS E 20 17.79 -32.50 8.35
C HIS E 20 16.78 -32.70 7.22
N MET E 21 16.28 -31.58 6.70
CA MET E 21 15.37 -31.57 5.58
C MET E 21 15.72 -30.35 4.73
N VAL E 22 15.98 -30.58 3.45
CA VAL E 22 16.33 -29.51 2.53
C VAL E 22 15.07 -29.05 1.82
N TYR E 23 15.00 -27.76 1.55
CA TYR E 23 13.80 -27.13 1.03
C TYR E 23 14.05 -26.75 -0.42
N LEU E 24 13.06 -26.98 -1.28
CA LEU E 24 13.23 -26.73 -2.71
C LEU E 24 12.02 -25.93 -3.16
N ARG E 25 12.23 -24.66 -3.49
CA ARG E 25 11.11 -23.78 -3.79
C ARG E 25 11.45 -22.88 -4.97
N TYR E 26 10.40 -22.37 -5.58
CA TYR E 26 10.48 -21.47 -6.74
C TYR E 26 10.41 -20.03 -6.25
N PHE E 27 11.13 -19.15 -6.94
CA PHE E 27 11.14 -17.73 -6.56
C PHE E 27 11.46 -16.90 -7.80
N LYS E 28 10.42 -16.28 -8.37
CA LYS E 28 10.55 -15.28 -9.44
C LYS E 28 11.44 -15.80 -10.57
N GLY E 29 11.06 -16.95 -11.11
CA GLY E 29 11.77 -17.52 -12.23
C GLY E 29 13.00 -18.32 -11.85
N LEU E 30 13.24 -18.54 -10.57
CA LEU E 30 14.42 -19.27 -10.11
C LEU E 30 14.01 -20.46 -9.25
N ILE E 31 14.98 -21.33 -9.01
CA ILE E 31 14.83 -22.48 -8.14
C ILE E 31 15.79 -22.30 -6.96
N LEU E 32 15.28 -22.48 -5.75
CA LEU E 32 16.02 -22.20 -4.52
C LEU E 32 16.07 -23.44 -3.65
N SER E 33 17.18 -23.62 -2.94
CA SER E 33 17.38 -24.84 -2.15
C SER E 33 18.39 -24.61 -1.02
N ASP E 34 18.15 -25.28 0.12
CA ASP E 34 19.10 -25.23 1.23
C ASP E 34 20.45 -25.85 0.87
N ALA E 35 20.43 -26.96 0.13
CA ALA E 35 21.60 -27.79 -0.07
C ALA E 35 22.02 -27.78 -1.53
N TYR E 36 23.30 -28.04 -1.76
CA TYR E 36 23.82 -28.07 -3.12
C TYR E 36 23.16 -29.17 -3.94
N ALA E 37 23.13 -28.93 -5.25
CA ALA E 37 22.72 -29.92 -6.25
C ALA E 37 23.34 -29.50 -7.57
N PRO E 38 23.65 -30.46 -8.45
CA PRO E 38 24.28 -30.11 -9.73
C PRO E 38 23.40 -29.17 -10.55
N GLY E 39 23.95 -28.00 -10.85
CA GLY E 39 23.24 -26.95 -11.55
C GLY E 39 23.01 -25.72 -10.70
N LEU E 40 22.95 -25.89 -9.38
CA LEU E 40 22.76 -24.78 -8.47
C LEU E 40 24.10 -24.10 -8.18
N LYS E 41 24.02 -22.87 -7.66
CA LYS E 41 25.22 -22.13 -7.27
C LYS E 41 24.87 -21.20 -6.13
N TRP E 42 25.62 -21.29 -5.04
CA TRP E 42 25.38 -20.47 -3.86
C TRP E 42 25.41 -19.00 -4.20
N SER E 43 24.52 -18.22 -3.58
CA SER E 43 24.47 -16.78 -3.74
C SER E 43 24.30 -16.13 -2.38
N ASP E 44 25.28 -15.31 -1.97
CA ASP E 44 25.14 -14.51 -0.76
C ASP E 44 23.92 -13.61 -0.83
N GLU E 45 23.56 -13.15 -2.03
CA GLU E 45 22.43 -12.23 -2.19
C GLU E 45 21.09 -12.93 -1.95
N LEU E 46 20.95 -14.18 -2.41
CA LEU E 46 19.72 -14.93 -2.20
C LEU E 46 19.74 -15.83 -0.97
N LYS E 47 20.91 -16.07 -0.38
CA LYS E 47 21.05 -16.88 0.82
C LYS E 47 20.58 -18.32 0.56
N ALA E 48 21.06 -18.90 -0.54
CA ALA E 48 20.71 -20.25 -0.94
C ALA E 48 21.50 -20.67 -2.17
N TYR E 49 21.57 -21.98 -2.39
CA TYR E 49 22.07 -22.53 -3.64
C TYR E 49 20.96 -22.40 -4.67
N SER E 50 21.26 -21.82 -5.84
CA SER E 50 20.17 -21.48 -6.74
C SER E 50 20.66 -21.43 -8.19
N ALA E 51 19.71 -21.58 -9.10
CA ALA E 51 19.88 -21.39 -10.54
C ALA E 51 18.54 -20.94 -11.12
N LEU E 52 18.46 -20.85 -12.44
CA LEU E 52 17.18 -20.54 -13.06
C LEU E 52 16.21 -21.69 -12.88
N ALA E 53 14.92 -21.38 -12.97
CA ALA E 53 13.88 -22.33 -12.57
C ALA E 53 13.92 -23.61 -13.39
N PHE E 54 14.29 -23.54 -14.68
CA PHE E 54 14.15 -24.70 -15.56
C PHE E 54 14.97 -25.90 -15.11
N LYS E 55 16.01 -25.69 -14.28
CA LYS E 55 16.74 -26.86 -13.78
C LYS E 55 15.95 -27.67 -12.76
N TYR E 56 14.68 -27.31 -12.55
CA TYR E 56 13.84 -27.97 -11.56
C TYR E 56 13.78 -29.48 -11.76
N ARG E 57 13.54 -29.93 -13.00
CA ARG E 57 13.34 -31.37 -13.23
C ARG E 57 14.56 -32.18 -12.83
N ASP E 58 15.74 -31.78 -13.29
CA ASP E 58 16.93 -32.60 -13.04
C ASP E 58 17.36 -32.53 -11.58
N VAL E 59 17.06 -31.42 -10.90
CA VAL E 59 17.42 -31.31 -9.49
C VAL E 59 16.53 -32.19 -8.62
N ARG E 60 15.25 -32.30 -8.95
CA ARG E 60 14.37 -33.18 -8.18
C ARG E 60 14.88 -34.62 -8.20
N LYS E 61 15.20 -35.15 -9.39
CA LYS E 61 15.60 -36.54 -9.47
C LYS E 61 16.91 -36.79 -8.73
N TYR E 62 17.84 -35.82 -8.79
CA TYR E 62 19.06 -35.90 -8.00
C TYR E 62 18.77 -36.17 -6.53
N PHE E 63 18.04 -35.26 -5.88
CA PHE E 63 17.65 -35.48 -4.50
C PHE E 63 16.92 -36.81 -4.33
N LEU E 64 16.06 -37.15 -5.30
CA LEU E 64 15.36 -38.43 -5.23
C LEU E 64 16.32 -39.60 -5.38
N GLU E 65 17.27 -39.51 -6.31
CA GLU E 65 18.25 -40.58 -6.47
C GLU E 65 19.16 -40.67 -5.25
N LYS E 66 19.64 -39.53 -4.75
CA LYS E 66 20.43 -39.51 -3.53
C LYS E 66 19.59 -39.69 -2.27
N GLU E 67 18.29 -39.93 -2.42
CA GLU E 67 17.39 -40.21 -1.30
C GLU E 67 17.48 -39.13 -0.23
N ILE E 68 17.27 -37.89 -0.65
CA ILE E 68 17.32 -36.73 0.22
C ILE E 68 15.89 -36.20 0.37
N GLU E 69 15.34 -36.35 1.58
CA GLU E 69 13.98 -35.92 1.85
C GLU E 69 13.87 -34.40 1.74
N VAL E 70 12.99 -33.93 0.86
CA VAL E 70 12.83 -32.51 0.58
C VAL E 70 11.43 -32.07 0.98
N GLU E 71 11.30 -30.77 1.26
CA GLU E 71 10.01 -30.09 1.44
C GLU E 71 9.82 -29.21 0.21
N GLU E 72 9.24 -29.81 -0.84
CA GLU E 72 9.15 -29.19 -2.16
C GLU E 72 7.90 -28.33 -2.29
N ASN E 73 8.08 -27.06 -2.65
CA ASN E 73 7.00 -26.17 -3.07
C ASN E 73 7.53 -25.38 -4.26
N VAL E 74 7.36 -25.94 -5.45
CA VAL E 74 7.90 -25.30 -6.64
C VAL E 74 6.75 -25.02 -7.58
N ILE E 75 6.02 -26.08 -7.95
CA ILE E 75 4.96 -26.00 -8.94
C ILE E 75 3.63 -25.87 -8.22
N ASP E 76 2.97 -24.74 -8.43
CA ASP E 76 1.60 -24.52 -7.95
C ASP E 76 0.71 -24.52 -9.20
N SER E 77 0.31 -25.71 -9.63
CA SER E 77 -0.35 -25.89 -10.91
C SER E 77 -1.74 -25.22 -10.92
N LEU E 78 -2.18 -24.84 -12.11
CA LEU E 78 -3.57 -24.51 -12.33
C LEU E 78 -4.36 -25.80 -12.57
N PRO E 79 -5.65 -25.81 -12.26
CA PRO E 79 -6.43 -27.05 -12.38
C PRO E 79 -6.63 -27.46 -13.83
N PHE E 80 -6.28 -28.70 -14.14
CA PHE E 80 -6.49 -29.23 -15.48
C PHE E 80 -7.98 -29.45 -15.72
N PRO E 81 -8.57 -28.85 -16.75
CA PRO E 81 -10.03 -28.88 -16.90
C PRO E 81 -10.54 -30.22 -17.39
N LEU E 82 -11.87 -30.35 -17.34
CA LEU E 82 -12.55 -31.51 -17.93
C LEU E 82 -12.53 -31.37 -19.45
N ILE E 83 -12.06 -32.41 -20.14
CA ILE E 83 -11.99 -32.39 -21.59
C ILE E 83 -12.61 -33.65 -22.15
N LYS E 84 -12.89 -33.62 -23.45
CA LYS E 84 -13.32 -34.80 -24.20
C LYS E 84 -12.41 -34.95 -25.41
N ASP E 85 -11.70 -36.08 -25.46
CA ASP E 85 -10.68 -36.32 -26.48
C ASP E 85 -11.37 -36.71 -27.78
N LYS E 86 -11.49 -35.74 -28.70
CA LYS E 86 -12.07 -35.97 -30.01
C LYS E 86 -11.00 -36.20 -31.08
N ILE E 87 -9.88 -36.81 -30.70
CA ILE E 87 -8.71 -36.91 -31.57
C ILE E 87 -8.42 -38.38 -31.86
N GLU E 88 -8.36 -38.72 -33.14
CA GLU E 88 -7.91 -40.02 -33.62
C GLU E 88 -6.75 -39.78 -34.58
N LEU E 89 -5.53 -40.00 -34.11
CA LEU E 89 -4.37 -39.66 -34.91
C LEU E 89 -4.15 -40.71 -36.00
N ARG E 90 -3.32 -40.35 -36.97
CA ARG E 90 -2.93 -41.29 -38.01
C ARG E 90 -1.84 -42.21 -37.45
N ASP E 91 -1.25 -43.06 -38.30
CA ASP E 91 -0.18 -43.94 -37.85
C ASP E 91 1.03 -43.14 -37.38
N TYR E 92 1.64 -42.38 -38.30
CA TYR E 92 2.85 -41.63 -37.96
C TYR E 92 2.57 -40.59 -36.89
N GLN E 93 1.38 -39.99 -36.90
CA GLN E 93 1.01 -39.04 -35.85
C GLN E 93 0.99 -39.72 -34.49
N ALA E 94 0.31 -40.87 -34.39
CA ALA E 94 0.29 -41.60 -33.13
C ALA E 94 1.63 -42.23 -32.84
N GLU E 95 2.37 -42.60 -33.87
CA GLU E 95 3.75 -43.04 -33.70
C GLU E 95 4.60 -41.89 -33.17
N ALA E 96 4.25 -40.65 -33.53
CA ALA E 96 4.98 -39.48 -33.07
C ALA E 96 4.81 -39.23 -31.58
N VAL E 97 3.59 -39.37 -31.08
CA VAL E 97 3.31 -39.10 -29.68
C VAL E 97 4.11 -40.05 -28.79
N LYS E 98 4.07 -41.34 -29.09
CA LYS E 98 4.77 -42.33 -28.27
C LYS E 98 6.28 -42.10 -28.26
N ALA E 99 6.81 -41.45 -29.29
CA ALA E 99 8.22 -41.07 -29.25
C ALA E 99 8.45 -40.00 -28.18
N TRP E 100 7.54 -39.03 -28.08
CA TRP E 100 7.67 -37.99 -27.06
C TRP E 100 7.44 -38.55 -25.66
N LEU E 101 6.53 -39.52 -25.53
CA LEU E 101 6.08 -39.96 -24.21
C LEU E 101 7.19 -40.66 -23.41
N LYS E 102 8.17 -41.27 -24.10
CA LYS E 102 9.22 -41.98 -23.38
C LYS E 102 9.99 -41.05 -22.45
N GLU E 103 10.25 -39.82 -22.90
CA GLU E 103 10.95 -38.86 -22.06
C GLU E 103 10.07 -37.69 -21.62
N LYS E 104 8.95 -37.45 -22.29
CA LYS E 104 8.08 -36.31 -21.99
C LYS E 104 8.91 -35.03 -22.07
N ARG E 105 9.75 -34.97 -23.09
CA ARG E 105 10.70 -33.90 -23.29
C ARG E 105 11.26 -34.06 -24.71
N GLY E 106 11.33 -32.99 -25.49
CA GLY E 106 11.90 -33.05 -26.81
C GLY E 106 11.06 -32.34 -27.84
N ILE E 107 11.61 -32.30 -29.05
CA ILE E 107 11.03 -31.59 -30.18
C ILE E 107 10.51 -32.60 -31.20
N ILE E 108 9.21 -32.54 -31.50
CA ILE E 108 8.62 -33.23 -32.64
C ILE E 108 8.73 -32.34 -33.87
N VAL E 109 9.08 -32.94 -35.01
CA VAL E 109 9.34 -32.19 -36.23
C VAL E 109 8.56 -32.82 -37.37
N LEU E 110 7.63 -32.07 -37.94
CA LEU E 110 6.83 -32.51 -39.08
C LEU E 110 6.59 -31.33 -39.99
N PRO E 111 6.36 -31.58 -41.29
CA PRO E 111 6.05 -30.50 -42.22
C PRO E 111 4.63 -29.98 -42.03
N THR E 112 4.35 -28.87 -42.71
CA THR E 112 3.05 -28.23 -42.61
C THR E 112 1.94 -29.18 -43.04
N GLY E 113 0.85 -29.19 -42.29
CA GLY E 113 -0.29 -30.03 -42.59
C GLY E 113 -0.27 -31.41 -41.96
N ALA E 114 0.90 -31.89 -41.54
CA ALA E 114 1.02 -33.23 -40.97
C ALA E 114 0.28 -33.42 -39.67
N GLY E 115 -0.28 -32.36 -39.09
CA GLY E 115 -1.08 -32.46 -37.89
C GLY E 115 -0.30 -32.22 -36.62
N LYS E 116 0.68 -31.32 -36.66
CA LYS E 116 1.49 -30.99 -35.49
C LYS E 116 0.62 -30.54 -34.32
N THR E 117 -0.45 -29.80 -34.61
CA THR E 117 -1.39 -29.40 -33.56
C THR E 117 -2.08 -30.61 -32.96
N GLN E 118 -2.63 -31.49 -33.80
CA GLN E 118 -3.32 -32.67 -33.31
C GLN E 118 -2.38 -33.55 -32.49
N VAL E 119 -1.15 -33.75 -32.96
CA VAL E 119 -0.16 -34.50 -32.19
C VAL E 119 0.03 -33.85 -30.83
N ALA E 120 0.12 -32.52 -30.80
CA ALA E 120 0.32 -31.81 -29.54
C ALA E 120 -0.89 -31.92 -28.64
N LEU E 121 -2.10 -31.73 -29.20
CA LEU E 121 -3.31 -31.78 -28.40
C LEU E 121 -3.61 -33.18 -27.88
N LYS E 122 -3.09 -34.22 -28.54
CA LYS E 122 -3.21 -35.57 -27.99
C LYS E 122 -2.31 -35.73 -26.76
N ILE E 123 -1.06 -35.24 -26.85
CA ILE E 123 -0.18 -35.21 -25.69
C ILE E 123 -0.84 -34.46 -24.54
N VAL E 124 -1.48 -33.33 -24.84
CA VAL E 124 -2.26 -32.62 -23.83
C VAL E 124 -3.27 -33.57 -23.19
N SER E 125 -4.03 -34.29 -24.03
CA SER E 125 -5.03 -35.22 -23.51
C SER E 125 -4.40 -36.37 -22.73
N ILE E 126 -3.21 -36.82 -23.12
CA ILE E 126 -2.56 -37.91 -22.40
C ILE E 126 -2.07 -37.44 -21.04
N MET E 127 -1.27 -36.35 -21.03
CA MET E 127 -0.63 -35.92 -19.79
C MET E 127 -1.65 -35.55 -18.73
N LYS E 128 -2.74 -34.90 -19.13
CA LYS E 128 -3.78 -34.45 -18.20
C LYS E 128 -3.18 -33.52 -17.15
N VAL E 129 -2.39 -32.56 -17.62
CA VAL E 129 -1.77 -31.55 -16.77
C VAL E 129 -1.99 -30.18 -17.40
N ALA E 130 -1.94 -29.15 -16.54
CA ALA E 130 -2.03 -27.78 -17.01
C ALA E 130 -0.98 -27.51 -18.08
N THR E 131 -1.37 -26.80 -19.12
CA THR E 131 -0.53 -26.63 -20.30
C THR E 131 -0.50 -25.17 -20.73
N LEU E 132 0.69 -24.68 -21.05
CA LEU E 132 0.84 -23.40 -21.70
C LEU E 132 1.30 -23.64 -23.13
N ILE E 133 0.63 -23.02 -24.08
CA ILE E 133 0.92 -23.21 -25.49
C ILE E 133 1.40 -21.86 -26.02
N VAL E 134 2.66 -21.81 -26.44
CA VAL E 134 3.35 -20.56 -26.71
C VAL E 134 3.55 -20.45 -28.22
N VAL E 135 3.10 -19.34 -28.80
CA VAL E 135 3.15 -19.15 -30.25
C VAL E 135 3.73 -17.77 -30.59
N PRO E 136 4.46 -17.64 -31.71
CA PRO E 136 5.10 -16.35 -32.00
C PRO E 136 4.11 -15.27 -32.41
N THR E 137 3.11 -15.59 -33.23
CA THR E 137 2.25 -14.59 -33.85
C THR E 137 0.80 -14.73 -33.39
N ILE E 138 -0.01 -13.73 -33.75
CA ILE E 138 -1.41 -13.70 -33.37
C ILE E 138 -2.27 -14.59 -34.26
N ASP E 139 -1.95 -14.67 -35.55
CA ASP E 139 -2.66 -15.61 -36.40
C ASP E 139 -2.65 -17.01 -35.80
N LEU E 140 -1.59 -17.36 -35.08
CA LEU E 140 -1.49 -18.67 -34.47
C LEU E 140 -2.31 -18.79 -33.17
N ILE E 141 -2.45 -17.71 -32.39
CA ILE E 141 -3.36 -17.80 -31.23
C ILE E 141 -4.79 -18.08 -31.72
N THR E 142 -5.20 -17.39 -32.78
CA THR E 142 -6.53 -17.63 -33.35
C THR E 142 -6.69 -19.08 -33.77
N GLN E 143 -5.73 -19.60 -34.54
CA GLN E 143 -5.78 -20.99 -34.98
C GLN E 143 -5.83 -21.95 -33.79
N TRP E 144 -4.94 -21.75 -32.82
CA TRP E 144 -4.84 -22.70 -31.71
C TRP E 144 -6.11 -22.71 -30.86
N LYS E 145 -6.65 -21.53 -30.55
CA LYS E 145 -7.85 -21.45 -29.72
C LYS E 145 -9.00 -22.26 -30.32
N GLU E 146 -9.28 -22.05 -31.61
CA GLU E 146 -10.34 -22.78 -32.29
C GLU E 146 -10.11 -24.29 -32.21
N ARG E 147 -8.91 -24.73 -32.58
CA ARG E 147 -8.62 -26.16 -32.61
C ARG E 147 -8.67 -26.79 -31.22
N ILE E 148 -8.44 -26.01 -30.16
CA ILE E 148 -8.60 -26.52 -28.81
C ILE E 148 -10.08 -26.67 -28.45
N ASN E 149 -10.94 -25.82 -29.03
CA ASN E 149 -12.38 -26.00 -28.86
C ASN E 149 -12.88 -27.18 -29.69
N LYS E 150 -12.36 -27.34 -30.91
CA LYS E 150 -12.87 -28.40 -31.79
C LYS E 150 -12.41 -29.78 -31.32
N TYR E 151 -11.14 -29.91 -30.93
CA TYR E 151 -10.56 -31.22 -30.67
C TYR E 151 -10.56 -31.62 -29.20
N LEU E 152 -10.74 -30.68 -28.28
CA LEU E 152 -10.80 -31.00 -26.86
C LEU E 152 -12.04 -30.45 -26.17
N ASP E 153 -12.85 -29.65 -26.86
CA ASP E 153 -14.09 -29.09 -26.33
C ASP E 153 -13.85 -28.28 -25.05
N PHE E 154 -12.84 -27.42 -25.10
CA PHE E 154 -12.53 -26.53 -24.00
C PHE E 154 -12.05 -25.21 -24.57
N ASP E 155 -12.60 -24.12 -24.05
CA ASP E 155 -12.22 -22.79 -24.51
C ASP E 155 -11.05 -22.31 -23.67
N PRO E 156 -9.85 -22.21 -24.22
CA PRO E 156 -8.68 -21.89 -23.40
C PRO E 156 -8.59 -20.42 -23.07
N GLY E 157 -7.91 -20.14 -21.95
CA GLY E 157 -7.55 -18.78 -21.64
C GLY E 157 -6.56 -18.23 -22.65
N ILE E 158 -6.57 -16.91 -22.78
CA ILE E 158 -5.77 -16.22 -23.80
C ILE E 158 -4.95 -15.12 -23.13
N ILE E 159 -3.68 -15.06 -23.50
CA ILE E 159 -2.79 -13.98 -23.08
C ILE E 159 -2.18 -13.42 -24.36
N GLY E 160 -2.82 -12.39 -24.91
CA GLY E 160 -2.42 -11.85 -26.19
C GLY E 160 -3.61 -11.47 -27.03
N GLY E 161 -3.39 -10.71 -28.10
CA GLY E 161 -4.50 -10.23 -28.91
C GLY E 161 -5.40 -9.27 -28.19
N GLY E 162 -4.91 -8.61 -27.13
CA GLY E 162 -5.73 -7.76 -26.31
C GLY E 162 -6.47 -8.48 -25.21
N GLU E 163 -6.33 -9.79 -25.10
CA GLU E 163 -7.06 -10.61 -24.16
C GLU E 163 -6.15 -11.03 -23.03
N ASP E 164 -6.66 -10.96 -21.80
CA ASP E 164 -5.93 -11.39 -20.60
C ASP E 164 -6.87 -12.28 -19.81
N SER E 165 -6.81 -13.58 -20.10
CA SER E 165 -7.53 -14.59 -19.34
C SER E 165 -6.58 -15.75 -19.07
N LEU E 166 -6.62 -16.26 -17.84
CA LEU E 166 -5.69 -17.30 -17.39
C LEU E 166 -6.50 -18.53 -16.98
N LYS E 167 -6.33 -19.63 -17.71
CA LYS E 167 -7.08 -20.87 -17.48
C LYS E 167 -6.13 -22.06 -17.47
N GLY E 168 -6.68 -23.24 -17.10
CA GLY E 168 -5.88 -24.45 -17.02
C GLY E 168 -5.14 -24.77 -18.31
N ILE E 169 -5.65 -24.33 -19.45
CA ILE E 169 -4.95 -24.40 -20.72
C ILE E 169 -4.96 -23.01 -21.33
N THR E 170 -3.79 -22.53 -21.73
CA THR E 170 -3.64 -21.15 -22.15
C THR E 170 -2.78 -21.05 -23.38
N VAL E 171 -3.23 -20.26 -24.35
CA VAL E 171 -2.43 -19.91 -25.52
C VAL E 171 -1.84 -18.52 -25.28
N ILE E 172 -0.58 -18.35 -25.64
CA ILE E 172 0.16 -17.15 -25.26
C ILE E 172 1.22 -16.88 -26.32
N THR E 173 1.59 -15.60 -26.47
CA THR E 173 2.66 -15.21 -27.36
C THR E 173 4.01 -15.38 -26.65
N TYR E 174 5.08 -15.46 -27.45
CA TYR E 174 6.42 -15.50 -26.85
C TYR E 174 6.72 -14.24 -26.06
N ASP E 175 6.21 -13.09 -26.50
CA ASP E 175 6.53 -11.84 -25.86
C ASP E 175 5.80 -11.72 -24.52
N SER E 176 4.49 -11.93 -24.51
CA SER E 176 3.76 -11.94 -23.25
C SER E 176 4.31 -13.02 -22.31
N ALA E 177 4.65 -14.19 -22.84
CA ALA E 177 5.31 -15.21 -22.04
C ALA E 177 6.59 -14.68 -21.40
N TYR E 178 7.43 -14.01 -22.19
CA TYR E 178 8.70 -13.51 -21.67
C TYR E 178 8.50 -12.37 -20.67
N THR E 179 7.51 -11.51 -20.93
CA THR E 179 7.22 -10.41 -20.00
C THR E 179 6.72 -10.94 -18.65
N ARG E 180 5.94 -12.01 -18.67
CA ARG E 180 5.29 -12.53 -17.48
C ARG E 180 5.91 -13.84 -17.00
N ALA E 181 7.13 -14.16 -17.47
CA ALA E 181 7.76 -15.44 -17.16
C ALA E 181 7.87 -15.64 -15.66
N GLU E 182 8.39 -14.63 -14.96
CA GLU E 182 8.48 -14.70 -13.50
C GLU E 182 7.11 -14.98 -12.90
N GLU E 183 6.08 -14.37 -13.46
CA GLU E 183 4.72 -14.56 -12.96
C GLU E 183 4.20 -15.97 -13.23
N LEU E 184 4.47 -16.51 -14.41
CA LEU E 184 3.87 -17.76 -14.85
C LEU E 184 4.84 -18.94 -14.86
N GLY E 185 6.03 -18.78 -14.28
CA GLY E 185 7.06 -19.80 -14.44
C GLY E 185 6.70 -21.13 -13.82
N ASN E 186 5.99 -21.10 -12.68
CA ASN E 186 5.72 -22.31 -11.91
C ASN E 186 4.27 -22.78 -12.00
N LYS E 187 3.54 -22.38 -13.04
CA LYS E 187 2.11 -22.62 -13.10
C LYS E 187 1.68 -23.72 -14.06
N PHE E 188 2.50 -24.05 -15.07
CA PHE E 188 2.12 -25.07 -16.04
C PHE E 188 3.17 -26.18 -16.11
N PRO E 189 2.82 -27.41 -15.73
CA PRO E 189 3.81 -28.51 -15.86
C PRO E 189 4.17 -28.83 -17.29
N LEU E 190 3.20 -28.80 -18.19
CA LEU E 190 3.48 -29.03 -19.61
C LEU E 190 3.70 -27.68 -20.28
N LEU E 191 4.60 -27.66 -21.25
CA LEU E 191 5.01 -26.43 -21.89
C LEU E 191 5.23 -26.73 -23.36
N ILE E 192 4.35 -26.19 -24.21
CA ILE E 192 4.40 -26.42 -25.64
C ILE E 192 4.94 -25.16 -26.32
N PHE E 193 5.87 -25.34 -27.25
CA PHE E 193 6.47 -24.26 -28.02
C PHE E 193 6.16 -24.51 -29.49
N ASP E 194 5.00 -24.04 -29.93
CA ASP E 194 4.72 -24.06 -31.37
C ASP E 194 5.71 -23.15 -32.07
N GLU E 195 6.12 -23.55 -33.27
CA GLU E 195 6.99 -22.73 -34.11
C GLU E 195 8.33 -22.52 -33.41
N VAL E 196 8.90 -23.61 -32.89
CA VAL E 196 9.92 -23.53 -31.85
C VAL E 196 11.23 -22.92 -32.35
N HIS E 197 11.44 -22.81 -33.66
CA HIS E 197 12.71 -22.29 -34.16
C HIS E 197 13.01 -20.88 -33.66
N HIS E 198 12.01 -20.14 -33.18
CA HIS E 198 12.24 -18.81 -32.62
C HIS E 198 12.89 -18.85 -31.24
N LEU E 199 12.81 -19.98 -30.54
CA LEU E 199 13.18 -20.05 -29.13
C LEU E 199 14.66 -19.82 -28.83
N PRO E 200 15.60 -20.29 -29.65
CA PRO E 200 17.03 -20.05 -29.34
C PRO E 200 17.45 -18.59 -29.40
N SER E 201 16.59 -17.69 -29.90
CA SER E 201 16.91 -16.27 -29.92
C SER E 201 17.33 -15.79 -28.54
N GLU E 202 18.30 -14.86 -28.51
CA GLU E 202 18.92 -14.44 -27.26
C GLU E 202 17.89 -14.05 -26.21
N GLY E 203 16.78 -13.44 -26.62
CA GLY E 203 15.76 -13.00 -25.69
C GLY E 203 14.89 -14.12 -25.18
N TYR E 204 14.36 -14.94 -26.09
CA TYR E 204 13.48 -16.03 -25.71
C TYR E 204 14.24 -17.16 -25.03
N SER E 205 15.56 -17.22 -25.22
CA SER E 205 16.41 -18.13 -24.43
C SER E 205 16.13 -17.99 -22.95
N ILE E 206 16.10 -16.76 -22.45
CA ILE E 206 15.85 -16.53 -21.03
C ILE E 206 14.42 -16.92 -20.67
N MET E 207 13.46 -16.60 -21.55
CA MET E 207 12.07 -16.99 -21.30
C MET E 207 11.94 -18.48 -21.06
N ALA E 208 12.58 -19.30 -21.90
CA ALA E 208 12.51 -20.75 -21.72
C ALA E 208 13.01 -21.17 -20.34
N GLN E 209 14.16 -20.64 -19.93
CA GLN E 209 14.78 -21.05 -18.68
C GLN E 209 13.99 -20.59 -17.45
N LEU E 210 13.16 -19.55 -17.58
CA LEU E 210 12.45 -19.04 -16.43
C LEU E 210 11.28 -19.91 -16.01
N PHE E 211 10.80 -20.79 -16.88
CA PHE E 211 9.71 -21.69 -16.52
C PHE E 211 10.26 -22.93 -15.84
N ALA E 212 9.57 -23.35 -14.78
CA ALA E 212 9.90 -24.56 -14.05
C ALA E 212 9.38 -25.82 -14.71
N SER E 213 8.62 -25.68 -15.80
CA SER E 213 7.89 -26.77 -16.42
C SER E 213 8.80 -27.98 -16.62
N PRO E 214 8.43 -29.14 -16.07
CA PRO E 214 9.24 -30.35 -16.31
C PRO E 214 9.04 -30.90 -17.71
N TYR E 215 7.80 -30.95 -18.16
CA TYR E 215 7.43 -31.53 -19.43
C TYR E 215 7.45 -30.44 -20.50
N ARG E 216 8.27 -30.65 -21.52
CA ARG E 216 8.59 -29.61 -22.50
C ARG E 216 8.41 -30.18 -23.91
N LEU E 217 7.56 -29.54 -24.71
CA LEU E 217 7.32 -29.95 -26.09
C LEU E 217 7.74 -28.87 -27.06
N GLY E 218 8.36 -29.29 -28.16
CA GLY E 218 8.72 -28.37 -29.23
C GLY E 218 8.18 -28.87 -30.56
N LEU E 219 7.69 -27.94 -31.37
CA LEU E 219 7.08 -28.23 -32.66
C LEU E 219 7.65 -27.29 -33.70
N THR E 220 8.06 -27.83 -34.85
CA THR E 220 8.68 -27.01 -35.89
C THR E 220 8.69 -27.74 -37.23
N ALA E 221 8.58 -26.96 -38.30
CA ALA E 221 8.80 -27.48 -39.65
C ALA E 221 10.22 -27.26 -40.14
N THR E 222 10.91 -26.23 -39.64
CA THR E 222 12.28 -25.90 -40.04
C THR E 222 13.17 -25.83 -38.80
N PRO E 223 13.48 -26.98 -38.19
CA PRO E 223 14.22 -26.96 -36.93
C PRO E 223 15.56 -26.28 -37.03
N GLU E 224 16.17 -26.30 -38.21
CA GLU E 224 17.52 -25.77 -38.36
C GLU E 224 17.45 -24.26 -38.49
N ARG E 225 18.45 -23.59 -37.94
CA ARG E 225 18.41 -22.16 -37.70
C ARG E 225 19.67 -21.54 -38.27
N ASP E 226 19.49 -20.54 -39.14
CA ASP E 226 20.63 -19.94 -39.83
C ASP E 226 21.67 -19.43 -38.84
N ASP E 227 21.23 -18.93 -37.68
CA ASP E 227 22.16 -18.51 -36.63
C ASP E 227 23.01 -19.68 -36.13
N GLY E 228 22.58 -20.92 -36.35
CA GLY E 228 23.22 -22.07 -35.75
C GLY E 228 22.89 -22.30 -34.29
N LYS E 229 22.03 -21.46 -33.71
CA LYS E 229 21.71 -21.48 -32.28
C LYS E 229 20.80 -22.63 -31.88
N HIS E 230 20.34 -23.44 -32.84
CA HIS E 230 19.50 -24.59 -32.54
C HIS E 230 20.24 -25.68 -31.75
N GLU E 231 21.54 -25.52 -31.50
CA GLU E 231 22.24 -26.41 -30.58
C GLU E 231 21.80 -26.22 -29.14
N LEU E 232 20.99 -25.21 -28.86
CA LEU E 232 20.46 -24.98 -27.52
C LEU E 232 19.21 -25.82 -27.24
N TYR E 233 18.71 -26.55 -28.23
CA TYR E 233 17.49 -27.34 -28.06
C TYR E 233 17.50 -28.24 -26.84
N PRO E 234 18.53 -29.05 -26.56
CA PRO E 234 18.49 -29.90 -25.37
C PRO E 234 18.38 -29.12 -24.07
N ILE E 235 18.94 -27.90 -24.03
CA ILE E 235 18.94 -27.11 -22.81
C ILE E 235 17.66 -26.28 -22.63
N LEU E 236 16.87 -26.09 -23.68
CA LEU E 236 15.66 -25.31 -23.61
C LEU E 236 14.39 -26.16 -23.67
N VAL E 237 14.27 -27.03 -24.67
CA VAL E 237 13.16 -27.97 -24.77
C VAL E 237 13.62 -29.41 -24.70
N GLY E 238 14.77 -29.71 -25.28
CA GLY E 238 15.20 -31.08 -25.47
C GLY E 238 15.56 -31.29 -26.92
N PRO E 239 16.13 -32.45 -27.25
CA PRO E 239 16.49 -32.71 -28.66
C PRO E 239 15.25 -33.07 -29.46
N ILE E 240 15.45 -33.19 -30.76
CA ILE E 240 14.38 -33.70 -31.61
C ILE E 240 14.18 -35.17 -31.30
N VAL E 241 12.93 -35.57 -31.09
CA VAL E 241 12.62 -36.94 -30.75
C VAL E 241 11.99 -37.73 -31.89
N TYR E 242 11.41 -37.06 -32.89
CA TYR E 242 10.94 -37.78 -34.07
C TYR E 242 10.69 -36.81 -35.22
N ARG E 243 11.40 -37.06 -36.32
CA ARG E 243 11.40 -36.27 -37.55
C ARG E 243 11.28 -37.15 -38.79
N LYS E 244 10.12 -37.12 -39.44
CA LYS E 244 10.02 -37.56 -40.84
C LYS E 244 9.70 -36.37 -41.73
N SER E 245 10.40 -36.30 -42.86
CA SER E 245 10.20 -35.28 -43.88
C SER E 245 9.10 -35.70 -44.84
N VAL E 246 8.74 -34.76 -45.72
CA VAL E 246 7.72 -35.06 -46.73
C VAL E 246 8.11 -36.29 -47.52
N GLU E 247 9.40 -36.44 -47.80
CA GLU E 247 9.88 -37.58 -48.57
C GLU E 247 9.86 -38.86 -47.73
N GLU E 248 10.13 -38.76 -46.44
CA GLU E 248 10.01 -39.92 -45.56
C GLU E 248 8.56 -40.35 -45.39
N LEU E 249 7.63 -39.42 -45.57
CA LEU E 249 6.19 -39.68 -45.49
C LEU E 249 5.60 -40.06 -46.85
N ALA E 250 6.14 -39.49 -47.94
CA ALA E 250 5.80 -39.88 -49.30
C ALA E 250 4.31 -39.70 -49.61
N GLY E 251 3.80 -38.50 -49.30
CA GLY E 251 2.44 -38.14 -49.66
C GLY E 251 1.36 -39.00 -49.07
N LYS E 252 1.55 -39.52 -47.86
CA LYS E 252 0.48 -40.19 -47.13
C LYS E 252 -0.19 -39.26 -46.12
N TYR E 253 -0.27 -37.96 -46.45
CA TYR E 253 -0.92 -36.97 -45.62
C TYR E 253 -1.45 -35.86 -46.51
N ILE E 254 -2.38 -35.05 -45.96
CA ILE E 254 -3.10 -34.04 -46.73
C ILE E 254 -2.14 -33.09 -47.43
N ALA E 255 -2.31 -32.93 -48.75
CA ALA E 255 -1.37 -32.21 -49.58
C ALA E 255 -1.79 -30.75 -49.78
N LYS E 256 -1.16 -30.08 -50.75
CA LYS E 256 -1.23 -28.64 -50.87
C LYS E 256 -2.61 -28.17 -51.30
N TYR E 257 -2.95 -26.96 -50.85
CA TYR E 257 -4.17 -26.28 -51.26
C TYR E 257 -4.02 -25.70 -52.67
N LYS E 258 -5.05 -25.90 -53.49
CA LYS E 258 -5.01 -25.48 -54.89
C LYS E 258 -5.32 -23.99 -55.00
N ILE E 259 -4.40 -23.24 -55.62
CA ILE E 259 -4.59 -21.81 -55.90
C ILE E 259 -5.09 -21.67 -57.34
N LYS E 260 -6.04 -20.75 -57.55
CA LYS E 260 -6.66 -20.55 -58.85
C LYS E 260 -6.82 -19.06 -59.13
N LYS E 261 -6.67 -18.69 -60.40
CA LYS E 261 -6.66 -17.29 -60.83
C LYS E 261 -7.76 -17.07 -61.86
N LEU E 262 -8.91 -16.59 -61.42
CA LEU E 262 -10.04 -16.32 -62.31
C LEU E 262 -9.91 -14.92 -62.88
N TYR E 263 -10.25 -14.75 -64.15
CA TYR E 263 -10.13 -13.49 -64.84
C TYR E 263 -11.48 -13.06 -65.40
N VAL E 264 -11.84 -11.80 -65.19
CA VAL E 264 -13.10 -11.25 -65.66
C VAL E 264 -12.84 -9.98 -66.45
N SER E 265 -13.57 -9.79 -67.54
CA SER E 265 -13.42 -8.63 -68.39
C SER E 265 -14.34 -7.52 -67.91
N LEU E 266 -13.95 -6.28 -68.19
CA LEU E 266 -14.70 -5.12 -67.72
C LEU E 266 -16.12 -5.14 -68.26
N THR E 267 -16.98 -4.36 -67.60
CA THR E 267 -18.34 -4.17 -68.08
C THR E 267 -18.32 -3.40 -69.39
N ASN E 268 -19.37 -3.60 -70.19
CA ASN E 268 -19.54 -2.81 -71.40
C ASN E 268 -19.55 -1.32 -71.09
N GLU E 269 -20.37 -0.92 -70.11
CA GLU E 269 -20.42 0.49 -69.73
C GLU E 269 -19.13 0.94 -69.05
N GLU E 270 -18.49 0.05 -68.30
CA GLU E 270 -17.20 0.37 -67.68
C GLU E 270 -16.10 0.55 -68.72
N LYS E 271 -15.85 -0.48 -69.52
CA LYS E 271 -14.81 -0.50 -70.56
C LYS E 271 -14.75 0.81 -71.34
N LYS E 272 -15.92 1.37 -71.65
CA LYS E 272 -15.97 2.67 -72.32
C LYS E 272 -15.28 3.75 -71.50
N ARG E 273 -15.80 4.00 -70.29
CA ARG E 273 -15.22 5.04 -69.42
C ARG E 273 -13.80 4.71 -69.01
N TYR E 274 -13.48 3.42 -68.85
CA TYR E 274 -12.12 3.01 -68.53
C TYR E 274 -11.13 3.54 -69.57
N ASP E 275 -11.44 3.36 -70.84
CA ASP E 275 -10.54 3.80 -71.91
C ASP E 275 -10.56 5.32 -72.05
N GLY E 276 -11.74 5.94 -71.92
CA GLY E 276 -11.82 7.39 -72.04
C GLY E 276 -10.89 8.11 -71.08
N LEU E 277 -10.98 7.78 -69.79
CA LEU E 277 -10.03 8.32 -68.82
C LEU E 277 -8.61 7.88 -69.16
N ARG E 278 -8.44 6.62 -69.59
CA ARG E 278 -7.13 6.11 -69.95
C ARG E 278 -6.56 6.84 -71.17
N LYS E 279 -7.42 7.23 -72.12
CA LYS E 279 -6.96 7.97 -73.29
C LYS E 279 -6.71 9.44 -72.96
N LYS E 280 -7.40 9.98 -71.96
CA LYS E 280 -7.12 11.35 -71.55
C LYS E 280 -5.68 11.50 -71.07
N LEU E 281 -5.11 10.47 -70.46
CA LEU E 281 -3.70 10.48 -70.10
C LEU E 281 -2.80 10.26 -71.32
N LYS E 282 -3.16 9.27 -72.16
CA LYS E 282 -2.38 8.99 -73.37
C LYS E 282 -2.20 10.24 -74.21
N ASP E 283 -3.22 11.11 -74.25
CA ASP E 283 -3.13 12.37 -74.97
C ASP E 283 -2.31 13.40 -74.21
N PHE E 284 -2.47 13.46 -72.88
CA PHE E 284 -1.75 14.44 -72.09
C PHE E 284 -0.29 14.06 -71.90
N LEU E 285 -0.03 12.83 -71.48
CA LEU E 285 1.34 12.40 -71.23
C LEU E 285 2.20 12.54 -72.48
N SER E 286 1.63 12.25 -73.66
CA SER E 286 2.40 12.38 -74.90
C SER E 286 2.60 13.84 -75.26
N SER E 287 1.66 14.72 -74.88
CA SER E 287 1.81 16.14 -75.17
C SER E 287 3.11 16.70 -74.59
N ARG E 288 3.40 16.39 -73.32
CA ARG E 288 4.68 16.72 -72.72
C ARG E 288 5.76 15.69 -73.02
N GLY E 289 5.40 14.60 -73.71
CA GLY E 289 6.31 13.52 -74.03
C GLY E 289 6.97 12.85 -72.84
N LEU E 290 6.15 12.28 -71.96
CA LEU E 290 6.58 11.52 -70.80
C LEU E 290 6.31 10.04 -71.03
N LYS E 291 7.04 9.20 -70.31
CA LYS E 291 6.88 7.76 -70.37
C LYS E 291 6.52 7.22 -69.00
N LEU E 292 5.59 6.26 -68.96
CA LEU E 292 4.98 5.85 -67.70
C LEU E 292 5.66 4.62 -67.11
N GLN E 293 6.33 3.80 -67.94
CA GLN E 293 6.97 2.61 -67.43
C GLN E 293 8.18 2.92 -66.56
N ASN E 294 8.65 4.16 -66.54
CA ASN E 294 9.73 4.56 -65.65
C ASN E 294 9.19 4.93 -64.27
N LEU E 295 9.75 4.30 -63.23
CA LEU E 295 9.33 4.62 -61.87
C LEU E 295 9.68 6.06 -61.52
N ASP E 296 10.84 6.54 -61.99
CA ASP E 296 11.25 7.92 -61.73
C ASP E 296 10.30 8.93 -62.38
N ASP E 297 9.79 8.60 -63.57
CA ASP E 297 8.83 9.49 -64.22
C ASP E 297 7.54 9.61 -63.42
N PHE E 298 7.14 8.55 -62.71
CA PHE E 298 5.93 8.62 -61.91
C PHE E 298 6.08 9.66 -60.81
N HIS E 299 7.25 9.71 -60.17
CA HIS E 299 7.49 10.78 -59.21
C HIS E 299 7.69 12.12 -59.91
N ARG E 300 8.28 12.10 -61.09
CA ARG E 300 8.39 13.31 -61.91
C ARG E 300 7.02 13.93 -62.16
N LEU E 301 6.05 13.10 -62.59
CA LEU E 301 4.70 13.60 -62.79
C LEU E 301 4.09 14.13 -61.49
N VAL E 302 4.38 13.46 -60.36
CA VAL E 302 3.80 13.87 -59.09
C VAL E 302 4.26 15.27 -58.70
N LYS E 303 5.56 15.54 -58.77
CA LYS E 303 6.06 16.87 -58.46
C LYS E 303 5.53 17.90 -59.45
N LEU E 304 5.43 17.51 -60.73
CA LEU E 304 4.85 18.40 -61.73
C LEU E 304 3.40 18.75 -61.42
N ALA E 305 2.61 17.74 -61.00
CA ALA E 305 1.19 17.93 -60.74
C ALA E 305 0.92 18.85 -59.55
N ALA E 306 1.94 19.22 -58.78
CA ALA E 306 1.75 20.14 -57.67
C ALA E 306 1.17 21.47 -58.14
N LYS E 307 1.70 22.01 -59.24
CA LYS E 307 1.30 23.33 -59.73
C LYS E 307 0.46 23.29 -60.99
N ASP E 308 0.69 22.34 -61.89
CA ASP E 308 -0.06 22.25 -63.13
C ASP E 308 -1.42 21.62 -62.89
N LYS E 309 -2.48 22.32 -63.33
CA LYS E 309 -3.84 21.83 -63.17
C LYS E 309 -4.13 20.67 -64.11
N GLU E 310 -3.58 20.70 -65.32
CA GLU E 310 -3.81 19.61 -66.27
C GLU E 310 -2.95 18.39 -65.96
N ALA E 311 -1.81 18.59 -65.30
CA ALA E 311 -0.99 17.46 -64.87
C ALA E 311 -1.63 16.75 -63.69
N ARG E 312 -2.26 17.50 -62.79
CA ARG E 312 -3.00 16.90 -61.68
C ARG E 312 -4.15 16.04 -62.20
N GLU E 313 -4.96 16.59 -63.12
CA GLU E 313 -6.04 15.84 -63.72
C GLU E 313 -5.54 14.57 -64.42
N ALA E 314 -4.35 14.64 -65.02
CA ALA E 314 -3.76 13.49 -65.68
C ALA E 314 -3.63 12.30 -64.73
N LEU E 315 -3.04 12.53 -63.54
CA LEU E 315 -2.88 11.45 -62.58
C LEU E 315 -4.22 11.00 -62.00
N LEU E 316 -5.19 11.91 -61.93
CA LEU E 316 -6.54 11.56 -61.51
C LEU E 316 -7.11 10.45 -62.39
N ALA E 317 -7.03 10.62 -63.71
CA ALA E 317 -7.57 9.62 -64.62
C ALA E 317 -6.83 8.29 -64.48
N TRP E 318 -5.51 8.33 -64.26
CA TRP E 318 -4.76 7.10 -64.04
C TRP E 318 -5.24 6.39 -62.78
N HIS E 319 -5.41 7.14 -61.69
CA HIS E 319 -5.98 6.57 -60.46
C HIS E 319 -7.41 6.09 -60.68
N GLU E 320 -8.23 6.92 -61.31
CA GLU E 320 -9.63 6.56 -61.50
C GLU E 320 -9.80 5.37 -62.43
N SER E 321 -8.93 5.22 -63.43
CA SER E 321 -9.03 4.09 -64.34
C SER E 321 -8.73 2.76 -63.62
N LEU E 322 -7.58 2.68 -62.95
CA LEU E 322 -7.21 1.45 -62.25
C LEU E 322 -8.21 1.12 -61.15
N ASN E 323 -8.80 2.14 -60.51
CA ASN E 323 -9.89 1.90 -59.58
C ASN E 323 -11.05 1.21 -60.27
N ILE E 324 -11.49 1.75 -61.41
CA ILE E 324 -12.59 1.16 -62.17
C ILE E 324 -12.28 -0.27 -62.58
N ALA E 325 -11.00 -0.61 -62.72
CA ALA E 325 -10.64 -1.98 -63.08
C ALA E 325 -10.74 -2.91 -61.88
N VAL E 326 -10.05 -2.56 -60.80
CA VAL E 326 -9.99 -3.42 -59.62
C VAL E 326 -11.38 -3.72 -59.10
N ASN E 327 -12.25 -2.71 -59.05
CA ASN E 327 -13.58 -2.83 -58.48
C ASN E 327 -14.64 -3.04 -59.54
N SER E 328 -14.31 -3.75 -60.62
CA SER E 328 -15.24 -3.98 -61.72
C SER E 328 -16.40 -4.83 -61.26
N GLN E 329 -17.63 -4.40 -61.58
CA GLN E 329 -18.82 -5.13 -61.20
C GLN E 329 -18.88 -6.52 -61.81
N SER E 330 -17.98 -6.85 -62.72
CA SER E 330 -17.94 -8.21 -63.28
C SER E 330 -17.39 -9.20 -62.26
N LYS E 331 -16.35 -8.81 -61.51
CA LYS E 331 -15.85 -9.66 -60.43
C LYS E 331 -16.99 -10.06 -59.49
N ILE E 332 -17.90 -9.14 -59.22
CA ILE E 332 -19.08 -9.46 -58.42
C ILE E 332 -19.96 -10.47 -59.15
N GLU E 333 -20.20 -10.23 -60.45
CA GLU E 333 -20.99 -11.17 -61.24
C GLU E 333 -20.32 -12.54 -61.29
N LYS E 334 -18.99 -12.56 -61.37
CA LYS E 334 -18.26 -13.83 -61.28
C LYS E 334 -18.38 -14.43 -59.89
N LEU E 335 -18.57 -13.59 -58.86
CA LEU E 335 -18.79 -14.11 -57.52
C LEU E 335 -20.14 -14.80 -57.43
N ARG E 336 -21.15 -14.30 -58.15
CA ARG E 336 -22.43 -14.98 -58.18
C ARG E 336 -22.30 -16.38 -58.78
N GLU E 337 -21.51 -16.49 -59.86
CA GLU E 337 -21.28 -17.80 -60.47
C GLU E 337 -20.57 -18.74 -59.50
N ILE E 338 -19.49 -18.25 -58.87
CA ILE E 338 -18.63 -19.14 -58.08
C ILE E 338 -19.36 -19.64 -56.83
N LEU E 339 -20.14 -18.78 -56.17
CA LEU E 339 -20.89 -19.23 -55.01
C LEU E 339 -21.96 -20.24 -55.42
N GLN E 340 -22.66 -19.96 -56.53
CA GLN E 340 -23.60 -20.92 -57.10
C GLN E 340 -22.93 -22.25 -57.39
N GLU E 341 -21.72 -22.22 -57.97
CA GLU E 341 -21.05 -23.47 -58.34
C GLU E 341 -20.67 -24.28 -57.10
N TYR E 342 -20.18 -23.61 -56.07
CA TYR E 342 -19.76 -24.27 -54.82
C TYR E 342 -20.54 -23.61 -53.69
N LYS E 343 -21.63 -24.25 -53.24
CA LYS E 343 -22.41 -23.70 -52.13
C LYS E 343 -22.55 -24.65 -50.94
N ASN E 344 -21.87 -25.79 -50.93
CA ASN E 344 -22.00 -26.76 -49.85
C ASN E 344 -20.81 -26.74 -48.89
N GLU E 345 -20.04 -25.65 -48.87
CA GLU E 345 -18.88 -25.53 -48.01
C GLU E 345 -18.77 -24.08 -47.52
N LYS E 346 -17.87 -23.86 -46.57
CA LYS E 346 -17.71 -22.54 -45.97
C LYS E 346 -16.87 -21.65 -46.88
N ILE E 347 -17.36 -20.44 -47.12
CA ILE E 347 -16.77 -19.51 -48.07
C ILE E 347 -16.37 -18.23 -47.36
N ILE E 348 -15.21 -17.69 -47.71
CA ILE E 348 -14.71 -16.44 -47.15
C ILE E 348 -14.21 -15.55 -48.27
N VAL E 349 -14.85 -14.41 -48.47
CA VAL E 349 -14.49 -13.45 -49.51
C VAL E 349 -13.59 -12.38 -48.92
N PHE E 350 -12.42 -12.18 -49.51
CA PHE E 350 -11.47 -11.15 -49.09
C PHE E 350 -11.40 -10.05 -50.15
N THR E 351 -11.49 -8.80 -49.70
CA THR E 351 -11.22 -7.65 -50.56
C THR E 351 -10.35 -6.67 -49.81
N ARG E 352 -9.40 -6.05 -50.51
CA ARG E 352 -8.57 -5.03 -49.88
C ARG E 352 -9.39 -3.79 -49.54
N ASP E 353 -10.10 -3.25 -50.53
CA ASP E 353 -10.96 -2.09 -50.33
C ASP E 353 -12.01 -2.37 -49.26
N THR E 354 -12.47 -1.31 -48.59
CA THR E 354 -13.48 -1.43 -47.56
C THR E 354 -14.87 -1.04 -48.02
N GLN E 355 -15.01 0.03 -48.82
CA GLN E 355 -16.31 0.36 -49.39
C GLN E 355 -16.75 -0.70 -50.40
N MET E 356 -15.80 -1.28 -51.14
CA MET E 356 -16.16 -2.33 -52.07
C MET E 356 -16.62 -3.59 -51.36
N ALA E 357 -16.23 -3.77 -50.09
CA ALA E 357 -16.70 -4.91 -49.31
C ALA E 357 -18.18 -4.79 -48.96
N TYR E 358 -18.68 -3.58 -48.78
CA TYR E 358 -20.10 -3.42 -48.47
C TYR E 358 -20.97 -3.74 -49.67
N ARG E 359 -20.51 -3.39 -50.88
CA ARG E 359 -21.23 -3.78 -52.09
C ARG E 359 -21.46 -5.28 -52.12
N ILE E 360 -20.42 -6.06 -51.83
CA ILE E 360 -20.55 -7.52 -51.84
C ILE E 360 -21.57 -7.97 -50.81
N SER E 361 -21.67 -7.24 -49.70
CA SER E 361 -22.69 -7.53 -48.69
C SER E 361 -24.08 -7.18 -49.18
N LYS E 362 -24.30 -5.91 -49.54
CA LYS E 362 -25.62 -5.45 -49.93
C LYS E 362 -26.18 -6.29 -51.07
N THR E 363 -25.33 -6.76 -51.97
CA THR E 363 -25.81 -7.55 -53.10
C THR E 363 -26.21 -8.96 -52.67
N PHE E 364 -25.38 -9.63 -51.88
CA PHE E 364 -25.60 -11.03 -51.56
C PHE E 364 -26.19 -11.26 -50.17
N LEU E 365 -26.40 -10.21 -49.39
CA LEU E 365 -26.99 -10.32 -48.06
C LEU E 365 -26.16 -11.23 -47.17
N ILE E 366 -24.85 -10.96 -47.09
CA ILE E 366 -23.96 -11.73 -46.24
C ILE E 366 -23.16 -10.80 -45.32
N PRO E 367 -22.78 -11.23 -44.13
CA PRO E 367 -22.16 -10.32 -43.16
C PRO E 367 -20.75 -9.92 -43.52
N VAL E 368 -20.38 -8.71 -43.11
CA VAL E 368 -19.08 -8.12 -43.36
C VAL E 368 -18.36 -7.96 -42.03
N VAL E 369 -17.03 -8.00 -42.09
CA VAL E 369 -16.20 -7.69 -40.95
C VAL E 369 -15.13 -6.72 -41.40
N THR E 370 -15.16 -5.53 -40.83
CA THR E 370 -14.21 -4.47 -41.12
C THR E 370 -13.30 -4.30 -39.90
N TYR E 371 -12.30 -3.43 -40.04
CA TYR E 371 -11.53 -3.00 -38.88
C TYR E 371 -12.33 -2.05 -38.01
N LYS E 372 -13.40 -1.46 -38.55
CA LYS E 372 -14.27 -0.57 -37.78
C LYS E 372 -15.49 -1.29 -37.23
N THR E 373 -15.73 -2.54 -37.62
CA THR E 373 -16.82 -3.29 -37.04
C THR E 373 -16.54 -3.48 -35.55
N ASP E 374 -17.55 -3.23 -34.73
CA ASP E 374 -17.37 -3.33 -33.28
C ASP E 374 -16.96 -4.74 -32.90
N LYS E 375 -16.01 -4.85 -31.97
CA LYS E 375 -15.51 -6.15 -31.54
C LYS E 375 -16.65 -7.02 -31.01
N ASP E 376 -17.59 -6.41 -30.29
CA ASP E 376 -18.80 -7.11 -29.89
C ASP E 376 -19.53 -7.68 -31.10
N GLU E 377 -19.88 -6.79 -32.05
CA GLU E 377 -20.50 -7.24 -33.30
C GLU E 377 -19.62 -8.27 -34.00
N ARG E 378 -18.33 -7.95 -34.20
CA ARG E 378 -17.43 -8.84 -34.92
C ARG E 378 -17.40 -10.24 -34.31
N GLU E 379 -17.45 -10.33 -32.98
CA GLU E 379 -17.46 -11.64 -32.33
C GLU E 379 -18.70 -12.43 -32.74
N GLU E 380 -19.86 -11.78 -32.73
CA GLU E 380 -21.10 -12.39 -33.21
C GLU E 380 -20.94 -12.92 -34.63
N ILE E 381 -20.46 -12.05 -35.54
CA ILE E 381 -20.36 -12.42 -36.95
C ILE E 381 -19.44 -13.62 -37.16
N LEU E 382 -18.44 -13.79 -36.29
CA LEU E 382 -17.52 -14.91 -36.40
C LEU E 382 -18.05 -16.16 -35.73
N GLN E 383 -18.65 -16.02 -34.54
CA GLN E 383 -19.12 -17.19 -33.81
C GLN E 383 -20.29 -17.85 -34.52
N LYS E 384 -21.15 -17.07 -35.18
CA LYS E 384 -22.21 -17.68 -35.98
C LYS E 384 -21.65 -18.35 -37.23
N PHE E 385 -20.59 -17.78 -37.80
CA PHE E 385 -19.91 -18.43 -38.93
C PHE E 385 -19.20 -19.70 -38.46
N ARG E 386 -18.36 -19.60 -37.43
CA ARG E 386 -17.70 -20.76 -36.85
C ARG E 386 -18.70 -21.87 -36.51
N ASP E 387 -19.79 -21.51 -35.84
CA ASP E 387 -20.85 -22.47 -35.57
C ASP E 387 -21.48 -22.98 -36.87
N GLY E 388 -21.74 -22.07 -37.80
CA GLY E 388 -22.37 -22.45 -39.06
C GLY E 388 -23.82 -22.01 -39.20
N GLU E 389 -24.15 -20.82 -38.73
CA GLU E 389 -25.42 -20.21 -39.10
C GLU E 389 -25.30 -19.41 -40.40
N TYR E 390 -24.25 -18.60 -40.52
CA TYR E 390 -23.92 -17.95 -41.78
C TYR E 390 -23.08 -18.89 -42.62
N ARG E 391 -23.30 -18.86 -43.93
CA ARG E 391 -22.51 -19.66 -44.87
C ARG E 391 -21.36 -18.88 -45.51
N VAL E 392 -21.57 -17.61 -45.84
CA VAL E 392 -20.60 -16.82 -46.60
C VAL E 392 -20.41 -15.49 -45.89
N ILE E 393 -19.15 -15.07 -45.76
CA ILE E 393 -18.77 -13.87 -45.01
C ILE E 393 -17.79 -13.07 -45.84
N VAL E 394 -17.94 -11.74 -45.84
CA VAL E 394 -17.02 -10.81 -46.48
C VAL E 394 -16.16 -10.17 -45.40
N ALA E 395 -14.91 -9.86 -45.74
CA ALA E 395 -14.05 -9.11 -44.82
C ALA E 395 -13.06 -8.28 -45.62
N SER E 396 -12.67 -7.14 -45.04
CA SER E 396 -11.68 -6.25 -45.64
C SER E 396 -10.70 -5.81 -44.56
N THR E 397 -9.64 -6.58 -44.39
CA THR E 397 -8.62 -6.30 -43.38
C THR E 397 -7.60 -5.34 -43.98
N VAL E 398 -7.71 -4.05 -43.66
CA VAL E 398 -6.81 -3.04 -44.17
C VAL E 398 -6.93 -1.82 -43.26
N PHE E 399 -5.82 -1.08 -43.13
CA PHE E 399 -5.72 0.04 -42.20
C PHE E 399 -6.08 -0.39 -40.77
N ASP E 400 -5.86 -1.67 -40.49
CA ASP E 400 -6.24 -2.32 -39.24
C ASP E 400 -5.00 -2.72 -38.45
N GLU E 401 -5.24 -3.15 -37.22
CA GLU E 401 -4.20 -3.79 -36.43
C GLU E 401 -4.15 -5.29 -36.63
N GLY E 402 -5.29 -5.89 -36.93
CA GLY E 402 -5.37 -7.33 -37.09
C GLY E 402 -6.00 -7.72 -38.42
N VAL E 403 -5.39 -8.70 -39.08
CA VAL E 403 -5.88 -9.26 -40.33
C VAL E 403 -6.10 -10.76 -40.22
N ASP E 404 -6.23 -11.28 -38.99
CA ASP E 404 -6.40 -12.71 -38.77
C ASP E 404 -7.87 -13.10 -38.87
N VAL E 405 -8.12 -14.22 -39.55
CA VAL E 405 -9.47 -14.64 -39.90
C VAL E 405 -9.60 -16.13 -39.67
N PRO E 406 -10.78 -16.59 -39.24
CA PRO E 406 -10.99 -18.04 -39.10
C PRO E 406 -10.88 -18.76 -40.44
N ASP E 407 -10.27 -19.93 -40.40
CA ASP E 407 -10.11 -20.76 -41.58
C ASP E 407 -11.41 -21.43 -41.99
N ALA E 408 -11.47 -21.80 -43.27
CA ALA E 408 -12.64 -22.43 -43.86
C ALA E 408 -12.18 -23.36 -44.98
N THR E 409 -13.11 -23.74 -45.85
CA THR E 409 -12.81 -24.61 -46.99
C THR E 409 -12.48 -23.84 -48.25
N LEU E 410 -12.98 -22.62 -48.39
CA LEU E 410 -12.83 -21.84 -49.61
C LEU E 410 -12.56 -20.39 -49.28
N ALA E 411 -11.79 -19.75 -50.15
CA ALA E 411 -11.50 -18.33 -50.03
C ALA E 411 -11.40 -17.75 -51.44
N ILE E 412 -12.14 -16.69 -51.69
CA ILE E 412 -12.07 -15.97 -52.96
C ILE E 412 -11.45 -14.61 -52.66
N VAL E 413 -10.44 -14.25 -53.45
CA VAL E 413 -9.69 -13.01 -53.23
C VAL E 413 -10.00 -12.06 -54.37
N MET E 414 -10.23 -10.80 -54.03
CA MET E 414 -10.56 -9.76 -55.00
C MET E 414 -9.28 -9.01 -55.34
N GLY E 415 -8.81 -9.19 -56.58
CA GLY E 415 -7.51 -8.68 -57.00
C GLY E 415 -7.36 -7.20 -56.79
N GLY E 416 -6.39 -6.81 -55.96
CA GLY E 416 -6.27 -5.45 -55.49
C GLY E 416 -5.36 -4.59 -56.35
N TYR E 417 -5.18 -3.34 -55.89
CA TYR E 417 -4.36 -2.35 -56.57
C TYR E 417 -2.89 -2.75 -56.67
N GLY E 418 -2.44 -3.73 -55.88
CA GLY E 418 -1.05 -4.17 -55.94
C GLY E 418 -0.73 -5.42 -55.14
N THR E 419 0.30 -6.14 -55.59
CA THR E 419 0.63 -7.46 -55.03
C THR E 419 0.82 -7.40 -53.52
N LYS E 420 0.16 -8.32 -52.83
CA LYS E 420 0.31 -8.55 -51.40
C LYS E 420 0.60 -10.03 -51.15
N ARG E 421 1.61 -10.56 -51.85
CA ARG E 421 2.00 -11.96 -51.71
C ARG E 421 2.31 -12.34 -50.26
N GLN E 422 2.70 -11.34 -49.46
CA GLN E 422 2.78 -11.52 -48.00
C GLN E 422 1.49 -12.11 -47.45
N PHE E 423 0.35 -11.47 -47.75
CA PHE E 423 -0.94 -11.94 -47.29
C PHE E 423 -1.29 -13.32 -47.85
N LEU E 424 -1.07 -13.54 -49.15
CA LEU E 424 -1.46 -14.79 -49.77
C LEU E 424 -0.82 -15.98 -49.09
N GLN E 425 0.45 -15.85 -48.67
CA GLN E 425 1.11 -16.95 -47.98
C GLN E 425 0.42 -17.29 -46.67
N ARG E 426 0.04 -16.27 -45.90
CA ARG E 426 -0.68 -16.50 -44.65
C ARG E 426 -2.02 -17.20 -44.92
N LEU E 427 -2.75 -16.72 -45.93
CA LEU E 427 -3.99 -17.39 -46.31
C LEU E 427 -3.74 -18.83 -46.71
N GLY E 428 -2.56 -19.12 -47.27
CA GLY E 428 -2.21 -20.48 -47.59
C GLY E 428 -2.05 -21.38 -46.39
N ARG E 429 -1.13 -21.04 -45.49
CA ARG E 429 -0.93 -21.87 -44.30
C ARG E 429 -2.18 -21.90 -43.42
N ILE E 430 -2.91 -20.79 -43.35
CA ILE E 430 -4.14 -20.78 -42.56
C ILE E 430 -5.19 -21.70 -43.17
N LEU E 431 -5.18 -21.84 -44.50
CA LEU E 431 -6.07 -22.79 -45.16
C LEU E 431 -5.46 -24.18 -45.27
N ARG E 432 -4.15 -24.27 -45.55
CA ARG E 432 -3.50 -25.58 -45.74
C ARG E 432 -3.63 -26.45 -44.50
N LYS E 433 -3.69 -25.85 -43.30
CA LYS E 433 -3.69 -26.64 -42.07
C LYS E 433 -4.97 -27.46 -41.91
N LYS E 434 -6.07 -27.04 -42.54
CA LYS E 434 -7.29 -27.82 -42.47
C LYS E 434 -7.05 -29.21 -43.06
N ASP E 435 -7.63 -30.23 -42.42
CA ASP E 435 -7.36 -31.60 -42.84
C ASP E 435 -7.96 -31.95 -44.21
N LYS E 436 -8.78 -31.08 -44.78
CA LYS E 436 -9.39 -31.29 -46.08
C LYS E 436 -8.83 -30.31 -47.09
N GLU E 437 -8.70 -30.77 -48.34
CA GLU E 437 -8.07 -29.95 -49.37
C GLU E 437 -8.82 -28.65 -49.57
N ALA E 438 -8.07 -27.56 -49.67
CA ALA E 438 -8.61 -26.21 -49.76
C ALA E 438 -8.43 -25.65 -51.16
N LEU E 439 -9.35 -24.79 -51.56
CA LEU E 439 -9.30 -24.13 -52.87
C LEU E 439 -9.38 -22.62 -52.64
N LEU E 440 -8.43 -21.90 -53.24
CA LEU E 440 -8.29 -20.46 -53.07
C LEU E 440 -8.47 -19.81 -54.43
N ILE E 441 -9.56 -19.08 -54.57
CA ILE E 441 -9.86 -18.39 -55.83
C ILE E 441 -9.31 -16.97 -55.75
N GLU E 442 -8.97 -16.43 -56.92
CA GLU E 442 -8.43 -15.09 -57.04
C GLU E 442 -9.03 -14.48 -58.30
N ILE E 443 -9.84 -13.44 -58.13
CA ILE E 443 -10.56 -12.83 -59.24
C ILE E 443 -9.79 -11.58 -59.65
N VAL E 444 -9.10 -11.66 -60.78
CA VAL E 444 -8.31 -10.55 -61.32
C VAL E 444 -9.00 -10.02 -62.57
N THR E 445 -9.22 -8.71 -62.62
CA THR E 445 -9.67 -8.09 -63.85
C THR E 445 -8.52 -8.05 -64.86
N LYS E 446 -8.88 -8.05 -66.14
CA LYS E 446 -7.87 -8.07 -67.18
C LYS E 446 -6.98 -6.83 -67.14
N GLY E 447 -7.50 -5.72 -66.63
CA GLY E 447 -6.78 -4.46 -66.69
C GLY E 447 -5.63 -4.35 -65.70
N THR E 448 -5.76 -4.95 -64.53
CA THR E 448 -4.75 -4.77 -63.49
C THR E 448 -3.39 -5.32 -63.90
N ALA E 449 -3.37 -6.35 -64.74
CA ALA E 449 -2.12 -7.02 -65.07
C ALA E 449 -1.10 -6.05 -65.68
N ASP E 450 -1.54 -5.25 -66.66
CA ASP E 450 -0.68 -4.26 -67.28
C ASP E 450 -0.86 -2.87 -66.68
N TYR E 451 -1.71 -2.72 -65.67
CA TYR E 451 -2.07 -1.40 -65.17
C TYR E 451 -1.00 -0.79 -64.28
N ARG E 452 -0.11 -1.59 -63.70
CA ARG E 452 0.88 -1.07 -62.77
C ARG E 452 2.27 -1.50 -63.25
N LEU E 453 3.12 -0.51 -63.54
CA LEU E 453 4.52 -0.73 -63.89
C LEU E 453 5.38 -0.09 -62.80
N SER E 454 6.14 -0.91 -62.08
CA SER E 454 6.93 -0.46 -60.94
C SER E 454 8.28 -1.17 -60.96
N ARG E 455 8.99 -1.05 -59.84
CA ARG E 455 10.36 -1.58 -59.66
C ARG E 455 11.35 -0.91 -60.60
N MET F 21 -7.73 20.27 -31.38
CA MET F 21 -9.04 20.06 -32.00
C MET F 21 -8.87 19.24 -33.28
N LEU F 22 -7.62 19.10 -33.71
CA LEU F 22 -7.22 18.27 -34.83
C LEU F 22 -6.21 17.24 -34.33
N PRO F 23 -6.25 16.01 -34.84
CA PRO F 23 -5.40 14.94 -34.25
C PRO F 23 -3.91 15.22 -34.36
N TRP F 24 -3.18 14.74 -33.34
CA TRP F 24 -1.73 14.98 -33.25
C TRP F 24 -0.98 14.46 -34.46
N GLU F 25 -1.34 13.28 -34.97
CA GLU F 25 -0.66 12.73 -36.15
C GLU F 25 -0.74 13.64 -37.36
N LEU F 26 -1.53 14.72 -37.29
CA LEU F 26 -1.67 15.69 -38.37
C LEU F 26 -0.98 17.01 -38.06
N ALA F 27 -0.37 17.15 -36.88
CA ALA F 27 0.36 18.36 -36.52
C ALA F 27 1.59 18.56 -37.41
N ARG F 28 1.71 19.76 -37.98
CA ARG F 28 2.79 20.13 -38.88
C ARG F 28 3.56 21.32 -38.32
N PHE F 29 4.86 21.15 -38.12
CA PHE F 29 5.70 22.22 -37.56
C PHE F 29 7.17 21.85 -37.78
N SER F 30 8.06 22.76 -37.41
CA SER F 30 9.49 22.56 -37.51
C SER F 30 10.17 23.28 -36.34
N ILE F 31 11.38 22.88 -36.04
CA ILE F 31 12.10 23.48 -34.95
C ILE F 31 13.35 24.21 -35.32
N VAL F 32 13.45 25.47 -34.93
CA VAL F 32 14.65 26.18 -35.19
C VAL F 32 15.13 26.72 -33.90
N LYS F 33 16.37 26.41 -33.55
CA LYS F 33 16.99 26.85 -32.34
C LYS F 33 16.12 26.47 -31.23
N ASP F 34 15.66 27.41 -30.45
CA ASP F 34 14.81 27.10 -29.34
C ASP F 34 13.40 27.55 -29.58
N GLU F 35 12.94 27.55 -30.81
CA GLU F 35 11.57 27.94 -31.12
C GLU F 35 10.91 26.88 -31.98
N VAL F 36 9.63 26.64 -31.73
CA VAL F 36 8.81 25.74 -32.54
C VAL F 36 8.01 26.60 -33.51
N LEU F 37 8.29 26.46 -34.80
CA LEU F 37 7.57 27.19 -35.83
C LEU F 37 6.46 26.33 -36.38
N PRO F 38 5.19 26.69 -36.21
CA PRO F 38 4.12 25.89 -36.80
C PRO F 38 4.08 26.11 -38.30
N HIS F 39 3.91 25.02 -39.05
CA HIS F 39 3.77 25.13 -40.50
C HIS F 39 2.32 25.50 -40.81
N PHE F 40 2.03 26.79 -40.66
CA PHE F 40 0.70 27.29 -41.00
C PHE F 40 0.47 27.17 -42.49
N ALA F 41 -0.80 27.09 -42.87
CA ALA F 41 -1.17 27.02 -44.27
C ALA F 41 -1.16 28.42 -44.87
N THR F 42 -0.65 28.52 -46.11
CA THR F 42 -0.58 29.78 -46.82
C THR F 42 -1.52 29.75 -48.02
N ASN F 43 -1.51 30.84 -48.78
CA ASN F 43 -2.33 30.89 -49.99
C ASN F 43 -1.71 30.11 -51.14
N GLU F 44 -0.49 29.61 -50.98
CA GLU F 44 0.04 28.62 -51.91
C GLU F 44 -0.75 27.33 -51.85
N ASP F 45 -1.51 27.12 -50.78
CA ASP F 45 -2.29 25.90 -50.56
C ASP F 45 -3.77 26.14 -50.79
N LEU F 46 -4.11 27.09 -51.65
CA LEU F 46 -5.50 27.39 -51.96
C LEU F 46 -6.05 26.48 -53.05
N ASP F 47 -5.25 26.26 -54.12
CA ASP F 47 -5.62 25.27 -55.12
C ASP F 47 -5.93 23.92 -54.48
N LEU F 48 -5.10 23.49 -53.52
CA LEU F 48 -5.41 22.29 -52.75
C LEU F 48 -6.73 22.43 -52.03
N ALA F 49 -6.90 23.51 -51.26
CA ALA F 49 -8.11 23.68 -50.46
C ALA F 49 -9.36 23.72 -51.34
N ASN F 50 -9.28 24.41 -52.48
CA ASN F 50 -10.42 24.47 -53.38
C ASN F 50 -10.74 23.10 -53.96
N GLU F 51 -9.73 22.41 -54.50
CA GLU F 51 -9.95 21.12 -55.15
C GLU F 51 -10.63 20.13 -54.21
N ILE F 52 -10.36 20.21 -52.91
CA ILE F 52 -11.02 19.35 -51.94
C ILE F 52 -12.48 19.75 -51.74
N ILE F 53 -12.75 21.06 -51.65
CA ILE F 53 -14.12 21.55 -51.50
C ILE F 53 -15.01 21.00 -52.61
N SER F 54 -14.50 20.97 -53.84
CA SER F 54 -15.26 20.47 -54.97
C SER F 54 -15.71 19.02 -54.76
N LEU F 55 -14.96 18.25 -53.98
CA LEU F 55 -15.32 16.84 -53.82
C LEU F 55 -16.44 16.64 -52.80
N PHE F 56 -16.60 17.54 -51.83
CA PHE F 56 -17.73 17.48 -50.91
C PHE F 56 -18.95 18.13 -51.57
N LYS F 57 -19.65 17.35 -52.39
CA LYS F 57 -20.94 17.76 -52.92
C LYS F 57 -22.02 16.81 -52.43
N ALA F 58 -23.23 17.35 -52.29
CA ALA F 58 -24.35 16.61 -51.71
C ALA F 58 -24.61 15.31 -52.44
N GLY F 59 -25.14 14.33 -51.71
CA GLY F 59 -25.45 13.04 -52.26
C GLY F 59 -24.23 12.25 -52.66
N LYS F 60 -23.29 12.10 -51.71
CA LYS F 60 -22.07 11.33 -51.92
C LYS F 60 -21.66 10.70 -50.59
N LYS F 61 -21.20 9.46 -50.66
CA LYS F 61 -20.64 8.81 -49.49
C LYS F 61 -19.29 9.43 -49.20
N LEU F 62 -19.06 9.85 -47.95
CA LEU F 62 -17.74 10.38 -47.64
C LEU F 62 -16.70 9.28 -47.50
N GLY F 63 -17.14 8.04 -47.33
CA GLY F 63 -16.21 6.92 -47.38
C GLY F 63 -15.56 6.75 -48.74
N GLU F 64 -16.31 7.04 -49.81
CA GLU F 64 -15.72 7.00 -51.14
C GLU F 64 -14.99 8.30 -51.48
N ILE F 65 -15.24 9.36 -50.72
CA ILE F 65 -14.40 10.56 -50.82
C ILE F 65 -12.96 10.24 -50.46
N ASP F 66 -12.76 9.32 -49.50
CA ASP F 66 -11.41 8.92 -49.14
C ASP F 66 -10.69 8.24 -50.31
N GLU F 67 -11.44 7.53 -51.16
CA GLU F 67 -10.85 6.98 -52.38
C GLU F 67 -10.47 8.07 -53.36
N GLU F 68 -11.35 9.06 -53.53
CA GLU F 68 -11.10 10.15 -54.46
C GLU F 68 -9.79 10.86 -54.16
N ILE F 69 -9.58 11.23 -52.89
CA ILE F 69 -8.42 12.04 -52.49
C ILE F 69 -7.11 11.26 -52.42
N GLU F 70 -7.11 9.98 -52.78
CA GLU F 70 -5.87 9.19 -52.76
C GLU F 70 -4.77 9.88 -53.55
N TYR F 71 -5.08 10.30 -54.78
CA TYR F 71 -4.06 10.91 -55.62
C TYR F 71 -3.56 12.23 -55.03
N LEU F 72 -4.44 12.95 -54.32
CA LEU F 72 -4.01 14.20 -53.69
C LEU F 72 -3.17 13.97 -52.45
N GLU F 73 -3.28 12.81 -51.80
CA GLU F 73 -2.38 12.51 -50.70
C GLU F 73 -0.94 12.32 -51.18
N LYS F 74 -0.74 12.09 -52.47
CA LYS F 74 0.59 11.96 -53.04
C LYS F 74 1.11 13.27 -53.63
N ILE F 75 0.25 14.04 -54.31
CA ILE F 75 0.73 15.24 -54.99
C ILE F 75 1.10 16.35 -54.00
N TYR F 76 0.45 16.40 -52.84
CA TYR F 76 0.79 17.37 -51.81
C TYR F 76 1.14 16.65 -50.51
N ASP F 77 1.28 17.45 -49.45
CA ASP F 77 1.53 16.91 -48.11
C ASP F 77 0.28 16.16 -47.63
N HIS F 78 0.44 14.87 -47.33
CA HIS F 78 -0.71 14.06 -46.98
C HIS F 78 -1.31 14.43 -45.62
N LYS F 79 -0.55 15.08 -44.73
CA LYS F 79 -1.12 15.54 -43.47
C LYS F 79 -2.13 16.66 -43.70
N LEU F 80 -1.81 17.58 -44.61
CA LEU F 80 -2.70 18.72 -44.83
C LEU F 80 -3.96 18.33 -45.59
N VAL F 81 -3.86 17.38 -46.51
CA VAL F 81 -5.04 16.94 -47.27
C VAL F 81 -6.09 16.38 -46.34
N ARG F 82 -5.70 15.40 -45.52
CA ARG F 82 -6.65 14.78 -44.60
C ARG F 82 -7.21 15.79 -43.61
N ALA F 83 -6.39 16.76 -43.20
CA ALA F 83 -6.83 17.75 -42.23
C ALA F 83 -7.97 18.59 -42.76
N PHE F 84 -7.92 18.95 -44.05
CA PHE F 84 -9.07 19.61 -44.66
C PHE F 84 -10.29 18.70 -44.65
N VAL F 85 -10.08 17.43 -45.00
CA VAL F 85 -11.21 16.50 -45.11
C VAL F 85 -11.94 16.38 -43.78
N LYS F 86 -11.19 16.16 -42.70
CA LYS F 86 -11.82 16.06 -41.37
C LYS F 86 -12.52 17.35 -40.98
N LEU F 87 -11.97 18.50 -41.36
CA LEU F 87 -12.61 19.76 -41.02
C LEU F 87 -13.90 19.96 -41.79
N LEU F 88 -13.91 19.61 -43.08
CA LEU F 88 -15.11 19.77 -43.89
C LEU F 88 -16.23 18.86 -43.41
N THR F 89 -15.91 17.59 -43.14
CA THR F 89 -16.91 16.65 -42.61
C THR F 89 -17.63 17.24 -41.41
N ARG F 90 -16.90 17.88 -40.50
CA ARG F 90 -17.50 18.46 -39.31
C ARG F 90 -18.57 19.50 -39.65
N LEU F 91 -18.52 20.06 -40.85
CA LEU F 91 -19.46 21.10 -41.27
C LEU F 91 -20.53 20.57 -42.19
N CYS F 92 -20.56 19.27 -42.46
CA CYS F 92 -21.57 18.66 -43.29
C CYS F 92 -22.75 18.14 -42.47
N GLU F 93 -23.91 18.06 -43.12
CA GLU F 93 -25.10 17.45 -42.56
C GLU F 93 -25.44 16.19 -43.35
N PHE F 94 -25.78 15.12 -42.64
CA PHE F 94 -26.07 13.84 -43.27
C PHE F 94 -27.45 13.34 -42.89
N GLU F 95 -27.92 12.36 -43.68
CA GLU F 95 -29.20 11.69 -43.43
C GLU F 95 -29.32 11.28 -41.98
N LEU F 96 -30.47 11.58 -41.38
CA LEU F 96 -30.63 11.33 -39.96
C LEU F 96 -30.63 9.82 -39.67
N ASP F 97 -30.42 9.49 -38.41
CA ASP F 97 -30.23 8.11 -37.97
C ASP F 97 -31.43 7.23 -38.34
N SER F 98 -31.18 5.93 -38.41
CA SER F 98 -32.24 4.99 -38.72
C SER F 98 -33.22 4.91 -37.56
N PRO F 99 -34.53 4.77 -37.84
CA PRO F 99 -35.49 4.60 -36.74
C PRO F 99 -35.34 3.28 -36.00
N ILE F 100 -34.60 2.33 -36.55
CA ILE F 100 -34.30 1.06 -35.90
C ILE F 100 -32.78 0.94 -35.80
N PRO F 101 -32.22 0.45 -34.69
CA PRO F 101 -30.77 0.33 -34.58
C PRO F 101 -30.18 -0.58 -35.65
N PRO F 102 -29.28 -0.05 -36.47
CA PRO F 102 -28.79 -0.78 -37.65
C PRO F 102 -28.26 -2.19 -37.39
N ILE F 103 -27.91 -2.50 -36.14
CA ILE F 103 -27.47 -3.86 -35.84
C ILE F 103 -28.60 -4.86 -36.08
N GLN F 104 -29.84 -4.51 -35.70
CA GLN F 104 -30.96 -5.43 -35.91
C GLN F 104 -31.34 -5.56 -37.39
N ILE F 105 -31.18 -4.48 -38.16
CA ILE F 105 -31.35 -4.59 -39.61
C ILE F 105 -30.45 -5.69 -40.16
N ARG F 106 -29.18 -5.63 -39.78
CA ARG F 106 -28.21 -6.62 -40.25
C ARG F 106 -28.51 -8.00 -39.66
N ARG F 107 -28.94 -8.06 -38.40
CA ARG F 107 -29.25 -9.34 -37.79
C ARG F 107 -30.41 -10.04 -38.49
N GLU F 108 -31.42 -9.28 -38.91
CA GLU F 108 -32.58 -9.88 -39.56
C GLU F 108 -32.33 -10.16 -41.04
N LEU F 109 -31.65 -9.25 -41.74
CA LEU F 109 -31.46 -9.42 -43.18
C LEU F 109 -30.45 -10.51 -43.48
N PHE F 110 -29.31 -10.48 -42.80
CA PHE F 110 -28.28 -11.48 -43.07
C PHE F 110 -28.63 -12.85 -42.52
N LYS F 111 -29.83 -13.00 -41.96
CA LYS F 111 -30.30 -14.29 -41.50
C LYS F 111 -30.54 -15.25 -42.66
N TYR F 112 -30.81 -14.72 -43.85
CA TYR F 112 -31.11 -15.53 -45.02
C TYR F 112 -29.87 -15.94 -45.79
N GLY F 113 -28.69 -15.63 -45.28
CA GLY F 113 -27.43 -16.06 -45.87
C GLY F 113 -27.22 -15.54 -47.28
N PRO F 114 -26.45 -16.28 -48.07
CA PRO F 114 -26.21 -15.87 -49.47
C PRO F 114 -27.42 -16.17 -50.34
N VAL F 115 -27.94 -15.14 -50.99
CA VAL F 115 -29.07 -15.27 -51.91
C VAL F 115 -28.57 -14.85 -53.30
N LEU F 116 -28.86 -15.69 -54.30
CA LEU F 116 -28.18 -15.58 -55.58
C LEU F 116 -28.96 -14.75 -56.60
N ASP F 117 -30.21 -15.11 -56.87
CA ASP F 117 -30.95 -14.40 -57.91
C ASP F 117 -31.46 -13.06 -57.40
N GLU F 118 -31.48 -12.08 -58.31
CA GLU F 118 -31.84 -10.72 -57.94
C GLU F 118 -33.31 -10.60 -57.55
N LYS F 119 -34.19 -11.40 -58.17
CA LYS F 119 -35.60 -11.34 -57.81
C LYS F 119 -35.85 -11.93 -56.43
N GLU F 120 -35.15 -13.02 -56.12
CA GLU F 120 -35.19 -13.56 -54.75
C GLU F 120 -34.74 -12.51 -53.76
N ARG F 121 -33.64 -11.82 -54.07
CA ARG F 121 -33.18 -10.70 -53.26
C ARG F 121 -34.25 -9.63 -53.13
N GLU F 122 -34.89 -9.28 -54.26
CA GLU F 122 -35.90 -8.23 -54.22
C GLU F 122 -37.08 -8.62 -53.32
N ASP F 123 -37.48 -9.89 -53.38
CA ASP F 123 -38.50 -10.39 -52.45
C ASP F 123 -38.04 -10.25 -51.01
N ILE F 124 -36.82 -10.73 -50.71
CA ILE F 124 -36.34 -10.79 -49.33
C ILE F 124 -36.24 -9.39 -48.72
N ILE F 125 -35.80 -8.40 -49.51
CA ILE F 125 -35.78 -7.02 -49.01
C ILE F 125 -37.19 -6.58 -48.67
N GLN F 126 -38.11 -6.70 -49.63
CA GLN F 126 -39.52 -6.45 -49.38
C GLN F 126 -40.00 -7.22 -48.15
N LYS F 127 -39.55 -8.46 -47.99
CA LYS F 127 -40.02 -9.31 -46.89
C LYS F 127 -39.66 -8.71 -45.55
N VAL F 128 -38.39 -8.35 -45.36
CA VAL F 128 -37.95 -7.83 -44.08
C VAL F 128 -38.28 -6.34 -43.93
N SER F 129 -38.41 -5.61 -45.05
CA SER F 129 -38.77 -4.20 -44.98
C SER F 129 -40.10 -3.97 -44.28
N LYS F 130 -41.05 -4.90 -44.43
CA LYS F 130 -42.34 -4.79 -43.73
C LYS F 130 -42.23 -5.18 -42.26
N LYS F 131 -41.43 -6.21 -41.96
CA LYS F 131 -41.33 -6.71 -40.59
C LYS F 131 -40.81 -5.64 -39.63
N LEU F 132 -40.02 -4.68 -40.14
CA LEU F 132 -39.51 -3.59 -39.32
C LEU F 132 -40.16 -2.25 -39.63
N GLY F 133 -40.76 -2.09 -40.81
CA GLY F 133 -41.46 -0.87 -41.17
C GLY F 133 -40.57 0.29 -41.57
N ALA F 134 -39.66 0.04 -42.51
CA ALA F 134 -38.75 1.05 -43.05
C ALA F 134 -38.01 0.48 -44.24
N ASP F 135 -37.41 1.37 -45.02
CA ASP F 135 -36.58 0.97 -46.16
C ASP F 135 -35.29 0.39 -45.60
N ILE F 136 -35.20 -0.95 -45.59
CA ILE F 136 -34.02 -1.61 -45.04
C ILE F 136 -32.75 -1.13 -45.72
N MET F 137 -32.73 -1.14 -47.05
CA MET F 137 -31.51 -0.85 -47.80
C MET F 137 -30.90 0.50 -47.47
N ARG F 138 -31.72 1.50 -47.15
CA ARG F 138 -31.18 2.84 -46.95
C ARG F 138 -30.45 2.99 -45.62
N PHE F 139 -30.78 2.18 -44.62
CA PHE F 139 -30.31 2.40 -43.26
C PHE F 139 -29.44 1.28 -42.71
N VAL F 140 -29.24 0.19 -43.46
CA VAL F 140 -28.53 -0.97 -42.92
C VAL F 140 -27.14 -0.60 -42.44
N PHE F 141 -26.48 0.34 -43.13
CA PHE F 141 -25.14 0.75 -42.77
C PHE F 141 -25.09 2.20 -42.30
N SER F 142 -26.23 2.74 -41.87
CA SER F 142 -26.30 4.14 -41.46
C SER F 142 -25.35 4.44 -40.30
N ASP F 143 -25.06 3.44 -39.46
CA ASP F 143 -24.20 3.63 -38.30
C ASP F 143 -22.71 3.66 -38.63
N LEU F 144 -22.31 3.11 -39.77
CA LEU F 144 -20.90 3.09 -40.14
C LEU F 144 -20.57 4.39 -40.87
N ASP F 145 -19.52 5.07 -40.40
CA ASP F 145 -19.22 6.41 -40.89
C ASP F 145 -18.75 6.38 -42.34
N GLU F 146 -18.17 5.27 -42.79
CA GLU F 146 -17.82 5.14 -44.20
C GLU F 146 -19.06 5.31 -45.09
N GLU F 147 -20.17 4.66 -44.73
CA GLU F 147 -21.41 4.72 -45.51
C GLU F 147 -22.38 5.78 -44.97
N LYS F 148 -21.94 7.03 -44.83
CA LYS F 148 -22.84 8.16 -44.64
C LYS F 148 -23.11 8.83 -45.98
N LYS F 149 -24.04 9.79 -45.97
CA LYS F 149 -24.39 10.50 -47.20
C LYS F 149 -24.70 11.96 -46.86
N ILE F 150 -24.08 12.86 -47.60
CA ILE F 150 -24.17 14.29 -47.32
C ILE F 150 -25.48 14.84 -47.87
N ILE F 151 -26.32 15.38 -46.98
CA ILE F 151 -27.52 16.08 -47.42
C ILE F 151 -27.21 17.55 -47.70
N LYS F 152 -26.61 18.25 -46.73
CA LYS F 152 -26.22 19.64 -46.89
C LYS F 152 -24.72 19.74 -47.05
N ALA F 153 -24.27 20.14 -48.24
CA ALA F 153 -22.86 20.37 -48.46
C ALA F 153 -22.39 21.56 -47.64
N PRO F 154 -21.11 21.58 -47.25
CA PRO F 154 -20.60 22.70 -46.46
C PRO F 154 -20.49 23.96 -47.30
N THR F 155 -20.72 25.11 -46.65
CA THR F 155 -20.73 26.40 -47.32
C THR F 155 -19.49 27.24 -46.99
N ILE F 156 -18.43 26.60 -46.50
CA ILE F 156 -17.24 27.34 -46.11
C ILE F 156 -16.46 27.77 -47.36
N SER F 157 -15.82 28.93 -47.27
CA SER F 157 -14.95 29.39 -48.33
C SER F 157 -13.63 28.63 -48.31
N ALA F 158 -13.02 28.50 -49.49
CA ALA F 158 -11.71 27.87 -49.58
C ALA F 158 -10.64 28.64 -48.81
N GLU F 159 -10.84 29.93 -48.59
CA GLU F 159 -9.90 30.75 -47.85
C GLU F 159 -10.19 30.74 -46.35
N ASP F 160 -11.46 30.72 -45.98
CA ASP F 160 -11.83 30.63 -44.57
C ASP F 160 -11.57 29.24 -44.00
N LEU F 161 -11.52 28.21 -44.85
CA LEU F 161 -11.09 26.89 -44.39
C LEU F 161 -9.62 26.89 -43.97
N ILE F 162 -8.79 27.66 -44.69
CA ILE F 162 -7.39 27.77 -44.33
C ILE F 162 -7.23 28.50 -43.01
N ARG F 163 -8.03 29.55 -42.79
CA ARG F 163 -8.00 30.25 -41.51
C ARG F 163 -8.38 29.32 -40.38
N TRP F 164 -9.41 28.49 -40.59
CA TRP F 164 -9.86 27.56 -39.57
C TRP F 164 -8.87 26.43 -39.36
N TYR F 165 -8.18 26.00 -40.42
CA TYR F 165 -7.05 25.08 -40.27
C TYR F 165 -5.98 25.65 -39.35
N ASN F 166 -5.48 26.85 -39.68
CA ASN F 166 -4.36 27.42 -38.93
C ASN F 166 -4.70 27.69 -37.48
N LEU F 167 -5.98 27.74 -37.13
CA LEU F 167 -6.38 27.80 -35.73
C LEU F 167 -6.55 26.41 -35.12
N SER F 168 -7.09 25.45 -35.89
CA SER F 168 -7.18 24.08 -35.40
C SER F 168 -5.80 23.51 -35.13
N LEU F 169 -4.82 23.80 -36.00
CA LEU F 169 -3.45 23.39 -35.73
C LEU F 169 -2.92 24.05 -34.47
N LEU F 170 -3.26 25.32 -34.26
CA LEU F 170 -2.77 26.03 -33.09
C LEU F 170 -3.28 25.40 -31.80
N GLN F 171 -4.59 25.14 -31.72
CA GLN F 171 -5.15 24.53 -30.52
C GLN F 171 -4.68 23.10 -30.31
N THR F 172 -4.26 22.42 -31.37
CA THR F 172 -3.69 21.08 -31.21
C THR F 172 -2.27 21.17 -30.67
N LEU F 173 -1.45 22.05 -31.25
CA LEU F 173 -0.11 22.28 -30.74
C LEU F 173 -0.17 22.80 -29.30
N LEU F 174 -1.08 23.74 -29.04
CA LEU F 174 -1.21 24.30 -27.69
C LEU F 174 -1.64 23.24 -26.67
N PHE F 175 -2.38 22.23 -27.10
CA PHE F 175 -2.84 21.22 -26.14
C PHE F 175 -1.66 20.42 -25.59
N LYS F 176 -0.57 20.31 -26.33
CA LYS F 176 0.65 19.69 -25.80
C LYS F 176 1.61 20.74 -25.27
N ALA F 177 1.12 21.64 -24.41
CA ALA F 177 1.90 22.76 -23.89
C ALA F 177 2.11 22.62 -22.39
N TYR F 178 3.35 22.82 -21.96
CA TYR F 178 3.69 22.91 -20.55
C TYR F 178 2.89 24.01 -19.87
N LYS F 179 3.07 25.24 -20.33
CA LYS F 179 2.30 26.40 -19.88
C LYS F 179 2.10 27.32 -21.08
N LEU F 180 1.44 28.45 -20.84
CA LEU F 180 1.30 29.45 -21.90
C LEU F 180 1.08 30.82 -21.27
N THR F 181 1.97 31.75 -21.59
CA THR F 181 1.84 33.13 -21.12
C THR F 181 1.01 33.92 -22.11
N VAL F 182 0.05 34.68 -21.61
CA VAL F 182 -0.74 35.58 -22.44
C VAL F 182 -0.34 37.00 -22.03
N TYR F 183 0.50 37.63 -22.85
CA TYR F 183 0.92 39.00 -22.60
C TYR F 183 -0.21 39.94 -23.02
N VAL F 184 -0.83 40.61 -22.07
CA VAL F 184 -1.99 41.42 -22.39
C VAL F 184 -1.89 42.75 -21.67
N SER F 185 -2.43 43.79 -22.31
CA SER F 185 -2.55 45.11 -21.70
C SER F 185 -4.02 45.50 -21.57
N SER F 186 -4.76 45.47 -22.67
CA SER F 186 -6.20 45.69 -22.65
C SER F 186 -6.84 44.32 -22.50
N ASN F 187 -8.17 44.26 -22.45
CA ASN F 187 -8.91 43.02 -22.17
C ASN F 187 -8.42 42.36 -20.88
N TRP F 188 -7.71 43.13 -20.05
CA TRP F 188 -7.11 42.58 -18.83
C TRP F 188 -8.18 42.02 -17.90
N LYS F 189 -9.31 42.71 -17.80
CA LYS F 189 -10.40 42.23 -16.96
C LYS F 189 -11.08 41.02 -17.60
N GLU F 190 -11.30 41.07 -18.91
CA GLU F 190 -12.19 40.13 -19.59
C GLU F 190 -11.59 38.73 -19.64
N ILE F 191 -10.39 38.60 -20.22
CA ILE F 191 -9.81 37.27 -20.40
C ILE F 191 -9.66 36.55 -19.07
N ILE F 192 -9.53 37.29 -17.97
CA ILE F 192 -9.43 36.67 -16.66
C ILE F 192 -10.78 36.09 -16.23
N ARG F 193 -11.84 36.90 -16.31
CA ARG F 193 -13.14 36.46 -15.81
C ARG F 193 -13.68 35.26 -16.58
N ARG F 194 -13.31 35.15 -17.86
CA ARG F 194 -13.71 33.97 -18.64
C ARG F 194 -12.86 32.75 -18.25
N ALA F 195 -11.58 32.95 -18.00
CA ALA F 195 -10.76 31.87 -17.46
C ALA F 195 -11.33 31.37 -16.14
N LYS F 196 -11.83 32.29 -15.32
CA LYS F 196 -12.52 31.89 -14.09
C LYS F 196 -13.77 31.08 -14.40
N TRP F 197 -14.54 31.51 -15.41
CA TRP F 197 -15.65 30.70 -15.92
C TRP F 197 -15.14 29.33 -16.35
N LEU F 198 -14.19 29.33 -17.29
CA LEU F 198 -13.66 28.09 -17.84
C LEU F 198 -12.93 27.26 -16.79
N GLY F 199 -12.57 27.86 -15.66
CA GLY F 199 -12.04 27.11 -14.55
C GLY F 199 -10.58 26.70 -14.66
N LEU F 200 -9.74 27.56 -15.21
CA LEU F 200 -8.36 27.16 -15.42
C LEU F 200 -7.56 27.31 -14.12
N MET F 201 -6.32 26.82 -14.17
CA MET F 201 -5.37 26.96 -13.08
C MET F 201 -4.21 27.78 -13.61
N TYR F 202 -3.83 28.82 -12.88
CA TYR F 202 -3.00 29.86 -13.47
C TYR F 202 -2.26 30.62 -12.38
N PHE F 203 -1.20 31.30 -12.81
CA PHE F 203 -0.50 32.31 -12.02
C PHE F 203 -0.47 33.60 -12.81
N ALA F 204 -0.79 34.71 -12.16
CA ALA F 204 -0.73 36.03 -12.76
C ALA F 204 0.44 36.81 -12.16
N TYR F 205 1.06 37.65 -12.98
CA TYR F 205 2.20 38.44 -12.53
C TYR F 205 2.06 39.86 -13.05
N ASP F 206 2.85 40.76 -12.48
CA ASP F 206 2.74 42.19 -12.76
C ASP F 206 4.00 42.72 -13.43
N LYS F 207 5.03 41.90 -13.63
CA LYS F 207 6.25 42.40 -14.25
C LYS F 207 5.99 42.89 -15.67
N PRO F 208 5.56 42.07 -16.63
CA PRO F 208 4.96 42.62 -17.86
C PRO F 208 3.42 42.60 -17.86
N LEU F 209 2.80 42.24 -16.74
CA LEU F 209 1.36 41.98 -16.64
C LEU F 209 0.95 40.86 -17.60
N ARG F 210 1.43 39.67 -17.27
CA ARG F 210 1.22 38.46 -18.03
C ARG F 210 0.32 37.51 -17.26
N PHE F 211 -0.18 36.48 -17.96
CA PHE F 211 -0.91 35.40 -17.30
C PHE F 211 -0.33 34.08 -17.76
N GLU F 212 0.21 33.32 -16.83
CA GLU F 212 0.89 32.06 -17.13
C GLU F 212 -0.06 30.91 -16.83
N PHE F 213 -1.03 30.72 -17.73
CA PHE F 213 -1.96 29.61 -17.59
C PHE F 213 -1.21 28.28 -17.69
N LEU F 214 -1.58 27.34 -16.81
CA LEU F 214 -1.02 25.99 -16.90
C LEU F 214 -1.59 25.29 -18.11
N GLY F 215 -0.71 24.71 -18.93
CA GLY F 215 -1.12 24.01 -20.11
C GLY F 215 -1.62 22.62 -19.79
N PRO F 216 -2.34 22.00 -20.71
CA PRO F 216 -2.93 20.68 -20.45
C PRO F 216 -1.88 19.60 -20.22
N ALA F 217 -0.60 19.93 -20.38
CA ALA F 217 0.45 18.96 -20.04
C ALA F 217 0.40 18.61 -18.56
N THR F 218 0.01 19.55 -17.70
CA THR F 218 -0.02 19.30 -16.27
C THR F 218 -1.04 18.22 -15.91
N LEU F 219 -2.27 18.37 -16.40
CA LEU F 219 -3.28 17.36 -16.14
C LEU F 219 -2.95 16.06 -16.87
N VAL F 220 -3.61 14.98 -16.45
CA VAL F 220 -3.46 13.69 -17.13
C VAL F 220 -4.82 13.13 -17.51
N LYS F 221 -5.73 13.00 -16.54
CA LYS F 221 -6.99 12.30 -16.78
C LYS F 221 -8.01 13.21 -17.47
N LEU F 222 -8.26 14.40 -16.90
CA LEU F 222 -9.25 15.32 -17.43
C LEU F 222 -8.66 16.26 -18.47
N THR F 223 -7.52 15.88 -19.05
CA THR F 223 -6.82 16.73 -20.01
C THR F 223 -7.72 17.10 -21.18
N GLU F 224 -8.49 16.13 -21.68
CA GLU F 224 -9.42 16.38 -22.78
C GLU F 224 -10.37 17.54 -22.48
N LYS F 225 -10.85 17.62 -21.23
CA LYS F 225 -11.80 18.66 -20.89
C LYS F 225 -11.10 19.98 -20.58
N TYR F 226 -9.94 19.92 -19.92
CA TYR F 226 -9.15 21.12 -19.65
C TYR F 226 -8.67 21.78 -20.95
N GLY F 227 -8.10 20.97 -21.85
CA GLY F 227 -7.61 21.52 -23.11
C GLY F 227 -8.70 22.18 -23.93
N ARG F 228 -9.90 21.60 -23.91
CA ARG F 228 -10.99 22.19 -24.66
C ARG F 228 -11.39 23.54 -24.09
N ASN F 229 -11.32 23.70 -22.76
CA ASN F 229 -11.53 25.00 -22.15
C ASN F 229 -10.47 26.00 -22.63
N LEU F 230 -9.21 25.68 -22.39
CA LEU F 230 -8.12 26.52 -22.88
C LEU F 230 -8.30 26.86 -24.36
N ALA F 231 -8.73 25.89 -25.17
CA ALA F 231 -9.04 26.18 -26.57
C ALA F 231 -10.12 27.25 -26.70
N VAL F 232 -11.10 27.23 -25.80
CA VAL F 232 -12.15 28.26 -25.83
C VAL F 232 -11.57 29.62 -25.45
N LEU F 233 -10.80 29.67 -24.37
CA LEU F 233 -10.22 30.94 -23.93
C LEU F 233 -9.28 31.51 -24.98
N LEU F 234 -8.55 30.64 -25.70
CA LEU F 234 -7.70 31.09 -26.79
C LEU F 234 -8.50 31.86 -27.83
N GLN F 235 -9.65 31.32 -28.23
CA GLN F 235 -10.46 31.93 -29.29
C GLN F 235 -10.76 33.40 -28.98
N PHE F 236 -11.04 33.72 -27.73
CA PHE F 236 -11.32 35.12 -27.38
C PHE F 236 -10.06 35.98 -27.43
N ILE F 237 -8.89 35.41 -27.17
CA ILE F 237 -7.67 36.22 -27.18
C ILE F 237 -7.22 36.54 -28.61
N ILE F 238 -7.39 35.62 -29.55
CA ILE F 238 -6.94 35.88 -30.92
C ILE F 238 -7.83 36.93 -31.59
N SER F 239 -9.11 36.96 -31.25
CA SER F 239 -10.04 37.94 -31.81
C SER F 239 -9.99 39.20 -30.94
N SER F 240 -8.94 39.99 -31.17
CA SER F 240 -8.71 41.20 -30.40
C SER F 240 -7.79 42.10 -31.22
N GLN F 241 -7.69 43.36 -30.77
CA GLN F 241 -6.84 44.31 -31.49
C GLN F 241 -5.37 43.95 -31.34
N ASN F 242 -4.95 43.62 -30.13
CA ASN F 242 -3.58 43.18 -29.88
C ASN F 242 -3.60 42.03 -28.91
N TRP F 243 -2.78 41.02 -29.21
CA TRP F 243 -2.64 39.86 -28.34
C TRP F 243 -1.27 39.27 -28.58
N LYS F 244 -0.73 38.65 -27.54
CA LYS F 244 0.58 38.01 -27.63
C LYS F 244 0.58 36.81 -26.69
N ILE F 245 1.15 35.69 -27.15
CA ILE F 245 1.24 34.49 -26.36
C ILE F 245 2.55 33.78 -26.66
N GLU F 246 3.08 33.12 -25.63
CA GLU F 246 4.23 32.23 -25.78
C GLU F 246 3.93 30.97 -24.98
N ALA F 247 3.99 29.82 -25.64
CA ALA F 247 3.76 28.54 -24.99
C ALA F 247 5.07 27.77 -24.96
N GLU F 248 5.24 26.97 -23.92
CA GLU F 248 6.40 26.10 -23.77
C GLU F 248 5.98 24.66 -24.07
N LEU F 249 6.56 24.08 -25.11
CA LEU F 249 6.29 22.70 -25.49
C LEU F 249 7.50 21.86 -25.12
N VAL F 250 7.25 20.73 -24.47
CA VAL F 250 8.30 19.81 -24.06
C VAL F 250 8.26 18.60 -24.99
N LEU F 251 9.34 18.43 -25.76
CA LEU F 251 9.40 17.37 -26.76
C LEU F 251 10.69 16.60 -26.61
N GLY F 252 10.63 15.32 -26.95
CA GLY F 252 11.79 14.45 -26.89
C GLY F 252 11.66 13.40 -25.78
N LYS F 253 12.01 12.16 -26.10
CA LYS F 253 11.99 11.06 -25.14
C LYS F 253 13.36 10.81 -24.54
N LYS F 254 14.36 10.52 -25.37
CA LYS F 254 15.72 10.33 -24.87
C LYS F 254 16.36 11.66 -24.51
N PHE F 255 16.15 12.69 -25.32
CA PHE F 255 16.68 14.03 -25.09
C PHE F 255 15.49 14.97 -24.96
N LYS F 256 14.93 15.06 -23.76
CA LYS F 256 13.84 15.99 -23.52
C LYS F 256 14.35 17.43 -23.55
N ARG F 257 13.50 18.34 -23.99
CA ARG F 257 13.86 19.74 -24.13
C ARG F 257 12.59 20.56 -24.37
N VAL F 258 12.48 21.70 -23.68
CA VAL F 258 11.35 22.60 -23.90
C VAL F 258 11.72 23.58 -25.01
N TYR F 259 10.77 23.84 -25.90
CA TYR F 259 10.92 24.87 -26.92
C TYR F 259 9.80 25.90 -26.73
N LYS F 260 9.98 27.05 -27.38
CA LYS F 260 9.08 28.18 -27.25
C LYS F 260 8.23 28.32 -28.50
N LEU F 261 6.97 28.65 -28.30
CA LEU F 261 6.02 28.90 -29.39
C LEU F 261 5.53 30.35 -29.26
N LYS F 262 6.13 31.25 -30.03
CA LYS F 262 5.80 32.67 -29.96
C LYS F 262 4.87 33.02 -31.12
N LEU F 263 3.74 33.64 -30.80
CA LEU F 263 2.78 34.08 -31.80
C LEU F 263 1.95 35.20 -31.20
N ALA F 264 1.81 36.31 -31.94
CA ALA F 264 1.20 37.52 -31.40
C ALA F 264 0.35 38.21 -32.45
N ASN F 265 -0.95 38.37 -32.15
CA ASN F 265 -1.89 39.06 -33.04
C ASN F 265 -1.77 38.53 -34.47
N PHE F 266 -2.01 37.24 -34.62
CA PHE F 266 -1.89 36.59 -35.92
C PHE F 266 -3.18 36.77 -36.72
N LYS F 267 -3.04 36.82 -38.04
CA LYS F 267 -4.16 37.17 -38.88
C LYS F 267 -5.00 35.94 -39.24
N GLU F 268 -4.35 34.90 -39.76
CA GLU F 268 -5.06 33.73 -40.29
C GLU F 268 -5.55 32.87 -39.13
N LEU F 269 -6.59 33.37 -38.47
CA LEU F 269 -7.15 32.68 -37.31
C LEU F 269 -8.61 33.14 -37.17
N LYS F 270 -9.53 32.30 -37.62
CA LYS F 270 -10.95 32.56 -37.53
C LYS F 270 -11.63 31.30 -37.01
N GLU F 271 -12.55 31.46 -36.07
CA GLU F 271 -13.23 30.32 -35.48
C GLU F 271 -14.47 30.02 -36.31
N LEU F 272 -14.63 28.74 -36.67
CA LEU F 272 -15.73 28.30 -37.51
C LEU F 272 -16.62 27.26 -36.83
N VAL F 273 -16.64 27.21 -35.49
CA VAL F 273 -17.61 26.36 -34.83
C VAL F 273 -19.02 26.83 -35.19
N ILE F 274 -19.92 25.86 -35.40
CA ILE F 274 -21.28 26.19 -35.80
C ILE F 274 -22.16 26.55 -34.61
N ASP F 275 -21.83 26.07 -33.41
CA ASP F 275 -22.57 26.39 -32.20
C ASP F 275 -21.79 25.98 -30.95
N GLU F 276 -21.73 26.87 -29.96
CA GLU F 276 -21.04 26.58 -28.71
C GLU F 276 -21.75 27.31 -27.57
N LYS F 277 -21.27 27.08 -26.35
CA LYS F 277 -21.83 27.73 -25.18
C LYS F 277 -20.75 27.79 -24.10
N ARG F 278 -20.63 28.95 -23.46
CA ARG F 278 -19.63 29.10 -22.40
C ARG F 278 -20.03 28.28 -21.18
N PHE F 279 -19.07 28.09 -20.28
CA PHE F 279 -19.31 27.32 -19.07
C PHE F 279 -20.41 27.96 -18.23
N ASP F 280 -21.29 27.12 -17.69
CA ASP F 280 -22.40 27.62 -16.87
C ASP F 280 -21.88 28.33 -15.64
N SER F 281 -20.82 27.80 -15.02
CA SER F 281 -20.30 28.36 -13.78
C SER F 281 -21.42 28.60 -12.77
N SER F 282 -22.03 27.51 -12.30
CA SER F 282 -23.14 27.64 -11.35
C SER F 282 -22.64 27.85 -9.94
N VAL F 283 -21.43 27.40 -9.62
CA VAL F 283 -20.91 27.54 -8.26
C VAL F 283 -20.44 28.96 -8.00
N GLU F 284 -19.97 29.66 -9.03
CA GLU F 284 -19.45 31.01 -8.85
C GLU F 284 -20.57 31.96 -8.43
N GLU F 285 -21.64 32.01 -9.21
CA GLU F 285 -22.78 32.85 -8.87
C GLU F 285 -23.48 32.36 -7.60
N LYS F 286 -23.43 31.05 -7.34
CA LYS F 286 -23.97 30.51 -6.10
C LYS F 286 -23.13 30.87 -4.87
N PHE F 287 -21.92 31.40 -5.07
CA PHE F 287 -21.11 31.82 -3.94
C PHE F 287 -21.51 33.22 -3.46
N TYR F 288 -21.68 34.16 -4.40
CA TYR F 288 -22.09 35.52 -4.01
C TYR F 288 -23.46 35.53 -3.35
N LYS F 289 -24.33 34.56 -3.69
CA LYS F 289 -25.67 34.52 -3.12
C LYS F 289 -25.70 33.81 -1.78
N ASP F 290 -25.12 32.61 -1.69
CA ASP F 290 -25.20 31.81 -0.47
C ASP F 290 -24.57 32.52 0.72
N PHE F 291 -23.65 33.44 0.48
CA PHE F 291 -23.05 34.23 1.56
C PHE F 291 -23.92 35.43 1.94
N THR F 292 -24.65 36.01 0.98
CA THR F 292 -25.45 37.19 1.27
C THR F 292 -26.50 36.92 2.32
N ASN F 293 -27.08 35.71 2.32
CA ASN F 293 -28.18 35.36 3.21
C ASN F 293 -27.73 34.71 4.52
N VAL F 294 -26.82 33.72 4.47
CA VAL F 294 -26.56 32.85 5.62
C VAL F 294 -25.44 33.33 6.54
N ILE F 295 -24.56 34.22 6.09
CA ILE F 295 -23.52 34.84 6.91
C ILE F 295 -23.56 36.33 6.64
N LYS F 296 -24.28 37.07 7.49
CA LYS F 296 -24.44 38.52 7.33
C LYS F 296 -23.46 39.34 8.16
N GLY F 297 -22.75 38.71 9.10
CA GLY F 297 -21.77 39.44 9.89
C GLY F 297 -20.65 40.03 9.07
N TRP F 298 -20.36 39.42 7.92
CA TRP F 298 -19.28 39.82 7.03
C TRP F 298 -19.80 40.67 5.90
N LYS F 299 -18.99 41.66 5.49
CA LYS F 299 -19.29 42.52 4.36
C LYS F 299 -18.37 42.11 3.20
N ILE F 300 -18.90 41.29 2.30
CA ILE F 300 -18.10 40.70 1.23
C ILE F 300 -18.26 41.54 -0.02
N ILE F 301 -17.14 41.98 -0.61
CA ILE F 301 -17.14 42.70 -1.87
C ILE F 301 -16.77 41.75 -3.00
N ARG F 302 -17.46 41.89 -4.13
CA ARG F 302 -17.23 41.00 -5.27
C ARG F 302 -15.96 41.42 -6.01
N GLU F 303 -15.10 40.46 -6.31
CA GLU F 303 -13.81 40.65 -6.95
C GLU F 303 -13.07 41.90 -6.46
N PRO F 304 -12.52 41.87 -5.25
CA PRO F 304 -11.78 43.03 -4.75
C PRO F 304 -10.60 43.34 -5.66
N GLU F 305 -10.17 44.60 -5.66
CA GLU F 305 -9.04 44.99 -6.47
C GLU F 305 -7.84 44.09 -6.16
N PRO F 306 -7.11 43.63 -7.17
CA PRO F 306 -6.09 42.59 -6.94
C PRO F 306 -4.91 43.11 -6.14
N LEU F 307 -4.62 42.42 -5.03
CA LEU F 307 -3.43 42.73 -4.24
C LEU F 307 -2.19 42.26 -5.00
N VAL F 308 -1.08 42.96 -4.78
CA VAL F 308 0.16 42.72 -5.51
C VAL F 308 1.30 42.62 -4.50
N VAL F 309 1.83 41.40 -4.33
CA VAL F 309 2.94 41.15 -3.43
C VAL F 309 4.05 40.46 -4.22
N ASP F 310 5.25 41.02 -4.17
CA ASP F 310 6.41 40.50 -4.88
C ASP F 310 6.19 40.49 -6.39
N ASN F 311 5.72 41.62 -6.91
CA ASN F 311 5.55 41.83 -8.35
C ASN F 311 4.66 40.76 -8.98
N ARG F 312 3.56 40.43 -8.31
CA ARG F 312 2.66 39.39 -8.78
C ARG F 312 1.22 39.76 -8.43
N VAL F 313 0.32 39.65 -9.39
CA VAL F 313 -1.10 39.94 -9.19
C VAL F 313 -1.77 38.69 -8.63
N PHE F 314 -2.55 38.86 -7.58
CA PHE F 314 -3.20 37.74 -6.89
C PHE F 314 -4.71 37.98 -6.82
N ILE F 315 -5.32 38.18 -7.98
CA ILE F 315 -6.75 38.51 -8.10
C ILE F 315 -7.59 37.47 -7.38
N PRO F 316 -8.21 37.81 -6.25
CA PRO F 316 -9.05 36.86 -5.53
C PRO F 316 -10.50 36.86 -6.01
N ASP F 317 -11.18 35.76 -5.74
CA ASP F 317 -12.59 35.64 -6.10
C ASP F 317 -13.44 36.65 -5.35
N PHE F 318 -13.35 36.66 -4.03
CA PHE F 318 -14.09 37.61 -3.20
C PHE F 318 -13.31 37.85 -1.92
N LEU F 319 -13.56 39.01 -1.32
CA LEU F 319 -13.01 39.36 -0.01
C LEU F 319 -14.16 39.61 0.94
N VAL F 320 -14.09 39.03 2.13
CA VAL F 320 -15.11 39.19 3.15
C VAL F 320 -14.47 39.80 4.39
N GLU F 321 -15.21 40.67 5.07
CA GLU F 321 -14.66 41.46 6.18
C GLU F 321 -15.69 41.53 7.29
N LYS F 322 -15.34 40.99 8.46
CA LYS F 322 -16.11 41.15 9.69
C LYS F 322 -15.40 42.18 10.57
N GLY F 323 -15.69 43.45 10.31
CA GLY F 323 -15.05 44.52 11.04
C GLY F 323 -13.56 44.65 10.78
N ASN F 324 -12.75 44.47 11.83
CA ASN F 324 -11.30 44.62 11.67
C ASN F 324 -10.75 43.56 10.71
N LEU F 325 -11.11 42.31 10.91
CA LEU F 325 -10.60 41.23 10.07
C LEU F 325 -11.11 41.35 8.63
N LYS F 326 -10.21 41.08 7.69
CA LYS F 326 -10.55 41.05 6.26
C LYS F 326 -9.80 39.88 5.65
N VAL F 327 -10.54 38.96 5.03
CA VAL F 327 -9.97 37.74 4.48
C VAL F 327 -10.29 37.65 2.99
N TYR F 328 -9.37 37.02 2.25
CA TYR F 328 -9.51 36.81 0.82
C TYR F 328 -10.03 35.41 0.53
N VAL F 329 -10.86 35.30 -0.50
CA VAL F 329 -11.45 34.04 -0.92
C VAL F 329 -11.18 33.86 -2.41
N GLU F 330 -10.89 32.61 -2.80
CA GLU F 330 -10.66 32.28 -4.20
C GLU F 330 -11.25 30.91 -4.46
N ILE F 331 -12.19 30.84 -5.40
CA ILE F 331 -12.77 29.58 -5.82
C ILE F 331 -11.92 29.04 -6.96
N VAL F 332 -11.42 27.82 -6.81
CA VAL F 332 -10.48 27.25 -7.76
C VAL F 332 -11.28 26.52 -8.84
N GLY F 333 -10.67 26.36 -10.01
CA GLY F 333 -11.26 25.68 -11.14
C GLY F 333 -10.78 24.26 -11.21
N PHE F 334 -9.73 24.00 -11.98
CA PHE F 334 -9.16 22.65 -12.04
C PHE F 334 -7.99 22.51 -11.08
N TRP F 335 -7.79 21.27 -10.64
CA TRP F 335 -6.91 20.96 -9.52
C TRP F 335 -5.72 20.12 -9.96
N THR F 336 -4.63 20.23 -9.20
CA THR F 336 -3.50 19.31 -9.21
C THR F 336 -2.69 19.60 -7.95
N LYS F 337 -2.10 18.55 -7.38
CA LYS F 337 -1.42 18.66 -6.09
C LYS F 337 -0.42 19.81 -6.04
N GLU F 338 0.46 19.91 -7.03
CA GLU F 338 1.49 20.94 -7.02
C GLU F 338 0.92 22.35 -7.14
N TYR F 339 -0.28 22.50 -7.73
CA TYR F 339 -0.81 23.82 -8.02
C TYR F 339 -1.27 24.53 -6.74
N ILE F 340 -2.10 23.87 -5.95
CA ILE F 340 -2.54 24.47 -4.68
C ILE F 340 -1.35 24.75 -3.79
N LYS F 341 -0.45 23.77 -3.63
CA LYS F 341 0.75 23.98 -2.83
C LYS F 341 1.54 25.19 -3.32
N GLU F 342 1.84 25.25 -4.63
CA GLU F 342 2.54 26.41 -5.17
C GLU F 342 1.72 27.69 -5.02
N LYS F 343 0.40 27.58 -5.13
CA LYS F 343 -0.44 28.77 -5.04
C LYS F 343 -0.54 29.26 -3.61
N LEU F 344 -0.90 28.37 -2.68
CA LEU F 344 -1.05 28.75 -1.28
C LEU F 344 0.29 29.18 -0.68
N ASP F 345 1.38 28.50 -1.06
CA ASP F 345 2.69 28.96 -0.62
C ASP F 345 3.03 30.31 -1.20
N LYS F 346 2.65 30.56 -2.46
CA LYS F 346 2.78 31.89 -3.03
C LYS F 346 1.84 32.86 -2.34
N LEU F 347 0.67 32.39 -1.91
CA LEU F 347 -0.27 33.20 -1.13
C LEU F 347 0.07 33.23 0.35
N LYS F 348 1.21 32.67 0.76
CA LYS F 348 1.69 32.84 2.13
C LYS F 348 2.24 34.24 2.35
N LYS F 349 2.43 35.03 1.29
CA LYS F 349 2.80 36.43 1.40
C LYS F 349 1.61 37.37 1.19
N VAL F 350 0.42 36.94 1.62
CA VAL F 350 -0.78 37.77 1.47
C VAL F 350 -1.07 38.61 2.70
N LYS F 351 -0.38 38.38 3.81
CA LYS F 351 -0.52 39.17 5.04
C LYS F 351 -1.98 39.20 5.52
N TYR F 352 -2.76 38.21 5.12
CA TYR F 352 -4.18 38.14 5.45
C TYR F 352 -4.60 36.70 5.25
N PRO F 353 -5.57 36.21 6.02
CA PRO F 353 -6.01 34.83 5.85
C PRO F 353 -6.73 34.65 4.52
N ILE F 354 -6.71 33.41 4.04
CA ILE F 354 -7.31 33.05 2.76
C ILE F 354 -8.02 31.72 2.91
N LEU F 355 -9.07 31.54 2.11
CA LEU F 355 -9.79 30.28 2.00
C LEU F 355 -10.02 29.99 0.53
N ILE F 356 -9.72 28.77 0.10
CA ILE F 356 -9.83 28.38 -1.30
C ILE F 356 -10.75 27.18 -1.38
N LEU F 357 -11.83 27.32 -2.14
CA LEU F 357 -12.82 26.26 -2.33
C LEU F 357 -12.67 25.67 -3.73
N LEU F 358 -12.46 24.36 -3.80
CA LEU F 358 -12.23 23.67 -5.06
C LEU F 358 -13.25 22.55 -5.22
N ASN F 359 -13.82 22.44 -6.41
CA ASN F 359 -14.71 21.30 -6.70
C ASN F 359 -13.90 20.01 -6.69
N GLU F 360 -14.49 18.96 -6.12
CA GLU F 360 -13.79 17.68 -6.04
C GLU F 360 -13.59 17.12 -7.44
N GLU F 361 -12.33 17.11 -7.89
CA GLU F 361 -11.98 16.62 -9.21
C GLU F 361 -10.56 16.09 -9.19
N LEU F 362 -10.27 15.17 -10.10
CA LEU F 362 -8.95 14.55 -10.24
C LEU F 362 -8.51 13.84 -8.97
N GLY F 363 -9.46 13.23 -8.26
CA GLY F 363 -9.18 12.43 -7.08
C GLY F 363 -9.83 13.01 -5.82
N LYS F 364 -9.07 12.98 -4.72
CA LYS F 364 -9.58 13.43 -3.43
C LYS F 364 -8.39 13.84 -2.57
N GLU F 365 -8.21 15.15 -2.39
CA GLU F 365 -7.14 15.69 -1.56
C GLU F 365 -7.70 16.75 -0.62
N LYS F 366 -7.39 16.61 0.67
CA LYS F 366 -7.76 17.59 1.68
C LYS F 366 -6.61 17.92 2.63
N PHE F 367 -5.43 17.32 2.44
CA PHE F 367 -4.31 17.55 3.34
C PHE F 367 -3.82 18.99 3.23
N ASN F 368 -3.29 19.50 4.35
CA ASN F 368 -2.78 20.87 4.46
C ASN F 368 -3.87 21.88 4.10
N GLY F 369 -4.99 21.77 4.81
CA GLY F 369 -6.15 22.59 4.53
C GLY F 369 -6.32 23.87 5.34
N MET F 370 -5.28 24.70 5.41
CA MET F 370 -5.47 25.99 6.09
C MET F 370 -6.44 26.87 5.30
N ASN F 371 -6.37 26.82 3.98
CA ASN F 371 -7.28 27.55 3.11
C ASN F 371 -8.14 26.61 2.27
N VAL F 372 -7.97 25.31 2.42
CA VAL F 372 -8.57 24.32 1.53
C VAL F 372 -9.92 23.90 2.08
N ILE F 373 -10.98 24.27 1.36
CA ILE F 373 -12.34 23.79 1.64
C ILE F 373 -12.77 23.06 0.37
N THR F 374 -12.69 21.74 0.39
CA THR F 374 -12.86 20.93 -0.81
C THR F 374 -14.33 20.55 -0.94
N TYR F 375 -15.03 21.25 -1.83
CA TYR F 375 -16.41 20.95 -2.14
C TYR F 375 -16.48 19.74 -3.05
N LYS F 376 -17.71 19.32 -3.37
CA LYS F 376 -17.94 18.19 -4.27
C LYS F 376 -18.52 18.66 -5.59
N ARG F 377 -19.64 19.38 -5.57
CA ARG F 377 -20.25 19.84 -6.81
C ARG F 377 -20.52 21.34 -6.74
N LYS F 378 -20.76 21.86 -5.54
CA LYS F 378 -21.04 23.27 -5.33
C LYS F 378 -20.61 23.66 -3.93
N ILE F 379 -20.60 24.98 -3.69
CA ILE F 379 -20.18 25.53 -2.41
C ILE F 379 -21.34 25.44 -1.42
N ASP F 380 -21.09 24.84 -0.27
CA ASP F 380 -22.08 24.74 0.81
C ASP F 380 -21.70 25.76 1.88
N ILE F 381 -22.37 26.92 1.86
CA ILE F 381 -22.03 28.04 2.75
C ILE F 381 -22.03 27.63 4.21
N SER F 382 -22.77 26.58 4.58
CA SER F 382 -22.78 26.09 5.96
C SER F 382 -21.37 25.79 6.44
N LEU F 383 -20.64 24.95 5.69
CA LEU F 383 -19.27 24.60 6.07
C LEU F 383 -18.32 25.79 5.97
N VAL F 384 -18.68 26.81 5.18
CA VAL F 384 -17.84 28.00 5.10
C VAL F 384 -17.81 28.73 6.43
N TYR F 385 -18.96 28.83 7.11
CA TYR F 385 -19.01 29.51 8.39
C TYR F 385 -18.17 28.77 9.43
N LYS F 386 -18.26 27.43 9.45
CA LYS F 386 -17.56 26.64 10.47
C LYS F 386 -16.07 26.94 10.50
N TRP F 387 -15.48 27.26 9.35
CA TRP F 387 -14.12 27.78 9.33
C TRP F 387 -14.07 29.28 9.54
N LEU F 388 -14.97 30.03 8.87
CA LEU F 388 -14.97 31.49 9.02
C LEU F 388 -15.32 31.90 10.44
N ARG F 389 -16.23 31.18 11.09
CA ARG F 389 -16.62 31.50 12.46
C ARG F 389 -15.69 30.92 13.51
N GLU F 390 -14.92 29.88 13.16
CA GLU F 390 -13.98 29.31 14.12
C GLU F 390 -12.86 30.29 14.44
N LEU F 391 -12.46 31.11 13.49
CA LEU F 391 -11.36 32.05 13.69
C LEU F 391 -11.83 33.24 14.52
N GLU F 392 -10.96 33.71 15.41
CA GLU F 392 -11.22 34.88 16.22
C GLU F 392 -9.93 35.65 16.41
N ASN F 393 -9.95 36.94 16.08
CA ASN F 393 -8.77 37.77 16.30
C ASN F 393 -8.44 37.85 17.78
N LYS F 394 -9.44 37.80 18.64
CA LYS F 394 -9.26 37.92 20.09
C LYS F 394 -9.60 36.57 20.74
N TYR F 395 -8.56 35.82 21.08
CA TYR F 395 -8.69 34.66 21.95
C TYR F 395 -8.23 34.95 23.37
N LEU F 396 -7.48 36.03 23.57
CA LEU F 396 -7.26 36.61 24.89
C LEU F 396 -8.07 37.88 25.09
N ASN F 397 -9.05 38.12 24.21
CA ASN F 397 -9.87 39.33 24.22
C ASN F 397 -9.02 40.59 24.19
N GLU F 398 -8.04 40.60 23.28
CA GLU F 398 -7.05 41.66 23.20
C GLU F 398 -7.40 42.70 22.14
N VAL F 399 -8.69 42.93 21.88
CA VAL F 399 -9.12 43.98 20.97
C VAL F 399 -10.10 44.88 21.71
N LYS F 400 -9.59 45.97 22.27
CA LYS F 400 -10.39 46.99 22.93
C LYS F 400 -10.18 48.31 22.19
N VAL F 401 -11.24 48.86 21.62
CA VAL F 401 -11.11 50.15 20.95
C VAL F 401 -10.99 51.24 22.00
N ASP F 402 -10.05 52.16 21.81
CA ASP F 402 -9.78 53.17 22.83
C ASP F 402 -9.32 54.45 22.16
N TYR F 403 -9.68 55.57 22.79
CA TYR F 403 -9.37 56.91 22.32
C TYR F 403 -8.50 57.63 23.34
N THR F 404 -7.74 58.61 22.85
CA THR F 404 -6.92 59.46 23.69
C THR F 404 -7.07 60.91 23.24
N ILE F 405 -6.94 61.82 24.19
CA ILE F 405 -6.99 63.24 23.91
C ILE F 405 -5.58 63.78 23.73
N SER F 406 -5.36 64.51 22.63
CA SER F 406 -4.05 65.04 22.29
C SER F 406 -3.68 66.20 23.19
N GLY F 407 -3.34 65.89 24.44
CA GLY F 407 -2.97 66.92 25.39
C GLY F 407 -1.49 67.23 25.29
N ASP F 408 -0.74 67.03 26.38
CA ASP F 408 0.71 67.01 26.28
C ASP F 408 1.26 65.59 26.23
N ILE F 409 0.80 64.71 27.11
CA ILE F 409 1.22 63.32 27.13
C ILE F 409 0.08 62.47 27.67
N ILE F 410 -0.31 61.45 26.93
CA ILE F 410 -1.29 60.48 27.40
C ILE F 410 -0.50 59.27 27.88
N SER F 411 -0.77 58.84 29.11
CA SER F 411 -0.05 57.72 29.70
C SER F 411 -0.86 56.43 29.56
N LEU F 412 -0.16 55.33 29.28
CA LEU F 412 -0.83 54.04 29.20
C LEU F 412 -1.48 53.67 30.53
N ASN F 413 -0.78 53.90 31.64
CA ASN F 413 -1.40 53.69 32.95
C ASN F 413 -2.57 54.64 33.15
N GLU F 414 -2.43 55.90 32.73
CA GLU F 414 -3.56 56.83 32.79
C GLU F 414 -4.69 56.38 31.86
N ILE F 415 -4.36 56.07 30.60
CA ILE F 415 -5.37 55.57 29.67
C ILE F 415 -6.00 54.28 30.16
N ALA F 416 -5.22 53.45 30.87
CA ALA F 416 -5.80 52.26 31.48
C ALA F 416 -6.69 52.62 32.66
N SER F 417 -6.30 53.64 33.43
CA SER F 417 -7.08 54.03 34.60
C SER F 417 -8.47 54.54 34.21
N LYS F 418 -8.54 55.40 33.19
CA LYS F 418 -9.81 56.01 32.79
C LYS F 418 -10.88 54.96 32.46
N LEU F 419 -10.53 53.96 31.67
CA LEU F 419 -11.51 52.98 31.22
C LEU F 419 -11.91 51.99 32.32
N SER F 420 -11.30 52.09 33.51
CA SER F 420 -11.52 51.12 34.59
C SER F 420 -11.15 49.71 34.12
N LEU F 421 -10.09 49.62 33.33
CA LEU F 421 -9.54 48.37 32.82
C LEU F 421 -8.12 48.20 33.30
N PRO F 422 -7.67 46.96 33.50
CA PRO F 422 -6.29 46.74 33.97
C PRO F 422 -5.25 47.25 32.98
N VAL F 423 -4.12 47.69 33.52
CA VAL F 423 -3.08 48.32 32.70
C VAL F 423 -2.58 47.35 31.63
N GLU F 424 -2.52 46.06 31.96
CA GLU F 424 -1.95 45.08 31.04
C GLU F 424 -2.76 45.00 29.75
N VAL F 425 -4.09 44.93 29.86
CA VAL F 425 -4.94 44.74 28.68
C VAL F 425 -4.72 45.86 27.66
N ILE F 426 -4.45 47.08 28.12
CA ILE F 426 -4.10 48.15 27.20
C ILE F 426 -2.72 47.91 26.59
N ARG F 427 -1.75 47.48 27.40
CA ARG F 427 -0.37 47.34 26.92
C ARG F 427 -0.28 46.31 25.80
N LYS F 428 -1.06 45.24 25.88
CA LYS F 428 -1.06 44.25 24.81
C LYS F 428 -1.72 44.81 23.55
N ASN F 429 -2.76 45.62 23.72
CA ASN F 429 -3.58 46.06 22.60
C ASN F 429 -3.26 47.48 22.13
N ILE F 430 -2.09 48.02 22.51
CA ILE F 430 -1.75 49.40 22.18
C ILE F 430 -1.97 49.64 20.69
N LYS F 431 -2.65 50.75 20.36
CA LYS F 431 -2.96 51.09 18.99
C LYS F 431 -2.16 52.33 18.58
N ILE F 432 -1.75 52.36 17.32
CA ILE F 432 -0.97 53.46 16.76
C ILE F 432 -1.87 54.26 15.84
N PHE F 433 -2.08 55.53 16.17
CA PHE F 433 -2.94 56.46 15.45
C PHE F 433 -2.26 57.78 15.09
N PRO F 434 -2.55 58.31 13.89
CA PRO F 434 -1.71 59.39 13.32
C PRO F 434 -1.54 60.64 14.17
N GLY F 435 -2.41 60.89 15.16
CA GLY F 435 -2.25 62.09 15.97
C GLY F 435 -0.89 62.17 16.65
N TYR F 436 -0.50 61.11 17.34
CA TYR F 436 0.65 61.14 18.23
C TYR F 436 1.66 60.08 17.82
N ILE F 437 2.89 60.24 18.33
CA ILE F 437 3.94 59.23 18.22
C ILE F 437 4.04 58.52 19.55
N PHE F 438 4.42 57.24 19.53
CA PHE F 438 4.43 56.43 20.73
C PHE F 438 5.88 56.17 21.16
N LEU F 439 6.39 57.07 22.00
CA LEU F 439 7.54 56.71 22.82
C LEU F 439 7.00 55.94 24.02
N LYS F 440 7.59 54.77 24.30
CA LYS F 440 7.02 53.81 25.22
C LYS F 440 6.62 54.45 26.55
N ASN F 441 5.57 53.91 27.16
CA ASN F 441 5.03 54.29 28.45
C ASN F 441 4.40 55.68 28.45
N TYR F 442 4.19 56.28 27.28
CA TYR F 442 3.51 57.57 27.18
C TYR F 442 3.15 57.80 25.71
N TYR F 443 2.44 58.89 25.46
CA TYR F 443 2.22 59.41 24.11
C TYR F 443 2.72 60.85 24.04
N VAL F 444 2.88 61.34 22.82
CA VAL F 444 3.26 62.72 22.60
C VAL F 444 2.63 63.21 21.29
N SER F 445 1.82 64.26 21.39
CA SER F 445 1.25 64.89 20.21
C SER F 445 2.32 65.19 19.18
N GLU F 446 2.02 64.89 17.91
CA GLU F 446 2.99 65.14 16.85
C GLU F 446 3.27 66.62 16.70
N LYS F 447 2.36 67.48 17.19
CA LYS F 447 2.62 68.91 17.24
C LYS F 447 3.43 69.28 18.47
N PHE F 448 3.11 68.69 19.63
CA PHE F 448 3.89 68.94 20.84
C PHE F 448 5.36 68.55 20.66
N LEU F 449 5.61 67.39 20.04
CA LEU F 449 6.99 66.94 19.86
C LEU F 449 7.77 67.89 18.96
N GLU F 450 7.16 68.34 17.86
CA GLU F 450 7.84 69.29 16.98
C GLU F 450 8.22 70.58 17.71
N LYS F 451 7.41 70.97 18.70
CA LYS F 451 7.77 72.14 19.51
C LYS F 451 8.86 71.79 20.51
N LEU F 452 8.80 70.60 21.12
CA LEU F 452 9.82 70.19 22.07
C LEU F 452 11.19 70.03 21.43
N ARG F 453 11.26 69.95 20.09
CA ARG F 453 12.53 69.99 19.40
C ARG F 453 13.18 71.37 19.51
N ASN F 454 12.36 72.42 19.41
CA ASN F 454 12.87 73.79 19.48
C ASN F 454 13.42 74.13 20.87
N GLU F 455 13.06 73.35 21.90
CA GLU F 455 13.65 73.54 23.22
C GLU F 455 15.17 73.41 23.16
N ASN F 456 15.66 72.33 22.55
CA ASN F 456 17.08 72.19 22.22
C ASN F 456 17.95 72.27 23.48
N PHE F 457 17.76 71.26 24.32
CA PHE F 457 18.62 71.08 25.49
C PHE F 457 19.87 70.33 25.07
N ASP F 458 20.98 71.05 24.97
CA ASP F 458 22.23 70.48 24.45
C ASP F 458 22.66 69.27 25.26
N ASN F 459 22.87 69.46 26.56
CA ASN F 459 23.20 68.36 27.45
C ASN F 459 22.80 68.75 28.86
N LYS F 460 22.35 67.77 29.61
CA LYS F 460 21.97 67.98 31.00
C LYS F 460 22.55 66.88 31.86
N SER F 461 22.66 67.17 33.13
CA SER F 461 23.20 66.25 34.09
C SER F 461 22.26 66.00 35.27
N LEU F 462 21.53 67.03 35.72
CA LEU F 462 20.60 66.89 36.83
C LEU F 462 19.19 66.75 36.28
N LYS F 463 18.51 65.66 36.65
CA LYS F 463 17.14 65.42 36.26
C LYS F 463 16.13 66.15 37.14
N GLU F 464 16.60 67.05 38.00
CA GLU F 464 15.70 67.82 38.86
C GLU F 464 14.82 68.75 38.03
N LEU F 465 15.37 69.31 36.95
CA LEU F 465 14.59 70.17 36.08
C LEU F 465 13.59 69.40 35.24
N VAL F 466 13.77 68.09 35.10
CA VAL F 466 12.81 67.26 34.37
C VAL F 466 11.45 67.27 35.07
N SER F 467 11.44 67.28 36.40
CA SER F 467 10.18 67.25 37.13
C SER F 467 9.31 68.46 36.79
N ALA F 468 9.94 69.63 36.60
CA ALA F 468 9.17 70.83 36.25
C ALA F 468 8.48 70.66 34.91
N TYR F 469 9.16 70.06 33.93
CA TYR F 469 8.56 69.91 32.61
C TYR F 469 7.60 68.71 32.60
N GLY F 470 7.85 67.70 33.45
CA GLY F 470 6.83 66.80 33.93
C GLY F 470 6.42 65.63 33.05
N ASP F 471 7.06 65.38 31.92
CA ASP F 471 6.72 64.21 31.13
C ASP F 471 7.58 63.02 31.55
N TYR F 472 7.56 61.96 30.76
CA TYR F 472 8.37 60.79 31.04
C TYR F 472 9.80 61.01 30.53
N ILE F 473 10.70 60.14 31.00
CA ILE F 473 12.05 60.09 30.45
C ILE F 473 12.04 59.59 29.01
N VAL F 474 10.98 58.88 28.61
CA VAL F 474 10.91 58.36 27.25
C VAL F 474 11.05 59.47 26.21
N GLU F 475 10.38 60.60 26.44
CA GLU F 475 10.47 61.71 25.49
C GLU F 475 11.89 62.24 25.37
N VAL F 476 12.54 62.48 26.51
CA VAL F 476 13.91 63.00 26.50
C VAL F 476 14.85 62.02 25.80
N LEU F 477 14.64 60.73 26.02
CA LEU F 477 15.58 59.72 25.51
C LEU F 477 15.61 59.70 23.99
N GLU F 478 14.46 59.89 23.34
CA GLU F 478 14.40 59.74 21.89
C GLU F 478 15.31 60.73 21.19
N PHE F 479 15.26 62.00 21.60
CA PHE F 479 16.08 63.01 20.95
C PHE F 479 17.56 62.84 21.28
N LEU F 480 17.87 62.49 22.52
CA LEU F 480 19.25 62.44 22.99
C LEU F 480 19.30 61.64 24.29
N GLY F 481 20.47 61.08 24.58
CA GLY F 481 20.55 60.07 25.62
C GLY F 481 21.90 59.40 25.75
N TYR F 482 22.22 58.96 26.97
CA TYR F 482 23.44 58.19 27.22
C TYR F 482 23.26 57.40 28.51
N LYS F 483 23.84 56.20 28.54
CA LYS F 483 23.66 55.27 29.64
C LYS F 483 24.95 54.53 29.94
N LEU F 484 25.33 54.50 31.23
CA LEU F 484 26.52 53.82 31.70
C LEU F 484 26.31 53.45 33.17
N LYS F 485 27.38 53.03 33.84
CA LYS F 485 27.29 52.65 35.25
C LYS F 485 27.04 53.88 36.11
N TRP F 486 26.05 53.79 37.00
CA TRP F 486 25.58 54.95 37.74
C TRP F 486 26.14 54.97 39.15
N GLN F 487 25.82 56.05 39.88
CA GLN F 487 26.18 56.23 41.27
C GLN F 487 24.98 56.85 41.98
N GLY F 488 25.20 57.35 43.21
CA GLY F 488 24.11 57.74 44.09
C GLY F 488 23.51 59.10 43.85
N ILE F 489 22.92 59.67 44.92
CA ILE F 489 22.15 60.89 44.84
C ILE F 489 23.08 62.10 44.92
N SER F 490 22.58 63.25 44.47
CA SER F 490 23.37 64.48 44.31
C SER F 490 24.58 64.27 43.41
N ASP F 491 24.50 63.27 42.52
CA ASP F 491 25.57 62.96 41.58
C ASP F 491 24.91 62.62 40.24
N ALA F 492 25.31 63.35 39.19
CA ALA F 492 24.70 63.21 37.86
C ALA F 492 25.17 61.91 37.23
N ILE F 493 24.60 60.80 37.72
CA ILE F 493 25.05 59.48 37.29
C ILE F 493 24.70 59.25 35.82
N VAL F 494 23.42 59.28 35.49
CA VAL F 494 22.96 59.12 34.12
C VAL F 494 22.76 60.51 33.54
N ILE F 495 23.34 60.75 32.36
CA ILE F 495 23.26 62.05 31.72
C ILE F 495 22.93 61.84 30.25
N LYS F 496 22.14 62.75 29.71
CA LYS F 496 21.79 62.76 28.30
C LYS F 496 22.58 63.87 27.61
N ASP F 497 23.30 63.52 26.54
CA ASP F 497 24.20 64.45 25.88
C ASP F 497 24.06 64.32 24.37
N LYS F 498 23.89 65.45 23.69
CA LYS F 498 23.80 65.46 22.24
C LYS F 498 25.19 65.34 21.63
N LYS F 499 25.35 64.43 20.67
CA LYS F 499 26.64 64.19 20.04
C LYS F 499 26.75 65.02 18.77
N VAL F 500 27.65 66.00 18.78
CA VAL F 500 27.90 66.84 17.62
C VAL F 500 29.40 67.08 17.52
N ASN F 501 29.93 67.06 16.30
CA ASN F 501 31.36 67.24 16.08
C ASN F 501 31.63 67.84 14.70
C1 GOL G . 15.46 -15.78 2.33
O1 GOL G . 15.77 -16.32 3.58
C2 GOL G . 13.93 -15.81 2.22
O2 GOL G . 13.46 -17.09 1.99
C3 GOL G . 13.59 -14.83 1.07
O3 GOL G . 13.82 -15.50 -0.12
CL CL H . 34.27 -0.65 -7.75
CL CL I . 5.81 -58.50 18.38
CL CL J . 36.86 -33.31 8.12
C1 EDO K . -8.59 -39.01 1.55
O1 EDO K . -8.87 -37.93 2.45
C2 EDO K . -9.89 -39.52 0.97
O2 EDO K . -9.67 -40.71 0.19
C1 GOL L . 22.00 -18.99 -21.67
O1 GOL L . 22.73 -20.16 -21.84
C2 GOL L . 22.37 -18.40 -20.28
O2 GOL L . 21.54 -17.34 -19.92
C3 GOL L . 22.28 -19.59 -19.29
O3 GOL L . 22.80 -19.13 -18.07
CL CL M . 5.90 16.90 -39.12
CL CL N . 4.33 14.60 -36.49
#